data_7AMY
#
_entry.id   7AMY
#
_cell.length_a   1.00
_cell.length_b   1.00
_cell.length_c   1.00
_cell.angle_alpha   90.00
_cell.angle_beta   90.00
_cell.angle_gamma   90.00
#
_symmetry.space_group_name_H-M   'P 1'
#
_entity_poly.entity_id   1
_entity_poly.type   'polypeptide(L)'
_entity_poly.pdbx_seq_one_letter_code
;MLTRLKQLQTSTKGYIGIPIVLLMILAMVILPLPPLLLDALFTFNIVLAILVLLVSTTAKRPLDFSVFPTILLVATLLRL
TLNVASTRIVLLEGHNGGDAAGKVIQAFGEVVIGGNYVVGMVVFIILMIINFVVITKGGERISEVSARFTLDALPGKQMA
IDADLNAGLIDQETARLRRKEVANEADFHGSMDGASKFVRGDAVAGLLILFINIIGGISIGVFEHGLPASEAFKTYALLT
IGDGLVAQIPSLLLATAAAIIVTRINDSDNGMSETMQKQLLATPATLFTVAGIMAVIGMVPGMPHLAFFAFAGALGFAGW
RQSKKPVQDTQIEQVEALSQAMQEEDTPLTWDDIPHVHTLSLALGYRLVHLVNKDQGAPLSQRIRGVRRNLSEQVGFLLP
EVRIRDNLSLKPNQYTISLNGEVIEQGFIEPERLMAIAVGDTYGEIDGILGSDPAYQLPAVWIEHQDKAKALNMGYQVVD
DGTVIATHISKIMKTNLAELFTHDDVEAMTQRLTQQAPKLAEALAAALNPAQQLKVYRQLLLDQVPLKDIRTIANTMLES
SENTKDPILLAADVRCALKRTLVNLIAGQKPELNVYALSDELEQMLLTSLQQAQASGTVVLDSFPIEPNILGQFQQNLPL
IRQQLKQQGLPPILLVMPQLRPLLARYARTFTQGLAVLSYNEIPENKQINVVGNLGENLYFQ
;
_entity_poly.pdbx_strand_id   A,B,C,D,E,F,G,H,I
#
# COMPACT_ATOMS: atom_id res chain seq x y z
N GLU A 344 32.25 -18.41 51.66
CA GLU A 344 33.57 -17.92 51.27
C GLU A 344 33.79 -18.14 49.77
N GLU A 345 33.32 -19.27 49.26
CA GLU A 345 33.34 -19.58 47.83
C GLU A 345 31.98 -19.29 47.22
N ASP A 346 31.37 -18.19 47.65
CA ASP A 346 30.15 -17.72 47.03
C ASP A 346 30.58 -16.86 45.84
N THR A 347 31.76 -17.18 45.32
CA THR A 347 32.46 -16.52 44.22
C THR A 347 31.51 -16.11 43.10
N PRO A 348 30.51 -16.89 42.75
CA PRO A 348 29.44 -16.30 41.96
C PRO A 348 28.38 -15.71 42.87
N LEU A 349 28.18 -14.40 42.79
CA LEU A 349 26.97 -13.79 43.30
C LEU A 349 26.04 -13.60 42.12
N THR A 350 24.85 -14.16 42.19
CA THR A 350 23.91 -14.12 41.10
C THR A 350 22.70 -13.31 41.52
N TRP A 351 21.99 -12.78 40.53
CA TRP A 351 20.80 -12.00 40.83
C TRP A 351 19.86 -12.72 41.77
N ASP A 352 19.84 -14.05 41.72
CA ASP A 352 18.95 -14.80 42.60
C ASP A 352 19.28 -14.57 44.06
N ASP A 353 20.55 -14.30 44.39
CA ASP A 353 20.92 -14.06 45.77
C ASP A 353 20.19 -12.86 46.35
N ILE A 354 19.70 -11.97 45.50
CA ILE A 354 18.92 -10.81 45.91
C ILE A 354 17.52 -11.26 46.24
N PRO A 355 17.09 -11.20 47.50
CA PRO A 355 15.75 -11.69 47.85
C PRO A 355 14.68 -10.77 47.28
N HIS A 356 13.63 -11.37 46.74
CA HIS A 356 12.51 -10.58 46.26
C HIS A 356 11.88 -9.84 47.42
N VAL A 357 10.99 -8.94 47.09
CA VAL A 357 10.19 -8.26 48.10
C VAL A 357 8.78 -8.83 48.02
N HIS A 358 8.07 -8.73 49.13
CA HIS A 358 6.73 -9.31 49.20
C HIS A 358 5.73 -8.22 49.55
N THR A 359 4.51 -8.41 49.07
CA THR A 359 3.47 -7.44 49.34
C THR A 359 3.23 -7.30 50.83
N LEU A 360 2.75 -8.36 51.46
CA LEU A 360 2.49 -8.33 52.89
C LEU A 360 3.51 -9.19 53.62
N SER A 361 4.01 -8.68 54.73
CA SER A 361 4.94 -9.43 55.54
C SER A 361 4.78 -9.01 56.99
N LEU A 362 4.94 -9.98 57.88
CA LEU A 362 4.82 -9.74 59.31
C LEU A 362 6.18 -9.82 59.97
N ALA A 363 6.42 -8.91 60.90
CA ALA A 363 7.59 -8.96 61.77
C ALA A 363 7.17 -9.45 63.14
N LEU A 364 7.93 -10.39 63.69
CA LEU A 364 7.54 -11.07 64.92
C LEU A 364 8.67 -10.99 65.94
N GLY A 365 8.45 -10.22 67.00
CA GLY A 365 9.42 -10.11 68.07
C GLY A 365 9.38 -11.30 69.01
N TYR A 366 10.37 -11.32 69.92
CA TYR A 366 10.67 -12.50 70.74
C TYR A 366 9.42 -13.06 71.42
N ARG A 367 8.82 -12.25 72.29
CA ARG A 367 7.81 -12.77 73.21
C ARG A 367 6.65 -13.41 72.48
N LEU A 368 6.48 -13.13 71.20
CA LEU A 368 5.33 -13.59 70.45
C LEU A 368 5.72 -14.36 69.19
N VAL A 369 6.87 -15.04 69.20
CA VAL A 369 7.16 -16.01 68.14
C VAL A 369 6.52 -17.35 68.45
N HIS A 370 5.88 -17.51 69.60
CA HIS A 370 5.18 -18.75 69.88
C HIS A 370 3.82 -18.71 69.19
N LEU A 371 3.81 -18.31 67.92
CA LEU A 371 2.60 -18.17 67.15
C LEU A 371 2.71 -18.72 65.74
N VAL A 372 3.91 -19.06 65.28
CA VAL A 372 4.10 -19.62 63.96
C VAL A 372 4.92 -20.90 63.98
N ASN A 373 5.38 -21.32 65.14
CA ASN A 373 6.26 -22.46 65.35
C ASN A 373 5.60 -23.81 65.09
N LYS A 374 4.39 -23.87 64.55
CA LYS A 374 3.73 -25.08 64.05
C LYS A 374 3.38 -26.08 65.13
N ASP A 375 3.73 -25.83 66.38
CA ASP A 375 3.41 -26.76 67.46
C ASP A 375 2.39 -26.18 68.41
N GLN A 376 2.65 -25.00 68.97
CA GLN A 376 1.81 -24.45 70.04
C GLN A 376 0.51 -23.88 69.45
N GLY A 377 -0.18 -24.73 68.71
CA GLY A 377 -1.39 -24.34 68.02
C GLY A 377 -1.22 -23.06 67.24
N ALA A 378 -0.27 -23.05 66.29
CA ALA A 378 0.09 -21.86 65.52
C ALA A 378 -1.16 -21.21 64.94
N PRO A 379 -1.58 -20.06 65.49
CA PRO A 379 -2.73 -19.38 64.90
C PRO A 379 -2.38 -18.69 63.60
N LEU A 380 -1.20 -18.08 63.54
CA LEU A 380 -0.82 -17.39 62.32
C LEU A 380 -0.29 -18.34 61.27
N SER A 381 -1.01 -19.44 61.08
CA SER A 381 -1.04 -20.21 59.86
C SER A 381 -2.44 -20.66 59.52
N GLN A 382 -3.37 -20.55 60.46
CA GLN A 382 -4.78 -20.78 60.23
C GLN A 382 -5.60 -19.51 60.43
N ARG A 383 -5.40 -18.81 61.53
CA ARG A 383 -6.14 -17.56 61.72
C ARG A 383 -5.80 -16.57 60.63
N ILE A 384 -4.53 -16.45 60.27
CA ILE A 384 -4.17 -15.55 59.18
C ILE A 384 -4.80 -16.01 57.89
N ARG A 385 -4.81 -17.32 57.65
CA ARG A 385 -5.55 -17.82 56.51
C ARG A 385 -7.04 -17.63 56.72
N GLY A 386 -7.49 -17.63 57.96
CA GLY A 386 -8.88 -17.32 58.22
C GLY A 386 -9.27 -15.98 57.63
N VAL A 387 -8.48 -14.95 57.93
CA VAL A 387 -8.77 -13.63 57.37
C VAL A 387 -8.56 -13.62 55.87
N ARG A 388 -7.42 -14.14 55.43
CA ARG A 388 -7.10 -14.14 54.02
C ARG A 388 -8.08 -14.93 53.18
N ARG A 389 -8.98 -15.69 53.80
CA ARG A 389 -10.03 -16.39 53.06
C ARG A 389 -11.39 -15.72 53.23
N ASN A 390 -11.77 -15.46 54.46
CA ASN A 390 -13.06 -14.82 54.68
C ASN A 390 -13.05 -13.41 54.30
N LEU A 391 -11.95 -12.93 53.73
CA LEU A 391 -11.96 -11.67 53.04
C LEU A 391 -11.72 -11.83 51.56
N SER A 392 -10.96 -12.84 51.15
CA SER A 392 -10.81 -13.11 49.73
C SER A 392 -12.18 -13.34 49.16
N GLU A 393 -12.84 -14.41 49.59
CA GLU A 393 -14.14 -14.74 48.99
C GLU A 393 -15.11 -13.59 49.06
N GLN A 394 -14.83 -12.57 49.86
CA GLN A 394 -15.72 -11.43 49.94
C GLN A 394 -15.40 -10.38 48.89
N VAL A 395 -14.11 -10.06 48.71
CA VAL A 395 -13.76 -9.04 47.73
C VAL A 395 -13.39 -9.64 46.38
N GLY A 396 -13.53 -10.94 46.20
CA GLY A 396 -13.52 -11.52 44.90
C GLY A 396 -12.18 -11.99 44.40
N PHE A 397 -11.10 -11.29 44.69
CA PHE A 397 -9.81 -11.62 44.14
C PHE A 397 -8.90 -12.11 45.27
N LEU A 398 -8.18 -13.20 45.01
CA LEU A 398 -7.39 -13.84 46.04
C LEU A 398 -6.33 -12.94 46.58
N LEU A 399 -6.49 -12.51 47.83
CA LEU A 399 -5.51 -11.64 48.45
C LEU A 399 -4.16 -12.34 48.49
N PRO A 400 -3.08 -11.58 48.53
CA PRO A 400 -1.75 -12.19 48.50
C PRO A 400 -1.49 -13.05 49.72
N GLU A 401 -0.40 -13.79 49.65
CA GLU A 401 -0.01 -14.66 50.74
C GLU A 401 0.79 -13.88 51.77
N VAL A 402 0.23 -13.75 52.97
CA VAL A 402 0.95 -13.02 54.01
C VAL A 402 2.15 -13.82 54.44
N ARG A 403 3.33 -13.24 54.27
CA ARG A 403 4.56 -13.86 54.74
C ARG A 403 4.88 -13.36 56.13
N ILE A 404 5.67 -14.14 56.85
CA ILE A 404 5.95 -13.85 58.25
C ILE A 404 7.43 -14.04 58.49
N ARG A 405 8.09 -13.02 59.03
CA ARG A 405 9.49 -13.09 59.40
C ARG A 405 9.64 -12.55 60.82
N ASP A 406 10.77 -12.84 61.43
CA ASP A 406 11.05 -12.46 62.81
C ASP A 406 12.40 -11.75 62.87
N ASN A 407 12.35 -10.44 62.75
CA ASN A 407 13.56 -9.63 62.89
C ASN A 407 13.78 -9.33 64.37
N LEU A 408 14.92 -9.75 64.90
CA LEU A 408 15.24 -9.41 66.28
C LEU A 408 15.35 -7.92 66.51
N SER A 409 15.43 -7.13 65.43
CA SER A 409 15.70 -5.70 65.52
C SER A 409 14.75 -4.95 66.44
N LEU A 410 13.60 -5.52 66.74
CA LEU A 410 12.54 -4.79 67.42
C LEU A 410 12.24 -5.40 68.78
N LYS A 411 11.44 -4.67 69.56
CA LYS A 411 11.17 -5.04 70.94
C LYS A 411 10.59 -6.45 71.01
N PRO A 412 10.88 -7.20 72.07
CA PRO A 412 10.58 -8.64 72.05
C PRO A 412 9.12 -8.96 71.97
N ASN A 413 8.23 -7.99 72.15
CA ASN A 413 6.79 -8.26 72.18
C ASN A 413 6.02 -7.34 71.26
N GLN A 414 6.58 -6.96 70.12
CA GLN A 414 5.84 -6.17 69.16
C GLN A 414 5.91 -6.80 67.79
N TYR A 415 5.06 -6.28 66.90
CA TYR A 415 4.92 -6.78 65.55
C TYR A 415 4.70 -5.59 64.63
N THR A 416 5.18 -5.73 63.40
CA THR A 416 4.96 -4.74 62.37
C THR A 416 4.45 -5.41 61.11
N ILE A 417 3.46 -4.80 60.48
CA ILE A 417 2.92 -5.28 59.22
C ILE A 417 3.49 -4.42 58.11
N SER A 418 3.96 -5.06 57.04
CA SER A 418 4.69 -4.37 56.00
C SER A 418 4.01 -4.56 54.67
N LEU A 419 3.73 -3.46 53.97
CA LEU A 419 3.13 -3.51 52.66
C LEU A 419 4.16 -3.13 51.61
N ASN A 420 4.57 -4.13 50.83
CA ASN A 420 5.42 -4.01 49.66
C ASN A 420 6.87 -3.74 49.95
N GLY A 421 7.23 -3.20 51.10
CA GLY A 421 8.63 -3.26 51.45
C GLY A 421 8.93 -3.04 52.90
N GLU A 422 7.94 -2.65 53.69
CA GLU A 422 8.26 -1.87 54.87
C GLU A 422 6.99 -1.59 55.65
N VAL A 423 7.19 -1.16 56.90
CA VAL A 423 6.10 -1.12 57.85
C VAL A 423 5.02 -0.17 57.40
N ILE A 424 3.77 -0.53 57.68
CA ILE A 424 2.64 0.37 57.57
C ILE A 424 2.04 0.63 58.94
N GLU A 425 1.84 -0.41 59.73
CA GLU A 425 1.39 -0.27 61.10
C GLU A 425 2.19 -1.23 61.96
N GLN A 426 2.34 -0.84 63.23
CA GLN A 426 3.17 -1.56 64.17
C GLN A 426 2.48 -1.56 65.51
N GLY A 427 2.16 -2.74 66.03
CA GLY A 427 1.42 -2.87 67.27
C GLY A 427 2.29 -3.41 68.39
N PHE A 428 1.71 -3.36 69.59
CA PHE A 428 2.38 -3.84 70.80
C PHE A 428 1.47 -4.84 71.50
N ILE A 429 2.01 -6.01 71.78
CA ILE A 429 1.26 -7.12 72.36
C ILE A 429 1.71 -7.32 73.79
N GLU A 430 0.74 -7.47 74.69
CA GLU A 430 1.03 -7.71 76.08
C GLU A 430 1.57 -9.13 76.22
N PRO A 431 2.46 -9.38 77.21
CA PRO A 431 3.16 -10.68 77.25
C PRO A 431 2.24 -11.88 77.22
N GLU A 432 1.33 -11.99 78.18
CA GLU A 432 0.37 -13.08 78.17
C GLU A 432 -1.02 -12.65 78.64
N ARG A 433 -1.29 -11.35 78.73
CA ARG A 433 -2.60 -10.86 79.14
C ARG A 433 -3.46 -10.63 77.91
N LEU A 434 -4.52 -11.42 77.79
CA LEU A 434 -5.43 -11.30 76.66
C LEU A 434 -6.10 -9.94 76.68
N MET A 435 -6.36 -9.39 75.51
CA MET A 435 -7.01 -8.10 75.41
C MET A 435 -8.52 -8.28 75.26
N ALA A 436 -9.27 -7.40 75.93
CA ALA A 436 -10.70 -7.33 75.75
C ALA A 436 -11.09 -5.90 75.39
N ILE A 437 -12.17 -5.77 74.64
CA ILE A 437 -12.64 -4.47 74.19
C ILE A 437 -14.04 -4.25 74.73
N ALA A 438 -14.35 -3.00 75.07
CA ALA A 438 -15.70 -2.59 75.43
C ALA A 438 -16.24 -1.75 74.27
N VAL A 439 -17.19 -2.32 73.53
CA VAL A 439 -17.72 -1.65 72.36
C VAL A 439 -18.27 -0.27 72.70
N GLY A 440 -18.81 -0.12 73.90
CA GLY A 440 -19.47 1.12 74.29
C GLY A 440 -20.77 0.84 75.00
N ASP A 441 -21.35 -0.33 74.72
CA ASP A 441 -22.54 -0.79 75.42
C ASP A 441 -22.21 -1.66 76.63
N THR A 442 -21.01 -2.23 76.69
CA THR A 442 -20.60 -3.00 77.85
C THR A 442 -20.34 -2.09 79.04
N TYR A 443 -20.67 -2.60 80.23
CA TYR A 443 -20.45 -1.87 81.47
C TYR A 443 -19.51 -2.65 82.38
N GLY A 444 -18.90 -1.93 83.30
CA GLY A 444 -17.94 -2.51 84.22
C GLY A 444 -16.56 -2.66 83.61
N GLU A 445 -15.56 -2.65 84.48
CA GLU A 445 -14.17 -2.80 84.08
C GLU A 445 -13.60 -4.04 84.76
N ILE A 446 -12.50 -4.55 84.20
CA ILE A 446 -11.79 -5.68 84.77
C ILE A 446 -10.35 -5.24 85.04
N ASP A 447 -9.67 -6.01 85.88
CA ASP A 447 -8.32 -5.65 86.32
C ASP A 447 -7.34 -5.49 85.17
N GLY A 448 -7.76 -5.77 83.94
CA GLY A 448 -6.81 -5.80 82.83
C GLY A 448 -6.08 -4.48 82.69
N ILE A 449 -4.78 -4.59 82.39
CA ILE A 449 -3.97 -3.40 82.14
C ILE A 449 -4.51 -2.69 80.91
N LEU A 450 -4.70 -1.37 81.03
CA LEU A 450 -5.19 -0.59 79.92
C LEU A 450 -4.24 -0.68 78.73
N GLY A 451 -4.81 -0.53 77.55
CA GLY A 451 -4.02 -0.49 76.34
C GLY A 451 -4.77 0.33 75.33
N SER A 452 -4.74 -0.13 74.08
CA SER A 452 -5.57 0.44 73.04
C SER A 452 -5.96 -0.67 72.07
N ASP A 453 -6.96 -0.38 71.25
CA ASP A 453 -7.30 -1.30 70.17
C ASP A 453 -6.47 -0.95 68.94
N PRO A 454 -5.50 -1.77 68.55
CA PRO A 454 -4.73 -1.45 67.34
C PRO A 454 -5.57 -1.42 66.09
N ALA A 455 -6.79 -1.94 66.12
CA ALA A 455 -7.61 -1.95 64.91
C ALA A 455 -8.32 -0.61 64.70
N TYR A 456 -9.18 -0.21 65.62
CA TYR A 456 -10.04 0.95 65.42
C TYR A 456 -9.81 2.05 66.45
N GLN A 457 -8.69 2.04 67.15
CA GLN A 457 -8.40 3.02 68.19
C GLN A 457 -9.50 3.06 69.24
N LEU A 458 -9.71 1.92 69.91
CA LEU A 458 -10.64 1.79 71.01
C LEU A 458 -9.87 1.49 72.30
N PRO A 459 -10.45 1.80 73.45
CA PRO A 459 -9.78 1.46 74.72
C PRO A 459 -9.78 -0.03 74.93
N ALA A 460 -8.69 -0.53 75.49
CA ALA A 460 -8.50 -1.96 75.62
C ALA A 460 -7.87 -2.28 76.97
N VAL A 461 -8.29 -3.39 77.55
CA VAL A 461 -7.72 -3.90 78.78
C VAL A 461 -7.14 -5.27 78.51
N TRP A 462 -5.96 -5.54 79.04
CA TRP A 462 -5.26 -6.78 78.78
C TRP A 462 -5.33 -7.65 80.04
N ILE A 463 -6.10 -8.73 79.94
CA ILE A 463 -6.50 -9.54 81.08
C ILE A 463 -5.85 -10.90 80.96
N GLU A 464 -5.70 -11.58 82.10
CA GLU A 464 -5.10 -12.90 82.06
C GLU A 464 -6.04 -13.89 81.36
N HIS A 465 -5.58 -15.13 81.23
CA HIS A 465 -6.37 -16.12 80.51
C HIS A 465 -7.56 -16.62 81.31
N GLN A 466 -7.57 -16.39 82.63
CA GLN A 466 -8.63 -16.92 83.46
C GLN A 466 -9.84 -15.98 83.49
N ASP A 467 -9.61 -14.67 83.44
CA ASP A 467 -10.64 -13.66 83.59
C ASP A 467 -11.59 -13.57 82.43
N LYS A 468 -11.50 -14.50 81.47
CA LYS A 468 -12.44 -14.52 80.35
C LYS A 468 -13.87 -14.46 80.84
N ALA A 469 -14.20 -15.29 81.84
CA ALA A 469 -15.56 -15.32 82.38
C ALA A 469 -16.00 -13.93 82.80
N LYS A 470 -15.19 -13.25 83.61
CA LYS A 470 -15.53 -11.90 84.03
C LYS A 470 -15.71 -10.97 82.83
N ALA A 471 -14.87 -11.14 81.80
CA ALA A 471 -15.09 -10.40 80.56
C ALA A 471 -16.33 -10.91 79.83
N LEU A 472 -16.41 -12.22 79.64
CA LEU A 472 -17.55 -12.81 78.94
C LEU A 472 -18.86 -12.62 79.69
N ASN A 473 -18.82 -12.50 81.01
CA ASN A 473 -20.03 -12.29 81.79
C ASN A 473 -20.28 -10.82 82.09
N MET A 474 -19.32 -9.94 81.83
CA MET A 474 -19.57 -8.51 81.89
C MET A 474 -19.98 -7.94 80.54
N GLY A 475 -19.74 -8.68 79.47
CA GLY A 475 -20.13 -8.25 78.14
C GLY A 475 -18.97 -7.81 77.26
N TYR A 476 -17.74 -8.13 77.65
CA TYR A 476 -16.58 -7.64 76.94
C TYR A 476 -16.38 -8.36 75.63
N GLN A 477 -15.46 -7.82 74.83
CA GLN A 477 -15.03 -8.41 73.57
C GLN A 477 -13.57 -8.80 73.74
N VAL A 478 -13.35 -9.99 74.27
CA VAL A 478 -12.00 -10.49 74.51
C VAL A 478 -11.52 -11.20 73.26
N VAL A 479 -10.21 -11.19 73.06
CA VAL A 479 -9.58 -11.84 71.91
C VAL A 479 -8.22 -12.37 72.29
N ASP A 480 -7.86 -13.52 71.71
CA ASP A 480 -6.56 -14.11 71.88
C ASP A 480 -5.48 -13.19 71.32
N ASP A 481 -4.21 -13.46 71.60
CA ASP A 481 -3.13 -12.68 71.02
C ASP A 481 -3.23 -12.67 69.50
N GLY A 482 -3.23 -13.86 68.90
CA GLY A 482 -3.14 -13.96 67.45
C GLY A 482 -4.23 -13.18 66.74
N THR A 483 -5.43 -13.17 67.31
CA THR A 483 -6.52 -12.44 66.67
C THR A 483 -6.26 -10.95 66.67
N VAL A 484 -5.64 -10.43 67.72
CA VAL A 484 -5.31 -9.01 67.74
C VAL A 484 -4.45 -8.66 66.55
N ILE A 485 -3.57 -9.57 66.15
CA ILE A 485 -2.84 -9.38 64.90
C ILE A 485 -3.78 -9.57 63.72
N ALA A 486 -4.39 -10.76 63.60
CA ALA A 486 -5.16 -11.08 62.42
C ALA A 486 -6.19 -10.02 62.12
N THR A 487 -6.82 -9.45 63.13
CA THR A 487 -7.73 -8.35 62.85
C THR A 487 -6.98 -7.14 62.30
N HIS A 488 -5.74 -6.93 62.74
CA HIS A 488 -4.99 -5.79 62.22
C HIS A 488 -4.63 -6.01 60.77
N ILE A 489 -4.17 -7.21 60.43
CA ILE A 489 -3.90 -7.54 59.03
C ILE A 489 -5.16 -7.39 58.20
N SER A 490 -6.30 -7.80 58.74
CA SER A 490 -7.54 -7.64 58.00
C SER A 490 -7.81 -6.18 57.70
N LYS A 491 -7.63 -5.31 58.70
CA LYS A 491 -7.88 -3.91 58.43
C LYS A 491 -6.91 -3.35 57.41
N ILE A 492 -5.65 -3.78 57.48
CA ILE A 492 -4.67 -3.25 56.53
C ILE A 492 -4.99 -3.69 55.12
N MET A 493 -5.34 -4.96 54.93
CA MET A 493 -5.78 -5.40 53.62
C MET A 493 -6.97 -4.60 53.16
N LYS A 494 -8.01 -4.51 53.99
CA LYS A 494 -9.23 -3.86 53.55
C LYS A 494 -8.99 -2.40 53.23
N THR A 495 -7.94 -1.81 53.76
CA THR A 495 -7.68 -0.42 53.41
C THR A 495 -6.84 -0.32 52.15
N ASN A 496 -5.74 -1.07 52.06
CA ASN A 496 -4.81 -0.98 50.95
C ASN A 496 -5.16 -1.91 49.81
N LEU A 497 -6.42 -2.34 49.73
CA LEU A 497 -6.86 -3.22 48.65
C LEU A 497 -6.26 -2.91 47.30
N ALA A 498 -6.14 -1.63 46.96
CA ALA A 498 -5.62 -1.27 45.65
C ALA A 498 -4.24 -1.90 45.43
N GLU A 499 -3.25 -1.49 46.22
CA GLU A 499 -1.90 -1.95 45.99
C GLU A 499 -1.74 -3.44 46.11
N LEU A 500 -2.76 -4.15 46.60
CA LEU A 500 -2.70 -5.59 46.68
C LEU A 500 -3.16 -6.25 45.39
N PHE A 501 -3.65 -5.47 44.44
CA PHE A 501 -4.10 -5.99 43.15
C PHE A 501 -3.02 -5.75 42.12
N THR A 502 -2.33 -6.81 41.72
CA THR A 502 -1.17 -6.69 40.87
C THR A 502 -1.58 -6.68 39.40
N HIS A 503 -0.64 -6.33 38.54
CA HIS A 503 -0.84 -6.43 37.10
C HIS A 503 -0.83 -7.86 36.63
N ASP A 504 -0.83 -8.81 37.54
CA ASP A 504 -0.91 -10.20 37.16
C ASP A 504 -2.25 -10.83 37.46
N ASP A 505 -3.00 -10.29 38.41
CA ASP A 505 -4.33 -10.82 38.66
C ASP A 505 -5.27 -10.57 37.48
N VAL A 506 -5.07 -9.46 36.79
CA VAL A 506 -5.87 -9.12 35.61
C VAL A 506 -5.83 -10.28 34.63
N GLU A 507 -4.80 -11.11 34.70
CA GLU A 507 -4.85 -12.37 33.99
C GLU A 507 -5.77 -13.36 34.69
N ALA A 508 -5.63 -13.47 36.02
CA ALA A 508 -6.44 -14.45 36.73
C ALA A 508 -7.89 -14.05 36.75
N MET A 509 -8.20 -12.76 36.80
CA MET A 509 -9.60 -12.37 36.74
C MET A 509 -10.23 -12.81 35.43
N THR A 510 -9.53 -12.61 34.32
CA THR A 510 -10.09 -13.07 33.06
C THR A 510 -10.16 -14.58 33.01
N GLN A 511 -9.29 -15.30 33.71
CA GLN A 511 -9.45 -16.74 33.77
C GLN A 511 -10.72 -17.12 34.52
N ARG A 512 -10.89 -16.55 35.70
CA ARG A 512 -12.06 -16.85 36.51
C ARG A 512 -13.34 -16.36 35.85
N LEU A 513 -13.24 -15.39 34.97
CA LEU A 513 -14.40 -14.92 34.22
C LEU A 513 -14.68 -15.74 32.97
N THR A 514 -13.64 -16.27 32.33
CA THR A 514 -13.87 -17.24 31.28
C THR A 514 -14.49 -18.50 31.82
N GLN A 515 -14.27 -18.81 33.09
CA GLN A 515 -14.95 -19.97 33.63
C GLN A 515 -16.45 -19.80 33.59
N GLN A 516 -16.95 -18.58 33.74
CA GLN A 516 -18.39 -18.35 33.77
C GLN A 516 -18.94 -17.99 32.40
N ALA A 517 -18.43 -16.92 31.79
CA ALA A 517 -18.95 -16.38 30.53
C ALA A 517 -17.87 -16.44 29.48
N PRO A 518 -17.44 -17.63 29.08
CA PRO A 518 -16.20 -17.77 28.32
C PRO A 518 -16.17 -16.95 27.06
N LYS A 519 -17.31 -16.50 26.57
CA LYS A 519 -17.34 -15.70 25.38
C LYS A 519 -17.21 -14.22 25.68
N LEU A 520 -17.29 -13.82 26.94
CA LEU A 520 -17.23 -12.40 27.25
C LEU A 520 -15.78 -11.92 27.25
N ALA A 521 -14.91 -12.58 28.01
CA ALA A 521 -13.52 -12.17 28.06
C ALA A 521 -12.91 -12.16 26.68
N GLU A 522 -13.10 -13.24 25.92
CA GLU A 522 -12.63 -13.31 24.55
C GLU A 522 -13.10 -12.12 23.74
N ALA A 523 -14.13 -11.43 24.19
CA ALA A 523 -14.55 -10.17 23.60
C ALA A 523 -14.22 -8.97 24.46
N LEU A 524 -13.81 -9.18 25.70
CA LEU A 524 -13.38 -8.04 26.52
C LEU A 524 -11.90 -7.78 26.37
N ALA A 525 -11.08 -8.81 26.53
CA ALA A 525 -9.64 -8.64 26.43
C ALA A 525 -9.25 -8.00 25.11
N ALA A 526 -10.02 -8.24 24.06
CA ALA A 526 -9.77 -7.57 22.80
C ALA A 526 -10.32 -6.15 22.77
N ALA A 527 -10.98 -5.70 23.83
CA ALA A 527 -11.50 -4.34 23.89
C ALA A 527 -10.71 -3.44 24.83
N LEU A 528 -10.16 -3.98 25.91
CA LEU A 528 -9.29 -3.22 26.80
C LEU A 528 -8.06 -4.03 27.12
N ASN A 529 -6.90 -3.53 26.74
CA ASN A 529 -5.65 -4.19 27.05
C ASN A 529 -5.43 -4.22 28.56
N PRO A 530 -4.84 -5.29 29.08
CA PRO A 530 -4.78 -5.49 30.53
C PRO A 530 -4.22 -4.31 31.29
N ALA A 531 -3.40 -3.49 30.64
CA ALA A 531 -2.97 -2.25 31.28
C ALA A 531 -4.17 -1.35 31.54
N GLN A 532 -5.13 -1.33 30.63
CA GLN A 532 -6.31 -0.50 30.83
C GLN A 532 -7.26 -1.12 31.82
N GLN A 533 -7.40 -2.44 31.79
CA GLN A 533 -8.29 -3.10 32.73
C GLN A 533 -7.86 -2.82 34.15
N LEU A 534 -6.58 -3.00 34.45
CA LEU A 534 -6.13 -2.91 35.82
C LEU A 534 -6.47 -1.57 36.43
N LYS A 535 -6.24 -0.49 35.71
CA LYS A 535 -6.59 0.82 36.25
C LYS A 535 -8.05 0.85 36.70
N VAL A 536 -8.92 0.17 35.95
CA VAL A 536 -10.33 0.17 36.32
C VAL A 536 -10.54 -0.61 37.60
N TYR A 537 -9.96 -1.80 37.72
CA TYR A 537 -10.09 -2.53 38.96
C TYR A 537 -9.47 -1.77 40.12
N ARG A 538 -8.41 -1.03 39.85
CA ARG A 538 -7.83 -0.20 40.89
C ARG A 538 -8.83 0.83 41.36
N GLN A 539 -9.51 1.50 40.42
CA GLN A 539 -10.44 2.54 40.81
C GLN A 539 -11.63 1.94 41.52
N LEU A 540 -12.00 0.72 41.18
CA LEU A 540 -13.09 0.06 41.88
C LEU A 540 -12.69 -0.36 43.28
N LEU A 541 -11.47 -0.81 43.46
CA LEU A 541 -11.06 -1.28 44.76
C LEU A 541 -10.64 -0.16 45.69
N LEU A 542 -10.28 1.00 45.15
CA LEU A 542 -9.93 2.12 46.00
C LEU A 542 -11.06 2.43 46.96
N ASP A 543 -12.23 2.75 46.42
CA ASP A 543 -13.41 2.94 47.25
C ASP A 543 -14.00 1.63 47.72
N GLN A 544 -13.26 0.53 47.61
CA GLN A 544 -13.57 -0.70 48.33
C GLN A 544 -14.90 -1.30 47.88
N VAL A 545 -15.03 -1.52 46.58
CA VAL A 545 -16.21 -2.13 45.99
C VAL A 545 -15.88 -3.58 45.66
N PRO A 546 -16.68 -4.55 46.07
CA PRO A 546 -16.31 -5.94 45.86
C PRO A 546 -16.38 -6.30 44.38
N LEU A 547 -15.39 -7.07 43.94
CA LEU A 547 -15.35 -7.59 42.57
C LEU A 547 -15.78 -9.03 42.50
N LYS A 548 -16.75 -9.44 43.30
CA LYS A 548 -17.13 -10.84 43.27
C LYS A 548 -17.81 -11.20 41.97
N ASP A 549 -18.83 -10.44 41.59
CA ASP A 549 -19.62 -10.73 40.40
C ASP A 549 -18.93 -10.12 39.20
N ILE A 550 -17.90 -10.83 38.72
CA ILE A 550 -17.08 -10.23 37.70
C ILE A 550 -17.83 -10.14 36.39
N ARG A 551 -18.76 -11.05 36.13
CA ARG A 551 -19.47 -11.02 34.85
C ARG A 551 -20.20 -9.70 34.67
N THR A 552 -21.05 -9.34 35.62
CA THR A 552 -21.73 -8.07 35.51
C THR A 552 -20.81 -6.88 35.63
N ILE A 553 -19.50 -7.09 35.71
CA ILE A 553 -18.55 -5.99 35.66
C ILE A 553 -17.86 -5.93 34.32
N ALA A 554 -17.39 -7.07 33.82
CA ALA A 554 -16.84 -7.08 32.47
C ALA A 554 -17.90 -6.69 31.47
N ASN A 555 -19.13 -7.13 31.68
CA ASN A 555 -20.22 -6.71 30.83
C ASN A 555 -20.29 -5.19 30.75
N THR A 556 -20.18 -4.52 31.89
CA THR A 556 -20.31 -3.07 31.89
C THR A 556 -19.07 -2.41 31.29
N MET A 557 -17.88 -2.94 31.56
CA MET A 557 -16.70 -2.39 30.92
C MET A 557 -16.75 -2.60 29.42
N LEU A 558 -17.11 -3.80 28.98
CA LEU A 558 -17.24 -4.05 27.55
C LEU A 558 -18.24 -3.10 26.92
N GLU A 559 -19.38 -2.88 27.56
CA GLU A 559 -20.33 -1.91 27.07
C GLU A 559 -19.70 -0.54 26.96
N SER A 560 -19.32 0.04 28.10
CA SER A 560 -18.92 1.43 28.15
C SER A 560 -17.55 1.67 27.55
N SER A 561 -16.87 0.65 27.04
CA SER A 561 -15.56 0.86 26.46
C SER A 561 -15.60 1.63 25.16
N GLU A 562 -16.75 1.70 24.50
CA GLU A 562 -16.80 2.37 23.21
C GLU A 562 -16.51 3.86 23.35
N ASN A 563 -17.17 4.50 24.32
CA ASN A 563 -17.07 5.95 24.42
C ASN A 563 -15.69 6.37 24.93
N THR A 564 -15.35 5.97 26.14
CA THR A 564 -14.15 6.45 26.79
C THR A 564 -13.34 5.28 27.32
N LYS A 565 -12.03 5.36 27.14
CA LYS A 565 -11.13 4.41 27.76
C LYS A 565 -10.52 4.95 29.04
N ASP A 566 -10.99 6.10 29.50
CA ASP A 566 -10.47 6.65 30.74
C ASP A 566 -10.92 5.77 31.91
N PRO A 567 -10.04 5.45 32.82
CA PRO A 567 -10.38 4.46 33.84
C PRO A 567 -11.09 5.07 35.03
N ILE A 568 -11.59 6.30 34.90
CA ILE A 568 -12.36 6.88 35.99
C ILE A 568 -13.77 7.11 35.50
N LEU A 569 -13.91 7.36 34.20
CA LEU A 569 -15.24 7.34 33.63
C LEU A 569 -15.76 5.92 33.55
N LEU A 570 -14.87 4.94 33.43
CA LEU A 570 -15.29 3.55 33.44
C LEU A 570 -15.66 3.10 34.84
N ALA A 571 -14.88 3.49 35.84
CA ALA A 571 -15.19 3.08 37.19
C ALA A 571 -16.49 3.68 37.68
N ALA A 572 -16.96 4.75 37.04
CA ALA A 572 -18.26 5.28 37.43
C ALA A 572 -19.38 4.39 36.91
N ASP A 573 -19.26 3.90 35.67
CA ASP A 573 -20.32 3.09 35.10
C ASP A 573 -20.43 1.75 35.79
N VAL A 574 -19.31 1.13 36.12
CA VAL A 574 -19.39 -0.12 36.85
C VAL A 574 -20.06 0.08 38.19
N ARG A 575 -19.85 1.23 38.81
CA ARG A 575 -20.49 1.46 40.09
C ARG A 575 -21.97 1.75 39.91
N CYS A 576 -22.34 2.44 38.84
CA CYS A 576 -23.76 2.60 38.56
C CYS A 576 -24.43 1.26 38.28
N ALA A 577 -23.67 0.31 37.75
CA ALA A 577 -24.24 -1.00 37.52
C ALA A 577 -24.29 -1.85 38.77
N LEU A 578 -23.42 -1.58 39.74
CA LEU A 578 -23.43 -2.33 40.98
C LEU A 578 -24.14 -1.61 42.11
N LYS A 579 -24.82 -0.50 41.82
CA LYS A 579 -25.55 0.28 42.82
C LYS A 579 -26.21 -0.59 43.88
N ARG A 580 -26.78 -1.71 43.47
CA ARG A 580 -27.42 -2.63 44.39
C ARG A 580 -26.44 -3.03 45.49
N THR A 581 -25.38 -3.72 45.12
CA THR A 581 -24.46 -4.23 46.13
C THR A 581 -23.70 -3.11 46.82
N LEU A 582 -23.43 -2.02 46.11
CA LEU A 582 -22.85 -0.85 46.76
C LEU A 582 -23.63 -0.45 47.99
N VAL A 583 -24.89 -0.07 47.80
CA VAL A 583 -25.66 0.40 48.92
C VAL A 583 -25.89 -0.73 49.92
N ASN A 584 -26.09 -1.95 49.44
CA ASN A 584 -26.28 -3.06 50.36
C ASN A 584 -25.10 -3.21 51.30
N LEU A 585 -23.90 -2.86 50.85
CA LEU A 585 -22.73 -2.98 51.71
C LEU A 585 -22.48 -1.74 52.55
N ILE A 586 -22.82 -0.56 52.04
CA ILE A 586 -22.64 0.65 52.83
C ILE A 586 -23.67 0.72 53.94
N ALA A 587 -24.94 0.75 53.58
CA ALA A 587 -26.02 0.78 54.55
C ALA A 587 -26.68 -0.59 54.60
N GLY A 588 -27.69 -0.70 55.46
CA GLY A 588 -28.40 -1.95 55.59
C GLY A 588 -29.52 -2.07 54.59
N GLN A 589 -30.25 -3.18 54.70
CA GLN A 589 -31.36 -3.43 53.79
C GLN A 589 -32.57 -2.55 54.08
N LYS A 590 -32.51 -1.72 55.11
CA LYS A 590 -33.58 -0.79 55.43
C LYS A 590 -33.76 0.18 54.27
N PRO A 591 -34.95 0.22 53.66
CA PRO A 591 -35.12 1.06 52.47
C PRO A 591 -34.94 2.53 52.72
N GLU A 592 -35.42 3.05 53.85
CA GLU A 592 -35.14 4.43 54.19
C GLU A 592 -33.65 4.60 54.40
N LEU A 593 -33.12 5.75 54.00
CA LEU A 593 -31.69 5.99 54.05
C LEU A 593 -31.40 7.43 54.47
N ASN A 594 -30.38 7.61 55.30
CA ASN A 594 -29.98 8.92 55.81
C ASN A 594 -28.56 9.19 55.37
N VAL A 595 -28.31 10.37 54.82
CA VAL A 595 -27.04 10.73 54.22
C VAL A 595 -26.92 12.25 54.27
N TYR A 596 -25.70 12.76 54.07
CA TYR A 596 -25.49 14.19 53.90
C TYR A 596 -25.75 14.63 52.48
N ALA A 597 -25.30 15.84 52.18
CA ALA A 597 -25.36 16.39 50.84
C ALA A 597 -24.48 17.63 50.81
N LEU A 598 -23.91 17.89 49.64
CA LEU A 598 -23.12 19.10 49.49
C LEU A 598 -24.00 20.33 49.61
N SER A 599 -23.45 21.36 50.22
CA SER A 599 -24.12 22.65 50.29
C SER A 599 -24.10 23.29 48.91
N ASP A 600 -25.30 23.55 48.38
CA ASP A 600 -25.48 24.08 47.04
C ASP A 600 -24.45 25.15 46.70
N GLU A 601 -24.14 26.01 47.66
CA GLU A 601 -23.07 26.97 47.46
C GLU A 601 -21.74 26.26 47.22
N LEU A 602 -21.27 25.46 48.19
CA LEU A 602 -19.97 24.82 48.03
C LEU A 602 -19.97 23.89 46.83
N GLU A 603 -21.05 23.12 46.65
CA GLU A 603 -21.16 22.24 45.50
C GLU A 603 -20.95 23.01 44.21
N GLN A 604 -21.64 24.14 44.06
CA GLN A 604 -21.43 24.97 42.89
C GLN A 604 -20.00 25.47 42.83
N MET A 605 -19.45 25.86 43.98
CA MET A 605 -18.10 26.41 43.99
C MET A 605 -17.08 25.45 43.42
N LEU A 606 -17.30 24.14 43.59
CA LEU A 606 -16.37 23.17 43.04
C LEU A 606 -16.55 23.05 41.53
N LEU A 607 -17.80 22.87 41.08
CA LEU A 607 -18.06 22.68 39.67
C LEU A 607 -17.44 23.80 38.85
N THR A 608 -17.44 25.01 39.40
CA THR A 608 -16.69 26.09 38.78
C THR A 608 -15.24 25.67 38.54
N SER A 609 -14.62 25.07 39.55
CA SER A 609 -13.22 24.69 39.44
C SER A 609 -13.02 23.64 38.36
N LEU A 610 -13.87 22.63 38.35
CA LEU A 610 -13.78 21.60 37.32
C LEU A 610 -13.91 22.19 35.92
N GLN A 611 -14.91 23.06 35.72
CA GLN A 611 -15.11 23.66 34.42
C GLN A 611 -13.90 24.49 34.01
N GLN A 612 -13.30 25.20 34.97
CA GLN A 612 -12.11 25.97 34.65
C GLN A 612 -10.99 25.06 34.20
N ALA A 613 -10.71 24.02 34.99
CA ALA A 613 -9.64 23.10 34.63
C ALA A 613 -9.93 22.38 33.32
N GLN A 614 -11.20 22.30 32.91
CA GLN A 614 -11.53 21.72 31.63
C GLN A 614 -10.85 22.44 30.47
N ALA A 615 -10.31 23.64 30.70
CA ALA A 615 -9.53 24.31 29.67
C ALA A 615 -8.38 23.44 29.21
N SER A 616 -7.59 22.91 30.16
CA SER A 616 -6.59 21.92 29.82
C SER A 616 -7.26 20.60 29.46
N GLY A 617 -6.46 19.68 28.93
CA GLY A 617 -6.99 18.42 28.48
C GLY A 617 -7.37 17.49 29.60
N THR A 618 -8.24 17.97 30.51
CA THR A 618 -8.58 17.27 31.74
C THR A 618 -7.32 16.80 32.45
N VAL A 619 -6.50 17.79 32.83
CA VAL A 619 -5.17 17.51 33.36
C VAL A 619 -5.23 16.52 34.50
N VAL A 620 -6.28 16.59 35.30
CA VAL A 620 -6.57 15.54 36.27
C VAL A 620 -7.69 14.71 35.69
N LEU A 621 -7.70 13.44 36.06
CA LEU A 621 -8.81 12.60 35.67
C LEU A 621 -10.11 13.14 36.28
N ASP A 622 -10.26 12.96 37.57
CA ASP A 622 -11.14 13.79 38.35
C ASP A 622 -10.67 13.92 39.79
N SER A 623 -9.51 13.37 40.14
CA SER A 623 -9.13 13.30 41.56
C SER A 623 -9.01 14.69 42.16
N PHE A 624 -8.27 15.59 41.50
CA PHE A 624 -8.35 17.00 41.88
C PHE A 624 -7.97 17.89 40.71
N PRO A 625 -8.90 18.66 40.19
CA PRO A 625 -8.53 19.67 39.21
C PRO A 625 -8.00 20.95 39.84
N ILE A 626 -8.56 21.36 40.98
CA ILE A 626 -8.30 22.67 41.54
C ILE A 626 -8.41 22.62 43.06
N GLU A 627 -7.44 23.23 43.74
CA GLU A 627 -7.41 23.43 45.17
C GLU A 627 -7.65 24.90 45.50
N PRO A 628 -8.90 25.35 45.60
CA PRO A 628 -9.14 26.76 45.91
C PRO A 628 -9.11 27.04 47.40
N ASN A 629 -8.12 26.48 48.10
CA ASN A 629 -7.89 26.69 49.52
C ASN A 629 -9.07 26.22 50.37
N ILE A 630 -10.12 25.69 49.75
CA ILE A 630 -11.17 25.02 50.52
C ILE A 630 -10.72 23.63 50.93
N LEU A 631 -9.53 23.21 50.52
CA LEU A 631 -8.99 21.93 50.95
C LEU A 631 -8.86 21.88 52.46
N GLY A 632 -8.49 23.00 53.08
CA GLY A 632 -8.47 23.04 54.53
C GLY A 632 -9.86 22.87 55.11
N GLN A 633 -10.86 23.53 54.50
CA GLN A 633 -12.23 23.35 54.94
C GLN A 633 -12.65 21.89 54.87
N PHE A 634 -12.22 21.19 53.82
CA PHE A 634 -12.54 19.78 53.69
C PHE A 634 -11.82 18.97 54.78
N GLN A 635 -10.50 19.08 54.83
CA GLN A 635 -9.70 18.39 55.84
C GLN A 635 -10.20 18.68 57.25
N GLN A 636 -10.98 19.74 57.42
CA GLN A 636 -11.60 20.04 58.71
C GLN A 636 -12.94 19.36 58.87
N ASN A 637 -13.82 19.48 57.86
CA ASN A 637 -15.20 19.03 58.02
C ASN A 637 -15.30 17.51 57.94
N LEU A 638 -14.66 16.91 56.94
CA LEU A 638 -14.76 15.46 56.75
C LEU A 638 -14.50 14.65 58.01
N PRO A 639 -13.54 15.00 58.87
CA PRO A 639 -13.51 14.34 60.18
C PRO A 639 -14.79 14.55 60.98
N LEU A 640 -15.24 15.81 61.10
CA LEU A 640 -16.51 16.07 61.77
C LEU A 640 -17.66 15.38 61.05
N ILE A 641 -17.64 15.39 59.72
CA ILE A 641 -18.67 14.73 58.93
C ILE A 641 -18.77 13.27 59.31
N ARG A 642 -17.63 12.61 59.50
CA ARG A 642 -17.68 11.25 60.02
C ARG A 642 -18.23 11.23 61.44
N GLN A 643 -17.76 12.15 62.27
CA GLN A 643 -18.09 12.08 63.69
C GLN A 643 -19.50 12.55 63.98
N GLN A 644 -19.97 13.59 63.27
CA GLN A 644 -21.34 14.04 63.48
C GLN A 644 -22.31 12.89 63.33
N LEU A 645 -22.20 12.14 62.24
CA LEU A 645 -23.04 10.96 62.04
C LEU A 645 -22.63 9.81 62.95
N LYS A 646 -21.50 9.93 63.63
CA LYS A 646 -21.14 8.99 64.68
C LYS A 646 -21.61 9.47 66.04
N GLN A 647 -22.32 10.59 66.10
CA GLN A 647 -23.09 10.96 67.28
C GLN A 647 -24.48 10.34 67.27
N GLN A 648 -24.82 9.58 66.23
CA GLN A 648 -26.13 8.97 66.10
C GLN A 648 -26.08 7.48 65.80
N GLY A 649 -24.90 6.94 65.52
CA GLY A 649 -24.70 5.51 65.37
C GLY A 649 -24.92 4.98 63.98
N LEU A 650 -25.59 5.72 63.12
CA LEU A 650 -25.84 5.22 61.77
C LEU A 650 -24.59 5.35 60.90
N PRO A 651 -24.39 4.42 59.97
CA PRO A 651 -23.15 4.42 59.18
C PRO A 651 -23.01 5.69 58.37
N PRO A 652 -21.78 6.11 58.09
CA PRO A 652 -21.58 7.38 57.39
C PRO A 652 -21.73 7.22 55.89
N ILE A 653 -22.43 8.17 55.26
CA ILE A 653 -22.56 8.21 53.81
C ILE A 653 -22.49 9.68 53.40
N LEU A 654 -22.26 9.91 52.12
CA LEU A 654 -22.20 11.28 51.61
C LEU A 654 -22.66 11.26 50.16
N LEU A 655 -23.56 12.17 49.82
CA LEU A 655 -24.03 12.31 48.45
C LEU A 655 -23.35 13.48 47.76
N VAL A 656 -23.16 13.35 46.45
CA VAL A 656 -22.49 14.36 45.64
C VAL A 656 -23.10 14.36 44.25
N MET A 657 -22.65 15.31 43.44
CA MET A 657 -22.88 15.22 42.01
C MET A 657 -22.01 14.10 41.43
N PRO A 658 -22.48 13.44 40.39
CA PRO A 658 -21.63 12.43 39.74
C PRO A 658 -20.34 13.03 39.21
N GLN A 659 -20.35 14.30 38.81
CA GLN A 659 -19.14 14.89 38.26
C GLN A 659 -18.12 15.18 39.35
N LEU A 660 -18.53 15.20 40.60
CA LEU A 660 -17.60 15.38 41.70
C LEU A 660 -17.33 14.09 42.46
N ARG A 661 -18.13 13.06 42.21
CA ARG A 661 -17.95 11.75 42.82
C ARG A 661 -16.51 11.31 42.84
N PRO A 662 -15.82 11.22 41.70
CA PRO A 662 -14.48 10.64 41.73
C PRO A 662 -13.49 11.49 42.51
N LEU A 663 -13.71 12.79 42.55
CA LEU A 663 -12.84 13.67 43.33
C LEU A 663 -12.92 13.32 44.81
N LEU A 664 -14.10 13.51 45.39
CA LEU A 664 -14.25 13.39 46.84
C LEU A 664 -13.89 12.01 47.34
N ALA A 665 -13.84 11.01 46.47
CA ALA A 665 -13.39 9.70 46.90
C ALA A 665 -11.94 9.74 47.38
N ARG A 666 -11.14 10.61 46.79
CA ARG A 666 -9.74 10.68 47.20
C ARG A 666 -9.61 11.27 48.60
N TYR A 667 -10.41 12.29 48.90
CA TYR A 667 -10.35 12.87 50.22
C TYR A 667 -10.79 11.88 51.28
N ALA A 668 -11.98 11.29 51.10
CA ALA A 668 -12.45 10.29 52.04
C ALA A 668 -11.53 9.09 52.11
N ARG A 669 -10.63 8.92 51.15
CA ARG A 669 -9.69 7.82 51.21
C ARG A 669 -8.46 8.15 52.03
N THR A 670 -8.20 9.44 52.27
CA THR A 670 -7.03 9.88 53.01
C THR A 670 -7.38 10.47 54.37
N PHE A 671 -8.31 11.42 54.41
CA PHE A 671 -8.57 12.16 55.62
C PHE A 671 -9.31 11.32 56.64
N THR A 672 -10.45 10.77 56.26
CA THR A 672 -11.26 9.96 57.15
C THR A 672 -10.99 8.50 56.88
N GLN A 673 -10.61 7.76 57.91
CA GLN A 673 -10.38 6.33 57.74
C GLN A 673 -11.66 5.61 57.39
N GLY A 674 -12.81 6.20 57.67
CA GLY A 674 -14.08 5.61 57.31
C GLY A 674 -15.06 6.61 56.74
N LEU A 675 -15.53 6.36 55.52
CA LEU A 675 -16.53 7.22 54.90
C LEU A 675 -17.08 6.50 53.69
N ALA A 676 -18.04 7.13 53.01
CA ALA A 676 -18.65 6.58 51.81
C ALA A 676 -19.19 7.73 50.97
N VAL A 677 -18.62 7.95 49.80
CA VAL A 677 -19.04 9.00 48.91
C VAL A 677 -19.79 8.34 47.76
N LEU A 678 -21.11 8.51 47.75
CA LEU A 678 -21.97 7.94 46.72
C LEU A 678 -22.53 9.04 45.85
N SER A 679 -22.69 8.76 44.57
CA SER A 679 -23.32 9.73 43.70
C SER A 679 -24.84 9.65 43.84
N TYR A 680 -25.54 10.38 42.99
CA TYR A 680 -26.99 10.27 42.99
C TYR A 680 -27.44 9.07 42.17
N ASN A 681 -26.89 8.92 40.97
CA ASN A 681 -27.25 7.80 40.11
C ASN A 681 -26.67 6.50 40.59
N GLU A 682 -25.81 6.52 41.60
CA GLU A 682 -25.27 5.30 42.17
C GLU A 682 -26.15 4.74 43.26
N ILE A 683 -27.28 5.39 43.55
CA ILE A 683 -28.18 4.92 44.58
C ILE A 683 -29.46 4.48 43.89
N PRO A 684 -30.09 3.39 44.30
CA PRO A 684 -31.28 2.92 43.58
C PRO A 684 -32.42 3.90 43.74
N GLU A 685 -33.40 3.78 42.85
CA GLU A 685 -34.67 4.46 43.05
C GLU A 685 -35.57 3.71 44.01
N ASN A 686 -35.13 2.55 44.49
CA ASN A 686 -35.88 1.83 45.50
C ASN A 686 -35.71 2.48 46.86
N LYS A 687 -34.48 2.53 47.36
CA LYS A 687 -34.23 3.04 48.70
C LYS A 687 -34.46 4.53 48.74
N GLN A 688 -35.52 4.96 49.41
CA GLN A 688 -35.75 6.39 49.60
C GLN A 688 -34.73 6.95 50.58
N ILE A 689 -34.13 8.06 50.21
CA ILE A 689 -33.06 8.64 50.98
C ILE A 689 -33.62 9.75 51.86
N ASN A 690 -32.82 10.16 52.85
CA ASN A 690 -33.18 11.27 53.72
C ASN A 690 -31.93 12.10 53.95
N VAL A 691 -31.85 13.25 53.29
CA VAL A 691 -30.74 14.16 53.52
C VAL A 691 -30.73 14.59 54.98
N VAL A 692 -29.53 14.82 55.51
CA VAL A 692 -29.39 15.34 56.85
C VAL A 692 -29.16 16.84 56.83
N GLY A 693 -28.30 17.31 55.94
CA GLY A 693 -28.05 18.73 55.84
C GLY A 693 -26.90 19.01 54.90
N ASN A 694 -26.74 20.29 54.60
CA ASN A 694 -25.71 20.77 53.70
C ASN A 694 -24.37 20.76 54.43
N LEU A 695 -23.34 21.34 53.81
CA LEU A 695 -22.01 21.44 54.42
C LEU A 695 -21.46 22.81 54.07
N GLY A 696 -21.64 23.78 54.96
CA GLY A 696 -21.18 25.14 54.74
C GLY A 696 -19.79 25.42 55.28
N GLU B 344 58.15 -13.30 22.11
CA GLU B 344 58.92 -12.96 20.91
C GLU B 344 58.16 -13.39 19.65
N GLU B 345 57.52 -14.55 19.72
CA GLU B 345 56.64 -15.04 18.66
C GLU B 345 55.19 -14.75 19.00
N ASP B 346 54.94 -13.58 19.55
CA ASP B 346 53.59 -13.11 19.77
C ASP B 346 53.15 -12.45 18.47
N THR B 347 53.75 -12.92 17.37
CA THR B 347 53.59 -12.46 16.00
C THR B 347 52.13 -12.14 15.67
N PRO B 348 51.16 -12.90 16.15
CA PRO B 348 49.81 -12.35 16.13
C PRO B 348 49.54 -11.56 17.40
N LEU B 349 49.29 -10.28 17.28
CA LEU B 349 48.64 -9.52 18.33
C LEU B 349 47.16 -9.43 17.97
N THR B 350 46.31 -9.90 18.86
CA THR B 350 44.89 -9.95 18.61
C THR B 350 44.19 -9.00 19.56
N TRP B 351 43.00 -8.57 19.18
CA TRP B 351 42.24 -7.67 20.03
C TRP B 351 42.12 -8.20 21.44
N ASP B 352 42.12 -9.53 21.61
CA ASP B 352 42.00 -10.09 22.96
C ASP B 352 43.18 -9.69 23.83
N ASP B 353 44.35 -9.46 23.25
CA ASP B 353 45.50 -9.06 24.04
C ASP B 353 45.26 -7.74 24.77
N ILE B 354 44.32 -6.95 24.30
CA ILE B 354 43.93 -5.69 24.93
C ILE B 354 43.05 -6.00 26.13
N PRO B 355 43.51 -5.75 27.35
CA PRO B 355 42.71 -6.09 28.52
C PRO B 355 41.49 -5.19 28.62
N HIS B 356 40.35 -5.79 28.95
CA HIS B 356 39.15 -5.01 29.17
C HIS B 356 39.37 -4.07 30.34
N VAL B 357 38.42 -3.17 30.52
CA VAL B 357 38.42 -2.31 31.69
C VAL B 357 37.30 -2.78 32.60
N HIS B 358 37.43 -2.50 33.88
CA HIS B 358 36.47 -2.97 34.85
C HIS B 358 35.86 -1.78 35.58
N THR B 359 34.62 -1.95 36.01
CA THR B 359 33.94 -0.89 36.73
C THR B 359 34.69 -0.53 37.99
N LEU B 360 34.75 -1.46 38.94
CA LEU B 360 35.44 -1.22 40.19
C LEU B 360 36.72 -2.04 40.24
N SER B 361 37.80 -1.42 40.71
CA SER B 361 39.05 -2.11 40.85
C SER B 361 39.82 -1.49 42.00
N LEU B 362 40.55 -2.33 42.73
CA LEU B 362 41.35 -1.90 43.86
C LEU B 362 42.81 -1.98 43.53
N ALA B 363 43.55 -0.96 43.95
CA ALA B 363 45.01 -0.97 43.89
C ALA B 363 45.56 -1.24 45.27
N LEU B 364 46.52 -2.15 45.36
CA LEU B 364 47.03 -2.62 46.65
C LEU B 364 48.54 -2.49 46.71
N GLY B 365 49.01 -1.56 47.55
CA GLY B 365 50.43 -1.37 47.75
C GLY B 365 51.04 -2.42 48.67
N TYR B 366 52.37 -2.38 48.75
CA TYR B 366 53.15 -3.46 49.35
C TYR B 366 52.64 -3.83 50.75
N ARG B 367 52.69 -2.88 51.67
CA ARG B 367 52.51 -3.20 53.09
C ARG B 367 51.16 -3.86 53.35
N LEU B 368 50.22 -3.74 52.43
CA LEU B 368 48.86 -4.23 52.64
C LEU B 368 48.40 -5.18 51.54
N VAL B 369 49.33 -5.93 50.94
CA VAL B 369 48.93 -7.05 50.09
C VAL B 369 48.66 -8.28 50.91
N HIS B 370 48.91 -8.25 52.22
CA HIS B 370 48.57 -9.39 53.05
C HIS B 370 47.08 -9.36 53.37
N LEU B 371 46.27 -9.14 52.35
CA LEU B 371 44.83 -9.03 52.50
C LEU B 371 44.05 -9.77 51.43
N VAL B 372 44.71 -10.24 50.37
CA VAL B 372 44.05 -10.99 49.31
C VAL B 372 44.74 -12.30 49.02
N ASN B 373 45.85 -12.59 49.67
CA ASN B 373 46.70 -13.74 49.44
C ASN B 373 46.07 -15.08 49.85
N LYS B 374 44.79 -15.13 50.22
CA LYS B 374 44.01 -16.35 50.42
C LYS B 374 44.44 -17.17 51.62
N ASP B 375 45.50 -16.78 52.32
CA ASP B 375 45.95 -17.53 53.48
C ASP B 375 45.74 -16.75 54.77
N GLN B 376 46.26 -15.53 54.86
CA GLN B 376 46.26 -14.79 56.12
C GLN B 376 44.86 -14.22 56.40
N GLY B 377 43.88 -15.11 56.39
CA GLY B 377 42.49 -14.74 56.56
C GLY B 377 42.09 -13.60 55.66
N ALA B 378 42.24 -13.78 54.35
CA ALA B 378 41.98 -12.73 53.35
C ALA B 378 40.63 -12.08 53.60
N PRO B 379 40.60 -10.85 54.11
CA PRO B 379 39.32 -10.18 54.28
C PRO B 379 38.76 -9.69 52.96
N LEU B 380 39.60 -9.18 52.08
CA LEU B 380 39.12 -8.68 50.81
C LEU B 380 38.90 -9.80 49.81
N SER B 381 38.25 -10.86 50.28
CA SER B 381 37.50 -11.79 49.48
C SER B 381 36.21 -12.19 50.16
N GLN B 382 36.07 -11.88 51.44
CA GLN B 382 34.85 -12.06 52.19
C GLN B 382 34.28 -10.73 52.66
N ARG B 383 35.11 -9.89 53.29
CA ARG B 383 34.62 -8.59 53.71
C ARG B 383 34.15 -7.77 52.52
N ILE B 384 34.91 -7.79 51.43
CA ILE B 384 34.49 -7.07 50.24
C ILE B 384 33.19 -7.66 49.71
N ARG B 385 33.08 -8.99 49.72
CA ARG B 385 31.80 -9.59 49.39
C ARG B 385 30.76 -9.28 50.45
N GLY B 386 31.20 -9.08 51.69
CA GLY B 386 30.26 -8.65 52.70
C GLY B 386 29.55 -7.37 52.31
N VAL B 387 30.31 -6.37 51.89
CA VAL B 387 29.70 -5.12 51.46
C VAL B 387 28.91 -5.33 50.17
N ARG B 388 29.54 -5.97 49.19
CA ARG B 388 28.90 -6.19 47.90
C ARG B 388 27.64 -7.01 48.00
N ARG B 389 27.36 -7.62 49.14
CA ARG B 389 26.11 -8.34 49.33
C ARG B 389 25.13 -7.58 50.21
N ASN B 390 25.59 -7.13 51.36
CA ASN B 390 24.71 -6.37 52.23
C ASN B 390 24.43 -5.04 51.73
N LEU B 391 24.91 -4.71 50.55
CA LEU B 391 24.42 -3.55 49.83
C LEU B 391 23.67 -3.94 48.57
N SER B 392 24.06 -5.03 47.94
CA SER B 392 23.30 -5.51 46.80
C SER B 392 21.87 -5.73 47.25
N GLU B 393 21.66 -6.67 48.15
CA GLU B 393 20.30 -7.00 48.54
C GLU B 393 19.54 -5.79 49.05
N GLN B 394 20.23 -4.69 49.32
CA GLN B 394 19.55 -3.49 49.79
C GLN B 394 19.11 -2.62 48.62
N VAL B 395 19.97 -2.42 47.63
CA VAL B 395 19.60 -1.57 46.50
C VAL B 395 19.06 -2.37 45.32
N GLY B 396 18.88 -3.65 45.48
CA GLY B 396 18.09 -4.42 44.55
C GLY B 396 18.83 -5.04 43.41
N PHE B 397 19.83 -4.36 42.85
CA PHE B 397 20.51 -4.87 41.67
C PHE B 397 21.93 -5.25 42.03
N LEU B 398 22.37 -6.41 41.54
CA LEU B 398 23.65 -6.96 41.93
C LEU B 398 24.79 -6.06 41.55
N LEU B 399 25.43 -5.46 42.55
CA LEU B 399 26.55 -4.58 42.28
C LEU B 399 27.66 -5.35 41.57
N PRO B 400 28.49 -4.67 40.81
CA PRO B 400 29.53 -5.36 40.05
C PRO B 400 30.53 -6.06 40.94
N GLU B 401 31.36 -6.87 40.31
CA GLU B 401 32.37 -7.61 41.03
C GLU B 401 33.62 -6.75 41.21
N VAL B 402 33.94 -6.41 42.45
CA VAL B 402 35.12 -5.60 42.71
C VAL B 402 36.35 -6.42 42.39
N ARG B 403 37.14 -5.95 41.45
CA ARG B 403 38.40 -6.57 41.12
C ARG B 403 39.51 -5.92 41.92
N ILE B 404 40.61 -6.64 42.09
CA ILE B 404 41.70 -6.18 42.94
C ILE B 404 43.02 -6.43 42.23
N ARG B 405 43.82 -5.39 42.09
CA ARG B 405 45.15 -5.50 41.51
C ARG B 405 46.13 -4.79 42.40
N ASP B 406 47.41 -5.06 42.21
CA ASP B 406 48.47 -4.52 43.04
C ASP B 406 49.54 -3.90 42.14
N ASN B 407 49.38 -2.61 41.88
CA ASN B 407 50.38 -1.87 41.12
C ASN B 407 51.47 -1.39 42.08
N LEU B 408 52.70 -1.80 41.82
CA LEU B 408 53.81 -1.31 42.63
C LEU B 408 53.98 0.19 42.52
N SER B 409 53.34 0.82 41.53
CA SER B 409 53.56 2.23 41.21
C SER B 409 53.37 3.16 42.41
N LEU B 410 52.68 2.71 43.44
CA LEU B 410 52.27 3.59 44.52
C LEU B 410 52.91 3.19 45.84
N LYS B 411 52.74 4.07 46.83
CA LYS B 411 53.41 3.91 48.11
C LYS B 411 53.06 2.57 48.72
N PRO B 412 53.98 1.95 49.47
CA PRO B 412 53.79 0.54 49.86
C PRO B 412 52.61 0.31 50.76
N ASN B 413 51.99 1.35 51.31
CA ASN B 413 50.91 1.18 52.27
C ASN B 413 49.69 2.02 51.92
N GLN B 414 49.40 2.20 50.63
CA GLN B 414 48.20 2.91 50.25
C GLN B 414 47.41 2.09 49.24
N TYR B 415 46.18 2.53 49.02
CA TYR B 415 45.24 1.87 48.14
C TYR B 415 44.44 2.93 47.40
N THR B 416 44.05 2.60 46.18
CA THR B 416 43.20 3.47 45.38
C THR B 416 42.03 2.65 44.84
N ILE B 417 40.84 3.24 44.88
CA ILE B 417 39.65 2.62 44.32
C ILE B 417 39.37 3.29 42.99
N SER B 418 39.09 2.48 41.98
CA SER B 418 38.97 2.97 40.62
C SER B 418 37.61 2.64 40.04
N LEU B 419 36.93 3.66 39.54
CA LEU B 419 35.62 3.47 38.91
C LEU B 419 35.76 3.63 37.40
N ASN B 420 35.62 2.51 36.70
CA ASN B 420 35.54 2.42 35.25
C ASN B 420 36.85 2.63 34.51
N GLY B 421 37.82 3.30 35.10
CA GLY B 421 39.13 3.19 34.51
C GLY B 421 40.29 3.59 35.40
N GLU B 422 39.98 4.15 36.56
CA GLU B 422 40.95 5.05 37.15
C GLU B 422 40.44 5.52 38.50
N VAL B 423 41.37 6.11 39.27
CA VAL B 423 41.12 6.34 40.69
C VAL B 423 39.96 7.29 40.87
N ILE B 424 39.18 7.05 41.92
CA ILE B 424 38.21 8.00 42.41
C ILE B 424 38.57 8.50 43.80
N GLU B 425 38.97 7.58 44.68
CA GLU B 425 39.47 7.93 45.99
C GLU B 425 40.67 7.06 46.30
N GLN B 426 41.57 7.59 47.10
CA GLN B 426 42.83 6.96 47.42
C GLN B 426 43.13 7.20 48.89
N GLY B 427 43.25 6.11 49.65
CA GLY B 427 43.45 6.19 51.07
C GLY B 427 44.85 5.76 51.48
N PHE B 428 45.16 6.00 52.74
CA PHE B 428 46.45 5.65 53.32
C PHE B 428 46.22 4.82 54.57
N ILE B 429 46.85 3.66 54.62
CA ILE B 429 46.67 2.69 55.70
C ILE B 429 47.93 2.66 56.56
N GLU B 430 47.75 2.71 57.87
CA GLU B 430 48.86 2.63 58.78
C GLU B 430 49.42 1.21 58.76
N PRO B 431 50.74 1.04 59.00
CA PRO B 431 51.36 -0.27 58.79
C PRO B 431 50.65 -1.41 59.51
N GLU B 432 50.56 -1.32 60.84
CA GLU B 432 49.84 -2.35 61.58
C GLU B 432 49.04 -1.76 62.75
N ARG B 433 48.84 -0.45 62.80
CA ARG B 433 48.07 0.18 63.86
C ARG B 433 46.62 0.28 63.42
N LEU B 434 45.75 -0.44 64.11
CA LEU B 434 44.32 -0.42 63.79
C LEU B 434 43.77 0.97 64.04
N MET B 435 42.81 1.38 63.22
CA MET B 435 42.20 2.69 63.36
C MET B 435 40.95 2.59 64.21
N ALA B 436 40.74 3.58 65.07
CA ALA B 436 39.51 3.73 65.81
C ALA B 436 38.94 5.12 65.57
N ILE B 437 37.62 5.22 65.65
CA ILE B 437 36.92 6.47 65.42
C ILE B 437 36.17 6.86 66.68
N ALA B 438 36.10 8.15 66.94
CA ALA B 438 35.26 8.71 68.00
C ALA B 438 34.09 9.41 67.33
N VAL B 439 32.90 8.81 67.44
CA VAL B 439 31.72 9.35 66.77
C VAL B 439 31.47 10.79 67.18
N GLY B 440 31.79 11.14 68.42
CA GLY B 440 31.49 12.46 68.93
C GLY B 440 30.93 12.36 70.35
N ASP B 441 30.35 11.21 70.66
CA ASP B 441 29.89 10.93 72.01
C ASP B 441 30.93 10.22 72.86
N THR B 442 31.92 9.58 72.23
CA THR B 442 32.99 8.94 72.99
C THR B 442 33.91 9.98 73.60
N TYR B 443 34.41 9.67 74.78
CA TYR B 443 35.34 10.54 75.50
C TYR B 443 36.67 9.83 75.72
N GLY B 444 37.70 10.62 75.93
CA GLY B 444 39.04 10.11 76.12
C GLY B 444 39.74 9.80 74.82
N GLU B 445 41.06 9.86 74.85
CA GLU B 445 41.90 9.57 73.70
C GLU B 445 42.81 8.40 74.05
N ILE B 446 43.33 7.75 73.00
CA ILE B 446 44.29 6.66 73.18
C ILE B 446 45.55 7.03 72.41
N ASP B 447 46.64 6.34 72.74
CA ASP B 447 47.95 6.67 72.18
C ASP B 447 47.99 6.61 70.66
N GLY B 448 46.89 6.18 70.02
CA GLY B 448 46.93 5.95 68.59
C GLY B 448 47.37 7.19 67.82
N ILE B 449 48.20 6.96 66.80
CA ILE B 449 48.62 8.04 65.93
C ILE B 449 47.41 8.62 65.21
N LEU B 450 47.30 9.94 65.23
CA LEU B 450 46.18 10.61 64.58
C LEU B 450 46.18 10.28 63.09
N GLY B 451 45.00 10.31 62.51
CA GLY B 451 44.84 10.13 61.08
C GLY B 451 43.59 10.85 60.66
N SER B 452 42.85 10.23 59.75
CA SER B 452 41.53 10.71 59.39
C SER B 452 40.66 9.51 59.06
N ASP B 453 39.36 9.74 59.00
CA ASP B 453 38.45 8.71 58.53
C ASP B 453 38.31 8.85 57.02
N PRO B 454 38.83 7.91 56.23
CA PRO B 454 38.67 8.02 54.78
C PRO B 454 37.24 7.93 54.33
N ALA B 455 36.33 7.50 55.20
CA ALA B 455 34.93 7.38 54.79
C ALA B 455 34.20 8.72 54.87
N TYR B 456 34.09 9.29 56.07
CA TYR B 456 33.26 10.46 56.28
C TYR B 456 34.04 11.68 56.77
N GLN B 457 35.36 11.69 56.60
CA GLN B 457 36.20 12.79 57.06
C GLN B 457 36.00 13.04 58.56
N LEU B 458 36.30 12.02 59.36
CA LEU B 458 36.27 12.09 60.81
C LEU B 458 37.68 11.92 61.36
N PRO B 459 37.96 12.43 62.56
CA PRO B 459 39.27 12.23 63.16
C PRO B 459 39.46 10.77 63.54
N ALA B 460 40.68 10.28 63.36
CA ALA B 460 40.96 8.88 63.55
C ALA B 460 42.31 8.70 64.24
N VAL B 461 42.38 7.72 65.11
CA VAL B 461 43.62 7.34 65.77
C VAL B 461 43.94 5.90 65.40
N TRP B 462 45.21 5.63 65.11
CA TRP B 462 45.63 4.32 64.65
C TRP B 462 46.39 3.65 65.79
N ILE B 463 45.78 2.61 66.36
CA ILE B 463 46.20 2.00 67.59
C ILE B 463 46.68 0.58 67.30
N GLU B 464 47.54 0.06 68.17
CA GLU B 464 48.02 -1.29 67.96
C GLU B 464 46.89 -2.29 68.15
N HIS B 465 47.22 -3.58 67.96
CA HIS B 465 46.19 -4.60 68.03
C HIS B 465 45.78 -4.90 69.47
N GLN B 466 46.59 -4.50 70.45
CA GLN B 466 46.30 -4.84 71.83
C GLN B 466 45.35 -3.84 72.47
N ASP B 467 45.46 -2.56 72.10
CA ASP B 467 44.71 -1.46 72.72
C ASP B 467 43.24 -1.48 72.41
N LYS B 468 42.74 -2.53 71.75
CA LYS B 468 41.31 -2.64 71.48
C LYS B 468 40.50 -2.42 72.75
N ALA B 469 40.89 -3.08 73.83
CA ALA B 469 40.19 -2.95 75.11
C ALA B 469 40.05 -1.49 75.50
N LYS B 470 41.17 -0.76 75.51
CA LYS B 470 41.12 0.66 75.85
C LYS B 470 40.20 1.41 74.90
N ALA B 471 40.21 1.07 73.62
CA ALA B 471 39.24 1.63 72.69
C ALA B 471 37.84 1.12 72.98
N LEU B 472 37.68 -0.20 73.09
CA LEU B 472 36.39 -0.81 73.34
C LEU B 472 35.83 -0.43 74.71
N ASN B 473 36.69 -0.14 75.68
CA ASN B 473 36.23 0.26 77.01
C ASN B 473 36.17 1.77 77.18
N MET B 474 36.73 2.54 76.25
CA MET B 474 36.52 3.98 76.25
C MET B 474 35.34 4.38 75.38
N GLY B 475 34.87 3.49 74.51
CA GLY B 475 33.72 3.77 73.67
C GLY B 475 34.06 3.99 72.22
N TYR B 476 35.27 3.66 71.79
CA TYR B 476 35.71 3.98 70.45
C TYR B 476 35.06 3.06 69.42
N GLN B 477 35.25 3.44 68.15
CA GLN B 477 34.82 2.66 67.01
C GLN B 477 36.08 2.19 66.29
N VAL B 478 36.63 1.07 66.73
CA VAL B 478 37.84 0.53 66.14
C VAL B 478 37.46 -0.39 64.99
N VAL B 479 38.35 -0.49 64.01
CA VAL B 479 38.13 -1.31 62.83
C VAL B 479 39.45 -1.89 62.35
N ASP B 480 39.39 -3.12 61.85
CA ASP B 480 40.55 -3.77 61.25
C ASP B 480 41.00 -3.00 60.02
N ASP B 481 42.18 -3.31 59.48
CA ASP B 481 42.62 -2.69 58.24
C ASP B 481 41.60 -2.89 57.13
N GLY B 482 41.26 -4.15 56.85
CA GLY B 482 40.41 -4.44 55.70
C GLY B 482 39.09 -3.70 55.73
N THR B 483 38.51 -3.53 56.91
CA THR B 483 37.24 -2.83 56.99
C THR B 483 37.39 -1.36 56.61
N VAL B 484 38.52 -0.75 56.95
CA VAL B 484 38.74 0.63 56.55
C VAL B 484 38.64 0.77 55.04
N ILE B 485 39.11 -0.24 54.32
CA ILE B 485 38.89 -0.29 52.89
C ILE B 485 37.42 -0.56 52.60
N ALA B 486 36.92 -1.72 53.06
CA ALA B 486 35.59 -2.15 52.68
C ALA B 486 34.55 -1.07 52.94
N THR B 487 34.69 -0.32 54.03
CA THR B 487 33.76 0.78 54.21
C THR B 487 33.96 1.85 53.16
N HIS B 488 35.19 2.04 52.68
CA HIS B 488 35.40 3.04 51.66
C HIS B 488 34.78 2.60 50.34
N ILE B 489 34.96 1.34 49.97
CA ILE B 489 34.31 0.81 48.78
C ILE B 489 32.81 0.93 48.91
N SER B 490 32.27 0.67 50.10
CA SER B 490 30.84 0.80 50.28
C SER B 490 30.38 2.22 50.01
N LYS B 491 31.12 3.21 50.53
CA LYS B 491 30.71 4.59 50.28
C LYS B 491 30.80 4.92 48.81
N ILE B 492 31.83 4.43 48.13
CA ILE B 492 31.99 4.76 46.72
C ILE B 492 30.87 4.15 45.90
N MET B 493 30.52 2.90 46.17
CA MET B 493 29.38 2.31 45.49
C MET B 493 28.13 3.12 45.77
N LYS B 494 27.84 3.38 47.04
CA LYS B 494 26.60 4.04 47.38
C LYS B 494 26.53 5.43 46.77
N THR B 495 27.66 6.02 46.43
CA THR B 495 27.60 7.33 45.79
C THR B 495 27.46 7.21 44.28
N ASN B 496 28.27 6.38 43.65
CA ASN B 496 28.29 6.26 42.20
C ASN B 496 27.34 5.20 41.68
N LEU B 497 26.32 4.85 42.46
CA LEU B 497 25.34 3.86 42.05
C LEU B 497 24.95 3.95 40.59
N ALA B 498 24.77 5.16 40.06
CA ALA B 498 24.35 5.30 38.68
C ALA B 498 25.30 4.56 37.75
N GLU B 499 26.55 5.01 37.67
CA GLU B 499 27.48 4.44 36.71
C GLU B 499 27.73 2.97 36.93
N LEU B 500 27.28 2.40 38.04
CA LEU B 500 27.41 0.98 38.28
C LEU B 500 26.27 0.19 37.68
N PHE B 501 25.27 0.85 37.13
CA PHE B 501 24.13 0.20 36.52
C PHE B 501 24.32 0.23 35.01
N THR B 502 24.63 -0.92 34.43
CA THR B 502 24.99 -0.99 33.04
C THR B 502 23.76 -1.15 32.17
N HIS B 503 23.93 -0.99 30.86
CA HIS B 503 22.88 -1.27 29.90
C HIS B 503 22.64 -2.75 29.74
N ASP B 504 23.24 -3.56 30.58
CA ASP B 504 22.99 -4.99 30.53
C ASP B 504 22.16 -5.48 31.70
N ASP B 505 22.15 -4.76 32.82
CA ASP B 505 21.29 -5.17 33.92
C ASP B 505 19.82 -5.02 33.57
N VAL B 506 19.49 -4.03 32.74
CA VAL B 506 18.13 -3.80 32.30
C VAL B 506 17.57 -5.09 31.69
N GLU B 507 18.46 -5.96 31.23
CA GLU B 507 18.01 -7.31 30.90
C GLU B 507 17.78 -8.12 32.15
N ALA B 508 18.72 -8.07 33.09
CA ALA B 508 18.58 -8.88 34.29
C ALA B 508 17.44 -8.39 35.17
N MET B 509 17.18 -7.08 35.20
CA MET B 509 16.04 -6.62 35.98
C MET B 509 14.76 -7.19 35.43
N THR B 510 14.59 -7.19 34.12
CA THR B 510 13.39 -7.77 33.56
C THR B 510 13.34 -9.27 33.79
N GLN B 511 14.49 -9.93 33.88
CA GLN B 511 14.45 -11.35 34.25
C GLN B 511 13.94 -11.54 35.67
N ARG B 512 14.53 -10.80 36.61
CA ARG B 512 14.14 -10.91 38.00
C ARG B 512 12.72 -10.44 38.21
N LEU B 513 12.20 -9.60 37.34
CA LEU B 513 10.82 -9.17 37.42
C LEU B 513 9.85 -10.13 36.76
N THR B 514 10.27 -10.80 35.69
CA THR B 514 9.45 -11.89 35.18
C THR B 514 9.36 -13.02 36.16
N GLN B 515 10.34 -13.17 37.04
CA GLN B 515 10.21 -14.21 38.06
C GLN B 515 9.00 -13.95 38.95
N GLN B 516 8.67 -12.68 39.18
CA GLN B 516 7.55 -12.35 40.07
C GLN B 516 6.25 -12.16 39.31
N ALA B 517 6.23 -11.21 38.37
CA ALA B 517 5.02 -10.81 37.66
C ALA B 517 5.20 -11.09 36.18
N PRO B 518 5.33 -12.35 35.79
CA PRO B 518 5.81 -12.66 34.44
C PRO B 518 5.02 -12.03 33.34
N LYS B 519 3.81 -11.58 33.62
CA LYS B 519 3.01 -10.95 32.60
C LYS B 519 3.24 -9.44 32.54
N LEU B 520 3.96 -8.89 33.49
CA LEU B 520 4.15 -7.44 33.48
C LEU B 520 5.26 -7.05 32.50
N ALA B 521 6.44 -7.66 32.64
CA ALA B 521 7.54 -7.34 31.75
C ALA B 521 7.15 -7.56 30.30
N GLU B 522 6.57 -8.72 30.00
CA GLU B 522 6.07 -9.00 28.67
C GLU B 522 5.16 -7.90 28.16
N ALA B 523 4.60 -7.10 29.06
CA ALA B 523 3.87 -5.91 28.67
C ALA B 523 4.62 -4.62 28.96
N LEU B 524 5.73 -4.68 29.68
CA LEU B 524 6.53 -3.48 29.88
C LEU B 524 7.58 -3.33 28.79
N ALA B 525 8.36 -4.39 28.56
CA ALA B 525 9.41 -4.33 27.56
C ALA B 525 8.86 -3.90 26.20
N ALA B 526 7.61 -4.23 25.93
CA ALA B 526 6.99 -3.75 24.70
C ALA B 526 6.49 -2.32 24.81
N ALA B 527 6.63 -1.69 25.97
CA ALA B 527 6.22 -0.30 26.15
C ALA B 527 7.39 0.66 26.24
N LEU B 528 8.52 0.24 26.79
CA LEU B 528 9.73 1.06 26.84
C LEU B 528 10.92 0.22 26.42
N ASN B 529 11.56 0.59 25.33
CA ASN B 529 12.75 -0.10 24.87
C ASN B 529 13.87 0.06 25.90
N PRO B 530 14.69 -0.97 26.09
CA PRO B 530 15.66 -0.97 27.19
C PRO B 530 16.53 0.26 27.25
N ALA B 531 16.73 0.93 26.12
CA ALA B 531 17.42 2.22 26.17
C ALA B 531 16.62 3.22 26.98
N GLN B 532 15.30 3.17 26.88
CA GLN B 532 14.48 4.10 27.64
C GLN B 532 14.38 3.68 29.09
N GLN B 533 14.30 2.38 29.34
CA GLN B 533 14.23 1.92 30.72
C GLN B 533 15.44 2.36 31.51
N LEU B 534 16.63 2.13 30.95
CA LEU B 534 17.84 2.38 31.72
C LEU B 534 17.92 3.82 32.20
N LYS B 535 17.59 4.78 31.34
CA LYS B 535 17.62 6.16 31.79
C LYS B 535 16.77 6.35 33.03
N VAL B 536 15.65 5.63 33.11
CA VAL B 536 14.78 5.77 34.27
C VAL B 536 15.45 5.19 35.51
N TYR B 537 16.02 3.99 35.40
CA TYR B 537 16.71 3.44 36.55
C TYR B 537 17.90 4.31 36.92
N ARG B 538 18.53 4.94 35.94
CA ARG B 538 19.60 5.86 36.26
C ARG B 538 19.08 7.02 37.10
N GLN B 539 17.95 7.58 36.70
CA GLN B 539 17.44 8.73 37.44
C GLN B 539 16.97 8.32 38.82
N LEU B 540 16.51 7.08 38.95
CA LEU B 540 16.13 6.59 40.27
C LEU B 540 17.33 6.35 41.16
N LEU B 541 18.42 5.85 40.59
CA LEU B 541 19.57 5.53 41.41
C LEU B 541 20.43 6.73 41.70
N LEU B 542 20.33 7.78 40.88
CA LEU B 542 21.10 8.98 41.15
C LEU B 542 20.81 9.50 42.55
N ASP B 543 19.56 9.82 42.82
CA ASP B 543 19.15 10.19 44.16
C ASP B 543 19.03 8.99 45.10
N GLN B 544 19.59 7.85 44.70
CA GLN B 544 19.83 6.75 45.62
C GLN B 544 18.53 6.19 46.20
N VAL B 545 17.63 5.79 45.32
CA VAL B 545 16.36 5.19 45.70
C VAL B 545 16.46 3.69 45.45
N PRO B 546 16.13 2.85 46.41
CA PRO B 546 16.33 1.41 46.22
C PRO B 546 15.36 0.86 45.19
N LEU B 547 15.88 -0.02 44.34
CA LEU B 547 15.08 -0.72 43.34
C LEU B 547 14.74 -2.12 43.77
N LYS B 548 14.50 -2.36 45.05
CA LYS B 548 14.25 -3.73 45.47
C LYS B 548 12.91 -4.22 44.95
N ASP B 549 11.84 -3.45 45.18
CA ASP B 549 10.50 -3.84 44.81
C ASP B 549 10.26 -3.46 43.36
N ILE B 550 10.79 -4.28 42.46
CA ILE B 550 10.76 -3.87 41.07
C ILE B 550 9.34 -3.92 40.52
N ARG B 551 8.49 -4.80 41.04
CA ARG B 551 7.14 -4.90 40.51
C ARG B 551 6.42 -3.57 40.63
N THR B 552 6.34 -3.02 41.83
CA THR B 552 5.70 -1.74 41.99
C THR B 552 6.45 -0.60 41.33
N ILE B 553 7.53 -0.88 40.61
CA ILE B 553 8.20 0.12 39.82
C ILE B 553 7.88 -0.05 38.34
N ALA B 554 7.98 -1.27 37.83
CA ALA B 554 7.56 -1.48 36.46
C ALA B 554 6.08 -1.18 36.29
N ASN B 555 5.28 -1.51 37.29
CA ASN B 555 3.87 -1.13 37.26
C ASN B 555 3.72 0.36 37.02
N THR B 556 4.50 1.17 37.72
CA THR B 556 4.35 2.61 37.59
C THR B 556 4.91 3.11 36.26
N MET B 557 6.02 2.54 35.81
CA MET B 557 6.53 2.92 34.49
C MET B 557 5.55 2.51 33.40
N LEU B 558 5.03 1.30 33.47
CA LEU B 558 4.04 0.86 32.49
C LEU B 558 2.84 1.79 32.49
N GLU B 559 2.35 2.16 33.67
CA GLU B 559 1.26 3.11 33.75
C GLU B 559 1.64 4.42 33.07
N SER B 560 2.63 5.11 33.62
CA SER B 560 2.93 6.47 33.21
C SER B 560 3.61 6.54 31.85
N SER B 561 3.85 5.42 31.19
CA SER B 561 4.50 5.46 29.90
C SER B 561 3.62 6.04 28.80
N GLU B 562 2.31 6.11 29.01
CA GLU B 562 1.44 6.59 27.94
C GLU B 562 1.70 8.07 27.67
N ASN B 563 1.77 8.88 28.72
CA ASN B 563 1.87 10.31 28.53
C ASN B 563 3.23 10.70 27.99
N THR B 564 4.28 10.45 28.77
CA THR B 564 5.60 10.93 28.45
C THR B 564 6.61 9.80 28.51
N LYS B 565 7.51 9.76 27.55
CA LYS B 565 8.63 8.85 27.59
C LYS B 565 9.89 9.52 28.11
N ASP B 566 9.78 10.75 28.59
CA ASP B 566 10.93 11.43 29.14
C ASP B 566 11.36 10.75 30.43
N PRO B 567 12.62 10.49 30.63
CA PRO B 567 13.02 9.69 31.78
C PRO B 567 13.20 10.50 33.04
N ILE B 568 12.69 11.72 33.07
CA ILE B 568 12.75 12.49 34.30
C ILE B 568 11.34 12.76 34.78
N LEU B 569 10.41 12.83 33.84
CA LEU B 569 9.01 12.81 34.23
C LEU B 569 8.62 11.43 34.71
N LEU B 570 9.26 10.39 34.20
CA LEU B 570 8.99 9.05 34.68
C LEU B 570 9.61 8.81 36.05
N ALA B 571 10.82 9.28 36.26
CA ALA B 571 11.45 9.08 37.56
C ALA B 571 10.72 9.83 38.65
N ALA B 572 9.92 10.84 38.30
CA ALA B 572 9.13 11.49 39.34
C ALA B 572 7.96 10.61 39.77
N ASP B 573 7.31 9.95 38.81
CA ASP B 573 6.14 9.14 39.16
C ASP B 573 6.54 7.92 39.96
N VAL B 574 7.64 7.27 39.59
CA VAL B 574 8.08 6.14 40.38
C VAL B 574 8.38 6.57 41.80
N ARG B 575 8.90 7.78 41.98
CA ARG B 575 9.20 8.22 43.34
C ARG B 575 7.92 8.58 44.08
N CYS B 576 6.94 9.14 43.39
CA CYS B 576 5.66 9.36 44.04
C CYS B 576 5.02 8.04 44.43
N ALA B 577 5.30 6.97 43.70
CA ALA B 577 4.76 5.68 44.06
C ALA B 577 5.53 5.02 45.17
N LEU B 578 6.80 5.36 45.34
CA LEU B 578 7.62 4.80 46.41
C LEU B 578 7.75 5.71 47.61
N LYS B 579 7.00 6.80 47.65
CA LYS B 579 7.03 7.76 48.76
C LYS B 579 7.21 7.09 50.12
N ARG B 580 6.54 5.96 50.31
CA ARG B 580 6.67 5.22 51.56
C ARG B 580 8.13 4.91 51.84
N THR B 581 8.75 4.10 50.99
CA THR B 581 10.11 3.67 51.27
C THR B 581 11.09 4.83 51.17
N LEU B 582 10.82 5.79 50.30
CA LEU B 582 11.64 7.00 50.25
C LEU B 582 11.79 7.60 51.63
N VAL B 583 10.68 8.03 52.21
CA VAL B 583 10.77 8.71 53.49
C VAL B 583 11.26 7.75 54.57
N ASN B 584 10.84 6.49 54.50
CA ASN B 584 11.31 5.53 55.49
C ASN B 584 12.83 5.43 55.48
N LEU B 585 13.46 5.64 54.34
CA LEU B 585 14.91 5.56 54.28
C LEU B 585 15.59 6.88 54.59
N ILE B 586 14.96 7.99 54.24
CA ILE B 586 15.57 9.28 54.55
C ILE B 586 15.46 9.58 56.04
N ALA B 587 14.24 9.65 56.56
CA ALA B 587 14.01 9.87 57.97
C ALA B 587 13.58 8.56 58.62
N GLY B 588 13.34 8.63 59.92
CA GLY B 588 12.90 7.48 60.66
C GLY B 588 11.41 7.28 60.60
N GLN B 589 10.95 6.25 61.31
CA GLN B 589 9.53 5.96 61.34
C GLN B 589 8.74 6.94 62.19
N LYS B 590 9.41 7.90 62.82
CA LYS B 590 8.74 8.94 63.60
C LYS B 590 7.83 9.75 62.68
N PRO B 591 6.53 9.77 62.95
CA PRO B 591 5.62 10.45 62.02
C PRO B 591 5.88 11.94 61.89
N GLU B 592 6.18 12.63 62.98
CA GLU B 592 6.56 14.03 62.87
C GLU B 592 7.86 14.13 62.07
N LEU B 593 7.97 15.17 61.26
CA LEU B 593 9.12 15.32 60.37
C LEU B 593 9.54 16.78 60.29
N ASN B 594 10.86 17.00 60.28
CA ASN B 594 11.43 18.35 60.22
C ASN B 594 12.27 18.47 58.95
N VAL B 595 12.05 19.54 58.20
CA VAL B 595 12.66 19.74 56.89
C VAL B 595 12.74 21.24 56.64
N TYR B 596 13.54 21.63 55.64
CA TYR B 596 13.55 23.00 55.18
C TYR B 596 12.43 23.27 54.18
N ALA B 597 12.55 24.39 53.50
CA ALA B 597 11.65 24.76 52.43
C ALA B 597 12.27 25.91 51.66
N LEU B 598 11.97 25.99 50.38
CA LEU B 598 12.46 27.10 49.59
C LEU B 598 11.80 28.39 50.05
N SER B 599 12.58 29.47 50.02
CA SER B 599 12.05 30.79 50.31
C SER B 599 11.18 31.24 49.15
N ASP B 600 9.91 31.50 49.45
CA ASP B 600 8.89 31.86 48.46
C ASP B 600 9.44 32.79 47.40
N GLU B 601 10.26 33.75 47.81
CA GLU B 601 10.94 34.60 46.85
C GLU B 601 11.85 33.79 45.93
N LEU B 602 12.85 33.10 46.51
CA LEU B 602 13.77 32.35 45.66
C LEU B 602 13.06 31.28 44.88
N GLU B 603 12.13 30.56 45.53
CA GLU B 603 11.36 29.54 44.85
C GLU B 603 10.68 30.11 43.62
N GLN B 604 10.02 31.25 43.77
CA GLN B 604 9.41 31.90 42.62
C GLN B 604 10.47 32.30 41.60
N MET B 605 11.61 32.80 42.07
CA MET B 605 12.66 33.27 41.16
C MET B 605 13.11 32.16 40.23
N LEU B 606 13.09 30.91 40.69
CA LEU B 606 13.50 29.81 39.83
C LEU B 606 12.42 29.50 38.81
N LEU B 607 11.17 29.34 39.27
CA LEU B 607 10.08 28.98 38.37
C LEU B 607 10.03 29.94 37.19
N THR B 608 10.32 31.21 37.44
CA THR B 608 10.48 32.15 36.34
C THR B 608 11.46 31.60 35.31
N SER B 609 12.61 31.10 35.78
CA SER B 609 13.64 30.62 34.87
C SER B 609 13.15 29.43 34.06
N LEU B 610 12.51 28.48 34.75
CA LEU B 610 11.97 27.32 34.06
C LEU B 610 10.98 27.72 32.98
N GLN B 611 10.04 28.62 33.33
CA GLN B 611 9.05 29.05 32.36
C GLN B 611 9.70 29.74 31.18
N GLN B 612 10.74 30.52 31.43
CA GLN B 612 11.45 31.17 30.33
C GLN B 612 12.08 30.13 29.41
N ALA B 613 12.81 29.19 29.99
CA ALA B 613 13.44 28.16 29.19
C ALA B 613 12.43 27.29 28.46
N GLN B 614 11.19 27.24 28.96
CA GLN B 614 10.15 26.51 28.26
C GLN B 614 9.92 27.03 26.85
N ALA B 615 10.45 28.21 26.52
CA ALA B 615 10.39 28.68 25.14
C ALA B 615 11.02 27.68 24.19
N SER B 616 12.23 27.24 24.50
CA SER B 616 12.85 26.15 23.76
C SER B 616 12.15 24.84 24.09
N GLY B 617 12.47 23.81 23.32
CA GLY B 617 11.81 22.52 23.49
C GLY B 617 12.25 21.78 24.74
N THR B 618 12.13 22.44 25.90
CA THR B 618 12.66 21.93 27.16
C THR B 618 14.11 21.49 26.98
N VAL B 619 14.95 22.46 26.62
CA VAL B 619 16.33 22.17 26.23
C VAL B 619 17.02 21.35 27.30
N VAL B 620 16.71 21.60 28.56
CA VAL B 620 17.14 20.71 29.64
C VAL B 620 15.93 19.89 30.01
N LEU B 621 16.20 18.68 30.48
CA LEU B 621 15.11 17.87 31.00
C LEU B 621 14.49 18.57 32.20
N ASP B 622 15.17 18.58 33.31
CA ASP B 622 14.95 19.57 34.34
C ASP B 622 16.22 19.86 35.13
N SER B 623 17.36 19.29 34.75
CA SER B 623 18.54 19.39 35.60
C SER B 623 18.96 20.83 35.79
N PHE B 624 19.10 21.58 34.69
CA PHE B 624 19.22 23.03 34.83
C PHE B 624 18.76 23.72 33.56
N PRO B 625 17.68 24.48 33.63
CA PRO B 625 17.31 25.32 32.49
C PRO B 625 18.07 26.64 32.46
N ILE B 626 18.34 27.23 33.63
CA ILE B 626 18.85 28.60 33.71
C ILE B 626 19.72 28.75 34.94
N GLU B 627 20.87 29.39 34.77
CA GLU B 627 21.81 29.78 35.82
C GLU B 627 21.77 31.29 36.01
N PRO B 628 20.84 31.83 36.79
CA PRO B 628 20.80 33.28 36.99
C PRO B 628 21.75 33.76 38.06
N ASN B 629 22.98 33.23 38.05
CA ASN B 629 24.04 33.62 38.98
C ASN B 629 23.68 33.34 40.44
N ILE B 630 22.48 32.80 40.70
CA ILE B 630 22.17 32.32 42.03
C ILE B 630 22.82 30.97 42.28
N LEU B 631 23.51 30.42 41.27
CA LEU B 631 24.25 29.19 41.46
C LEU B 631 25.31 29.32 42.54
N GLY B 632 25.94 30.49 42.62
CA GLY B 632 26.86 30.72 43.71
C GLY B 632 26.15 30.73 45.06
N GLN B 633 24.98 31.36 45.10
CA GLN B 633 24.18 31.33 46.32
C GLN B 633 23.86 29.91 46.75
N PHE B 634 23.56 29.05 45.78
CA PHE B 634 23.29 27.65 46.09
C PHE B 634 24.55 26.96 46.59
N GLN B 635 25.62 26.99 45.79
CA GLN B 635 26.89 26.39 46.17
C GLN B 635 27.38 26.90 47.51
N GLN B 636 26.85 28.03 47.99
CA GLN B 636 27.17 28.54 49.30
C GLN B 636 26.23 27.98 50.37
N ASN B 637 24.93 28.01 50.13
CA ASN B 637 23.96 27.67 51.17
C ASN B 637 23.89 26.17 51.40
N LEU B 638 23.79 25.39 50.33
CA LEU B 638 23.63 23.95 50.45
C LEU B 638 24.66 23.31 51.38
N PRO B 639 25.93 23.70 51.39
CA PRO B 639 26.79 23.22 52.47
C PRO B 639 26.29 23.62 53.84
N LEU B 640 25.99 24.91 54.04
CA LEU B 640 25.40 25.34 55.30
C LEU B 640 24.08 24.63 55.58
N ILE B 641 23.26 24.48 54.54
CA ILE B 641 21.99 23.78 54.67
C ILE B 641 22.20 22.39 55.24
N ARG B 642 23.22 21.68 54.78
CA ARG B 642 23.57 20.41 55.41
C ARG B 642 24.02 20.63 56.85
N GLN B 643 24.88 21.62 57.05
CA GLN B 643 25.53 21.76 58.34
C GLN B 643 24.59 22.36 59.39
N GLN B 644 23.75 23.32 58.99
CA GLN B 644 22.80 23.89 59.94
C GLN B 644 21.98 22.80 60.60
N LEU B 645 21.40 21.90 59.81
CA LEU B 645 20.68 20.76 60.35
C LEU B 645 21.60 19.72 60.95
N LYS B 646 22.91 19.85 60.75
CA LYS B 646 23.87 19.05 61.47
C LYS B 646 24.35 19.73 62.75
N GLN B 647 23.79 20.90 63.06
CA GLN B 647 23.92 21.48 64.40
C GLN B 647 22.86 20.95 65.35
N GLN B 648 21.97 20.09 64.87
CA GLN B 648 20.90 19.55 65.69
C GLN B 648 20.80 18.03 65.64
N GLY B 649 21.56 17.37 64.77
CA GLY B 649 21.67 15.93 64.74
C GLY B 649 20.64 15.22 63.87
N LEU B 650 19.56 15.88 63.54
CA LEU B 650 18.53 15.23 62.74
C LEU B 650 18.96 15.16 61.27
N PRO B 651 18.55 14.11 60.56
CA PRO B 651 19.02 13.90 59.19
C PRO B 651 18.58 15.04 58.29
N PRO B 652 19.34 15.34 57.24
CA PRO B 652 19.02 16.50 56.39
C PRO B 652 17.96 16.14 55.36
N ILE B 653 17.00 17.03 55.17
CA ILE B 653 15.97 16.90 54.15
C ILE B 653 15.73 18.29 53.58
N LEU B 654 15.09 18.33 52.41
CA LEU B 654 14.77 19.60 51.79
C LEU B 654 13.50 19.43 50.96
N LEU B 655 12.56 20.33 51.13
CA LEU B 655 11.33 20.31 50.36
C LEU B 655 11.38 21.33 49.23
N VAL B 656 10.71 21.01 48.13
CA VAL B 656 10.68 21.85 46.94
C VAL B 656 9.34 21.71 46.26
N MET B 657 9.14 22.51 45.22
CA MET B 657 8.08 22.24 44.28
C MET B 657 8.42 21.00 43.46
N PRO B 658 7.43 20.23 43.04
CA PRO B 658 7.72 19.09 42.16
C PRO B 658 8.37 19.52 40.87
N GLN B 659 8.07 20.73 40.38
CA GLN B 659 8.64 21.16 39.11
C GLN B 659 10.11 21.53 39.26
N LEU B 660 10.57 21.74 40.49
CA LEU B 660 11.98 22.00 40.72
C LEU B 660 12.71 20.82 41.32
N ARG B 661 11.97 19.82 41.77
CA ARG B 661 12.53 18.60 42.33
C ARG B 661 13.69 18.07 41.50
N PRO B 662 13.51 17.79 40.21
CA PRO B 662 14.59 17.13 39.48
C PRO B 662 15.81 18.00 39.33
N LEU B 663 15.63 19.32 39.31
CA LEU B 663 16.76 20.23 39.23
C LEU B 663 17.64 20.10 40.47
N LEU B 664 17.09 20.44 41.63
CA LEU B 664 17.88 20.52 42.85
C LEU B 664 18.53 19.21 43.22
N ALA B 665 18.06 18.10 42.66
CA ALA B 665 18.72 16.83 42.91
C ALA B 665 20.13 16.84 42.35
N ARG B 666 20.36 17.57 41.26
CA ARG B 666 21.71 17.60 40.70
C ARG B 666 22.66 18.36 41.60
N TYR B 667 22.20 19.46 42.18
CA TYR B 667 23.06 20.22 43.08
C TYR B 667 23.41 19.40 44.30
N ALA B 668 22.40 18.87 45.00
CA ALA B 668 22.65 18.05 46.16
C ALA B 668 23.46 16.80 45.82
N ARG B 669 23.55 16.46 44.55
CA ARG B 669 24.36 15.31 44.16
C ARG B 669 25.82 15.67 43.97
N THR B 670 26.13 16.96 43.80
CA THR B 670 27.49 17.42 43.58
C THR B 670 28.05 18.21 44.74
N PHE B 671 27.31 19.23 45.21
CA PHE B 671 27.86 20.14 46.21
C PHE B 671 27.96 19.48 47.57
N THR B 672 26.84 18.96 48.07
CA THR B 672 26.80 18.35 49.39
C THR B 672 26.88 16.84 49.22
N GLN B 673 27.86 16.23 49.88
CA GLN B 673 27.98 14.78 49.81
C GLN B 673 26.79 14.09 50.45
N GLY B 674 26.05 14.80 51.30
CA GLY B 674 24.85 14.24 51.90
C GLY B 674 23.70 15.21 51.93
N LEU B 675 22.58 14.83 51.33
CA LEU B 675 21.38 15.67 51.36
C LEU B 675 20.21 14.82 50.87
N ALA B 676 19.03 15.42 50.86
CA ALA B 676 17.82 14.76 50.40
C ALA B 676 16.83 15.81 49.94
N VAL B 677 16.53 15.83 48.66
CA VAL B 677 15.61 16.78 48.07
C VAL B 677 14.32 16.02 47.77
N LEU B 678 13.29 16.27 48.55
CA LEU B 678 12.00 15.62 48.38
C LEU B 678 10.97 16.63 47.91
N SER B 679 10.06 16.19 47.06
CA SER B 679 8.98 17.06 46.65
C SER B 679 7.89 17.10 47.72
N TYR B 680 6.79 17.77 47.41
CA TYR B 680 5.66 17.75 48.32
C TYR B 680 4.85 16.48 48.15
N ASN B 681 4.52 16.14 46.92
CA ASN B 681 3.74 14.94 46.64
C ASN B 681 4.55 13.67 46.84
N GLU B 682 5.85 13.77 47.07
CA GLU B 682 6.66 12.61 47.35
C GLU B 682 6.68 12.27 48.83
N ILE B 683 5.97 13.01 49.64
CA ILE B 683 5.93 12.76 51.08
C ILE B 683 4.51 12.31 51.41
N PRO B 684 4.32 11.32 52.28
CA PRO B 684 2.96 10.84 52.54
C PRO B 684 2.14 11.91 53.23
N GLU B 685 0.82 11.74 53.18
CA GLU B 685 -0.06 12.52 54.03
C GLU B 685 -0.14 11.96 55.44
N ASN B 686 0.55 10.85 55.69
CA ASN B 686 0.62 10.33 57.05
C ASN B 686 1.59 11.15 57.89
N LYS B 687 2.86 11.18 57.49
CA LYS B 687 3.87 11.85 58.29
C LYS B 687 3.66 13.35 58.24
N GLN B 688 3.25 13.93 59.37
CA GLN B 688 3.14 15.38 59.44
C GLN B 688 4.52 16.00 59.48
N ILE B 689 4.72 17.01 58.65
CA ILE B 689 6.03 17.63 58.48
C ILE B 689 6.11 18.87 59.35
N ASN B 690 7.33 19.35 59.54
CA ASN B 690 7.56 20.60 60.27
C ASN B 690 8.65 21.36 59.55
N VAL B 691 8.25 22.41 58.83
CA VAL B 691 9.24 23.26 58.17
C VAL B 691 10.15 23.89 59.22
N VAL B 692 11.40 24.10 58.84
CA VAL B 692 12.33 24.81 59.71
C VAL B 692 12.44 26.27 59.32
N GLY B 693 12.53 26.54 58.04
CA GLY B 693 12.63 27.92 57.60
C GLY B 693 12.92 28.00 56.11
N ASN B 694 12.80 29.22 55.60
CA ASN B 694 13.02 29.49 54.20
C ASN B 694 14.53 29.50 53.92
N LEU B 695 14.91 29.91 52.71
CA LEU B 695 16.32 30.02 52.33
C LEU B 695 16.49 31.29 51.51
N GLY B 696 16.87 32.37 52.18
CA GLY B 696 17.05 33.66 51.51
C GLY B 696 18.46 33.92 51.01
N GLU C 344 59.55 -13.94 -17.51
CA GLU C 344 59.38 -13.82 -18.95
C GLU C 344 58.01 -14.37 -19.37
N GLU C 345 57.60 -15.46 -18.75
CA GLU C 345 56.27 -16.04 -18.94
C GLU C 345 55.34 -15.61 -17.82
N ASP C 346 55.46 -14.35 -17.41
CA ASP C 346 54.53 -13.77 -16.46
C ASP C 346 53.35 -13.27 -17.28
N THR C 347 53.15 -13.92 -18.43
CA THR C 347 52.14 -13.64 -19.44
C THR C 347 50.79 -13.27 -18.84
N PRO C 348 50.35 -13.90 -17.75
CA PRO C 348 49.28 -13.27 -16.99
C PRO C 348 49.84 -12.30 -15.98
N LEU C 349 49.52 -11.03 -16.10
CA LEU C 349 49.65 -10.09 -15.00
C LEU C 349 48.28 -9.96 -14.37
N THR C 350 48.19 -10.25 -13.08
CA THR C 350 46.92 -10.24 -12.38
C THR C 350 46.95 -9.13 -11.35
N TRP C 351 45.76 -8.68 -10.95
CA TRP C 351 45.68 -7.63 -9.95
C TRP C 351 46.49 -7.95 -8.72
N ASP C 352 46.64 -9.23 -8.40
CA ASP C 352 47.42 -9.60 -7.22
C ASP C 352 48.87 -9.16 -7.33
N ASP C 353 49.41 -9.09 -8.55
CA ASP C 353 50.79 -8.66 -8.73
C ASP C 353 51.00 -7.25 -8.21
N ILE C 354 49.94 -6.46 -8.10
CA ILE C 354 50.00 -5.11 -7.56
C ILE C 354 50.08 -5.20 -6.04
N PRO C 355 51.20 -4.81 -5.43
CA PRO C 355 51.31 -4.94 -3.98
C PRO C 355 50.41 -3.95 -3.28
N HIS C 356 49.75 -4.43 -2.22
CA HIS C 356 48.93 -3.54 -1.41
C HIS C 356 49.80 -2.48 -0.79
N VAL C 357 49.15 -1.49 -0.20
CA VAL C 357 49.84 -0.49 0.58
C VAL C 357 49.56 -0.76 2.04
N HIS C 358 50.46 -0.31 2.90
CA HIS C 358 50.33 -0.57 4.33
C HIS C 358 50.29 0.73 5.08
N THR C 359 49.60 0.70 6.22
CA THR C 359 49.48 1.90 7.03
C THR C 359 50.84 2.36 7.48
N LEU C 360 51.52 1.57 8.30
CA LEU C 360 52.83 1.93 8.80
C LEU C 360 53.88 1.04 8.15
N SER C 361 54.99 1.65 7.75
CA SER C 361 56.08 0.91 7.17
C SER C 361 57.38 1.63 7.48
N LEU C 362 58.43 0.85 7.71
CA LEU C 362 59.74 1.38 8.02
C LEU C 362 60.68 1.16 6.85
N ALA C 363 61.49 2.17 6.56
CA ALA C 363 62.58 2.06 5.61
C ALA C 363 63.89 1.94 6.37
N LEU C 364 64.73 0.99 5.96
CA LEU C 364 65.95 0.67 6.70
C LEU C 364 67.16 0.71 5.79
N GLY C 365 68.02 1.71 5.99
CA GLY C 365 69.24 1.83 5.23
C GLY C 365 70.32 0.88 5.71
N TYR C 366 71.41 0.84 4.93
CA TYR C 366 72.43 -0.19 5.07
C TYR C 366 72.92 -0.34 6.50
N ARG C 367 73.51 0.73 7.05
CA ARG C 367 74.26 0.61 8.29
C ARG C 367 73.41 0.08 9.43
N LEU C 368 72.09 0.13 9.29
CA LEU C 368 71.19 -0.23 10.38
C LEU C 368 70.17 -1.29 9.96
N VAL C 369 70.55 -2.17 9.03
CA VAL C 369 69.74 -3.36 8.80
C VAL C 369 70.08 -4.46 9.78
N HIS C 370 71.09 -4.25 10.62
CA HIS C 370 71.40 -5.26 11.63
C HIS C 370 70.44 -5.08 12.80
N LEU C 371 69.15 -4.95 12.50
CA LEU C 371 68.13 -4.73 13.50
C LEU C 371 66.89 -5.56 13.27
N VAL C 372 66.74 -6.21 12.12
CA VAL C 372 65.59 -7.05 11.83
C VAL C 372 65.99 -8.43 11.36
N ASN C 373 67.28 -8.70 11.21
CA ASN C 373 67.83 -9.93 10.67
C ASN C 373 67.64 -11.15 11.58
N LYS C 374 66.88 -11.07 12.67
CA LYS C 374 66.44 -12.19 13.49
C LYS C 374 67.55 -12.88 14.25
N ASP C 375 68.81 -12.46 14.07
CA ASP C 375 69.92 -13.07 14.78
C ASP C 375 70.53 -12.12 15.80
N GLN C 376 70.95 -10.93 15.37
CA GLN C 376 71.71 -10.03 16.23
C GLN C 376 70.79 -9.33 17.23
N GLY C 377 70.05 -10.15 17.96
CA GLY C 377 69.06 -9.68 18.90
C GLY C 377 68.14 -8.64 18.30
N ALA C 378 67.43 -9.01 17.23
CA ALA C 378 66.59 -8.09 16.48
C ALA C 378 65.66 -7.32 17.40
N PRO C 379 65.92 -6.04 17.64
CA PRO C 379 65.00 -5.27 18.48
C PRO C 379 63.73 -4.93 17.75
N LEU C 380 63.82 -4.59 16.47
CA LEU C 380 62.62 -4.24 15.72
C LEU C 380 61.86 -5.47 15.26
N SER C 381 61.69 -6.41 16.18
CA SER C 381 60.63 -7.39 16.17
C SER C 381 60.08 -7.61 17.56
N GLN C 382 60.76 -7.12 18.59
CA GLN C 382 60.28 -7.11 19.95
C GLN C 382 60.10 -5.70 20.47
N ARG C 383 61.10 -4.84 20.30
CA ARG C 383 60.93 -3.46 20.75
C ARG C 383 59.79 -2.79 20.01
N ILE C 384 59.71 -3.00 18.70
CA ILE C 384 58.60 -2.43 17.95
C ILE C 384 57.28 -3.00 18.45
N ARG C 385 57.25 -4.30 18.71
CA ARG C 385 56.07 -4.86 19.35
C ARG C 385 55.91 -4.34 20.76
N GLY C 386 57.03 -4.00 21.41
CA GLY C 386 56.92 -3.37 22.70
C GLY C 386 56.07 -2.12 22.66
N VAL C 387 56.37 -1.23 21.72
CA VAL C 387 55.57 -0.02 21.59
C VAL C 387 54.17 -0.35 21.13
N ARG C 388 54.06 -1.16 20.08
CA ARG C 388 52.77 -1.50 19.52
C ARG C 388 51.87 -2.23 20.50
N ARG C 389 52.39 -2.66 21.65
CA ARG C 389 51.56 -3.26 22.68
C ARG C 389 51.33 -2.32 23.85
N ASN C 390 52.39 -1.74 24.38
CA ASN C 390 52.24 -0.83 25.49
C ASN C 390 51.65 0.45 25.08
N LEU C 391 51.27 0.58 23.83
CA LEU C 391 50.40 1.65 23.42
C LEU C 391 49.04 1.15 22.97
N SER C 392 48.98 -0.04 22.41
CA SER C 392 47.69 -0.62 22.08
C SER C 392 46.87 -0.67 23.35
N GLU C 393 47.31 -1.48 24.31
CA GLU C 393 46.50 -1.66 25.51
C GLU C 393 46.19 -0.34 26.20
N GLN C 394 46.86 0.73 25.82
CA GLN C 394 46.57 2.02 26.43
C GLN C 394 45.47 2.75 25.68
N VAL C 395 45.52 2.76 24.35
CA VAL C 395 44.49 3.48 23.59
C VAL C 395 43.36 2.58 23.14
N GLY C 396 43.36 1.33 23.57
CA GLY C 396 42.19 0.50 23.47
C GLY C 396 42.08 -0.32 22.21
N PHE C 397 42.48 0.21 21.06
CA PHE C 397 42.28 -0.49 19.80
C PHE C 397 43.62 -0.92 19.25
N LEU C 398 43.69 -2.15 18.76
CA LEU C 398 44.96 -2.74 18.35
C LEU C 398 45.57 -1.96 17.21
N LEU C 399 46.67 -1.29 17.48
CA LEU C 399 47.34 -0.52 16.45
C LEU C 399 47.79 -1.46 15.33
N PRO C 400 47.94 -0.94 14.12
CA PRO C 400 48.28 -1.79 12.99
C PRO C 400 49.65 -2.43 13.16
N GLU C 401 49.93 -3.37 12.27
CA GLU C 401 51.20 -4.07 12.29
C GLU C 401 52.24 -3.26 11.53
N VAL C 402 53.26 -2.79 12.23
CA VAL C 402 54.30 -2.03 11.57
C VAL C 402 55.10 -2.97 10.67
N ARG C 403 55.10 -2.68 9.39
CA ARG C 403 55.91 -3.43 8.44
C ARG C 403 57.24 -2.74 8.26
N ILE C 404 58.23 -3.50 7.81
CA ILE C 404 59.59 -3.00 7.71
C ILE C 404 60.17 -3.44 6.38
N ARG C 405 60.68 -2.48 5.61
CA ARG C 405 61.35 -2.75 4.37
C ARG C 405 62.65 -1.99 4.33
N ASP C 406 63.53 -2.37 3.42
CA ASP C 406 64.87 -1.79 3.32
C ASP C 406 65.10 -1.37 1.86
N ASN C 407 64.78 -0.12 1.58
CA ASN C 407 65.05 0.44 0.26
C ASN C 407 66.47 0.98 0.23
N LEU C 408 67.29 0.45 -0.67
CA LEU C 408 68.64 0.97 -0.80
C LEU C 408 68.66 2.44 -1.23
N SER C 409 67.51 2.96 -1.68
CA SER C 409 67.44 4.30 -2.26
C SER C 409 68.01 5.39 -1.36
N LEU C 410 68.14 5.14 -0.07
CA LEU C 410 68.47 6.18 0.88
C LEU C 410 69.80 5.92 1.55
N LYS C 411 70.27 6.94 2.29
CA LYS C 411 71.59 6.91 2.87
C LYS C 411 71.75 5.69 3.76
N PRO C 412 72.96 5.12 3.85
CA PRO C 412 73.10 3.79 4.47
C PRO C 412 72.75 3.76 5.93
N ASN C 413 72.59 4.91 6.58
CA ASN C 413 72.35 4.94 8.02
C ASN C 413 71.16 5.80 8.39
N GLN C 414 70.12 5.82 7.56
CA GLN C 414 68.92 6.55 7.91
C GLN C 414 67.71 5.65 7.76
N TYR C 415 66.59 6.14 8.29
CA TYR C 415 65.32 5.43 8.31
C TYR C 415 64.21 6.43 8.09
N THR C 416 63.15 5.96 7.45
CA THR C 416 61.95 6.76 7.24
C THR C 416 60.74 5.96 7.67
N ILE C 417 59.82 6.63 8.36
CA ILE C 417 58.56 6.02 8.76
C ILE C 417 57.49 6.51 7.82
N SER C 418 56.65 5.59 7.34
CA SER C 418 55.70 5.91 6.30
C SER C 418 54.29 5.60 6.77
N LEU C 419 53.40 6.57 6.65
CA LEU C 419 52.00 6.40 7.01
C LEU C 419 51.16 6.33 5.75
N ASN C 420 50.64 5.14 5.47
CA ASN C 420 49.68 4.86 4.41
C ASN C 420 50.23 4.88 3.00
N GLY C 421 51.33 5.56 2.75
CA GLY C 421 51.98 5.29 1.49
C GLY C 421 53.42 5.73 1.39
N GLU C 422 53.88 6.45 2.39
CA GLU C 422 54.98 7.37 2.11
C GLU C 422 55.43 8.04 3.38
N VAL C 423 56.60 8.67 3.31
CA VAL C 423 57.29 9.10 4.51
C VAL C 423 56.48 10.15 5.25
N ILE C 424 56.54 10.10 6.57
CA ILE C 424 56.05 11.17 7.42
C ILE C 424 57.20 11.83 8.18
N GLU C 425 58.09 11.02 8.74
CA GLU C 425 59.28 11.50 9.38
C GLU C 425 60.44 10.61 9.00
N GLN C 426 61.63 11.18 8.98
CA GLN C 426 62.82 10.52 8.51
C GLN C 426 63.97 10.93 9.41
N GLY C 427 64.58 9.96 10.08
CA GLY C 427 65.64 10.22 11.04
C GLY C 427 67.00 9.75 10.53
N PHE C 428 68.02 10.14 11.28
CA PHE C 428 69.40 9.79 10.97
C PHE C 428 70.04 9.15 12.19
N ILE C 429 70.59 7.97 12.00
CA ILE C 429 71.16 7.17 13.08
C ILE C 429 72.68 7.17 12.95
N GLU C 430 73.35 7.41 14.06
CA GLU C 430 74.80 7.39 14.08
C GLU C 430 75.27 5.94 13.92
N PRO C 431 76.45 5.72 13.31
CA PRO C 431 76.84 4.36 12.95
C PRO C 431 76.79 3.38 14.11
N GLU C 432 77.55 3.65 15.17
CA GLU C 432 77.49 2.78 16.35
C GLU C 432 77.59 3.57 17.65
N ARG C 433 77.42 4.89 17.62
CA ARG C 433 77.47 5.70 18.83
C ARG C 433 76.06 5.84 19.39
N LEU C 434 75.83 5.28 20.57
CA LEU C 434 74.53 5.35 21.20
C LEU C 434 74.21 6.79 21.53
N MET C 435 72.93 7.15 21.44
CA MET C 435 72.50 8.50 21.75
C MET C 435 72.06 8.60 23.20
N ALA C 436 72.41 9.71 23.83
CA ALA C 436 71.91 10.04 25.16
C ALA C 436 71.27 11.41 25.12
N ILE C 437 70.29 11.61 26.00
CA ILE C 437 69.56 12.87 26.07
C ILE C 437 69.75 13.46 27.45
N ALA C 438 69.82 14.79 27.51
CA ALA C 438 69.81 15.53 28.76
C ALA C 438 68.46 16.21 28.89
N VAL C 439 67.62 15.71 29.79
CA VAL C 439 66.26 16.23 29.94
C VAL C 439 66.28 17.72 30.20
N GLY C 440 67.29 18.22 30.89
CA GLY C 440 67.34 19.62 31.30
C GLY C 440 67.79 19.74 32.73
N ASP C 441 67.58 18.69 33.51
CA ASP C 441 68.08 18.62 34.87
C ASP C 441 69.44 17.97 34.98
N THR C 442 69.84 17.19 33.98
CA THR C 442 71.16 16.59 33.97
C THR C 442 72.23 17.64 33.71
N TYR C 443 73.38 17.46 34.35
CA TYR C 443 74.52 18.35 34.20
C TYR C 443 75.71 17.60 33.63
N GLY C 444 76.63 18.35 33.03
CA GLY C 444 77.80 17.78 32.42
C GLY C 444 77.52 17.25 31.02
N GLU C 445 78.59 17.22 30.22
CA GLU C 445 78.52 16.71 28.86
C GLU C 445 79.48 15.55 28.72
N ILE C 446 79.26 14.74 27.69
CA ILE C 446 80.14 13.62 27.38
C ILE C 446 80.63 13.80 25.95
N ASP C 447 81.71 13.09 25.62
CA ASP C 447 82.37 13.26 24.33
C ASP C 447 81.45 12.99 23.15
N GLY C 448 80.21 12.55 23.40
CA GLY C 448 79.35 12.13 22.31
C GLY C 448 79.16 13.22 21.27
N ILE C 449 79.17 12.80 20.01
CA ILE C 449 78.92 13.72 18.91
C ILE C 449 77.51 14.27 19.04
N LEU C 450 77.38 15.59 18.93
CA LEU C 450 76.08 16.22 19.04
C LEU C 450 75.15 15.71 17.94
N GLY C 451 73.87 15.74 18.23
CA GLY C 451 72.87 15.38 17.26
C GLY C 451 71.60 16.12 17.61
N SER C 452 70.47 15.43 17.46
CA SER C 452 69.20 15.93 17.95
C SER C 452 68.36 14.76 18.42
N ASP C 453 67.31 15.06 19.15
CA ASP C 453 66.34 14.04 19.51
C ASP C 453 65.28 13.98 18.42
N PRO C 454 65.23 12.92 17.63
CA PRO C 454 64.18 12.83 16.60
C PRO C 454 62.78 12.78 17.17
N ALA C 455 62.63 12.54 18.46
CA ALA C 455 61.30 12.45 19.04
C ALA C 455 60.74 13.84 19.36
N TYR C 456 61.39 14.57 20.27
CA TYR C 456 60.83 15.81 20.77
C TYR C 456 61.69 17.02 20.49
N GLN C 457 62.62 16.93 19.53
CA GLN C 457 63.52 18.03 19.21
C GLN C 457 64.30 18.49 20.43
N LEU C 458 65.06 17.57 21.01
CA LEU C 458 65.96 17.84 22.13
C LEU C 458 67.41 17.65 21.69
N PRO C 459 68.36 18.30 22.37
CA PRO C 459 69.76 18.09 22.03
C PRO C 459 70.20 16.70 22.42
N ALA C 460 71.05 16.12 21.59
CA ALA C 460 71.44 14.72 21.76
C ALA C 460 72.92 14.56 21.47
N VAL C 461 73.56 13.69 22.24
CA VAL C 461 74.96 13.34 22.03
C VAL C 461 75.02 11.84 21.75
N TRP C 462 75.83 11.45 20.78
CA TRP C 462 75.92 10.07 20.35
C TRP C 462 77.24 9.51 20.85
N ILE C 463 77.16 8.60 21.82
CA ILE C 463 78.30 8.14 22.59
C ILE C 463 78.53 6.66 22.27
N GLU C 464 79.76 6.21 22.49
CA GLU C 464 80.06 4.81 22.21
C GLU C 464 79.34 3.91 23.21
N HIS C 465 79.50 2.60 23.05
CA HIS C 465 78.78 1.66 23.91
C HIS C 465 79.39 1.59 25.30
N GLN C 466 80.61 2.07 25.48
CA GLN C 466 81.26 1.94 26.78
C GLN C 466 80.89 3.08 27.71
N ASP C 467 80.70 4.29 27.18
CA ASP C 467 80.47 5.50 27.95
C ASP C 467 79.13 5.54 28.65
N LYS C 468 78.36 4.44 28.60
CA LYS C 468 77.09 4.39 29.31
C LYS C 468 77.25 4.84 30.76
N ALA C 469 78.27 4.30 31.43
CA ALA C 469 78.50 4.64 32.83
C ALA C 469 78.60 6.16 33.01
N LYS C 470 79.45 6.80 32.21
CA LYS C 470 79.58 8.26 32.29
C LYS C 470 78.24 8.93 32.03
N ALA C 471 77.45 8.42 31.09
CA ALA C 471 76.09 8.92 30.91
C ALA C 471 75.20 8.54 32.08
N LEU C 472 75.21 7.26 32.45
CA LEU C 472 74.38 6.78 33.54
C LEU C 472 74.79 7.37 34.88
N ASN C 473 76.05 7.74 35.05
CA ASN C 473 76.51 8.34 36.29
C ASN C 473 76.53 9.86 36.24
N MET C 474 76.35 10.46 35.07
CA MET C 474 76.13 11.89 34.99
C MET C 474 74.66 12.25 35.01
N GLY C 475 73.78 11.29 34.76
CA GLY C 475 72.35 11.52 34.79
C GLY C 475 71.69 11.52 33.45
N TYR C 476 72.37 11.06 32.41
CA TYR C 476 71.86 11.16 31.05
C TYR C 476 70.74 10.16 30.81
N GLN C 477 70.09 10.35 29.66
CA GLN C 477 69.05 9.44 29.17
C GLN C 477 69.59 8.81 27.89
N VAL C 478 70.34 7.72 28.05
CA VAL C 478 70.93 7.02 26.93
C VAL C 478 69.94 6.00 26.42
N VAL C 479 70.02 5.70 25.11
CA VAL C 479 69.14 4.74 24.48
C VAL C 479 69.88 4.02 23.36
N ASP C 480 69.58 2.74 23.20
CA ASP C 480 70.12 1.94 22.11
C ASP C 480 69.66 2.50 20.77
N ASP C 481 70.25 2.04 19.67
CA ASP C 481 69.79 2.46 18.35
C ASP C 481 68.31 2.18 18.17
N GLY C 482 67.91 0.92 18.36
CA GLY C 482 66.55 0.53 18.04
C GLY C 482 65.50 1.35 18.78
N THR C 483 65.80 1.71 20.02
CA THR C 483 64.84 2.50 20.79
C THR C 483 64.66 3.89 20.18
N VAL C 484 65.73 4.47 19.64
CA VAL C 484 65.60 5.77 19.00
C VAL C 484 64.58 5.70 17.88
N ILE C 485 64.52 4.58 17.18
CA ILE C 485 63.44 4.35 16.24
C ILE C 485 62.13 4.14 16.97
N ALA C 486 62.07 3.09 17.81
CA ALA C 486 60.81 2.70 18.42
C ALA C 486 60.14 3.87 19.10
N THR C 487 60.90 4.75 19.73
CA THR C 487 60.27 5.92 20.30
C THR C 487 59.71 6.83 19.21
N HIS C 488 60.37 6.86 18.05
CA HIS C 488 59.85 7.71 16.98
C HIS C 488 58.55 7.14 16.42
N ILE C 489 58.52 5.83 16.21
CA ILE C 489 57.28 5.18 15.79
C ILE C 489 56.18 5.41 16.81
N SER C 490 56.52 5.35 18.09
CA SER C 490 55.52 5.60 19.11
C SER C 490 54.94 7.00 18.98
N LYS C 491 55.80 8.00 18.78
CA LYS C 491 55.29 9.35 18.64
C LYS C 491 54.42 9.48 17.40
N ILE C 492 54.82 8.84 16.31
CA ILE C 492 54.04 8.96 15.07
C ILE C 492 52.67 8.32 15.24
N MET C 493 52.62 7.14 15.85
CA MET C 493 51.32 6.54 16.13
C MET C 493 50.49 7.46 17.01
N LYS C 494 51.07 7.91 18.12
CA LYS C 494 50.29 8.69 19.07
C LYS C 494 49.80 9.98 18.44
N THR C 495 50.44 10.45 17.38
CA THR C 495 49.95 11.66 16.74
C THR C 495 48.89 11.34 15.69
N ASN C 496 49.17 10.39 14.81
CA ASN C 496 48.28 10.07 13.71
C ASN C 496 47.24 9.01 14.06
N LEU C 497 46.96 8.84 15.35
CA LEU C 497 45.97 7.87 15.80
C LEU C 497 44.74 7.78 14.91
N ALA C 498 44.25 8.92 14.44
CA ALA C 498 43.04 8.90 13.62
C ALA C 498 43.21 7.98 12.43
N GLU C 499 44.12 8.33 11.52
CA GLU C 499 44.26 7.58 10.28
C GLU C 499 44.64 6.14 10.52
N LEU C 500 45.00 5.76 11.73
CA LEU C 500 45.31 4.38 12.03
C LEU C 500 44.08 3.59 12.40
N PHE C 501 42.93 4.23 12.51
CA PHE C 501 41.68 3.58 12.85
C PHE C 501 40.88 3.39 11.57
N THR C 502 40.80 2.16 11.10
CA THR C 502 40.21 1.87 9.81
C THR C 502 38.70 1.67 9.94
N HIS C 503 38.02 1.64 8.81
CA HIS C 503 36.60 1.30 8.78
C HIS C 503 36.37 -0.15 9.02
N ASP C 504 37.39 -0.89 9.40
CA ASP C 504 37.21 -2.29 9.74
C ASP C 504 37.32 -2.57 11.22
N ASP C 505 37.99 -1.70 11.99
CA ASP C 505 38.02 -1.90 13.42
C ASP C 505 36.66 -1.70 14.05
N VAL C 506 35.86 -0.81 13.48
CA VAL C 506 34.50 -0.56 13.96
C VAL C 506 33.74 -1.87 14.03
N GLU C 507 34.16 -2.86 13.25
CA GLU C 507 33.65 -4.21 13.47
C GLU C 507 34.29 -4.82 14.70
N ALA C 508 35.62 -4.71 14.82
CA ALA C 508 36.28 -5.34 15.95
C ALA C 508 35.93 -4.66 17.26
N MET C 509 35.71 -3.35 17.26
CA MET C 509 35.30 -2.71 18.49
C MET C 509 33.96 -3.26 18.97
N THR C 510 33.01 -3.43 18.06
CA THR C 510 31.75 -4.00 18.48
C THR C 510 31.91 -5.45 18.90
N GLN C 511 32.89 -6.17 18.35
CA GLN C 511 33.13 -7.52 18.86
C GLN C 511 33.64 -7.47 20.29
N ARG C 512 34.67 -6.66 20.53
CA ARG C 512 35.23 -6.55 21.85
C ARG C 512 34.24 -5.96 22.85
N LEU C 513 33.26 -5.22 22.38
CA LEU C 513 32.23 -4.68 23.24
C LEU C 513 31.10 -5.67 23.48
N THR C 514 30.77 -6.51 22.50
CA THR C 514 29.85 -7.60 22.76
C THR C 514 30.43 -8.58 23.75
N GLN C 515 31.75 -8.67 23.83
CA GLN C 515 32.32 -9.54 24.85
C GLN C 515 31.93 -9.10 26.24
N GLN C 516 31.78 -7.79 26.45
CA GLN C 516 31.46 -7.27 27.77
C GLN C 516 29.97 -7.09 27.98
N ALA C 517 29.32 -6.28 27.14
CA ALA C 517 27.93 -5.90 27.30
C ALA C 517 27.14 -6.38 26.08
N PRO C 518 27.04 -7.70 25.89
CA PRO C 518 26.58 -8.23 24.59
C PRO C 518 25.25 -7.70 24.16
N LYS C 519 24.47 -7.13 25.06
CA LYS C 519 23.18 -6.59 24.68
C LYS C 519 23.27 -5.13 24.28
N LEU C 520 24.42 -4.49 24.48
CA LEU C 520 24.50 -3.09 24.13
C LEU C 520 24.75 -2.90 22.64
N ALA C 521 25.77 -3.57 22.10
CA ALA C 521 26.05 -3.45 20.68
C ALA C 521 24.85 -3.83 19.86
N GLU C 522 24.25 -4.98 20.16
CA GLU C 522 23.03 -5.40 19.48
C GLU C 522 21.96 -4.32 19.51
N ALA C 523 22.07 -3.36 20.41
CA ALA C 523 21.22 -2.20 20.41
C ALA C 523 21.93 -0.94 19.97
N LEU C 524 23.26 -0.98 19.83
CA LEU C 524 23.96 0.18 19.31
C LEU C 524 24.09 0.12 17.80
N ALA C 525 24.58 -1.01 17.29
CA ALA C 525 24.77 -1.16 15.86
C ALA C 525 23.48 -0.88 15.10
N ALA C 526 22.33 -1.15 15.71
CA ALA C 526 21.07 -0.82 15.09
C ALA C 526 20.70 0.65 15.28
N ALA C 527 21.52 1.43 15.99
CA ALA C 527 21.26 2.85 16.18
C ALA C 527 22.19 3.74 15.37
N LEU C 528 23.44 3.32 15.16
CA LEU C 528 24.37 4.05 14.31
C LEU C 528 25.06 3.08 13.37
N ASN C 529 24.86 3.27 12.07
CA ASN C 529 25.53 2.45 11.10
C ASN C 529 27.04 2.68 11.15
N PRO C 530 27.83 1.62 10.94
CA PRO C 530 29.28 1.70 11.17
C PRO C 530 29.95 2.88 10.50
N ALA C 531 29.37 3.37 9.41
CA ALA C 531 29.89 4.60 8.83
C ALA C 531 29.75 5.76 9.80
N GLN C 532 28.66 5.80 10.55
CA GLN C 532 28.47 6.86 11.51
C GLN C 532 29.32 6.65 12.75
N GLN C 533 29.47 5.40 13.18
CA GLN C 533 30.28 5.13 14.35
C GLN C 533 31.69 5.60 14.13
N LEU C 534 32.29 5.22 13.00
CA LEU C 534 33.70 5.49 12.79
C LEU C 534 34.02 6.97 12.90
N LYS C 535 33.19 7.83 12.30
CA LYS C 535 33.44 9.25 12.43
C LYS C 535 33.55 9.66 13.88
N VAL C 536 32.75 9.04 14.75
CA VAL C 536 32.80 9.38 16.17
C VAL C 536 34.12 8.94 16.77
N TYR C 537 34.54 7.70 16.52
CA TYR C 537 35.82 7.26 17.04
C TYR C 537 36.94 8.10 16.46
N ARG C 538 36.80 8.55 15.22
CA ARG C 538 37.80 9.44 14.66
C ARG C 538 37.88 10.72 15.46
N GLN C 539 36.73 11.30 15.78
CA GLN C 539 36.75 12.57 16.50
C GLN C 539 37.28 12.38 17.90
N LEU C 540 37.05 11.20 18.48
CA LEU C 540 37.59 10.93 19.79
C LEU C 540 39.09 10.73 19.75
N LEU C 541 39.60 10.09 18.72
CA LEU C 541 41.02 9.81 18.68
C LEU C 541 41.83 10.98 18.17
N LEU C 542 41.20 11.91 17.45
CA LEU C 542 41.93 13.09 17.01
C LEU C 542 42.56 13.80 18.19
N ASP C 543 41.75 14.25 19.13
CA ASP C 543 42.26 14.82 20.36
C ASP C 543 42.80 13.77 21.32
N GLN C 544 43.03 12.54 20.84
CA GLN C 544 43.82 11.56 21.56
C GLN C 544 43.20 11.18 22.89
N VAL C 545 41.96 10.72 22.84
CA VAL C 545 41.23 10.26 24.02
C VAL C 545 41.20 8.74 23.98
N PRO C 546 41.58 8.06 25.05
CA PRO C 546 41.67 6.60 24.99
C PRO C 546 40.29 5.98 24.88
N LEU C 547 40.18 4.96 24.04
CA LEU C 547 38.96 4.19 23.87
C LEU C 547 39.01 2.87 24.61
N LYS C 548 39.65 2.83 25.78
CA LYS C 548 39.76 1.55 26.47
C LYS C 548 38.40 1.09 26.98
N ASP C 549 37.70 1.96 27.70
CA ASP C 549 36.42 1.59 28.32
C ASP C 549 35.32 1.79 27.31
N ILE C 550 35.20 0.83 26.41
CA ILE C 550 34.29 1.04 25.30
C ILE C 550 32.85 1.01 25.77
N ARG C 551 32.53 0.27 26.84
CA ARG C 551 31.16 0.19 27.28
C ARG C 551 30.63 1.57 27.64
N THR C 552 31.30 2.27 28.52
CA THR C 552 30.85 3.61 28.85
C THR C 552 30.98 4.59 27.72
N ILE C 553 31.37 4.14 26.53
CA ILE C 553 31.37 4.99 25.35
C ILE C 553 30.21 4.64 24.45
N ALA C 554 30.00 3.37 24.19
CA ALA C 554 28.82 2.98 23.43
C ALA C 554 27.56 3.36 24.17
N ASN C 555 27.57 3.22 25.49
CA ASN C 555 26.45 3.69 26.28
C ASN C 555 26.13 5.14 25.98
N THR C 556 27.14 5.98 25.91
CA THR C 556 26.89 7.39 25.69
C THR C 556 26.48 7.67 24.26
N MET C 557 27.08 6.98 23.30
CA MET C 557 26.63 7.15 21.92
C MET C 557 25.19 6.66 21.75
N LEU C 558 24.88 5.49 22.30
CA LEU C 558 23.52 5.00 22.24
C LEU C 558 22.54 5.99 22.85
N GLU C 559 22.89 6.54 24.00
CA GLU C 559 22.06 7.57 24.61
C GLU C 559 21.89 8.75 23.66
N SER C 560 22.98 9.44 23.37
CA SER C 560 22.90 10.71 22.65
C SER C 560 22.57 10.56 21.18
N SER C 561 22.38 9.33 20.69
CA SER C 561 22.08 9.17 19.28
C SER C 561 20.69 9.64 18.92
N GLU C 562 19.80 9.82 19.88
CA GLU C 562 18.44 10.22 19.54
C GLU C 562 18.41 11.62 18.94
N ASN C 563 19.10 12.56 19.59
CA ASN C 563 19.00 13.94 19.17
C ASN C 563 19.71 14.17 17.85
N THR C 564 21.02 13.95 17.82
CA THR C 564 21.84 14.30 16.67
C THR C 564 22.69 13.12 16.27
N LYS C 565 22.80 12.90 14.97
CA LYS C 565 23.73 11.92 14.44
C LYS C 565 25.01 12.59 13.95
N ASP C 566 25.17 13.86 14.21
CA ASP C 566 26.39 14.54 13.80
C ASP C 566 27.56 14.01 14.63
N PRO C 567 28.68 13.71 14.03
CA PRO C 567 29.73 13.04 14.78
C PRO C 567 30.64 14.00 15.52
N ILE C 568 30.22 15.24 15.69
CA ILE C 568 31.02 16.17 16.47
C ILE C 568 30.20 16.59 17.68
N LEU C 569 28.89 16.59 17.53
CA LEU C 569 28.06 16.72 18.71
C LEU C 569 28.09 15.45 19.52
N LEU C 570 28.32 14.32 18.88
CA LEU C 570 28.45 13.07 19.62
C LEU C 570 29.80 12.98 20.31
N ALA C 571 30.86 13.39 19.64
CA ALA C 571 32.16 13.33 20.28
C ALA C 571 32.26 14.27 21.47
N ALA C 572 31.38 15.26 21.56
CA ALA C 572 31.40 16.11 22.74
C ALA C 572 30.79 15.36 23.93
N ASP C 573 29.70 14.63 23.71
CA ASP C 573 29.05 13.95 24.82
C ASP C 573 29.90 12.83 25.37
N VAL C 574 30.55 12.06 24.49
CA VAL C 574 31.42 11.02 24.99
C VAL C 574 32.54 11.62 25.82
N ARG C 575 33.02 12.80 25.45
CA ARG C 575 34.07 13.41 26.24
C ARG C 575 33.54 13.95 27.55
N CYS C 576 32.32 14.47 27.56
CA CYS C 576 31.73 14.86 28.83
C CYS C 576 31.52 13.65 29.72
N ALA C 577 31.32 12.47 29.14
CA ALA C 577 31.16 11.28 29.95
C ALA C 577 32.50 10.72 30.42
N LEU C 578 33.57 11.01 29.69
CA LEU C 578 34.89 10.54 30.08
C LEU C 578 35.71 11.59 30.80
N LYS C 579 35.12 12.74 31.13
CA LYS C 579 35.80 13.82 31.82
C LYS C 579 36.82 13.34 32.85
N ARG C 580 36.47 12.29 33.59
CA ARG C 580 37.37 11.72 34.56
C ARG C 580 38.70 11.35 33.92
N THR C 581 38.68 10.39 33.00
CA THR C 581 39.93 9.92 32.41
C THR C 581 40.58 10.99 31.56
N LEU C 582 39.79 11.84 30.91
CA LEU C 582 40.35 12.98 30.19
C LEU C 582 41.31 13.76 31.06
N VAL C 583 40.81 14.33 32.15
CA VAL C 583 41.66 15.17 32.97
C VAL C 583 42.74 14.33 33.63
N ASN C 584 42.42 13.10 34.01
CA ASN C 584 43.44 12.25 34.63
C ASN C 584 44.62 12.05 33.69
N LEU C 585 44.39 12.06 32.38
CA LEU C 585 45.48 11.89 31.44
C LEU C 585 46.15 13.19 31.06
N ILE C 586 45.41 14.28 31.02
CA ILE C 586 46.04 15.56 30.69
C ILE C 586 46.87 16.06 31.86
N ALA C 587 46.24 16.28 33.01
CA ALA C 587 46.94 16.71 34.20
C ALA C 587 47.07 15.54 35.16
N GLY C 588 47.69 15.80 36.30
CA GLY C 588 47.86 14.78 37.30
C GLY C 588 46.67 14.68 38.22
N GLN C 589 46.80 13.78 39.20
CA GLN C 589 45.73 13.59 40.17
C GLN C 589 45.61 14.72 41.16
N LYS C 590 46.49 15.72 41.09
CA LYS C 590 46.42 16.89 41.94
C LYS C 590 45.12 17.63 41.69
N PRO C 591 44.27 17.78 42.71
CA PRO C 591 42.95 18.39 42.48
C PRO C 591 43.01 19.82 42.00
N GLU C 592 43.91 20.63 42.54
CA GLU C 592 44.09 21.97 42.00
C GLU C 592 44.59 21.87 40.57
N LEU C 593 44.13 22.79 39.73
CA LEU C 593 44.46 22.74 38.31
C LEU C 593 44.69 24.14 37.76
N ASN C 594 45.70 24.29 36.90
CA ASN C 594 46.06 25.56 36.30
C ASN C 594 45.91 25.45 34.79
N VAL C 595 45.24 26.43 34.18
CA VAL C 595 44.88 26.40 32.77
C VAL C 595 44.72 27.84 32.31
N TYR C 596 44.71 28.06 31.00
CA TYR C 596 44.38 29.34 30.43
C TYR C 596 42.88 29.54 30.33
N ALA C 597 42.50 30.56 29.56
CA ALA C 597 41.11 30.83 29.25
C ALA C 597 41.09 31.82 28.11
N LEU C 598 40.03 31.74 27.30
CA LEU C 598 39.88 32.71 26.23
C LEU C 598 39.61 34.09 26.80
N SER C 599 40.16 35.10 26.14
CA SER C 599 39.89 36.48 26.49
C SER C 599 38.46 36.82 26.09
N ASP C 600 37.65 37.20 27.07
CA ASP C 600 36.23 37.49 26.90
C ASP C 600 35.96 38.23 25.60
N GLU C 601 36.83 39.19 25.27
CA GLU C 601 36.72 39.86 23.98
C GLU C 601 36.88 38.86 22.84
N LEU C 602 38.03 38.20 22.75
CA LEU C 602 38.26 37.29 21.63
C LEU C 602 37.24 36.16 21.63
N GLU C 603 36.96 35.61 22.82
CA GLU C 603 35.97 34.55 22.93
C GLU C 603 34.64 34.98 22.33
N GLN C 604 34.19 36.18 22.69
CA GLN C 604 32.97 36.70 22.09
C GLN C 604 33.13 36.90 20.59
N MET C 605 34.30 37.38 20.17
CA MET C 605 34.52 37.65 18.75
C MET C 605 34.34 36.40 17.90
N LEU C 606 34.66 35.22 18.45
CA LEU C 606 34.47 33.99 17.70
C LEU C 606 32.99 33.62 17.64
N LEU C 607 32.32 33.61 18.80
CA LEU C 607 30.92 33.20 18.85
C LEU C 607 30.10 33.99 17.85
N THR C 608 30.44 35.26 17.66
CA THR C 608 29.84 36.03 16.57
C THR C 608 29.98 35.28 15.25
N SER C 609 31.17 34.77 14.97
CA SER C 609 31.43 34.11 13.69
C SER C 609 30.59 32.86 13.56
N LEU C 610 30.55 32.05 14.63
CA LEU C 610 29.74 30.84 14.60
C LEU C 610 28.28 31.18 14.35
N GLN C 611 27.74 32.16 15.06
CA GLN C 611 26.34 32.52 14.88
C GLN C 611 26.08 33.00 13.45
N GLN C 612 27.02 33.74 12.89
CA GLN C 612 26.86 34.18 11.50
C GLN C 612 26.80 33.00 10.57
N ALA C 613 27.77 32.09 10.68
CA ALA C 613 27.80 30.92 9.82
C ALA C 613 26.58 30.03 10.02
N GLN C 614 25.94 30.13 11.19
CA GLN C 614 24.71 29.38 11.42
C GLN C 614 23.63 29.72 10.40
N ALA C 615 23.78 30.81 9.65
CA ALA C 615 22.86 31.10 8.57
C ALA C 615 22.79 29.93 7.59
N SER C 616 23.95 29.45 7.12
CA SER C 616 23.99 28.24 6.34
C SER C 616 23.70 27.03 7.22
N GLY C 617 23.50 25.88 6.58
CA GLY C 617 23.15 24.68 7.31
C GLY C 617 24.30 24.10 8.10
N THR C 618 24.91 24.91 8.96
CA THR C 618 26.13 24.54 9.67
C THR C 618 27.16 23.98 8.70
N VAL C 619 27.55 24.84 7.75
CA VAL C 619 28.38 24.42 6.63
C VAL C 619 29.63 23.70 7.14
N VAL C 620 30.17 24.13 8.26
CA VAL C 620 31.21 23.39 8.95
C VAL C 620 30.54 22.69 10.11
N LEU C 621 31.08 21.54 10.49
CA LEU C 621 30.59 20.89 11.69
C LEU C 621 30.83 21.78 12.89
N ASP C 622 32.06 21.90 13.31
CA ASP C 622 32.51 23.03 14.09
C ASP C 622 33.97 23.35 13.86
N SER C 623 34.65 22.65 12.94
CA SER C 623 36.09 22.79 12.84
C SER C 623 36.48 24.22 12.50
N PHE C 624 35.88 24.80 11.47
CA PHE C 624 36.01 26.24 11.28
C PHE C 624 34.83 26.79 10.50
N PRO C 625 34.01 27.61 11.12
CA PRO C 625 32.98 28.31 10.35
C PRO C 625 33.50 29.56 9.67
N ILE C 626 34.42 30.29 10.31
CA ILE C 626 34.82 31.62 9.84
C ILE C 626 36.27 31.88 10.22
N GLU C 627 37.03 32.41 9.27
CA GLU C 627 38.40 32.87 9.44
C GLU C 627 38.44 34.40 9.39
N PRO C 628 38.19 35.10 10.49
CA PRO C 628 38.23 36.56 10.44
C PRO C 628 39.63 37.11 10.61
N ASN C 629 40.60 36.51 9.91
CA ASN C 629 41.99 36.95 9.89
C ASN C 629 42.64 36.91 11.28
N ILE C 630 41.88 36.49 12.31
CA ILE C 630 42.50 36.20 13.59
C ILE C 630 43.21 34.86 13.57
N LEU C 631 43.13 34.14 12.46
CA LEU C 631 43.85 32.90 12.32
C LEU C 631 45.35 33.11 12.46
N GLY C 632 45.87 34.23 11.95
CA GLY C 632 47.26 34.55 12.19
C GLY C 632 47.54 34.78 13.66
N GLN C 633 46.64 35.49 14.34
CA GLN C 633 46.79 35.68 15.78
C GLN C 633 46.87 34.35 16.50
N PHE C 634 46.05 33.39 16.07
CA PHE C 634 46.09 32.07 16.69
C PHE C 634 47.40 31.37 16.39
N GLN C 635 47.72 31.22 15.10
CA GLN C 635 48.97 30.60 14.69
C GLN C 635 50.18 31.26 15.33
N GLN C 636 50.02 32.46 15.86
CA GLN C 636 51.08 33.13 16.60
C GLN C 636 51.05 32.78 18.09
N ASN C 637 49.88 32.87 18.71
CA ASN C 637 49.80 32.73 20.16
C ASN C 637 49.93 31.29 20.61
N LEU C 638 49.21 30.38 19.96
CA LEU C 638 49.22 28.98 20.36
C LEU C 638 50.61 28.40 20.52
N PRO C 639 51.59 28.70 19.68
CA PRO C 639 52.97 28.33 20.03
C PRO C 639 53.43 28.95 21.35
N LEU C 640 53.27 30.26 21.50
CA LEU C 640 53.59 30.91 22.77
C LEU C 640 52.76 30.32 23.90
N ILE C 641 51.48 30.08 23.64
CA ILE C 641 50.60 29.49 24.65
C ILE C 641 51.16 28.18 25.17
N ARG C 642 51.70 27.35 24.27
CA ARG C 642 52.40 26.17 24.72
C ARG C 642 53.65 26.54 25.50
N GLN C 643 54.42 27.49 24.98
CA GLN C 643 55.73 27.77 25.55
C GLN C 643 55.63 28.57 26.84
N GLN C 644 54.69 29.50 26.92
CA GLN C 644 54.53 30.26 28.16
C GLN C 644 54.35 29.32 29.35
N LEU C 645 53.43 28.36 29.22
CA LEU C 645 53.24 27.36 30.26
C LEU C 645 54.38 26.36 30.29
N LYS C 646 55.27 26.37 29.30
CA LYS C 646 56.50 25.61 29.37
C LYS C 646 57.64 26.43 29.95
N GLN C 647 57.37 27.67 30.37
CA GLN C 647 58.29 28.41 31.22
C GLN C 647 58.08 28.09 32.69
N GLN C 648 57.12 27.22 33.02
CA GLN C 648 56.81 26.87 34.39
C GLN C 648 56.76 25.37 34.64
N GLY C 649 56.82 24.56 33.60
CA GLY C 649 56.94 23.12 33.72
C GLY C 649 55.63 22.37 33.80
N LEU C 650 54.55 23.04 34.11
CA LEU C 650 53.28 22.36 34.24
C LEU C 650 52.68 22.06 32.87
N PRO C 651 51.97 20.95 32.73
CA PRO C 651 51.47 20.53 31.42
C PRO C 651 50.52 21.57 30.83
N PRO C 652 50.44 21.67 29.51
CA PRO C 652 49.62 22.72 28.89
C PRO C 652 48.16 22.30 28.81
N ILE C 653 47.26 23.22 29.15
CA ILE C 653 45.83 23.01 29.02
C ILE C 653 45.23 24.32 28.54
N LEU C 654 44.01 24.25 28.04
CA LEU C 654 43.31 25.43 27.57
C LEU C 654 41.82 25.23 27.75
N LEU C 655 41.15 26.22 28.34
CA LEU C 655 39.72 26.16 28.52
C LEU C 655 39.02 27.02 27.48
N VAL C 656 37.82 26.61 27.10
CA VAL C 656 37.03 27.27 26.08
C VAL C 656 35.56 27.13 26.42
N MET C 657 34.72 27.79 25.63
CA MET C 657 33.31 27.46 25.61
C MET C 657 33.10 26.11 24.95
N PRO C 658 32.09 25.36 25.37
CA PRO C 658 31.80 24.10 24.68
C PRO C 658 31.49 24.30 23.21
N GLN C 659 30.90 25.44 22.85
CA GLN C 659 30.54 25.67 21.46
C GLN C 659 31.76 25.95 20.60
N LEU C 660 32.88 26.30 21.22
CA LEU C 660 34.12 26.49 20.47
C LEU C 660 35.10 25.36 20.65
N ARG C 661 34.83 24.48 21.61
CA ARG C 661 35.67 23.31 21.87
C ARG C 661 36.06 22.60 20.59
N PRO C 662 35.13 22.16 19.75
CA PRO C 662 35.54 21.34 18.61
C PRO C 662 36.36 22.10 17.61
N LEU C 663 36.16 23.42 17.51
CA LEU C 663 36.96 24.23 16.61
C LEU C 663 38.42 24.21 17.02
N LEU C 664 38.71 24.74 18.21
CA LEU C 664 40.09 24.93 18.63
C LEU C 664 40.86 23.64 18.70
N ALA C 665 40.19 22.50 18.73
CA ALA C 665 40.91 21.23 18.70
C ALA C 665 41.66 21.08 17.38
N ARG C 666 41.13 21.63 16.30
CA ARG C 666 41.82 21.50 15.02
C ARG C 666 43.10 22.31 15.01
N TYR C 667 43.07 23.52 15.58
CA TYR C 667 44.27 24.32 15.62
C TYR C 667 45.34 23.66 16.46
N ALA C 668 45.01 23.30 17.70
CA ALA C 668 45.97 22.62 18.54
C ALA C 668 46.42 21.30 17.96
N ARG C 669 45.70 20.77 16.98
CA ARG C 669 46.14 19.53 16.35
C ARG C 669 47.13 19.77 15.23
N THR C 670 47.22 21.00 14.73
CA THR C 670 48.12 21.34 13.63
C THR C 670 49.27 22.24 14.07
N PHE C 671 48.95 23.36 14.74
CA PHE C 671 49.97 24.36 15.02
C PHE C 671 50.92 23.88 16.11
N THR C 672 50.38 23.51 17.26
CA THR C 672 51.20 23.09 18.38
C THR C 672 51.22 21.57 18.43
N GLN C 673 52.41 20.99 18.41
CA GLN C 673 52.51 19.54 18.49
C GLN C 673 52.02 19.02 19.83
N GLY C 674 51.95 19.89 20.84
CA GLY C 674 51.42 19.50 22.13
C GLY C 674 50.51 20.54 22.74
N LEU C 675 49.26 20.16 23.03
CA LEU C 675 48.33 21.06 23.68
C LEU C 675 47.15 20.24 24.15
N ALA C 676 46.19 20.90 24.80
CA ALA C 676 44.98 20.27 25.30
C ALA C 676 43.89 21.31 25.42
N VAL C 677 42.85 21.17 24.62
CA VAL C 677 41.73 22.09 24.61
C VAL C 677 40.57 21.39 25.29
N LEU C 678 40.24 21.80 26.50
CA LEU C 678 39.16 21.22 27.27
C LEU C 678 38.04 22.22 27.40
N SER C 679 36.81 21.73 27.40
CA SER C 679 35.68 22.62 27.63
C SER C 679 35.51 22.86 29.12
N TYR C 680 34.43 23.55 29.48
CA TYR C 680 34.12 23.73 30.89
C TYR C 680 33.42 22.51 31.44
N ASN C 681 32.41 22.02 30.75
CA ASN C 681 31.67 20.85 31.20
C ASN C 681 32.47 19.57 31.05
N GLU C 682 33.61 19.63 30.38
CA GLU C 682 34.47 18.45 30.26
C GLU C 682 35.42 18.32 31.43
N ILE C 683 35.36 19.21 32.40
CA ILE C 683 36.23 19.16 33.56
C ILE C 683 35.36 18.85 34.76
N PRO C 684 35.79 18.01 35.69
CA PRO C 684 34.92 17.65 36.81
C PRO C 684 34.68 18.85 37.70
N GLU C 685 33.63 18.76 38.51
CA GLU C 685 33.44 19.71 39.60
C GLU C 685 34.29 19.36 40.80
N ASN C 686 35.02 18.25 40.74
CA ASN C 686 35.95 17.91 41.81
C ASN C 686 37.20 18.77 41.73
N LYS C 687 37.93 18.66 40.62
CA LYS C 687 39.21 19.37 40.50
C LYS C 687 38.95 20.85 40.38
N GLN C 688 39.32 21.61 41.41
CA GLN C 688 39.23 23.06 41.33
C GLN C 688 40.31 23.59 40.39
N ILE C 689 39.91 24.46 39.49
CA ILE C 689 40.80 24.97 38.45
C ILE C 689 41.35 26.30 38.89
N ASN C 690 42.41 26.74 38.21
CA ASN C 690 43.01 28.05 38.44
C ASN C 690 43.38 28.64 37.08
N VAL C 691 42.58 29.60 36.63
CA VAL C 691 42.90 30.29 35.39
C VAL C 691 44.24 30.99 35.53
N VAL C 692 44.96 31.07 34.42
CA VAL C 692 46.21 31.82 34.40
C VAL C 692 46.01 33.20 33.82
N GLY C 693 45.26 33.31 32.74
CA GLY C 693 45.01 34.60 32.14
C GLY C 693 44.30 34.46 30.81
N ASN C 694 43.85 35.60 30.31
CA ASN C 694 43.13 35.66 29.05
C ASN C 694 44.12 35.54 27.90
N LEU C 695 43.64 35.75 26.68
CA LEU C 695 44.51 35.71 25.49
C LEU C 695 44.07 36.85 24.57
N GLY C 696 44.75 37.99 24.68
CA GLY C 696 44.43 39.15 23.87
C GLY C 696 45.20 39.26 22.57
N GLU D 344 35.79 -20.12 -48.61
CA GLU D 344 34.74 -20.19 -49.63
C GLU D 344 33.43 -20.69 -49.02
N GLU D 345 33.54 -21.66 -48.11
CA GLU D 345 32.41 -22.17 -47.35
C GLU D 345 32.38 -21.53 -45.97
N ASP D 346 32.68 -20.24 -45.92
CA ASP D 346 32.53 -19.48 -44.69
C ASP D 346 31.08 -19.02 -44.65
N THR D 347 30.22 -19.81 -45.31
CA THR D 347 28.79 -19.60 -45.50
C THR D 347 28.12 -19.07 -44.24
N PRO D 348 28.48 -19.51 -43.04
CA PRO D 348 28.10 -18.72 -41.89
C PRO D 348 29.15 -17.65 -41.60
N LEU D 349 28.76 -16.39 -41.68
CA LEU D 349 29.53 -15.33 -41.06
C LEU D 349 28.85 -15.02 -39.73
N THR D 350 29.60 -15.12 -38.65
CA THR D 350 29.06 -14.94 -37.32
C THR D 350 29.69 -13.69 -36.72
N TRP D 351 29.00 -13.12 -35.73
CA TRP D 351 29.52 -11.93 -35.08
C TRP D 351 30.95 -12.14 -34.60
N ASP D 352 31.31 -13.37 -34.25
CA ASP D 352 32.67 -13.62 -33.77
C ASP D 352 33.70 -13.30 -34.84
N ASP D 353 33.36 -13.43 -36.12
CA ASP D 353 34.30 -13.12 -37.18
C ASP D 353 34.75 -11.66 -37.13
N ILE D 354 33.96 -10.81 -36.49
CA ILE D 354 34.30 -9.39 -36.32
C ILE D 354 35.33 -9.28 -35.19
N PRO D 355 36.56 -8.89 -35.49
CA PRO D 355 37.56 -8.82 -34.44
C PRO D 355 37.27 -7.69 -33.47
N HIS D 356 37.43 -7.98 -32.18
CA HIS D 356 37.27 -6.93 -31.18
C HIS D 356 38.30 -5.84 -31.41
N VAL D 357 38.13 -4.75 -30.69
CA VAL D 357 39.13 -3.69 -30.68
C VAL D 357 39.83 -3.75 -29.35
N HIS D 358 41.06 -3.25 -29.32
CA HIS D 358 41.86 -3.30 -28.11
C HIS D 358 42.26 -1.91 -27.69
N THR D 359 42.44 -1.74 -26.38
CA THR D 359 42.81 -0.43 -25.87
C THR D 359 44.14 0.00 -26.45
N LEU D 360 45.21 -0.71 -26.12
CA LEU D 360 46.53 -0.37 -26.61
C LEU D 360 46.97 -1.41 -27.64
N SER D 361 47.55 -0.93 -28.73
CA SER D 361 48.07 -1.82 -29.75
C SER D 361 49.25 -1.15 -30.43
N LEU D 362 50.23 -1.96 -30.80
CA LEU D 362 51.43 -1.49 -31.47
C LEU D 362 51.43 -1.92 -32.92
N ALA D 363 51.84 -1.01 -33.78
CA ALA D 363 52.09 -1.33 -35.19
C ALA D 363 53.59 -1.42 -35.41
N LEU D 364 54.02 -2.47 -36.11
CA LEU D 364 55.44 -2.77 -36.25
C LEU D 364 55.81 -2.93 -37.72
N GLY D 365 56.57 -1.97 -38.24
CA GLY D 365 57.03 -2.03 -39.61
C GLY D 365 58.20 -2.98 -39.78
N TYR D 366 58.56 -3.20 -41.05
CA TYR D 366 59.48 -4.26 -41.44
C TYR D 366 60.77 -4.25 -40.62
N ARG D 367 61.53 -3.16 -40.72
CA ARG D 367 62.90 -3.15 -40.23
C ARG D 367 62.98 -3.47 -38.75
N LEU D 368 61.87 -3.34 -38.03
CA LEU D 368 61.86 -3.50 -36.59
C LEU D 368 60.85 -4.53 -36.11
N VAL D 369 60.57 -5.55 -36.93
CA VAL D 369 59.85 -6.71 -36.42
C VAL D 369 60.78 -7.69 -35.73
N HIS D 370 62.08 -7.44 -35.74
CA HIS D 370 62.99 -8.30 -35.02
C HIS D 370 62.98 -7.91 -33.55
N LEU D 371 61.78 -7.74 -32.99
CA LEU D 371 61.60 -7.30 -31.61
C LEU D 371 60.52 -8.07 -30.88
N VAL D 372 59.71 -8.88 -31.58
CA VAL D 372 58.67 -9.66 -30.96
C VAL D 372 58.73 -11.12 -31.36
N ASN D 373 59.65 -11.49 -32.24
CA ASN D 373 59.78 -12.82 -32.82
C ASN D 373 60.26 -13.88 -31.83
N LYS D 374 60.35 -13.60 -30.53
CA LYS D 374 60.55 -14.57 -29.46
C LYS D 374 61.93 -15.22 -29.47
N ASP D 375 62.78 -14.92 -30.45
CA ASP D 375 64.11 -15.49 -30.52
C ASP D 375 65.19 -14.45 -30.26
N GLN D 376 65.19 -13.36 -31.03
CA GLN D 376 66.29 -12.41 -30.99
C GLN D 376 66.18 -11.52 -29.75
N GLY D 377 66.10 -12.19 -28.59
CA GLY D 377 65.91 -11.51 -27.33
C GLY D 377 64.78 -10.51 -27.37
N ALA D 378 63.57 -10.97 -27.69
CA ALA D 378 62.40 -10.12 -27.87
C ALA D 378 62.24 -9.17 -26.69
N PRO D 379 62.55 -7.89 -26.87
CA PRO D 379 62.33 -6.95 -25.76
C PRO D 379 60.87 -6.64 -25.57
N LEU D 380 60.11 -6.48 -26.67
CA LEU D 380 58.71 -6.16 -26.53
C LEU D 380 57.87 -7.39 -26.22
N SER D 381 58.36 -8.18 -25.28
CA SER D 381 57.56 -9.08 -24.47
C SER D 381 58.01 -9.07 -23.03
N GLN D 382 59.17 -8.50 -22.75
CA GLN D 382 59.66 -8.26 -21.41
C GLN D 382 59.78 -6.78 -21.11
N ARG D 383 60.43 -6.02 -21.99
CA ARG D 383 60.53 -4.58 -21.74
C ARG D 383 59.15 -3.95 -21.69
N ILE D 384 58.27 -4.33 -22.61
CA ILE D 384 56.92 -3.79 -22.58
C ILE D 384 56.23 -4.20 -21.30
N ARG D 385 56.42 -5.45 -20.87
CA ARG D 385 55.91 -5.84 -19.57
C ARG D 385 56.67 -5.11 -18.47
N GLY D 386 57.92 -4.77 -18.71
CA GLY D 386 58.64 -3.96 -17.75
C GLY D 386 57.90 -2.68 -17.43
N VAL D 387 57.51 -1.95 -18.47
CA VAL D 387 56.77 -0.72 -18.26
C VAL D 387 55.39 -1.02 -17.69
N ARG D 388 54.69 -1.95 -18.29
CA ARG D 388 53.34 -2.29 -17.86
C ARG D 388 53.28 -2.81 -16.44
N ARG D 389 54.43 -3.11 -15.82
CA ARG D 389 54.45 -3.51 -14.43
C ARG D 389 54.98 -2.40 -13.53
N ASN D 390 56.11 -1.84 -13.88
CA ASN D 390 56.66 -0.76 -13.06
C ASN D 390 55.90 0.48 -13.19
N LEU D 391 54.81 0.46 -13.93
CA LEU D 391 53.83 1.53 -13.87
C LEU D 391 52.52 1.06 -13.28
N SER D 392 52.17 -0.20 -13.50
CA SER D 392 50.98 -0.72 -12.85
C SER D 392 51.14 -0.56 -11.36
N GLU D 393 52.11 -1.25 -10.78
CA GLU D 393 52.25 -1.21 -9.33
C GLU D 393 52.38 0.21 -8.80
N GLN D 394 52.63 1.17 -9.68
CA GLN D 394 52.75 2.55 -9.22
C GLN D 394 51.39 3.25 -9.21
N VAL D 395 50.59 3.07 -10.26
CA VAL D 395 49.29 3.74 -10.30
C VAL D 395 48.17 2.86 -9.80
N GLY D 396 48.47 1.68 -9.30
CA GLY D 396 47.53 0.92 -8.52
C GLY D 396 46.68 -0.04 -9.29
N PHE D 397 46.25 0.28 -10.50
CA PHE D 397 45.33 -0.57 -11.23
C PHE D 397 46.05 -1.15 -12.43
N LEU D 398 45.84 -2.43 -12.66
CA LEU D 398 46.59 -3.15 -13.69
C LEU D 398 46.31 -2.59 -15.06
N LEU D 399 47.32 -1.95 -15.64
CA LEU D 399 47.16 -1.39 -16.96
C LEU D 399 46.84 -2.48 -17.96
N PRO D 400 46.17 -2.15 -19.06
CA PRO D 400 45.76 -3.17 -20.01
C PRO D 400 46.96 -3.87 -20.65
N GLU D 401 46.65 -4.94 -21.36
CA GLU D 401 47.68 -5.71 -22.04
C GLU D 401 47.97 -5.10 -23.39
N VAL D 402 49.19 -4.60 -23.56
CA VAL D 402 49.56 -4.01 -24.84
C VAL D 402 49.65 -5.11 -25.88
N ARG D 403 48.84 -5.00 -26.91
CA ARG D 403 48.88 -5.92 -28.02
C ARG D 403 49.79 -5.35 -29.10
N ILE D 404 50.29 -6.24 -29.95
CA ILE D 404 51.27 -5.84 -30.95
C ILE D 404 50.90 -6.50 -32.27
N ARG D 405 50.78 -5.69 -33.31
CA ARG D 405 50.53 -6.18 -34.66
C ARG D 405 51.49 -5.50 -35.61
N ASP D 406 51.62 -6.07 -36.80
CA ASP D 406 52.57 -5.59 -37.80
C ASP D 406 51.82 -5.39 -39.12
N ASN D 407 51.34 -4.17 -39.33
CA ASN D 407 50.71 -3.82 -40.58
C ASN D 407 51.78 -3.39 -41.57
N LEU D 408 51.86 -4.08 -42.70
CA LEU D 408 52.81 -3.68 -43.73
C LEU D 408 52.50 -2.29 -44.27
N SER D 409 51.31 -1.76 -43.98
CA SER D 409 50.85 -0.51 -44.58
C SER D 409 51.80 0.65 -44.41
N LEU D 410 52.72 0.57 -43.48
CA LEU D 410 53.54 1.71 -43.10
C LEU D 410 55.01 1.46 -43.38
N LYS D 411 55.79 2.53 -43.27
CA LYS D 411 57.20 2.50 -43.65
C LYS D 411 57.93 1.40 -42.89
N PRO D 412 58.93 0.78 -43.48
CA PRO D 412 59.48 -0.46 -42.91
C PRO D 412 60.14 -0.27 -41.56
N ASN D 413 60.38 0.97 -41.13
CA ASN D 413 61.10 1.21 -39.88
C ASN D 413 60.37 2.20 -38.98
N GLN D 414 59.04 2.16 -38.97
CA GLN D 414 58.31 3.02 -38.05
C GLN D 414 57.29 2.19 -37.28
N TYR D 415 56.75 2.82 -36.25
CA TYR D 415 55.80 2.20 -35.34
C TYR D 415 54.75 3.22 -34.96
N THR D 416 53.54 2.74 -34.71
CA THR D 416 52.45 3.59 -34.25
C THR D 416 51.81 2.94 -33.04
N ILE D 417 51.51 3.75 -32.03
CA ILE D 417 50.81 3.29 -30.84
C ILE D 417 49.37 3.71 -30.96
N SER D 418 48.45 2.80 -30.66
CA SER D 418 47.04 3.02 -30.91
C SER D 418 46.25 2.88 -29.63
N LEU D 419 45.44 3.88 -29.31
CA LEU D 419 44.60 3.84 -28.12
C LEU D 419 43.15 3.66 -28.56
N ASN D 420 42.61 2.49 -28.28
CA ASN D 420 41.21 2.12 -28.43
C ASN D 420 40.75 1.91 -29.85
N GLY D 421 41.42 2.48 -30.85
CA GLY D 421 41.16 1.99 -32.18
C GLY D 421 42.19 2.32 -33.21
N GLU D 422 43.15 3.15 -32.86
CA GLU D 422 43.80 3.93 -33.89
C GLU D 422 44.92 4.75 -33.29
N VAL D 423 45.77 5.27 -34.18
CA VAL D 423 47.04 5.83 -33.75
C VAL D 423 46.82 7.03 -32.84
N ILE D 424 47.71 7.15 -31.86
CA ILE D 424 47.83 8.35 -31.06
C ILE D 424 49.17 9.03 -31.30
N GLU D 425 50.25 8.26 -31.30
CA GLU D 425 51.56 8.75 -31.63
C GLU D 425 52.24 7.72 -32.52
N GLN D 426 53.13 8.22 -33.36
CA GLN D 426 53.80 7.42 -34.37
C GLN D 426 55.25 7.87 -34.46
N GLY D 427 56.18 6.97 -34.18
CA GLY D 427 57.59 7.30 -34.15
C GLY D 427 58.33 6.67 -35.32
N PHE D 428 59.59 7.09 -35.45
CA PHE D 428 60.48 6.61 -36.49
C PHE D 428 61.76 6.10 -35.87
N ILE D 429 62.12 4.87 -36.19
CA ILE D 429 63.27 4.19 -35.61
C ILE D 429 64.37 4.08 -36.64
N GLU D 430 65.59 4.42 -36.25
CA GLU D 430 66.72 4.32 -37.14
C GLU D 430 67.03 2.83 -37.35
N PRO D 431 67.58 2.45 -38.53
CA PRO D 431 67.70 1.02 -38.84
C PRO D 431 68.42 0.21 -37.77
N GLU D 432 69.68 0.57 -37.47
CA GLU D 432 70.40 -0.11 -36.42
C GLU D 432 71.27 0.84 -35.59
N ARG D 433 71.06 2.15 -35.70
CA ARG D 433 71.83 3.12 -34.93
C ARG D 433 71.09 3.43 -33.64
N LEU D 434 71.67 3.05 -32.51
CA LEU D 434 71.05 3.29 -31.22
C LEU D 434 70.96 4.78 -30.97
N MET D 435 69.90 5.21 -30.29
CA MET D 435 69.71 6.62 -29.99
C MET D 435 70.27 6.94 -28.63
N ALA D 436 70.91 8.10 -28.52
CA ALA D 436 71.34 8.64 -27.24
C ALA D 436 70.76 10.04 -27.07
N ILE D 437 70.56 10.42 -25.82
CA ILE D 437 69.98 11.72 -25.49
C ILE D 437 70.98 12.49 -24.64
N ALA D 438 71.02 13.79 -24.84
CA ALA D 438 71.78 14.70 -23.99
C ALA D 438 70.77 15.48 -23.15
N VAL D 439 70.72 15.17 -21.85
CA VAL D 439 69.74 15.79 -20.96
C VAL D 439 69.86 17.30 -21.00
N GLY D 440 71.06 17.83 -21.17
CA GLY D 440 71.29 19.25 -21.10
C GLY D 440 72.55 19.56 -20.31
N ASP D 441 72.91 18.62 -19.43
CA ASP D 441 74.16 18.71 -18.67
C ASP D 441 75.31 17.99 -19.36
N THR D 442 75.02 17.06 -20.26
CA THR D 442 76.06 16.37 -21.00
C THR D 442 76.69 17.31 -22.02
N TYR D 443 78.00 17.15 -22.23
CA TYR D 443 78.74 17.94 -23.20
C TYR D 443 79.35 17.03 -24.25
N GLY D 444 79.65 17.64 -25.40
CA GLY D 444 80.21 16.90 -26.52
C GLY D 444 79.14 16.20 -27.34
N GLU D 445 79.45 16.01 -28.61
CA GLU D 445 78.57 15.32 -29.54
C GLU D 445 79.26 14.08 -30.08
N ILE D 446 78.47 13.15 -30.61
CA ILE D 446 79.00 11.95 -31.23
C ILE D 446 78.48 11.90 -32.66
N ASP D 447 79.14 11.08 -33.48
CA ASP D 447 78.82 11.02 -34.91
C ASP D 447 77.38 10.66 -35.19
N GLY D 448 76.60 10.34 -34.15
CA GLY D 448 75.25 9.83 -34.39
C GLY D 448 74.42 10.77 -35.23
N ILE D 449 73.65 10.18 -36.15
CA ILE D 449 72.72 10.96 -36.95
C ILE D 449 71.69 11.62 -36.06
N LEU D 450 71.48 12.92 -36.25
CA LEU D 450 70.50 13.64 -35.46
C LEU D 450 69.12 13.04 -35.64
N GLY D 451 68.31 13.19 -34.63
CA GLY D 451 66.92 12.77 -34.68
C GLY D 451 66.13 13.63 -33.73
N SER D 452 65.20 13.00 -33.03
CA SER D 452 64.49 13.65 -31.94
C SER D 452 64.18 12.61 -30.88
N ASP D 453 63.80 13.09 -29.71
CA ASP D 453 63.32 12.19 -28.68
C ASP D 453 61.81 12.04 -28.84
N PRO D 454 61.31 10.89 -29.26
CA PRO D 454 59.86 10.73 -29.37
C PRO D 454 59.13 10.85 -28.05
N ALA D 455 59.83 10.80 -26.93
CA ALA D 455 59.16 10.88 -25.64
C ALA D 455 58.88 12.32 -25.25
N TYR D 456 59.92 13.14 -25.06
CA TYR D 456 59.77 14.47 -24.51
C TYR D 456 60.22 15.57 -25.47
N GLN D 457 60.33 15.29 -26.76
CA GLN D 457 60.79 16.27 -27.74
C GLN D 457 62.16 16.84 -27.34
N LEU D 458 63.15 15.96 -27.25
CA LEU D 458 64.53 16.32 -27.00
C LEU D 458 65.39 15.99 -28.21
N PRO D 459 66.52 16.66 -28.38
CA PRO D 459 67.41 16.31 -29.49
C PRO D 459 68.05 14.95 -29.26
N ALA D 460 68.21 14.21 -30.35
CA ALA D 460 68.68 12.84 -30.25
C ALA D 460 69.64 12.53 -31.37
N VAL D 461 70.65 11.74 -31.06
CA VAL D 461 71.63 11.26 -32.04
C VAL D 461 71.55 9.75 -32.07
N TRP D 462 71.57 9.18 -33.27
CA TRP D 462 71.43 7.74 -33.44
C TRP D 462 72.79 7.18 -33.81
N ILE D 463 73.37 6.42 -32.88
CA ILE D 463 74.75 5.99 -32.92
C ILE D 463 74.79 4.47 -33.11
N GLU D 464 75.89 3.97 -33.64
CA GLU D 464 76.00 2.54 -33.83
C GLU D 464 76.11 1.84 -32.47
N HIS D 465 76.18 0.51 -32.51
CA HIS D 465 76.19 -0.25 -31.27
C HIS D 465 77.54 -0.18 -30.56
N GLN D 466 78.60 0.24 -31.26
CA GLN D 466 79.92 0.25 -30.67
C GLN D 466 80.18 1.53 -29.88
N ASP D 467 79.64 2.66 -30.36
CA ASP D 467 79.92 3.99 -29.79
C ASP D 467 79.30 4.20 -28.43
N LYS D 468 78.72 3.16 -27.82
CA LYS D 468 78.18 3.29 -26.48
C LYS D 468 79.20 3.92 -25.53
N ALA D 469 80.43 3.42 -25.57
CA ALA D 469 81.49 3.94 -24.71
C ALA D 469 81.61 5.45 -24.85
N LYS D 470 81.74 5.92 -26.09
CA LYS D 470 81.84 7.36 -26.31
C LYS D 470 80.61 8.08 -25.78
N ALA D 471 79.43 7.50 -25.93
CA ALA D 471 78.24 8.05 -25.31
C ALA D 471 78.31 7.90 -23.79
N LEU D 472 78.58 6.68 -23.32
CA LEU D 472 78.65 6.41 -21.88
C LEU D 472 79.79 7.16 -21.20
N ASN D 473 80.86 7.46 -21.93
CA ASN D 473 81.98 8.20 -21.35
C ASN D 473 81.90 9.69 -21.62
N MET D 474 81.01 10.13 -22.50
CA MET D 474 80.73 11.55 -22.64
C MET D 474 79.59 12.01 -21.76
N GLY D 475 78.79 11.07 -21.25
CA GLY D 475 77.69 11.40 -20.36
C GLY D 475 76.32 11.26 -20.98
N TYR D 476 76.22 10.62 -22.14
CA TYR D 476 74.97 10.56 -22.87
C TYR D 476 73.97 9.62 -22.21
N GLN D 477 72.75 9.68 -22.70
CA GLN D 477 71.67 8.79 -22.30
C GLN D 477 71.31 7.95 -23.52
N VAL D 478 72.02 6.86 -23.70
CA VAL D 478 71.80 5.97 -24.83
C VAL D 478 70.74 4.94 -24.46
N VAL D 479 70.01 4.48 -25.45
CA VAL D 479 68.95 3.49 -25.24
C VAL D 479 68.85 2.58 -26.46
N ASP D 480 68.56 1.31 -26.20
CA ASP D 480 68.33 0.33 -27.25
C ASP D 480 67.10 0.72 -28.08
N ASP D 481 66.89 0.09 -29.22
CA ASP D 481 65.69 0.35 -30.01
C ASP D 481 64.44 0.15 -29.18
N GLY D 482 64.29 -1.04 -28.60
CA GLY D 482 63.05 -1.38 -27.93
C GLY D 482 62.67 -0.41 -26.83
N THR D 483 63.67 0.11 -26.11
CA THR D 483 63.37 1.05 -25.04
C THR D 483 62.81 2.35 -25.60
N VAL D 484 63.28 2.79 -26.78
CA VAL D 484 62.72 3.99 -27.38
C VAL D 484 61.23 3.83 -27.58
N ILE D 485 60.79 2.63 -27.92
CA ILE D 485 59.36 2.36 -27.94
C ILE D 485 58.81 2.32 -26.51
N ALA D 486 59.33 1.41 -25.69
CA ALA D 486 58.75 1.19 -24.37
C ALA D 486 58.61 2.49 -23.60
N THR D 487 59.58 3.39 -23.72
CA THR D 487 59.39 4.67 -23.05
C THR D 487 58.24 5.45 -23.68
N HIS D 488 58.01 5.29 -24.99
CA HIS D 488 56.92 6.00 -25.61
C HIS D 488 55.58 5.45 -25.14
N ILE D 489 55.46 4.13 -25.08
CA ILE D 489 54.26 3.51 -24.53
C ILE D 489 54.04 3.95 -23.11
N SER D 490 55.11 4.05 -22.32
CA SER D 490 54.96 4.50 -20.95
C SER D 490 54.39 5.90 -20.90
N LYS D 491 54.89 6.80 -21.75
CA LYS D 491 54.36 8.16 -21.73
C LYS D 491 52.90 8.17 -22.15
N ILE D 492 52.54 7.36 -23.14
CA ILE D 492 51.16 7.36 -23.61
C ILE D 492 50.22 6.84 -22.53
N MET D 493 50.61 5.76 -21.86
CA MET D 493 49.80 5.29 -20.75
C MET D 493 49.68 6.38 -19.69
N LYS D 494 50.80 6.94 -19.26
CA LYS D 494 50.75 7.89 -18.17
C LYS D 494 49.94 9.11 -18.53
N THR D 495 49.77 9.39 -19.82
CA THR D 495 48.93 10.52 -20.17
C THR D 495 47.46 10.14 -20.27
N ASN D 496 47.16 9.05 -20.97
CA ASN D 496 45.78 8.64 -21.21
C ASN D 496 45.25 7.72 -20.14
N LEU D 497 45.83 7.75 -18.95
CA LEU D 497 45.38 6.90 -17.85
C LEU D 497 43.87 6.79 -17.74
N ALA D 498 43.15 7.87 -17.96
CA ALA D 498 41.70 7.82 -17.83
C ALA D 498 41.12 6.73 -18.72
N GLU D 499 41.24 6.90 -20.03
CA GLU D 499 40.59 5.98 -20.94
C GLU D 499 41.09 4.55 -20.81
N LEU D 500 42.15 4.33 -20.04
CA LEU D 500 42.63 2.98 -19.80
C LEU D 500 41.93 2.33 -18.62
N PHE D 501 41.09 3.06 -17.91
CA PHE D 501 40.35 2.55 -16.78
C PHE D 501 38.92 2.23 -17.23
N THR D 502 38.62 0.95 -17.35
CA THR D 502 37.36 0.53 -17.92
C THR D 502 36.28 0.45 -16.86
N HIS D 503 35.03 0.31 -17.29
CA HIS D 503 33.93 0.07 -16.38
C HIS D 503 33.94 -1.32 -15.83
N ASP D 504 35.01 -2.06 -16.06
CA ASP D 504 35.14 -3.39 -15.50
C ASP D 504 36.16 -3.47 -14.39
N ASP D 505 37.13 -2.55 -14.35
CA ASP D 505 38.07 -2.56 -13.24
C ASP D 505 37.39 -2.17 -11.93
N VAL D 506 36.38 -1.33 -12.00
CA VAL D 506 35.62 -0.93 -10.82
C VAL D 506 35.11 -2.16 -10.09
N GLU D 507 35.00 -3.27 -10.81
CA GLU D 507 34.79 -4.53 -10.13
C GLU D 507 36.08 -5.03 -9.49
N ALA D 508 37.17 -4.97 -10.24
CA ALA D 508 38.42 -5.49 -9.71
C ALA D 508 38.95 -4.61 -8.58
N MET D 509 38.72 -3.30 -8.64
CA MET D 509 39.16 -2.48 -7.52
C MET D 509 38.45 -2.87 -6.25
N THR D 510 37.15 -3.10 -6.33
CA THR D 510 36.44 -3.53 -5.12
C THR D 510 36.89 -4.91 -4.69
N GLN D 511 37.33 -5.76 -5.62
CA GLN D 511 37.88 -7.04 -5.18
C GLN D 511 39.19 -6.83 -4.41
N ARG D 512 40.10 -6.06 -4.99
CA ARG D 512 41.37 -5.80 -4.34
C ARG D 512 41.21 -5.02 -3.05
N LEU D 513 40.11 -4.29 -2.91
CA LEU D 513 39.84 -3.57 -1.68
C LEU D 513 39.14 -4.43 -0.64
N THR D 514 38.30 -5.38 -1.07
CA THR D 514 37.80 -6.36 -0.12
C THR D 514 38.91 -7.24 0.41
N GLN D 515 39.98 -7.40 -0.34
CA GLN D 515 41.09 -8.17 0.22
C GLN D 515 41.66 -7.50 1.46
N GLN D 516 41.62 -6.17 1.51
CA GLN D 516 42.19 -5.45 2.65
C GLN D 516 41.15 -5.15 3.72
N ALA D 517 40.09 -4.43 3.36
CA ALA D 517 39.08 -3.95 4.30
C ALA D 517 37.73 -4.54 3.93
N PRO D 518 37.59 -5.85 4.05
CA PRO D 518 36.43 -6.52 3.42
C PRO D 518 35.11 -5.97 3.84
N LYS D 519 35.04 -5.24 4.93
CA LYS D 519 33.78 -4.67 5.37
C LYS D 519 33.55 -3.29 4.79
N LEU D 520 34.54 -2.71 4.12
CA LEU D 520 34.34 -1.36 3.60
C LEU D 520 33.59 -1.41 2.28
N ALA D 521 34.06 -2.20 1.33
CA ALA D 521 33.39 -2.30 0.05
C ALA D 521 31.94 -2.71 0.22
N GLU D 522 31.70 -3.77 1.00
CA GLU D 522 30.36 -4.20 1.31
C GLU D 522 29.50 -3.06 1.84
N ALA D 523 30.13 -2.00 2.32
CA ALA D 523 29.42 -0.79 2.68
C ALA D 523 29.65 0.35 1.71
N LEU D 524 30.59 0.21 0.78
CA LEU D 524 30.77 1.24 -0.23
C LEU D 524 29.93 0.96 -1.46
N ALA D 525 30.02 -0.26 -1.99
CA ALA D 525 29.27 -0.61 -3.18
C ALA D 525 27.78 -0.36 -3.00
N ALA D 526 27.30 -0.48 -1.77
CA ALA D 526 25.91 -0.14 -1.50
C ALA D 526 25.69 1.35 -1.35
N ALA D 527 26.74 2.17 -1.43
CA ALA D 527 26.61 3.61 -1.34
C ALA D 527 26.80 4.33 -2.67
N LEU D 528 27.64 3.80 -3.54
CA LEU D 528 27.80 4.35 -4.89
C LEU D 528 27.79 3.21 -5.90
N ASN D 529 26.81 3.24 -6.80
CA ASN D 529 26.74 2.23 -7.84
C ASN D 529 27.95 2.37 -8.77
N PRO D 530 28.46 1.25 -9.28
CA PRO D 530 29.73 1.27 -10.01
C PRO D 530 29.78 2.29 -11.13
N ALA D 531 28.63 2.68 -11.68
CA ALA D 531 28.63 3.77 -12.63
C ALA D 531 29.09 5.06 -11.97
N GLN D 532 28.72 5.26 -10.71
CA GLN D 532 29.13 6.47 -10.01
C GLN D 532 30.57 6.37 -9.57
N GLN D 533 31.00 5.19 -9.14
CA GLN D 533 32.38 5.03 -8.71
C GLN D 533 33.33 5.37 -9.85
N LEU D 534 33.09 4.80 -11.03
CA LEU D 534 34.04 4.95 -12.11
C LEU D 534 34.30 6.41 -12.44
N LYS D 535 33.25 7.22 -12.51
CA LYS D 535 33.48 8.63 -12.79
C LYS D 535 34.46 9.23 -11.79
N VAL D 536 34.42 8.78 -10.54
CA VAL D 536 35.33 9.32 -9.55
C VAL D 536 36.76 8.88 -9.83
N TYR D 537 36.96 7.59 -10.12
CA TYR D 537 38.30 7.15 -10.45
C TYR D 537 38.78 7.82 -11.72
N ARG D 538 37.87 8.10 -12.64
CA ARG D 538 38.27 8.83 -13.83
C ARG D 538 38.78 10.21 -13.46
N GLN D 539 38.06 10.91 -12.59
CA GLN D 539 38.49 12.25 -12.24
C GLN D 539 39.79 12.23 -11.45
N LEU D 540 40.02 11.16 -10.69
CA LEU D 540 41.27 11.04 -9.99
C LEU D 540 42.43 10.73 -10.93
N LEU D 541 42.19 9.92 -11.94
CA LEU D 541 43.28 9.54 -12.83
C LEU D 541 43.54 10.58 -13.89
N LEU D 542 42.57 11.44 -14.18
CA LEU D 542 42.81 12.50 -15.16
C LEU D 542 44.02 13.33 -14.76
N ASP D 543 43.97 13.95 -13.59
CA ASP D 543 45.12 14.65 -13.05
C ASP D 543 46.18 13.71 -12.51
N GLN D 544 46.09 12.42 -12.83
CA GLN D 544 47.21 11.50 -12.64
C GLN D 544 47.57 11.34 -11.17
N VAL D 545 46.59 10.96 -10.36
CA VAL D 545 46.77 10.72 -8.94
C VAL D 545 46.80 9.21 -8.72
N PRO D 546 47.78 8.65 -8.04
CA PRO D 546 47.86 7.21 -7.93
C PRO D 546 46.74 6.67 -7.06
N LEU D 547 46.17 5.55 -7.48
CA LEU D 547 45.15 4.84 -6.73
C LEU D 547 45.70 3.64 -6.00
N LYS D 548 46.93 3.71 -5.49
CA LYS D 548 47.49 2.54 -4.85
C LYS D 548 46.78 2.24 -3.54
N ASP D 549 46.66 3.24 -2.67
CA ASP D 549 46.07 3.06 -1.35
C ASP D 549 44.56 3.19 -1.47
N ILE D 550 43.93 2.11 -1.93
CA ILE D 550 42.53 2.23 -2.24
C ILE D 550 41.70 2.37 -0.98
N ARG D 551 42.16 1.79 0.14
CA ARG D 551 41.37 1.87 1.36
C ARG D 551 41.13 3.31 1.76
N THR D 552 42.20 4.09 1.91
CA THR D 552 42.00 5.49 2.25
C THR D 552 41.35 6.29 1.15
N ILE D 553 40.92 5.66 0.06
CA ILE D 553 40.15 6.34 -0.95
C ILE D 553 38.69 5.95 -0.87
N ALA D 554 38.41 4.66 -0.76
CA ALA D 554 37.03 4.25 -0.54
C ALA D 554 36.51 4.82 0.76
N ASN D 555 37.34 4.86 1.79
CA ASN D 555 36.95 5.50 3.03
C ASN D 555 36.47 6.91 2.78
N THR D 556 37.19 7.67 1.96
CA THR D 556 36.80 9.05 1.75
C THR D 556 35.57 9.15 0.86
N MET D 557 35.44 8.30 -0.14
CA MET D 557 34.23 8.31 -0.94
C MET D 557 33.03 7.89 -0.10
N LEU D 558 33.18 6.84 0.70
CA LEU D 558 32.09 6.43 1.57
C LEU D 558 31.69 7.55 2.51
N GLU D 559 32.67 8.25 3.09
CA GLU D 559 32.35 9.40 3.91
C GLU D 559 31.58 10.44 3.12
N SER D 560 32.21 11.01 2.12
CA SER D 560 31.67 12.17 1.44
C SER D 560 30.49 11.84 0.53
N SER D 561 30.08 10.58 0.46
CA SER D 561 28.97 10.23 -0.40
C SER D 561 27.63 10.75 0.11
N GLU D 562 27.54 11.11 1.38
CA GLU D 562 26.26 11.55 1.91
C GLU D 562 25.82 12.85 1.27
N ASN D 563 26.72 13.83 1.20
CA ASN D 563 26.34 15.15 0.73
C ASN D 563 26.05 15.14 -0.77
N THR D 564 27.05 14.84 -1.57
CA THR D 564 26.96 14.97 -3.01
C THR D 564 27.41 13.69 -3.68
N LYS D 565 26.68 13.28 -4.71
CA LYS D 565 27.10 12.19 -5.56
C LYS D 565 27.76 12.69 -6.83
N ASP D 566 28.02 13.98 -6.93
CA ASP D 566 28.68 14.50 -8.10
C ASP D 566 30.12 14.03 -8.12
N PRO D 567 30.63 13.57 -9.23
CA PRO D 567 31.94 12.93 -9.23
C PRO D 567 33.07 13.93 -9.37
N ILE D 568 32.81 15.21 -9.17
CA ILE D 568 33.89 16.18 -9.20
C ILE D 568 34.01 16.82 -7.82
N LEU D 569 32.89 16.89 -7.11
CA LEU D 569 32.97 17.24 -5.71
C LEU D 569 33.57 16.09 -4.92
N LEU D 570 33.37 14.86 -5.38
CA LEU D 570 33.99 13.72 -4.72
C LEU D 570 35.47 13.64 -5.01
N ALA D 571 35.86 13.88 -6.25
CA ALA D 571 37.27 13.83 -6.58
C ALA D 571 38.07 14.91 -5.86
N ALA D 572 37.40 15.97 -5.40
CA ALA D 572 38.13 16.96 -4.62
C ALA D 572 38.43 16.44 -3.23
N ASP D 573 37.47 15.74 -2.60
CA ASP D 573 37.69 15.27 -1.24
C ASP D 573 38.74 14.18 -1.19
N VAL D 574 38.71 13.26 -2.15
CA VAL D 574 39.74 12.25 -2.17
C VAL D 574 41.11 12.88 -2.32
N ARG D 575 41.20 13.97 -3.07
CA ARG D 575 42.50 14.59 -3.23
C ARG D 575 42.90 15.35 -1.96
N CYS D 576 41.93 15.95 -1.27
CA CYS D 576 42.26 16.54 0.01
C CYS D 576 42.70 15.49 1.01
N ALA D 577 42.22 14.26 0.86
CA ALA D 577 42.65 13.20 1.76
C ALA D 577 44.00 12.63 1.36
N LEU D 578 44.37 12.74 0.09
CA LEU D 578 45.66 12.24 -0.37
C LEU D 578 46.71 13.32 -0.50
N LYS D 579 46.42 14.54 -0.03
CA LYS D 579 47.34 15.67 -0.10
C LYS D 579 48.80 15.26 0.13
N ARG D 580 49.02 14.35 1.06
CA ARG D 580 50.37 13.86 1.33
C ARG D 580 51.00 13.32 0.06
N THR D 581 50.44 12.25 -0.48
CA THR D 581 51.06 11.62 -1.65
C THR D 581 50.99 12.51 -2.87
N LEU D 582 49.94 13.32 -3.00
CA LEU D 582 49.89 14.31 -4.07
C LEU D 582 51.15 15.13 -4.12
N VAL D 583 51.41 15.88 -3.05
CA VAL D 583 52.56 16.77 -3.08
C VAL D 583 53.85 15.96 -3.13
N ASN D 584 53.89 14.82 -2.46
CA ASN D 584 55.09 14.00 -2.50
C ASN D 584 55.44 13.60 -3.92
N LEU D 585 54.43 13.45 -4.78
CA LEU D 585 54.69 13.06 -6.16
C LEU D 585 54.92 14.25 -7.07
N ILE D 586 54.29 15.38 -6.79
CA ILE D 586 54.52 16.57 -7.62
C ILE D 586 55.89 17.17 -7.33
N ALA D 587 56.11 17.57 -6.09
CA ALA D 587 57.39 18.12 -5.68
C ALA D 587 58.13 17.09 -4.85
N GLY D 588 59.32 17.46 -4.41
CA GLY D 588 60.12 16.58 -3.59
C GLY D 588 59.77 16.68 -2.13
N GLN D 589 60.53 15.93 -1.33
CA GLN D 589 60.30 15.93 0.12
C GLN D 589 60.80 17.21 0.78
N LYS D 590 61.40 18.11 0.02
CA LYS D 590 61.84 19.39 0.55
C LYS D 590 60.64 20.18 1.07
N PRO D 591 60.62 20.52 2.35
CA PRO D 591 59.43 21.17 2.91
C PRO D 591 59.12 22.52 2.28
N GLU D 592 60.13 23.34 2.02
CA GLU D 592 59.89 24.58 1.30
C GLU D 592 59.37 24.25 -0.09
N LEU D 593 58.47 25.08 -0.60
CA LEU D 593 57.82 24.81 -1.88
C LEU D 593 57.62 26.11 -2.64
N ASN D 594 57.85 26.06 -3.96
CA ASN D 594 57.70 27.21 -4.83
C ASN D 594 56.64 26.91 -5.87
N VAL D 595 55.70 27.83 -6.06
CA VAL D 595 54.54 27.64 -6.91
C VAL D 595 54.07 29.01 -7.38
N TYR D 596 53.23 29.03 -8.41
CA TYR D 596 52.57 30.26 -8.83
C TYR D 596 51.33 30.53 -8.00
N ALA D 597 50.52 31.45 -8.50
CA ALA D 597 49.23 31.77 -7.90
C ALA D 597 48.46 32.60 -8.90
N LEU D 598 47.14 32.48 -8.86
CA LEU D 598 46.31 33.30 -9.72
C LEU D 598 46.42 34.76 -9.32
N SER D 599 46.39 35.63 -10.32
CA SER D 599 46.35 37.06 -10.08
C SER D 599 44.98 37.43 -9.55
N ASP D 600 44.95 38.00 -8.35
CA ASP D 600 43.73 38.35 -7.64
C ASP D 600 42.68 38.93 -8.57
N GLU D 601 43.10 39.77 -9.50
CA GLU D 601 42.19 40.26 -10.53
C GLU D 601 41.63 39.10 -11.36
N LEU D 602 42.49 38.36 -12.05
CA LEU D 602 41.99 37.28 -12.91
C LEU D 602 41.25 36.24 -12.10
N GLU D 603 41.79 35.88 -10.93
CA GLU D 603 41.13 34.91 -10.07
C GLU D 603 39.70 35.35 -9.77
N GLN D 604 39.54 36.61 -9.38
CA GLN D 604 38.20 37.13 -9.15
C GLN D 604 37.38 37.09 -10.44
N MET D 605 38.00 37.44 -11.57
CA MET D 605 37.27 37.49 -12.83
C MET D 605 36.64 36.16 -13.17
N LEU D 606 37.27 35.05 -12.78
CA LEU D 606 36.69 33.74 -13.05
C LEU D 606 35.53 33.46 -12.12
N LEU D 607 35.74 33.65 -10.81
CA LEU D 607 34.69 33.36 -9.84
C LEU D 607 33.40 34.04 -10.21
N THR D 608 33.50 35.25 -10.76
CA THR D 608 32.33 35.91 -11.32
C THR D 608 31.62 34.98 -12.30
N SER D 609 32.40 34.36 -13.20
CA SER D 609 31.82 33.52 -14.23
C SER D 609 31.13 32.30 -13.62
N LEU D 610 31.79 31.66 -12.66
CA LEU D 610 31.19 30.52 -12.00
C LEU D 610 29.88 30.90 -11.33
N GLN D 611 29.88 32.01 -10.59
CA GLN D 611 28.66 32.43 -9.91
C GLN D 611 27.56 32.72 -10.90
N GLN D 612 27.90 33.31 -12.04
CA GLN D 612 26.89 33.58 -13.06
C GLN D 612 26.30 32.27 -13.57
N ALA D 613 27.16 31.34 -13.95
CA ALA D 613 26.67 30.06 -14.46
C ALA D 613 25.89 29.29 -13.40
N GLN D 614 26.12 29.59 -12.12
CA GLN D 614 25.34 28.96 -11.07
C GLN D 614 23.85 29.22 -11.21
N ALA D 615 23.45 30.18 -12.05
CA ALA D 615 22.04 30.38 -12.35
C ALA D 615 21.41 29.10 -12.88
N SER D 616 22.04 28.50 -13.89
CA SER D 616 21.62 27.18 -14.34
C SER D 616 22.00 26.12 -13.30
N GLY D 617 21.49 24.92 -13.50
CA GLY D 617 21.71 23.85 -12.55
C GLY D 617 23.12 23.31 -12.58
N THR D 618 24.10 24.19 -12.41
CA THR D 618 25.52 23.85 -12.58
C THR D 618 25.72 23.09 -13.89
N VAL D 619 25.40 23.78 -14.99
CA VAL D 619 25.36 23.16 -16.31
C VAL D 619 26.67 22.43 -16.59
N VAL D 620 27.78 22.98 -16.13
CA VAL D 620 29.05 22.27 -16.14
C VAL D 620 29.29 21.79 -14.72
N LEU D 621 29.98 20.67 -14.60
CA LEU D 621 30.37 20.21 -13.29
C LEU D 621 31.29 21.26 -12.65
N ASP D 622 32.50 21.34 -13.12
CA ASP D 622 33.30 22.54 -12.96
C ASP D 622 34.28 22.72 -14.10
N SER D 623 34.26 21.86 -15.13
CA SER D 623 35.30 21.89 -16.14
C SER D 623 35.35 23.23 -16.85
N PHE D 624 34.21 23.71 -17.35
CA PHE D 624 34.14 25.10 -17.79
C PHE D 624 32.71 25.61 -17.71
N PRO D 625 32.43 26.56 -16.86
CA PRO D 625 31.13 27.22 -16.90
C PRO D 625 31.06 28.33 -17.94
N ILE D 626 32.14 29.07 -18.13
CA ILE D 626 32.12 30.28 -18.95
C ILE D 626 33.48 30.51 -19.60
N GLU D 627 33.45 30.85 -20.88
CA GLU D 627 34.61 31.24 -21.68
C GLU D 627 34.54 32.74 -21.97
N PRO D 628 35.02 33.59 -21.07
CA PRO D 628 34.96 35.04 -21.35
C PRO D 628 36.14 35.52 -22.18
N ASN D 629 36.47 34.76 -23.22
CA ASN D 629 37.53 35.10 -24.18
C ASN D 629 38.90 35.20 -23.52
N ILE D 630 38.98 34.98 -22.20
CA ILE D 630 40.28 34.84 -21.56
C ILE D 630 40.87 33.46 -21.82
N LEU D 631 40.13 32.60 -22.52
CA LEU D 631 40.65 31.30 -22.89
C LEU D 631 41.89 31.43 -23.76
N GLY D 632 41.93 32.45 -24.62
CA GLY D 632 43.15 32.70 -25.37
C GLY D 632 44.29 33.11 -24.46
N GLN D 633 43.99 33.96 -23.47
CA GLN D 633 45.01 34.35 -22.49
C GLN D 633 45.57 33.12 -21.79
N PHE D 634 44.70 32.17 -21.46
CA PHE D 634 45.16 30.95 -20.82
C PHE D 634 46.02 30.12 -21.77
N GLN D 635 45.47 29.78 -22.94
CA GLN D 635 46.20 29.02 -23.94
C GLN D 635 47.51 29.68 -24.30
N GLN D 636 47.68 30.95 -23.98
CA GLN D 636 48.95 31.65 -24.17
C GLN D 636 49.86 31.51 -22.97
N ASN D 637 49.35 31.76 -21.76
CA ASN D 637 50.20 31.84 -20.58
C ASN D 637 50.64 30.45 -20.12
N LEU D 638 49.70 29.52 -20.02
CA LEU D 638 50.01 28.18 -19.51
C LEU D 638 51.23 27.55 -20.18
N PRO D 639 51.44 27.67 -21.48
CA PRO D 639 52.75 27.25 -22.01
C PRO D 639 53.90 28.02 -21.39
N LEU D 640 53.83 29.36 -21.37
CA LEU D 640 54.86 30.14 -20.69
C LEU D 640 54.94 29.77 -19.22
N ILE D 641 53.79 29.58 -18.58
CA ILE D 641 53.76 29.20 -17.17
C ILE D 641 54.57 27.93 -16.94
N ARG D 642 54.46 26.96 -17.84
CA ARG D 642 55.32 25.80 -17.75
C ARG D 642 56.77 26.19 -18.00
N GLN D 643 57.01 27.01 -19.01
CA GLN D 643 58.38 27.28 -19.44
C GLN D 643 59.08 28.25 -18.51
N GLN D 644 58.36 29.26 -17.99
CA GLN D 644 59.00 30.18 -17.06
C GLN D 644 59.63 29.43 -15.91
N LEU D 645 58.88 28.53 -15.28
CA LEU D 645 59.42 27.69 -14.22
C LEU D 645 60.36 26.63 -14.75
N LYS D 646 60.43 26.45 -16.07
CA LYS D 646 61.46 25.63 -16.68
C LYS D 646 62.68 26.44 -17.07
N GLN D 647 62.69 27.73 -16.77
CA GLN D 647 63.91 28.52 -16.79
C GLN D 647 64.68 28.42 -15.49
N GLN D 648 64.17 27.67 -14.51
CA GLN D 648 64.81 27.53 -13.22
C GLN D 648 64.98 26.09 -12.77
N GLY D 649 64.40 25.14 -13.49
CA GLY D 649 64.62 23.72 -13.27
C GLY D 649 63.67 23.09 -12.26
N LEU D 650 63.01 23.87 -11.45
CA LEU D 650 62.13 23.29 -10.45
C LEU D 650 60.82 22.84 -11.09
N PRO D 651 60.21 21.77 -10.58
CA PRO D 651 59.02 21.22 -11.21
C PRO D 651 57.87 22.23 -11.22
N PRO D 652 56.98 22.15 -12.20
CA PRO D 652 55.92 23.15 -12.31
C PRO D 652 54.75 22.81 -11.40
N ILE D 653 54.22 23.84 -10.71
CA ILE D 653 53.04 23.70 -9.88
C ILE D 653 52.22 24.97 -10.07
N LEU D 654 50.95 24.91 -9.67
CA LEU D 654 50.08 26.07 -9.77
C LEU D 654 49.05 25.99 -8.67
N LEU D 655 48.86 27.09 -7.95
CA LEU D 655 47.86 27.15 -6.90
C LEU D 655 46.64 27.90 -7.39
N VAL D 656 45.48 27.51 -6.86
CA VAL D 656 44.19 28.09 -7.25
C VAL D 656 43.27 28.09 -6.04
N MET D 657 42.10 28.68 -6.22
CA MET D 657 41.01 28.46 -5.30
C MET D 657 40.48 27.03 -5.48
N PRO D 658 39.99 26.42 -4.41
CA PRO D 658 39.37 25.09 -4.59
C PRO D 658 38.20 25.12 -5.53
N GLN D 659 37.47 26.23 -5.61
CA GLN D 659 36.31 26.30 -6.48
C GLN D 659 36.72 26.37 -7.95
N LEU D 660 37.96 26.73 -8.23
CA LEU D 660 38.43 26.74 -9.60
C LEU D 660 39.35 25.58 -9.91
N ARG D 661 39.79 24.86 -8.88
CA ARG D 661 40.64 23.68 -9.03
C ARG D 661 40.16 22.77 -10.16
N PRO D 662 38.93 22.29 -10.15
CA PRO D 662 38.56 21.29 -11.16
C PRO D 662 38.54 21.85 -12.55
N LEU D 663 38.28 23.16 -12.69
CA LEU D 663 38.30 23.79 -14.00
C LEU D 663 39.70 23.73 -14.60
N LEU D 664 40.64 24.39 -13.95
CA LEU D 664 41.97 24.55 -14.52
C LEU D 664 42.67 23.23 -14.75
N ALA D 665 42.20 22.15 -14.14
CA ALA D 665 42.79 20.85 -14.43
C ALA D 665 42.55 20.46 -15.88
N ARG D 666 41.44 20.90 -16.47
CA ARG D 666 41.18 20.56 -17.85
C ARG D 666 42.13 21.27 -18.79
N TYR D 667 42.43 22.53 -18.51
CA TYR D 667 43.35 23.26 -19.36
C TYR D 667 44.74 22.65 -19.28
N ALA D 668 45.26 22.48 -18.07
CA ALA D 668 46.57 21.87 -17.92
C ALA D 668 46.61 20.45 -18.45
N ARG D 669 45.45 19.85 -18.69
CA ARG D 669 45.43 18.50 -19.25
C ARG D 669 45.50 18.53 -20.77
N THR D 670 45.21 19.65 -21.39
CA THR D 670 45.20 19.78 -22.84
C THR D 670 46.34 20.66 -23.36
N PHE D 671 46.47 21.87 -22.82
CA PHE D 671 47.41 22.84 -23.38
C PHE D 671 48.84 22.46 -23.08
N THR D 672 49.16 22.29 -21.81
CA THR D 672 50.52 21.97 -21.39
C THR D 672 50.61 20.47 -21.15
N GLN D 673 51.56 19.81 -21.82
CA GLN D 673 51.74 18.38 -21.61
C GLN D 673 52.21 18.09 -20.19
N GLY D 674 52.76 19.09 -19.51
CA GLY D 674 53.17 18.92 -18.13
C GLY D 674 52.80 20.09 -17.25
N LEU D 675 52.05 19.83 -16.19
CA LEU D 675 51.69 20.88 -15.24
C LEU D 675 51.10 20.20 -14.01
N ALA D 676 50.74 21.02 -13.02
CA ALA D 676 50.14 20.54 -11.78
C ALA D 676 49.33 21.66 -11.17
N VAL D 677 48.02 21.47 -11.11
CA VAL D 677 47.11 22.46 -10.55
C VAL D 677 46.67 21.93 -9.20
N LEU D 678 47.15 22.53 -8.13
CA LEU D 678 46.83 22.13 -6.78
C LEU D 678 45.99 23.21 -6.12
N SER D 679 45.06 22.81 -5.28
CA SER D 679 44.29 23.78 -4.53
C SER D 679 45.09 24.25 -3.32
N TYR D 680 44.45 25.05 -2.48
CA TYR D 680 45.10 25.44 -1.23
C TYR D 680 44.95 24.35 -0.18
N ASN D 681 43.73 23.85 0.00
CA ASN D 681 43.49 22.80 0.98
C ASN D 681 44.05 21.46 0.55
N GLU D 682 44.52 21.34 -0.68
CA GLU D 682 45.16 20.12 -1.14
C GLU D 682 46.63 20.07 -0.82
N ILE D 683 47.16 21.10 -0.18
CA ILE D 683 48.58 21.15 0.18
C ILE D 683 48.67 21.07 1.69
N PRO D 684 49.61 20.33 2.26
CA PRO D 684 49.66 20.19 3.71
C PRO D 684 49.98 21.52 4.37
N GLU D 685 49.68 21.61 5.66
CA GLU D 685 50.18 22.71 6.47
C GLU D 685 51.61 22.47 6.92
N ASN D 686 52.18 21.31 6.56
CA ASN D 686 53.59 21.06 6.85
C ASN D 686 54.48 21.82 5.88
N LYS D 687 54.36 21.53 4.59
CA LYS D 687 55.24 22.11 3.60
C LYS D 687 54.92 23.60 3.44
N GLN D 688 55.82 24.46 3.89
CA GLN D 688 55.65 25.88 3.67
C GLN D 688 55.88 26.20 2.19
N ILE D 689 54.97 26.97 1.63
CA ILE D 689 54.99 27.27 0.21
C ILE D 689 55.65 28.62 -0.01
N ASN D 690 56.03 28.87 -1.26
CA ASN D 690 56.58 30.16 -1.65
C ASN D 690 55.99 30.53 -3.00
N VAL D 691 55.06 31.47 -3.00
CA VAL D 691 54.49 31.97 -4.25
C VAL D 691 55.61 32.59 -5.08
N VAL D 692 55.47 32.48 -6.40
CA VAL D 692 56.40 33.12 -7.31
C VAL D 692 55.83 34.43 -7.83
N GLY D 693 54.56 34.42 -8.21
CA GLY D 693 53.94 35.63 -8.69
C GLY D 693 52.56 35.36 -9.25
N ASN D 694 51.86 36.45 -9.52
CA ASN D 694 50.50 36.39 -10.03
C ASN D 694 50.55 36.03 -11.52
N LEU D 695 49.41 36.12 -12.20
CA LEU D 695 49.33 35.85 -13.63
C LEU D 695 48.37 36.88 -14.24
N GLY D 696 48.93 37.98 -14.75
CA GLY D 696 48.12 39.03 -15.33
C GLY D 696 47.90 38.91 -16.83
N GLU E 344 -36.22 -35.98 -37.98
CA GLU E 344 -37.41 -36.03 -37.14
C GLU E 344 -37.03 -36.14 -35.67
N GLU E 345 -35.98 -36.91 -35.38
CA GLU E 345 -35.41 -37.03 -34.05
C GLU E 345 -34.18 -36.14 -33.92
N ASP E 346 -34.26 -34.94 -34.51
CA ASP E 346 -33.23 -33.94 -34.33
C ASP E 346 -33.57 -33.21 -33.05
N THR E 347 -34.27 -33.91 -32.16
CA THR E 347 -34.79 -33.47 -30.87
C THR E 347 -33.80 -32.57 -30.13
N PRO E 348 -32.50 -32.83 -30.16
CA PRO E 348 -31.58 -31.77 -29.78
C PRO E 348 -31.25 -30.91 -30.98
N LEU E 349 -31.60 -29.64 -30.93
CA LEU E 349 -31.00 -28.64 -31.80
C LEU E 349 -29.91 -27.95 -31.00
N THR E 350 -28.69 -27.99 -31.50
CA THR E 350 -27.55 -27.44 -30.80
C THR E 350 -27.01 -26.26 -31.58
N TRP E 351 -26.31 -25.38 -30.88
CA TRP E 351 -25.75 -24.21 -31.54
C TRP E 351 -24.94 -24.59 -32.78
N ASP E 352 -24.34 -25.79 -32.78
CA ASP E 352 -23.56 -26.21 -33.93
C ASP E 352 -24.41 -26.32 -35.18
N ASP E 353 -25.70 -26.62 -35.04
CA ASP E 353 -26.57 -26.72 -36.21
C ASP E 353 -26.64 -25.41 -36.96
N ILE E 354 -26.33 -24.30 -36.31
CA ILE E 354 -26.30 -22.98 -36.92
C ILE E 354 -25.02 -22.86 -37.74
N PRO E 355 -25.10 -22.78 -39.06
CA PRO E 355 -23.87 -22.72 -39.86
C PRO E 355 -23.17 -21.39 -39.67
N HIS E 356 -21.85 -21.44 -39.53
CA HIS E 356 -21.08 -20.22 -39.45
C HIS E 356 -21.23 -19.42 -40.73
N VAL E 357 -20.75 -18.19 -40.70
CA VAL E 357 -20.69 -17.38 -41.90
C VAL E 357 -19.24 -17.31 -42.33
N HIS E 358 -19.03 -17.07 -43.61
CA HIS E 358 -17.68 -17.04 -44.15
C HIS E 358 -17.41 -15.70 -44.78
N THR E 359 -16.14 -15.32 -44.77
CA THR E 359 -15.76 -14.03 -45.34
C THR E 359 -16.09 -14.00 -46.82
N LEU E 360 -15.45 -14.84 -47.61
CA LEU E 360 -15.69 -14.88 -49.04
C LEU E 360 -16.42 -16.16 -49.40
N SER E 361 -17.43 -16.04 -50.27
CA SER E 361 -18.16 -17.19 -50.73
C SER E 361 -18.67 -16.91 -52.12
N LEU E 362 -18.68 -17.96 -52.94
CA LEU E 362 -19.14 -17.87 -54.32
C LEU E 362 -20.47 -18.58 -54.47
N ALA E 363 -21.37 -17.95 -55.23
CA ALA E 363 -22.61 -18.58 -55.64
C ALA E 363 -22.50 -19.02 -57.09
N LEU E 364 -22.92 -20.25 -57.37
CA LEU E 364 -22.70 -20.85 -58.69
C LEU E 364 -24.02 -21.36 -59.25
N GLY E 365 -24.51 -20.70 -60.30
CA GLY E 365 -25.72 -21.12 -60.97
C GLY E 365 -25.49 -22.30 -61.90
N TYR E 366 -26.61 -22.83 -62.41
CA TYR E 366 -26.61 -24.11 -63.11
C TYR E 366 -25.55 -24.20 -64.19
N ARG E 367 -25.66 -23.32 -65.20
CA ARG E 367 -24.89 -23.50 -66.43
C ARG E 367 -23.39 -23.51 -66.16
N LEU E 368 -22.97 -23.04 -65.01
CA LEU E 368 -21.55 -22.90 -64.71
C LEU E 368 -21.15 -23.60 -63.42
N VAL E 369 -21.83 -24.69 -63.05
CA VAL E 369 -21.32 -25.55 -62.00
C VAL E 369 -20.32 -26.54 -62.53
N HIS E 370 -20.09 -26.56 -63.85
CA HIS E 370 -19.05 -27.44 -64.39
C HIS E 370 -17.70 -26.77 -64.21
N LEU E 371 -17.45 -26.25 -63.00
CA LEU E 371 -16.23 -25.53 -62.69
C LEU E 371 -15.63 -25.92 -61.35
N VAL E 372 -16.35 -26.65 -60.52
CA VAL E 372 -15.86 -27.08 -59.21
C VAL E 372 -16.02 -28.57 -59.01
N ASN E 373 -16.61 -29.28 -59.95
CA ASN E 373 -16.94 -30.70 -59.86
C ASN E 373 -15.72 -31.62 -59.90
N LYS E 374 -14.49 -31.12 -59.81
CA LYS E 374 -13.26 -31.88 -59.60
C LYS E 374 -12.89 -32.78 -60.77
N ASP E 375 -13.70 -32.84 -61.81
CA ASP E 375 -13.38 -33.68 -62.96
C ASP E 375 -13.07 -32.85 -64.20
N GLN E 376 -13.97 -31.96 -64.60
CA GLN E 376 -13.84 -31.25 -65.87
C GLN E 376 -12.80 -30.13 -65.74
N GLY E 377 -11.61 -30.53 -65.31
CA GLY E 377 -10.52 -29.60 -65.06
C GLY E 377 -10.96 -28.42 -64.23
N ALA E 378 -11.46 -28.68 -63.01
CA ALA E 378 -12.01 -27.66 -62.13
C ALA E 378 -11.06 -26.49 -62.00
N PRO E 379 -11.35 -25.35 -62.62
CA PRO E 379 -10.48 -24.20 -62.44
C PRO E 379 -10.65 -23.56 -61.09
N LEU E 380 -11.89 -23.48 -60.59
CA LEU E 380 -12.11 -22.86 -59.31
C LEU E 380 -11.81 -23.81 -58.17
N SER E 381 -10.68 -24.48 -58.28
CA SER E 381 -9.94 -25.03 -57.16
C SER E 381 -8.45 -24.83 -57.34
N GLN E 382 -8.02 -24.45 -58.53
CA GLN E 382 -6.65 -24.07 -58.81
C GLN E 382 -6.55 -22.61 -59.23
N ARG E 383 -7.38 -22.18 -60.19
CA ARG E 383 -7.34 -20.77 -60.58
C ARG E 383 -7.69 -19.88 -59.40
N ILE E 384 -8.71 -20.25 -58.63
CA ILE E 384 -9.04 -19.46 -57.46
C ILE E 384 -7.89 -19.46 -56.47
N ARG E 385 -7.25 -20.62 -56.29
CA ARG E 385 -6.04 -20.63 -55.49
C ARG E 385 -4.93 -19.88 -56.19
N GLY E 386 -4.95 -19.83 -57.51
CA GLY E 386 -3.99 -19.02 -58.22
C GLY E 386 -4.04 -17.58 -57.76
N VAL E 387 -5.24 -17.00 -57.74
CA VAL E 387 -5.37 -15.62 -57.28
C VAL E 387 -5.07 -15.53 -55.79
N ARG E 388 -5.67 -16.41 -55.00
CA ARG E 388 -5.49 -16.36 -53.57
C ARG E 388 -4.04 -16.58 -53.14
N ARG E 389 -3.16 -16.98 -54.05
CA ARG E 389 -1.74 -17.09 -53.74
C ARG E 389 -0.94 -15.96 -54.35
N ASN E 390 -1.11 -15.70 -55.63
CA ASN E 390 -0.37 -14.63 -56.26
C ASN E 390 -0.85 -13.31 -55.85
N LEU E 391 -1.80 -13.26 -54.94
CA LEU E 391 -2.10 -12.03 -54.24
C LEU E 391 -1.75 -12.10 -52.77
N SER E 392 -1.84 -13.27 -52.17
CA SER E 392 -1.40 -13.42 -50.79
C SER E 392 0.05 -12.99 -50.73
N GLU E 393 0.92 -13.74 -51.39
CA GLU E 393 2.35 -13.45 -51.28
C GLU E 393 2.67 -12.01 -51.65
N GLN E 394 1.73 -11.29 -52.27
CA GLN E 394 1.99 -9.91 -52.62
C GLN E 394 1.60 -8.96 -51.49
N VAL E 395 0.44 -9.18 -50.87
CA VAL E 395 0.03 -8.28 -49.79
C VAL E 395 0.40 -8.81 -48.42
N GLY E 396 1.13 -9.91 -48.34
CA GLY E 396 1.79 -10.28 -47.13
C GLY E 396 1.02 -11.21 -46.22
N PHE E 397 -0.29 -11.03 -46.10
CA PHE E 397 -1.07 -11.81 -45.15
C PHE E 397 -1.99 -12.75 -45.91
N LEU E 398 -2.06 -13.99 -45.44
CA LEU E 398 -2.77 -15.03 -46.17
C LEU E 398 -4.25 -14.70 -46.28
N LEU E 399 -4.68 -14.40 -47.50
CA LEU E 399 -6.08 -14.09 -47.72
C LEU E 399 -6.95 -15.28 -47.32
N PRO E 400 -8.20 -15.03 -46.96
CA PRO E 400 -9.06 -16.12 -46.49
C PRO E 400 -9.31 -17.15 -47.57
N GLU E 401 -9.90 -18.26 -47.15
CA GLU E 401 -10.21 -19.34 -48.07
C GLU E 401 -11.54 -19.06 -48.74
N VAL E 402 -11.53 -18.87 -50.06
CA VAL E 402 -12.77 -18.62 -50.77
C VAL E 402 -13.59 -19.90 -50.78
N ARG E 403 -14.77 -19.84 -50.21
CA ARG E 403 -15.70 -20.95 -50.23
C ARG E 403 -16.63 -20.79 -51.42
N ILE E 404 -17.20 -21.91 -51.85
CA ILE E 404 -18.02 -21.93 -53.04
C ILE E 404 -19.27 -22.73 -52.77
N ARG E 405 -20.43 -22.14 -53.02
CA ARG E 405 -21.71 -22.81 -52.90
C ARG E 405 -22.52 -22.56 -54.15
N ASP E 406 -23.56 -23.36 -54.35
CA ASP E 406 -24.40 -23.29 -55.55
C ASP E 406 -25.85 -23.20 -55.11
N ASN E 407 -26.34 -21.98 -54.98
CA ASN E 407 -27.74 -21.76 -54.67
C ASN E 407 -28.54 -21.75 -55.97
N LEU E 408 -29.50 -22.65 -56.09
CA LEU E 408 -30.36 -22.66 -57.26
C LEU E 408 -31.16 -21.37 -57.39
N SER E 409 -31.21 -20.56 -56.33
CA SER E 409 -32.08 -19.38 -56.28
C SER E 409 -31.88 -18.44 -57.45
N LEU E 410 -30.76 -18.52 -58.15
CA LEU E 410 -30.40 -17.51 -59.12
C LEU E 410 -30.33 -18.10 -60.53
N LYS E 411 -30.20 -17.20 -61.50
CA LYS E 411 -30.27 -17.59 -62.91
C LYS E 411 -29.21 -18.65 -63.21
N PRO E 412 -29.47 -19.56 -64.13
CA PRO E 412 -28.62 -20.75 -64.26
C PRO E 412 -27.20 -20.43 -64.69
N ASN E 413 -26.92 -19.21 -65.13
CA ASN E 413 -25.61 -18.87 -65.66
C ASN E 413 -25.03 -17.61 -65.05
N GLN E 414 -25.30 -17.36 -63.77
CA GLN E 414 -24.71 -16.22 -63.11
C GLN E 414 -24.06 -16.67 -61.81
N TYR E 415 -23.28 -15.75 -61.25
CA TYR E 415 -22.51 -15.98 -60.04
C TYR E 415 -22.52 -14.70 -59.21
N THR E 416 -22.47 -14.87 -57.91
CA THR E 416 -22.38 -13.75 -56.98
C THR E 416 -21.25 -14.02 -56.00
N ILE E 417 -20.47 -12.98 -55.72
CA ILE E 417 -19.40 -13.05 -54.74
C ILE E 417 -19.90 -12.37 -53.48
N SER E 418 -19.67 -13.01 -52.34
CA SER E 418 -20.24 -12.56 -51.08
C SER E 418 -19.15 -12.29 -50.07
N LEU E 419 -19.16 -11.10 -49.48
CA LEU E 419 -18.20 -10.73 -48.45
C LEU E 419 -18.89 -10.70 -47.10
N ASN E 420 -18.57 -11.67 -46.27
CA ASN E 420 -18.95 -11.77 -44.86
C ASN E 420 -20.40 -12.16 -44.63
N GLY E 421 -21.30 -11.93 -45.57
CA GLY E 421 -22.57 -12.61 -45.43
C GLY E 421 -23.40 -12.72 -46.68
N GLU E 422 -22.97 -12.04 -47.74
CA GLU E 422 -23.96 -11.61 -48.72
C GLU E 422 -23.25 -10.94 -49.88
N VAL E 423 -24.01 -10.78 -50.98
CA VAL E 423 -23.41 -10.42 -52.25
C VAL E 423 -22.75 -9.06 -52.16
N ILE E 424 -21.63 -8.91 -52.87
CA ILE E 424 -21.01 -7.62 -53.13
C ILE E 424 -21.06 -7.29 -54.60
N GLU E 425 -20.72 -8.26 -55.45
CA GLU E 425 -20.84 -8.11 -56.88
C GLU E 425 -21.38 -9.40 -57.45
N GLN E 426 -22.08 -9.28 -58.57
CA GLN E 426 -22.79 -10.37 -59.20
C GLN E 426 -22.64 -10.24 -60.69
N GLY E 427 -22.03 -11.25 -61.32
CA GLY E 427 -21.75 -11.22 -62.73
C GLY E 427 -22.63 -12.18 -63.51
N PHE E 428 -22.54 -12.06 -64.83
CA PHE E 428 -23.29 -12.91 -65.75
C PHE E 428 -22.33 -13.53 -66.75
N ILE E 429 -22.38 -14.84 -66.86
CA ILE E 429 -21.46 -15.61 -67.70
C ILE E 429 -22.22 -16.15 -68.90
N GLU E 430 -21.63 -15.98 -70.08
CA GLU E 430 -22.22 -16.49 -71.29
C GLU E 430 -22.13 -18.02 -71.28
N PRO E 431 -23.09 -18.72 -71.92
CA PRO E 431 -23.15 -20.18 -71.76
C PRO E 431 -21.84 -20.89 -72.07
N GLU E 432 -21.34 -20.73 -73.30
CA GLU E 432 -20.06 -21.32 -73.65
C GLU E 432 -19.23 -20.43 -74.55
N ARG E 433 -19.57 -19.16 -74.68
CA ARG E 433 -18.81 -18.23 -75.51
C ARG E 433 -17.78 -17.53 -74.64
N LEU E 434 -16.50 -17.80 -74.91
CA LEU E 434 -15.42 -17.19 -74.16
C LEU E 434 -15.44 -15.68 -74.38
N MET E 435 -15.07 -14.93 -73.35
CA MET E 435 -15.04 -13.48 -73.44
C MET E 435 -13.64 -13.01 -73.82
N ALA E 436 -13.58 -12.01 -74.67
CA ALA E 436 -12.35 -11.33 -74.99
C ALA E 436 -12.51 -9.84 -74.75
N ILE E 437 -11.40 -9.18 -74.42
CA ILE E 437 -11.40 -7.76 -74.12
C ILE E 437 -10.49 -7.06 -75.10
N ALA E 438 -10.87 -5.85 -75.48
CA ALA E 438 -10.03 -4.96 -76.26
C ALA E 438 -9.54 -3.85 -75.35
N VAL E 439 -8.26 -3.89 -75.00
CA VAL E 439 -7.71 -2.92 -74.04
C VAL E 439 -7.95 -1.49 -74.52
N GLY E 440 -7.93 -1.27 -75.82
CA GLY E 440 -8.04 0.07 -76.37
C GLY E 440 -7.05 0.26 -77.51
N ASP E 441 -5.97 -0.53 -77.48
CA ASP E 441 -5.00 -0.55 -78.56
C ASP E 441 -5.30 -1.61 -79.60
N THR E 442 -6.09 -2.62 -79.27
CA THR E 442 -6.48 -3.62 -80.23
C THR E 442 -7.47 -3.05 -81.23
N TYR E 443 -7.36 -3.52 -82.48
CA TYR E 443 -8.26 -3.10 -83.55
C TYR E 443 -9.01 -4.30 -84.10
N GLY E 444 -10.14 -4.00 -84.73
CA GLY E 444 -10.99 -5.03 -85.28
C GLY E 444 -11.91 -5.65 -84.25
N GLU E 445 -13.04 -6.16 -84.72
CA GLU E 445 -14.02 -6.81 -83.88
C GLU E 445 -14.20 -8.25 -84.35
N ILE E 446 -14.74 -9.08 -83.46
CA ILE E 446 -15.04 -10.46 -83.79
C ILE E 446 -16.52 -10.70 -83.53
N ASP E 447 -17.06 -11.78 -84.12
CA ASP E 447 -18.49 -12.04 -84.05
C ASP E 447 -19.02 -12.16 -82.63
N GLY E 448 -18.14 -12.09 -81.63
CA GLY E 448 -18.57 -12.37 -80.26
C GLY E 448 -19.71 -11.46 -79.84
N ILE E 449 -20.67 -12.05 -79.12
CA ILE E 449 -21.77 -11.28 -78.56
C ILE E 449 -21.22 -10.26 -77.57
N LEU E 450 -21.65 -9.02 -77.72
CA LEU E 450 -21.21 -7.96 -76.82
C LEU E 450 -21.59 -8.30 -75.38
N GLY E 451 -20.81 -7.79 -74.46
CA GLY E 451 -21.09 -7.93 -73.04
C GLY E 451 -20.47 -6.76 -72.33
N SER E 452 -19.91 -7.04 -71.16
CA SER E 452 -19.11 -6.06 -70.45
C SER E 452 -17.99 -6.79 -69.72
N ASP E 453 -17.00 -6.03 -69.27
CA ASP E 453 -15.98 -6.59 -68.41
C ASP E 453 -16.43 -6.45 -66.96
N PRO E 454 -16.77 -7.55 -66.28
CA PRO E 454 -17.17 -7.43 -64.88
C PRO E 454 -16.07 -6.92 -63.99
N ALA E 455 -14.83 -6.88 -64.45
CA ALA E 455 -13.74 -6.41 -63.60
C ALA E 455 -13.65 -4.89 -63.60
N TYR E 456 -13.37 -4.30 -64.76
CA TYR E 456 -13.07 -2.87 -64.82
C TYR E 456 -14.06 -2.09 -65.68
N GLN E 457 -15.24 -2.64 -65.95
CA GLN E 457 -16.23 -1.99 -66.79
C GLN E 457 -15.66 -1.63 -68.17
N LEU E 458 -15.21 -2.66 -68.89
CA LEU E 458 -14.73 -2.54 -70.25
C LEU E 458 -15.67 -3.27 -71.20
N PRO E 459 -15.69 -2.88 -72.48
CA PRO E 459 -16.52 -3.61 -73.44
C PRO E 459 -15.95 -5.00 -73.69
N ALA E 460 -16.84 -5.95 -73.85
CA ALA E 460 -16.44 -7.34 -73.96
C ALA E 460 -17.29 -8.05 -75.01
N VAL E 461 -16.64 -8.96 -75.74
CA VAL E 461 -17.31 -9.80 -76.72
C VAL E 461 -17.12 -11.25 -76.30
N TRP E 462 -18.18 -12.04 -76.40
CA TRP E 462 -18.16 -13.42 -75.96
C TRP E 462 -18.14 -14.31 -77.18
N ILE E 463 -17.00 -14.97 -77.40
CA ILE E 463 -16.69 -15.67 -78.63
C ILE E 463 -16.62 -17.17 -78.33
N GLU E 464 -16.83 -17.97 -79.37
CA GLU E 464 -16.76 -19.41 -79.17
C GLU E 464 -15.33 -19.83 -78.86
N HIS E 465 -15.15 -21.13 -78.63
CA HIS E 465 -13.82 -21.62 -78.25
C HIS E 465 -12.88 -21.68 -79.42
N GLN E 466 -13.39 -21.63 -80.65
CA GLN E 466 -12.52 -21.77 -81.81
C GLN E 466 -11.91 -20.45 -82.24
N ASP E 467 -12.65 -19.35 -82.07
CA ASP E 467 -12.25 -18.02 -82.54
C ASP E 467 -11.10 -17.42 -81.77
N LYS E 468 -10.48 -18.18 -80.86
CA LYS E 468 -9.32 -17.68 -80.13
C LYS E 468 -8.29 -17.10 -81.09
N ALA E 469 -7.98 -17.84 -82.16
CA ALA E 469 -7.00 -17.39 -83.13
C ALA E 469 -7.34 -15.99 -83.64
N LYS E 470 -8.58 -15.79 -84.10
CA LYS E 470 -9.00 -14.48 -84.56
C LYS E 470 -8.85 -13.44 -83.47
N ALA E 471 -9.17 -13.80 -82.23
CA ALA E 471 -8.89 -12.89 -81.12
C ALA E 471 -7.39 -12.76 -80.87
N LEU E 472 -6.69 -13.90 -80.76
CA LEU E 472 -5.26 -13.88 -80.51
C LEU E 472 -4.47 -13.26 -81.66
N ASN E 473 -4.99 -13.33 -82.88
CA ASN E 473 -4.31 -12.74 -84.03
C ASN E 473 -4.81 -11.34 -84.35
N MET E 474 -5.92 -10.91 -83.75
CA MET E 474 -6.32 -9.52 -83.85
C MET E 474 -5.79 -8.67 -82.70
N GLY E 475 -5.33 -9.31 -81.63
CA GLY E 475 -4.76 -8.60 -80.51
C GLY E 475 -5.63 -8.58 -79.28
N TYR E 476 -6.67 -9.41 -79.23
CA TYR E 476 -7.63 -9.36 -78.15
C TYR E 476 -7.06 -9.94 -76.86
N GLN E 477 -7.81 -9.72 -75.79
CA GLN E 477 -7.52 -10.28 -74.47
C GLN E 477 -8.65 -11.25 -74.15
N VAL E 478 -8.50 -12.48 -74.60
CA VAL E 478 -9.51 -13.51 -74.38
C VAL E 478 -9.22 -14.21 -73.06
N VAL E 479 -10.27 -14.70 -72.42
CA VAL E 479 -10.13 -15.40 -71.15
C VAL E 479 -11.19 -16.49 -71.05
N ASP E 480 -10.82 -17.60 -70.42
CA ASP E 480 -11.74 -18.70 -70.15
C ASP E 480 -12.84 -18.23 -69.23
N ASP E 481 -13.91 -19.03 -69.07
CA ASP E 481 -14.97 -18.69 -68.12
C ASP E 481 -14.39 -18.47 -66.73
N GLY E 482 -13.69 -19.47 -66.20
CA GLY E 482 -13.25 -19.42 -64.82
C GLY E 482 -12.43 -18.19 -64.50
N THR E 483 -11.60 -17.76 -65.44
CA THR E 483 -10.78 -16.57 -65.20
C THR E 483 -11.64 -15.33 -65.06
N VAL E 484 -12.73 -15.24 -65.82
CA VAL E 484 -13.61 -14.08 -65.69
C VAL E 484 -14.10 -13.97 -64.26
N ILE E 485 -14.34 -15.11 -63.61
CA ILE E 485 -14.62 -15.10 -62.17
C ILE E 485 -13.36 -14.73 -61.40
N ALA E 486 -12.31 -15.55 -61.54
CA ALA E 486 -11.14 -15.40 -60.70
C ALA E 486 -10.62 -13.97 -60.73
N THR E 487 -10.66 -13.32 -61.89
CA THR E 487 -10.26 -11.93 -61.90
C THR E 487 -11.23 -11.07 -61.10
N HIS E 488 -12.51 -11.44 -61.07
CA HIS E 488 -13.45 -10.65 -60.30
C HIS E 488 -13.20 -10.81 -58.81
N ILE E 489 -12.97 -12.05 -58.37
CA ILE E 489 -12.61 -12.29 -56.98
C ILE E 489 -11.34 -11.54 -56.62
N SER E 490 -10.38 -11.51 -57.53
CA SER E 490 -9.15 -10.79 -57.26
C SER E 490 -9.44 -9.31 -57.03
N LYS E 491 -10.28 -8.72 -57.87
CA LYS E 491 -10.59 -7.30 -57.67
C LYS E 491 -11.31 -7.09 -56.36
N ILE E 492 -12.22 -7.98 -56.01
CA ILE E 492 -12.97 -7.80 -54.77
C ILE E 492 -12.05 -7.89 -53.56
N MET E 493 -11.15 -8.88 -53.54
CA MET E 493 -10.18 -8.94 -52.48
C MET E 493 -9.35 -7.68 -52.42
N LYS E 494 -8.78 -7.28 -53.56
CA LYS E 494 -7.88 -6.13 -53.55
C LYS E 494 -8.59 -4.87 -53.12
N THR E 495 -9.91 -4.83 -53.24
CA THR E 495 -10.61 -3.63 -52.77
C THR E 495 -10.96 -3.73 -51.30
N ASN E 496 -11.54 -4.85 -50.87
CA ASN E 496 -12.01 -5.02 -49.51
C ASN E 496 -10.94 -5.58 -48.59
N LEU E 497 -9.67 -5.44 -48.94
CA LEU E 497 -8.58 -5.94 -48.11
C LEU E 497 -8.78 -5.73 -46.63
N ALA E 498 -9.32 -4.58 -46.24
CA ALA E 498 -9.48 -4.33 -44.82
C ALA E 498 -10.31 -5.42 -44.15
N GLU E 499 -11.57 -5.54 -44.54
CA GLU E 499 -12.45 -6.48 -43.87
C GLU E 499 -11.99 -7.91 -43.98
N LEU E 500 -11.00 -8.19 -44.81
CA LEU E 500 -10.46 -9.54 -44.91
C LEU E 500 -9.37 -9.79 -43.88
N PHE E 501 -8.98 -8.79 -43.12
CA PHE E 501 -7.96 -8.91 -42.09
C PHE E 501 -8.65 -9.01 -40.74
N THR E 502 -8.64 -10.20 -40.16
CA THR E 502 -9.41 -10.46 -38.96
C THR E 502 -8.59 -10.12 -37.73
N HIS E 503 -9.26 -10.08 -36.58
CA HIS E 503 -8.58 -9.92 -35.30
C HIS E 503 -7.83 -11.15 -34.90
N ASP E 504 -7.72 -12.13 -35.79
CA ASP E 504 -6.95 -13.31 -35.50
C ASP E 504 -5.64 -13.37 -36.26
N ASP E 505 -5.54 -12.68 -37.39
CA ASP E 505 -4.26 -12.66 -38.10
C ASP E 505 -3.21 -11.90 -37.30
N VAL E 506 -3.61 -10.90 -36.55
CA VAL E 506 -2.70 -10.13 -35.72
C VAL E 506 -1.93 -11.07 -34.81
N GLU E 507 -2.47 -12.25 -34.56
CA GLU E 507 -1.67 -13.29 -33.95
C GLU E 507 -0.71 -13.89 -34.95
N ALA E 508 -1.20 -14.22 -36.14
CA ALA E 508 -0.33 -14.85 -37.12
C ALA E 508 0.74 -13.90 -37.63
N MET E 509 0.43 -12.61 -37.73
CA MET E 509 1.48 -11.68 -38.16
C MET E 509 2.61 -11.66 -37.15
N THR E 510 2.28 -11.63 -35.87
CA THR E 510 3.36 -11.68 -34.90
C THR E 510 4.08 -13.01 -34.91
N GLN E 511 3.42 -14.09 -35.29
CA GLN E 511 4.16 -15.34 -35.45
C GLN E 511 5.14 -15.25 -36.60
N ARG E 512 4.66 -14.81 -37.76
CA ARG E 512 5.52 -14.70 -38.93
C ARG E 512 6.61 -13.66 -38.72
N LEU E 513 6.40 -12.71 -37.82
CA LEU E 513 7.42 -11.73 -37.52
C LEU E 513 8.40 -12.21 -36.47
N THR E 514 7.97 -13.03 -35.51
CA THR E 514 8.91 -13.69 -34.64
C THR E 514 9.79 -14.65 -35.39
N GLN E 515 9.33 -15.17 -36.52
CA GLN E 515 10.22 -16.02 -37.31
C GLN E 515 11.44 -15.24 -37.78
N GLN E 516 11.28 -13.95 -38.05
CA GLN E 516 12.40 -13.16 -38.57
C GLN E 516 13.16 -12.45 -37.45
N ALA E 517 12.46 -11.61 -36.68
CA ALA E 517 13.08 -10.76 -35.67
C ALA E 517 12.53 -11.13 -34.30
N PRO E 518 12.81 -12.33 -33.82
CA PRO E 518 12.06 -12.88 -32.68
C PRO E 518 12.10 -12.00 -31.46
N LYS E 519 13.03 -11.07 -31.39
CA LYS E 519 13.09 -10.19 -30.24
C LYS E 519 12.27 -8.93 -30.44
N LEU E 520 11.76 -8.69 -31.65
CA LEU E 520 11.00 -7.47 -31.86
C LEU E 520 9.58 -7.61 -31.36
N ALA E 521 8.88 -8.66 -31.80
CA ALA E 521 7.51 -8.87 -31.35
C ALA E 521 7.44 -8.93 -29.84
N GLU E 522 8.30 -9.75 -29.23
CA GLU E 522 8.37 -9.83 -27.78
C GLU E 522 8.52 -8.47 -27.15
N ALA E 523 8.96 -7.48 -27.91
CA ALA E 523 8.97 -6.10 -27.45
C ALA E 523 7.91 -5.25 -28.11
N LEU E 524 7.24 -5.75 -29.13
CA LEU E 524 6.15 -5.00 -29.73
C LEU E 524 4.82 -5.34 -29.07
N ALA E 525 4.51 -6.64 -28.97
CA ALA E 525 3.25 -7.05 -28.38
C ALA E 525 3.08 -6.48 -26.99
N ALA E 526 4.18 -6.25 -26.27
CA ALA E 526 4.08 -5.59 -24.98
C ALA E 526 3.96 -4.09 -25.09
N ALA E 527 3.98 -3.54 -26.31
CA ALA E 527 3.83 -2.10 -26.50
C ALA E 527 2.48 -1.72 -27.09
N LEU E 528 1.88 -2.56 -27.92
CA LEU E 528 0.55 -2.33 -28.44
C LEU E 528 -0.27 -3.62 -28.35
N ASN E 529 -1.33 -3.57 -27.57
CA ASN E 529 -2.21 -4.72 -27.45
C ASN E 529 -2.88 -5.02 -28.79
N PRO E 530 -3.08 -6.29 -29.12
CA PRO E 530 -3.53 -6.67 -30.45
C PRO E 530 -4.75 -5.92 -30.95
N ALA E 531 -5.57 -5.44 -30.03
CA ALA E 531 -6.66 -4.56 -30.45
C ALA E 531 -6.12 -3.30 -31.08
N GLN E 532 -5.02 -2.77 -30.55
CA GLN E 532 -4.44 -1.56 -31.11
C GLN E 532 -3.68 -1.86 -32.39
N GLN E 533 -3.00 -3.00 -32.45
CA GLN E 533 -2.27 -3.35 -33.66
C GLN E 533 -3.21 -3.43 -34.84
N LEU E 534 -4.32 -4.16 -34.68
CA LEU E 534 -5.18 -4.42 -35.82
C LEU E 534 -5.66 -3.13 -36.47
N LYS E 535 -6.08 -2.16 -35.67
CA LYS E 535 -6.50 -0.91 -36.26
C LYS E 535 -5.44 -0.33 -37.17
N VAL E 536 -4.16 -0.51 -36.80
CA VAL E 536 -3.09 0.01 -37.63
C VAL E 536 -2.99 -0.75 -38.94
N TYR E 537 -3.03 -2.08 -38.87
CA TYR E 537 -3.00 -2.84 -40.12
C TYR E 537 -4.23 -2.54 -40.96
N ARG E 538 -5.35 -2.27 -40.31
CA ARG E 538 -6.53 -1.88 -41.07
C ARG E 538 -6.26 -0.59 -41.82
N GLN E 539 -5.68 0.39 -41.15
CA GLN E 539 -5.46 1.67 -41.81
C GLN E 539 -4.41 1.54 -42.91
N LEU E 540 -3.48 0.62 -42.75
CA LEU E 540 -2.51 0.38 -43.80
C LEU E 540 -3.12 -0.33 -44.99
N LEU E 541 -4.03 -1.25 -44.75
CA LEU E 541 -4.59 -2.01 -45.85
C LEU E 541 -5.71 -1.26 -46.53
N LEU E 542 -6.34 -0.31 -45.87
CA LEU E 542 -7.38 0.46 -46.52
C LEU E 542 -6.86 1.10 -47.79
N ASP E 543 -5.84 1.93 -47.68
CA ASP E 543 -5.19 2.48 -48.85
C ASP E 543 -4.29 1.48 -49.55
N GLN E 544 -4.42 0.19 -49.22
CA GLN E 544 -3.86 -0.89 -50.04
C GLN E 544 -2.33 -0.83 -50.09
N VAL E 545 -1.71 -0.82 -48.93
CA VAL E 545 -0.26 -0.82 -48.79
C VAL E 545 0.18 -2.23 -48.42
N PRO E 546 1.13 -2.82 -49.11
CA PRO E 546 1.48 -4.21 -48.82
C PRO E 546 2.16 -4.33 -47.47
N LEU E 547 1.80 -5.38 -46.73
CA LEU E 547 2.42 -5.70 -45.46
C LEU E 547 3.43 -6.82 -45.58
N LYS E 548 4.16 -6.90 -46.68
CA LYS E 548 5.08 -8.01 -46.82
C LYS E 548 6.23 -7.90 -45.85
N ASP E 549 6.90 -6.75 -45.81
CA ASP E 549 8.08 -6.54 -44.98
C ASP E 549 7.62 -6.15 -43.59
N ILE E 550 7.19 -7.14 -42.82
CA ILE E 550 6.57 -6.81 -41.55
C ILE E 550 7.60 -6.27 -40.58
N ARG E 551 8.86 -6.68 -40.68
CA ARG E 551 9.86 -6.21 -39.73
C ARG E 551 9.97 -4.70 -39.77
N THR E 552 10.23 -4.15 -40.95
CA THR E 552 10.30 -2.70 -41.04
C THR E 552 8.98 -2.01 -40.79
N ILE E 553 7.94 -2.74 -40.43
CA ILE E 553 6.69 -2.13 -40.02
C ILE E 553 6.51 -2.20 -38.52
N ALA E 554 6.75 -3.36 -37.93
CA ALA E 554 6.73 -3.42 -36.47
C ALA E 554 7.79 -2.52 -35.88
N ASN E 555 8.94 -2.45 -36.51
CA ASN E 555 9.97 -1.51 -36.07
C ASN E 555 9.42 -0.11 -35.98
N THR E 556 8.66 0.31 -36.99
CA THR E 556 8.16 1.68 -36.98
C THR E 556 7.03 1.85 -35.99
N MET E 557 6.16 0.85 -35.85
CA MET E 557 5.12 0.94 -34.82
C MET E 557 5.74 0.95 -33.44
N LEU E 558 6.71 0.07 -33.18
CA LEU E 558 7.38 0.07 -31.90
C LEU E 558 8.02 1.41 -31.62
N GLU E 559 8.69 1.99 -32.61
CA GLU E 559 9.25 3.32 -32.44
C GLU E 559 8.17 4.33 -32.09
N SER E 560 7.23 4.55 -33.00
CA SER E 560 6.29 5.63 -32.86
C SER E 560 5.22 5.37 -31.83
N SER E 561 5.25 4.24 -31.15
CA SER E 561 4.23 3.96 -30.15
C SER E 561 4.35 4.81 -28.91
N GLU E 562 5.51 5.43 -28.69
CA GLU E 562 5.68 6.22 -27.48
C GLU E 562 4.77 7.43 -27.47
N ASN E 563 4.75 8.17 -28.58
CA ASN E 563 4.01 9.42 -28.61
C ASN E 563 2.51 9.18 -28.59
N THR E 564 2.00 8.54 -29.61
CA THR E 564 0.56 8.39 -29.80
C THR E 564 0.20 6.95 -30.06
N LYS E 565 -0.88 6.50 -29.44
CA LYS E 565 -1.45 5.21 -29.74
C LYS E 565 -2.61 5.30 -30.71
N ASP E 566 -2.84 6.47 -31.27
CA ASP E 566 -3.90 6.61 -32.24
C ASP E 566 -3.54 5.86 -33.51
N PRO E 567 -4.44 5.11 -34.08
CA PRO E 567 -4.06 4.23 -35.18
C PRO E 567 -4.10 4.93 -36.53
N ILE E 568 -4.16 6.25 -36.54
CA ILE E 568 -4.10 6.97 -37.81
C ILE E 568 -2.84 7.81 -37.83
N LEU E 569 -2.41 8.25 -36.65
CA LEU E 569 -1.09 8.84 -36.57
C LEU E 569 -0.03 7.78 -36.72
N LEU E 570 -0.33 6.54 -36.33
CA LEU E 570 0.61 5.45 -36.53
C LEU E 570 0.66 5.02 -37.98
N ALA E 571 -0.49 4.93 -38.64
CA ALA E 571 -0.49 4.54 -40.03
C ALA E 571 0.20 5.55 -40.91
N ALA E 572 0.34 6.79 -40.45
CA ALA E 572 1.10 7.75 -41.23
C ALA E 572 2.59 7.46 -41.16
N ASP E 573 3.09 7.11 -39.97
CA ASP E 573 4.52 6.88 -39.83
C ASP E 573 4.96 5.63 -40.56
N VAL E 574 4.17 4.57 -40.49
CA VAL E 574 4.53 3.37 -41.24
C VAL E 574 4.59 3.69 -42.73
N ARG E 575 3.71 4.57 -43.20
CA ARG E 575 3.76 4.88 -44.62
C ARG E 575 4.94 5.77 -44.95
N CYS E 576 5.30 6.68 -44.05
CA CYS E 576 6.52 7.43 -44.27
C CYS E 576 7.74 6.52 -44.27
N ALA E 577 7.68 5.41 -43.55
CA ALA E 577 8.80 4.48 -43.56
C ALA E 577 8.78 3.59 -44.78
N LEU E 578 7.62 3.36 -45.38
CA LEU E 578 7.54 2.54 -46.57
C LEU E 578 7.48 3.34 -47.86
N LYS E 579 7.68 4.66 -47.79
CA LYS E 579 7.65 5.55 -48.95
C LYS E 579 8.23 4.90 -50.20
N ARG E 580 9.32 4.17 -50.03
CA ARG E 580 9.95 3.49 -51.16
C ARG E 580 8.94 2.60 -51.87
N THR E 581 8.44 1.57 -51.17
CA THR E 581 7.56 0.62 -51.82
C THR E 581 6.22 1.24 -52.18
N LEU E 582 5.75 2.20 -51.38
CA LEU E 582 4.56 2.96 -51.76
C LEU E 582 4.66 3.48 -53.17
N VAL E 583 5.63 4.36 -53.41
CA VAL E 583 5.71 4.97 -54.73
C VAL E 583 6.06 3.93 -55.77
N ASN E 584 6.90 2.96 -55.42
CA ASN E 584 7.24 1.92 -56.38
C ASN E 584 6.00 1.18 -56.86
N LEU E 585 4.99 1.07 -56.02
CA LEU E 585 3.76 0.38 -56.42
C LEU E 585 2.76 1.30 -57.08
N ILE E 586 2.71 2.57 -56.70
CA ILE E 586 1.78 3.49 -57.34
C ILE E 586 2.27 3.85 -58.73
N ALA E 587 3.45 4.44 -58.82
CA ALA E 587 4.03 4.78 -60.11
C ALA E 587 5.16 3.81 -60.42
N GLY E 588 5.78 4.01 -61.57
CA GLY E 588 6.87 3.17 -61.99
C GLY E 588 8.19 3.63 -61.43
N GLN E 589 9.25 2.91 -61.82
CA GLN E 589 10.59 3.23 -61.36
C GLN E 589 11.14 4.49 -62.01
N LYS E 590 10.40 5.09 -62.94
CA LYS E 590 10.81 6.34 -63.58
C LYS E 590 10.93 7.44 -62.52
N PRO E 591 12.12 8.01 -62.35
CA PRO E 591 12.30 8.99 -61.27
C PRO E 591 11.42 10.23 -61.40
N GLU E 592 11.26 10.76 -62.61
CA GLU E 592 10.33 11.86 -62.79
C GLU E 592 8.93 11.37 -62.47
N LEU E 593 8.12 12.24 -61.88
CA LEU E 593 6.79 11.87 -61.44
C LEU E 593 5.80 13.01 -61.67
N ASN E 594 4.59 12.65 -62.11
CA ASN E 594 3.54 13.62 -62.40
C ASN E 594 2.36 13.33 -61.49
N VAL E 595 1.83 14.38 -60.85
CA VAL E 595 0.80 14.25 -59.84
C VAL E 595 0.03 15.57 -59.80
N TYR E 596 -1.15 15.56 -59.18
CA TYR E 596 -1.88 16.79 -58.91
C TYR E 596 -1.38 17.47 -57.65
N ALA E 597 -2.18 18.42 -57.18
CA ALA E 597 -1.93 19.10 -55.92
C ALA E 597 -3.19 19.86 -55.55
N LEU E 598 -3.41 20.00 -54.25
CA LEU E 598 -4.55 20.80 -53.80
C LEU E 598 -4.35 22.25 -54.18
N SER E 599 -5.46 22.89 -54.54
CA SER E 599 -5.45 24.33 -54.79
C SER E 599 -5.30 25.06 -53.47
N ASP E 600 -4.23 25.85 -53.37
CA ASP E 600 -3.85 26.58 -52.16
C ASP E 600 -5.07 27.15 -51.45
N GLU E 601 -6.00 27.69 -52.23
CA GLU E 601 -7.26 28.14 -51.64
C GLU E 601 -8.01 26.98 -50.98
N LEU E 602 -8.38 25.96 -51.75
CA LEU E 602 -9.15 24.87 -51.17
C LEU E 602 -8.37 24.17 -50.07
N GLU E 603 -7.08 23.94 -50.30
CA GLU E 603 -6.25 23.32 -49.29
C GLU E 603 -6.32 24.08 -47.98
N GLN E 604 -6.17 25.40 -48.05
CA GLN E 604 -6.32 26.21 -46.85
C GLN E 604 -7.72 26.10 -46.28
N MET E 605 -8.74 26.08 -47.16
CA MET E 605 -10.12 26.03 -46.69
C MET E 605 -10.38 24.80 -45.84
N LEU E 606 -9.70 23.70 -46.12
CA LEU E 606 -9.88 22.50 -45.30
C LEU E 606 -9.19 22.64 -43.95
N LEU E 607 -7.92 23.04 -43.98
CA LEU E 607 -7.16 23.16 -42.73
C LEU E 607 -7.91 24.01 -41.72
N THR E 608 -8.59 25.05 -42.20
CA THR E 608 -9.48 25.79 -41.33
C THR E 608 -10.45 24.85 -40.62
N SER E 609 -11.05 23.93 -41.36
CA SER E 609 -12.04 23.03 -40.80
C SER E 609 -11.42 22.12 -39.74
N LEU E 610 -10.25 21.56 -40.06
CA LEU E 610 -9.57 20.71 -39.09
C LEU E 610 -9.26 21.47 -37.82
N GLN E 611 -8.71 22.68 -37.95
CA GLN E 611 -8.38 23.47 -36.76
C GLN E 611 -9.62 23.78 -35.94
N GLN E 612 -10.73 24.05 -36.62
CA GLN E 612 -11.98 24.31 -35.89
C GLN E 612 -12.39 23.08 -35.10
N ALA E 613 -12.44 21.93 -35.78
CA ALA E 613 -12.83 20.70 -35.10
C ALA E 613 -11.87 20.33 -33.99
N GLN E 614 -10.63 20.81 -34.06
CA GLN E 614 -9.69 20.58 -32.97
C GLN E 614 -10.18 21.11 -31.63
N ALA E 615 -11.22 21.94 -31.63
CA ALA E 615 -11.84 22.35 -30.37
C ALA E 615 -12.29 21.14 -29.58
N SER E 616 -13.04 20.24 -30.20
CA SER E 616 -13.37 18.97 -29.58
C SER E 616 -12.12 18.09 -29.50
N GLY E 617 -12.24 16.99 -28.76
CA GLY E 617 -11.10 16.12 -28.56
C GLY E 617 -10.75 15.30 -29.79
N THR E 618 -10.52 15.97 -30.90
CA THR E 618 -10.33 15.33 -32.20
C THR E 618 -11.44 14.32 -32.45
N VAL E 619 -12.66 14.83 -32.50
CA VAL E 619 -13.85 13.98 -32.54
C VAL E 619 -13.74 12.96 -33.67
N VAL E 620 -13.13 13.36 -34.79
CA VAL E 620 -12.76 12.42 -35.83
C VAL E 620 -11.28 12.18 -35.70
N LEU E 621 -10.84 10.99 -36.07
CA LEU E 621 -9.42 10.73 -36.12
C LEU E 621 -8.76 11.68 -37.12
N ASP E 622 -8.97 11.43 -38.39
CA ASP E 622 -8.83 12.45 -39.40
C ASP E 622 -9.75 12.20 -40.58
N SER E 623 -10.62 11.19 -40.53
CA SER E 623 -11.36 10.80 -41.72
C SER E 623 -12.25 11.94 -42.21
N PHE E 624 -13.04 12.52 -41.31
CA PHE E 624 -13.69 13.78 -41.66
C PHE E 624 -14.01 14.58 -40.40
N PRO E 625 -13.38 15.71 -40.20
CA PRO E 625 -13.80 16.61 -39.12
C PRO E 625 -14.99 17.48 -39.50
N ILE E 626 -15.06 17.93 -40.75
CA ILE E 626 -16.03 18.95 -41.14
C ILE E 626 -16.40 18.76 -42.61
N GLU E 627 -17.69 18.85 -42.89
CA GLU E 627 -18.27 18.83 -44.23
C GLU E 627 -18.80 20.22 -44.57
N PRO E 628 -17.96 21.13 -45.07
CA PRO E 628 -18.46 22.46 -45.41
C PRO E 628 -19.08 22.53 -46.79
N ASN E 629 -19.91 21.53 -47.11
CA ASN E 629 -20.64 21.46 -48.37
C ASN E 629 -19.73 21.42 -49.60
N ILE E 630 -18.42 21.44 -49.39
CA ILE E 630 -17.50 21.17 -50.49
C ILE E 630 -17.41 19.69 -50.76
N LEU E 631 -18.11 18.87 -49.97
CA LEU E 631 -18.16 17.44 -50.23
C LEU E 631 -18.74 17.15 -51.61
N GLY E 632 -19.73 17.94 -52.03
CA GLY E 632 -20.23 17.79 -53.38
C GLY E 632 -19.17 18.14 -54.41
N GLN E 633 -18.41 19.21 -54.16
CA GLN E 633 -17.31 19.56 -55.04
C GLN E 633 -16.32 18.41 -55.16
N PHE E 634 -16.05 17.73 -54.06
CA PHE E 634 -15.14 16.59 -54.10
C PHE E 634 -15.75 15.45 -54.89
N GLN E 635 -16.94 15.00 -54.48
CA GLN E 635 -17.65 13.93 -55.18
C GLN E 635 -17.81 14.23 -56.66
N GLN E 636 -17.65 15.48 -57.07
CA GLN E 636 -17.67 15.85 -58.48
C GLN E 636 -16.29 15.77 -59.10
N ASN E 637 -15.28 16.35 -58.45
CA ASN E 637 -13.97 16.49 -59.09
C ASN E 637 -13.21 15.16 -59.09
N LEU E 638 -13.18 14.48 -57.95
CA LEU E 638 -12.42 13.24 -57.86
C LEU E 638 -12.71 12.24 -58.98
N PRO E 639 -13.93 12.06 -59.44
CA PRO E 639 -14.11 11.29 -60.69
C PRO E 639 -13.37 11.92 -61.87
N LEU E 640 -13.57 13.21 -62.10
CA LEU E 640 -12.82 13.90 -63.16
C LEU E 640 -11.32 13.82 -62.89
N ILE E 641 -10.92 13.98 -61.63
CA ILE E 641 -9.51 13.90 -61.27
C ILE E 641 -8.92 12.58 -61.70
N ARG E 642 -9.66 11.49 -61.52
CA ARG E 642 -9.22 10.21 -62.06
C ARG E 642 -9.21 10.25 -63.58
N GLN E 643 -10.26 10.80 -64.18
CA GLN E 643 -10.42 10.70 -65.62
C GLN E 643 -9.51 11.67 -66.36
N GLN E 644 -9.33 12.88 -65.83
CA GLN E 644 -8.43 13.82 -66.49
C GLN E 644 -7.06 13.19 -66.71
N LEU E 645 -6.48 12.60 -65.66
CA LEU E 645 -5.22 11.90 -65.80
C LEU E 645 -5.37 10.58 -66.55
N LYS E 646 -6.60 10.14 -66.79
CA LYS E 646 -6.85 9.02 -67.70
C LYS E 646 -7.09 9.49 -69.13
N GLN E 647 -6.98 10.79 -69.38
CA GLN E 647 -6.86 11.29 -70.74
C GLN E 647 -5.43 11.30 -71.23
N GLN E 648 -4.48 10.87 -70.39
CA GLN E 648 -3.07 10.87 -70.74
C GLN E 648 -2.39 9.54 -70.48
N GLY E 649 -3.06 8.59 -69.83
CA GLY E 649 -2.57 7.24 -69.67
C GLY E 649 -1.72 7.01 -68.45
N LEU E 650 -1.20 8.05 -67.85
CA LEU E 650 -0.33 7.88 -66.69
C LEU E 650 -1.17 7.58 -65.45
N PRO E 651 -0.64 6.78 -64.52
CA PRO E 651 -1.42 6.36 -63.36
C PRO E 651 -1.82 7.55 -62.52
N PRO E 652 -2.95 7.47 -61.81
CA PRO E 652 -3.44 8.62 -61.04
C PRO E 652 -2.75 8.71 -59.69
N ILE E 653 -2.36 9.93 -59.32
CA ILE E 653 -1.80 10.20 -58.00
C ILE E 653 -2.34 11.54 -57.56
N LEU E 654 -2.23 11.81 -56.25
CA LEU E 654 -2.69 13.09 -55.72
C LEU E 654 -1.83 13.43 -54.51
N LEU E 655 -1.34 14.66 -54.47
CA LEU E 655 -0.56 15.13 -53.34
C LEU E 655 -1.41 16.01 -52.43
N VAL E 656 -1.09 15.97 -51.14
CA VAL E 656 -1.82 16.71 -50.12
C VAL E 656 -0.86 17.13 -49.02
N MET E 657 -1.38 17.89 -48.08
CA MET E 657 -0.68 18.08 -46.82
C MET E 657 -0.76 16.78 -46.01
N PRO E 658 0.26 16.50 -45.21
CA PRO E 658 0.17 15.32 -44.33
C PRO E 658 -1.00 15.38 -43.39
N GLN E 659 -1.40 16.59 -42.97
CA GLN E 659 -2.50 16.71 -42.02
C GLN E 659 -3.83 16.41 -42.69
N LEU E 660 -3.90 16.45 -44.01
CA LEU E 660 -5.12 16.10 -44.71
C LEU E 660 -5.04 14.74 -45.36
N ARG E 661 -3.85 14.16 -45.43
CA ARG E 661 -3.64 12.84 -46.00
C ARG E 661 -4.69 11.84 -45.52
N PRO E 662 -4.87 11.62 -44.23
CA PRO E 662 -5.77 10.55 -43.82
C PRO E 662 -7.21 10.81 -44.17
N LEU E 663 -7.59 12.09 -44.26
CA LEU E 663 -8.95 12.43 -44.66
C LEU E 663 -9.21 11.98 -46.08
N LEU E 664 -8.48 12.55 -47.03
CA LEU E 664 -8.78 12.33 -48.44
C LEU E 664 -8.66 10.88 -48.84
N ALA E 665 -8.00 10.05 -48.03
CA ALA E 665 -7.95 8.63 -48.32
C ALA E 665 -9.36 8.03 -48.27
N ARG E 666 -10.22 8.56 -47.41
CA ARG E 666 -11.56 7.99 -47.32
C ARG E 666 -12.37 8.31 -48.56
N TYR E 667 -12.22 9.52 -49.09
CA TYR E 667 -12.95 9.87 -50.30
C TYR E 667 -12.49 9.02 -51.47
N ALA E 668 -11.19 9.00 -51.73
CA ALA E 668 -10.67 8.17 -52.80
C ALA E 668 -10.96 6.70 -52.60
N ARG E 669 -11.33 6.30 -51.38
CA ARG E 669 -11.69 4.91 -51.15
C ARG E 669 -13.14 4.62 -51.49
N THR E 670 -13.97 5.64 -51.59
CA THR E 670 -15.39 5.47 -51.87
C THR E 670 -15.78 5.99 -53.24
N PHE E 671 -15.41 7.23 -53.56
CA PHE E 671 -15.90 7.86 -54.79
C PHE E 671 -15.24 7.26 -56.02
N THR E 672 -13.92 7.28 -56.06
CA THR E 672 -13.18 6.78 -57.21
C THR E 672 -12.70 5.38 -56.90
N GLN E 673 -13.05 4.43 -57.77
CA GLN E 673 -12.59 3.06 -57.56
C GLN E 673 -11.08 2.96 -57.70
N GLY E 674 -10.45 3.95 -58.34
CA GLY E 674 -9.01 3.96 -58.45
C GLY E 674 -8.41 5.33 -58.22
N LEU E 675 -7.51 5.46 -57.24
CA LEU E 675 -6.83 6.71 -56.98
C LEU E 675 -5.68 6.43 -56.05
N ALA E 676 -4.92 7.47 -55.72
CA ALA E 676 -3.77 7.37 -54.82
C ALA E 676 -3.53 8.73 -54.20
N VAL E 677 -3.72 8.82 -52.89
CA VAL E 677 -3.53 10.06 -52.16
C VAL E 677 -2.24 9.91 -51.37
N LEU E 678 -1.19 10.61 -51.80
CA LEU E 678 0.10 10.55 -51.15
C LEU E 678 0.39 11.89 -50.50
N SER E 679 1.07 11.85 -49.36
CA SER E 679 1.48 13.09 -48.73
C SER E 679 2.74 13.61 -49.37
N TYR E 680 3.30 14.67 -48.81
CA TYR E 680 4.58 15.15 -49.30
C TYR E 680 5.72 14.35 -48.72
N ASN E 681 5.71 14.14 -47.41
CA ASN E 681 6.76 13.38 -46.76
C ASN E 681 6.68 11.90 -47.05
N GLU E 682 5.60 11.44 -47.70
CA GLU E 682 5.48 10.05 -48.09
C GLU E 682 6.11 9.77 -49.44
N ILE E 683 6.71 10.78 -50.07
CA ILE E 683 7.34 10.61 -51.38
C ILE E 683 8.83 10.82 -51.17
N PRO E 684 9.69 10.03 -51.81
CA PRO E 684 11.12 10.17 -51.56
C PRO E 684 11.62 11.51 -52.07
N GLU E 685 12.79 11.91 -51.57
CA GLU E 685 13.51 13.02 -52.17
C GLU E 685 14.29 12.59 -53.40
N ASN E 686 14.24 11.31 -53.74
CA ASN E 686 14.86 10.84 -54.97
C ASN E 686 14.00 11.19 -56.16
N LYS E 687 12.78 10.68 -56.22
CA LYS E 687 11.92 10.88 -57.37
C LYS E 687 11.47 12.32 -57.43
N GLN E 688 11.97 13.06 -58.42
CA GLN E 688 11.50 14.41 -58.63
C GLN E 688 10.08 14.40 -59.19
N ILE E 689 9.22 15.21 -58.60
CA ILE E 689 7.82 15.20 -58.94
C ILE E 689 7.53 16.32 -59.92
N ASN E 690 6.37 16.25 -60.56
CA ASN E 690 5.92 17.30 -61.47
C ASN E 690 4.44 17.51 -61.23
N VAL E 691 4.10 18.61 -60.55
CA VAL E 691 2.69 18.94 -60.36
C VAL E 691 2.03 19.16 -61.71
N VAL E 692 0.75 18.81 -61.78
CA VAL E 692 -0.02 19.07 -62.98
C VAL E 692 -0.85 20.34 -62.83
N GLY E 693 -1.48 20.51 -61.69
CA GLY E 693 -2.27 21.71 -61.47
C GLY E 693 -3.06 21.61 -60.18
N ASN E 694 -3.63 22.74 -59.82
CA ASN E 694 -4.42 22.86 -58.59
C ASN E 694 -5.78 22.22 -58.82
N LEU E 695 -6.70 22.40 -57.87
CA LEU E 695 -8.06 21.87 -57.98
C LEU E 695 -9.00 22.94 -57.42
N GLY E 696 -9.54 23.78 -58.29
CA GLY E 696 -10.44 24.85 -57.88
C GLY E 696 -11.91 24.47 -57.90
N GLU F 344 -2.03 -28.74 -56.71
CA GLU F 344 -3.48 -28.88 -56.84
C GLU F 344 -4.10 -29.21 -55.48
N GLU F 345 -3.42 -30.05 -54.71
CA GLU F 345 -3.80 -30.38 -53.34
C GLU F 345 -2.99 -29.56 -52.36
N ASP F 346 -2.76 -28.30 -52.69
CA ASP F 346 -2.13 -27.36 -51.77
C ASP F 346 -3.25 -26.81 -50.90
N THR F 347 -4.30 -27.62 -50.76
CA THR F 347 -5.54 -27.35 -50.04
C THR F 347 -5.29 -26.61 -48.73
N PRO F 348 -4.24 -26.91 -47.98
CA PRO F 348 -3.84 -25.94 -46.95
C PRO F 348 -2.89 -24.92 -47.55
N LEU F 349 -3.27 -23.66 -47.57
CA LEU F 349 -2.32 -22.57 -47.72
C LEU F 349 -2.03 -22.04 -46.32
N THR F 350 -0.76 -22.06 -45.94
CA THR F 350 -0.35 -21.65 -44.62
C THR F 350 0.48 -20.38 -44.72
N TRP F 351 0.53 -19.64 -43.62
CA TRP F 351 1.31 -18.42 -43.62
C TRP F 351 2.73 -18.64 -44.11
N ASP F 352 3.27 -19.84 -43.90
CA ASP F 352 4.63 -20.12 -44.34
C ASP F 352 4.76 -20.00 -45.86
N ASP F 353 3.70 -20.29 -46.59
CA ASP F 353 3.76 -20.19 -48.04
C ASP F 353 4.08 -18.77 -48.50
N ILE F 354 3.83 -17.78 -47.65
CA ILE F 354 4.17 -16.39 -47.92
C ILE F 354 5.66 -16.19 -47.73
N PRO F 355 6.42 -15.93 -48.77
CA PRO F 355 7.87 -15.78 -48.60
C PRO F 355 8.21 -14.52 -47.84
N HIS F 356 9.15 -14.64 -46.91
CA HIS F 356 9.62 -13.46 -46.20
C HIS F 356 10.25 -12.48 -47.17
N VAL F 357 10.53 -11.30 -46.67
CA VAL F 357 11.27 -10.31 -47.45
C VAL F 357 12.67 -10.24 -46.86
N HIS F 358 13.62 -9.82 -47.67
CA HIS F 358 15.00 -9.77 -47.24
C HIS F 358 15.53 -8.36 -47.37
N THR F 359 16.48 -8.02 -46.51
CA THR F 359 17.05 -6.68 -46.53
C THR F 359 17.70 -6.42 -47.87
N LEU F 360 18.77 -7.16 -48.19
CA LEU F 360 19.46 -6.98 -49.44
C LEU F 360 19.20 -8.16 -50.36
N SER F 361 18.96 -7.87 -51.62
CA SER F 361 18.75 -8.93 -52.60
C SER F 361 19.21 -8.44 -53.96
N LEU F 362 19.78 -9.35 -54.73
CA LEU F 362 20.28 -9.05 -56.06
C LEU F 362 19.39 -9.67 -57.11
N ALA F 363 19.13 -8.92 -58.17
CA ALA F 363 18.46 -9.43 -59.35
C ALA F 363 19.48 -9.66 -60.45
N LEU F 364 19.41 -10.82 -61.10
CA LEU F 364 20.44 -11.23 -62.05
C LEU F 364 19.80 -11.61 -63.39
N GLY F 365 20.04 -10.78 -64.39
CA GLY F 365 19.54 -11.06 -65.73
C GLY F 365 20.38 -12.08 -66.46
N TYR F 366 19.87 -12.49 -67.62
CA TYR F 366 20.38 -13.67 -68.34
C TYR F 366 21.88 -13.62 -68.52
N ARG F 367 22.38 -12.61 -69.23
CA ARG F 367 23.75 -12.62 -69.71
C ARG F 367 24.75 -12.74 -68.58
N LEU F 368 24.34 -12.45 -67.36
CA LEU F 368 25.24 -12.41 -66.22
C LEU F 368 24.79 -13.30 -65.07
N VAL F 369 24.10 -14.41 -65.38
CA VAL F 369 23.89 -15.44 -64.36
C VAL F 369 25.08 -16.37 -64.27
N HIS F 370 26.07 -16.21 -65.14
CA HIS F 370 27.26 -17.03 -65.01
C HIS F 370 28.16 -16.45 -63.93
N LEU F 371 27.57 -16.12 -62.79
CA LEU F 371 28.28 -15.49 -61.68
C LEU F 371 27.93 -16.08 -60.34
N VAL F 372 26.90 -16.92 -60.25
CA VAL F 372 26.50 -17.54 -59.01
C VAL F 372 26.34 -19.05 -59.15
N ASN F 373 26.52 -19.58 -60.33
CA ASN F 373 26.30 -20.98 -60.67
C ASN F 373 27.33 -21.94 -60.04
N LYS F 374 28.20 -21.49 -59.15
CA LYS F 374 29.07 -22.32 -58.32
C LYS F 374 30.15 -23.06 -59.09
N ASP F 375 30.18 -22.94 -60.42
CA ASP F 375 31.19 -23.61 -61.21
C ASP F 375 32.16 -22.61 -61.85
N GLN F 376 31.66 -21.65 -62.60
CA GLN F 376 32.51 -20.76 -63.39
C GLN F 376 33.16 -19.71 -62.50
N GLY F 377 33.84 -20.21 -61.47
CA GLY F 377 34.46 -19.36 -60.47
C GLY F 377 33.53 -18.30 -59.95
N ALA F 378 32.40 -18.72 -59.37
CA ALA F 378 31.35 -17.83 -58.90
C ALA F 378 31.93 -16.73 -58.04
N PRO F 379 32.02 -15.50 -58.55
CA PRO F 379 32.51 -14.40 -57.70
C PRO F 379 31.49 -13.97 -56.69
N LEU F 380 30.22 -13.92 -57.08
CA LEU F 380 29.18 -13.50 -56.15
C LEU F 380 28.77 -14.61 -55.21
N SER F 381 29.77 -15.30 -54.67
CA SER F 381 29.68 -16.03 -53.43
C SER F 381 30.93 -15.86 -52.60
N GLN F 382 32.00 -15.32 -53.19
CA GLN F 382 33.21 -14.95 -52.50
C GLN F 382 33.45 -13.46 -52.56
N ARG F 383 33.38 -12.85 -53.75
CA ARG F 383 33.55 -11.41 -53.84
C ARG F 383 32.49 -10.69 -53.03
N ILE F 384 31.24 -11.13 -53.13
CA ILE F 384 30.20 -10.51 -52.34
C ILE F 384 30.48 -10.70 -50.86
N ARG F 385 30.94 -11.89 -50.48
CA ARG F 385 31.37 -12.06 -49.10
C ARG F 385 32.62 -11.24 -48.84
N GLY F 386 33.44 -11.01 -49.87
CA GLY F 386 34.58 -10.14 -49.69
C GLY F 386 34.16 -8.77 -49.17
N VAL F 387 33.18 -8.17 -49.83
CA VAL F 387 32.70 -6.87 -49.37
C VAL F 387 31.99 -7.01 -48.03
N ARG F 388 31.08 -7.97 -47.92
CA ARG F 388 30.33 -8.14 -46.71
C ARG F 388 31.20 -8.47 -45.50
N ARG F 389 32.48 -8.76 -45.71
CA ARG F 389 33.39 -8.97 -44.59
C ARG F 389 34.32 -7.79 -44.39
N ASN F 390 34.97 -7.34 -45.45
CA ASN F 390 35.87 -6.21 -45.31
C ASN F 390 35.16 -4.95 -45.13
N LEU F 391 33.84 -5.00 -45.02
CA LEU F 391 33.09 -3.88 -44.50
C LEU F 391 32.45 -4.17 -43.17
N SER F 392 32.08 -5.42 -42.93
CA SER F 392 31.57 -5.78 -41.61
C SER F 392 32.64 -5.41 -40.60
N GLU F 393 33.77 -6.09 -40.66
CA GLU F 393 34.79 -5.87 -39.64
C GLU F 393 35.19 -4.40 -39.53
N GLN F 394 34.80 -3.57 -40.49
CA GLN F 394 35.12 -2.16 -40.41
C GLN F 394 34.06 -1.38 -39.66
N VAL F 395 32.78 -1.64 -39.94
CA VAL F 395 31.72 -0.90 -39.25
C VAL F 395 31.19 -1.64 -38.03
N GLY F 396 31.79 -2.75 -37.67
CA GLY F 396 31.56 -3.33 -36.38
C GLY F 396 30.45 -4.34 -36.29
N PHE F 397 29.35 -4.15 -37.00
CA PHE F 397 28.21 -5.03 -36.87
C PHE F 397 28.03 -5.82 -38.15
N LEU F 398 27.76 -7.10 -38.00
CA LEU F 398 27.72 -8.00 -39.15
C LEU F 398 26.63 -7.60 -40.12
N LEU F 399 27.03 -7.12 -41.29
CA LEU F 399 26.05 -6.73 -42.28
C LEU F 399 25.21 -7.93 -42.69
N PRO F 400 24.00 -7.69 -43.16
CA PRO F 400 23.11 -8.81 -43.49
C PRO F 400 23.66 -9.66 -44.62
N GLU F 401 23.01 -10.80 -44.82
CA GLU F 401 23.41 -11.73 -45.87
C GLU F 401 22.77 -11.31 -47.18
N VAL F 402 23.60 -10.92 -48.15
CA VAL F 402 23.06 -10.53 -49.44
C VAL F 402 22.52 -11.76 -50.14
N ARG F 403 21.23 -11.74 -50.43
CA ARG F 403 20.60 -12.81 -51.18
C ARG F 403 20.61 -12.45 -52.66
N ILE F 404 20.51 -13.47 -53.50
CA ILE F 404 20.62 -13.28 -54.93
C ILE F 404 19.52 -14.08 -55.63
N ARG F 405 18.75 -13.40 -56.46
CA ARG F 405 17.73 -14.05 -57.26
C ARG F 405 17.86 -13.57 -58.70
N ASP F 406 17.22 -14.31 -59.60
CA ASP F 406 17.32 -14.04 -61.04
C ASP F 406 15.91 -13.97 -61.61
N ASN F 407 15.36 -12.76 -61.64
CA ASN F 407 14.06 -12.53 -62.27
C ASN F 407 14.26 -12.31 -63.75
N LEU F 408 13.65 -13.15 -64.57
CA LEU F 408 13.72 -12.95 -66.01
C LEU F 408 13.10 -11.63 -66.44
N SER F 409 12.34 -10.98 -65.55
CA SER F 409 11.55 -9.80 -65.89
C SER F 409 12.37 -8.69 -66.54
N LEU F 410 13.68 -8.71 -66.38
CA LEU F 410 14.51 -7.59 -66.77
C LEU F 410 15.48 -7.97 -67.87
N LYS F 411 16.13 -6.95 -68.42
CA LYS F 411 16.99 -7.12 -69.59
C LYS F 411 18.06 -8.15 -69.30
N PRO F 412 18.49 -8.92 -70.30
CA PRO F 412 19.33 -10.10 -70.02
C PRO F 412 20.68 -9.77 -69.42
N ASN F 413 21.09 -8.51 -69.42
CA ASN F 413 22.42 -8.15 -68.95
C ASN F 413 22.39 -7.00 -67.95
N GLN F 414 21.36 -6.94 -67.11
CA GLN F 414 21.35 -5.93 -66.06
C GLN F 414 21.07 -6.59 -64.72
N TYR F 415 21.27 -5.79 -63.68
CA TYR F 415 21.12 -6.21 -62.31
C TYR F 415 20.52 -5.08 -61.50
N THR F 416 19.74 -5.44 -60.49
CA THR F 416 19.16 -4.47 -59.58
C THR F 416 19.44 -4.91 -58.15
N ILE F 417 19.81 -3.95 -57.31
CA ILE F 417 20.03 -4.21 -55.89
C ILE F 417 18.81 -3.71 -55.14
N SER F 418 18.31 -4.50 -54.21
CA SER F 418 17.05 -4.22 -53.55
C SER F 418 17.25 -4.15 -52.05
N LEU F 419 16.80 -3.05 -51.45
CA LEU F 419 16.89 -2.88 -50.01
C LEU F 419 15.49 -3.02 -49.40
N ASN F 420 15.28 -4.12 -48.68
CA ASN F 420 14.11 -4.40 -47.88
C ASN F 420 12.86 -4.76 -48.65
N GLY F 421 12.74 -4.38 -49.91
CA GLY F 421 11.72 -5.03 -50.68
C GLY F 421 11.86 -4.91 -52.18
N GLU F 422 12.82 -4.11 -52.63
CA GLU F 422 12.64 -3.51 -53.95
C GLU F 422 13.86 -2.69 -54.30
N VAL F 423 13.94 -2.35 -55.58
CA VAL F 423 15.18 -1.83 -56.13
C VAL F 423 15.55 -0.51 -55.47
N ILE F 424 16.85 -0.32 -55.30
CA ILE F 424 17.40 0.98 -54.93
C ILE F 424 18.27 1.52 -56.05
N GLU F 425 19.14 0.68 -56.61
CA GLU F 425 19.93 1.05 -57.77
C GLU F 425 19.94 -0.13 -58.72
N GLN F 426 20.09 0.18 -60.00
CA GLN F 426 20.00 -0.79 -61.07
C GLN F 426 21.05 -0.45 -62.10
N GLY F 427 21.98 -1.37 -62.34
CA GLY F 427 23.08 -1.14 -63.25
C GLY F 427 22.96 -1.95 -64.51
N PHE F 428 23.84 -1.65 -65.47
CA PHE F 428 23.88 -2.32 -66.75
C PHE F 428 25.29 -2.81 -67.00
N ILE F 429 25.42 -4.09 -67.29
CA ILE F 429 26.70 -4.77 -67.46
C ILE F 429 26.91 -5.10 -68.93
N GLU F 430 28.09 -4.78 -69.44
CA GLU F 430 28.42 -5.08 -70.81
C GLU F 430 28.58 -6.60 -70.95
N PRO F 431 28.28 -7.17 -72.14
CA PRO F 431 28.23 -8.63 -72.26
C PRO F 431 29.49 -9.33 -71.77
N GLU F 432 30.63 -9.02 -72.37
CA GLU F 432 31.88 -9.60 -71.92
C GLU F 432 33.04 -8.61 -71.97
N ARG F 433 32.77 -7.32 -72.11
CA ARG F 433 33.82 -6.31 -72.14
C ARG F 433 34.03 -5.77 -70.73
N LEU F 434 35.21 -6.05 -70.17
CA LEU F 434 35.54 -5.59 -68.83
C LEU F 434 35.57 -4.07 -68.81
N MET F 435 35.16 -3.50 -67.68
CA MET F 435 35.15 -2.05 -67.53
C MET F 435 36.45 -1.58 -66.89
N ALA F 436 36.96 -0.46 -67.37
CA ALA F 436 38.08 0.22 -66.75
C ALA F 436 37.69 1.65 -66.45
N ILE F 437 38.30 2.21 -65.42
CA ILE F 437 38.02 3.59 -64.99
C ILE F 437 39.30 4.39 -65.08
N ALA F 438 39.17 5.66 -65.45
CA ALA F 438 40.26 6.61 -65.40
C ALA F 438 39.98 7.56 -64.24
N VAL F 439 40.76 7.43 -63.17
CA VAL F 439 40.54 8.22 -61.97
C VAL F 439 40.55 9.72 -62.28
N GLY F 440 41.37 10.12 -63.25
CA GLY F 440 41.55 11.53 -63.55
C GLY F 440 43.01 11.85 -63.77
N ASP F 441 43.88 11.03 -63.18
CA ASP F 441 45.32 11.13 -63.40
C ASP F 441 45.80 10.25 -64.53
N THR F 442 45.04 9.24 -64.91
CA THR F 442 45.41 8.39 -66.03
C THR F 442 45.23 9.14 -67.34
N TYR F 443 46.12 8.87 -68.30
CA TYR F 443 46.07 9.46 -69.62
C TYR F 443 45.90 8.38 -70.68
N GLY F 444 45.40 8.80 -71.83
CA GLY F 444 45.15 7.90 -72.93
C GLY F 444 43.83 7.17 -72.79
N GLU F 445 43.28 6.78 -73.93
CA GLU F 445 42.04 6.04 -73.99
C GLU F 445 42.28 4.69 -74.67
N ILE F 446 41.37 3.75 -74.43
CA ILE F 446 41.43 2.45 -75.07
C ILE F 446 40.13 2.24 -75.83
N ASP F 447 40.15 1.28 -76.75
CA ASP F 447 39.01 1.05 -77.65
C ASP F 447 37.72 0.75 -76.90
N GLY F 448 37.77 0.63 -75.58
CA GLY F 448 36.60 0.17 -74.84
C GLY F 448 35.39 1.05 -75.10
N ILE F 449 34.23 0.40 -75.24
CA ILE F 449 32.98 1.12 -75.40
C ILE F 449 32.72 1.96 -74.15
N LEU F 450 32.38 3.23 -74.37
CA LEU F 450 32.11 4.12 -73.25
C LEU F 450 30.94 3.59 -72.43
N GLY F 451 30.94 3.94 -71.16
CA GLY F 451 29.84 3.60 -70.28
C GLY F 451 29.80 4.62 -69.19
N SER F 452 29.52 4.16 -67.98
CA SER F 452 29.64 4.99 -66.79
C SER F 452 30.09 4.12 -65.63
N ASP F 453 30.53 4.77 -64.57
CA ASP F 453 30.82 4.07 -63.34
C ASP F 453 29.55 4.00 -62.49
N PRO F 454 28.94 2.83 -62.34
CA PRO F 454 27.74 2.75 -61.50
C PRO F 454 27.99 3.10 -60.05
N ALA F 455 29.25 3.15 -59.63
CA ALA F 455 29.54 3.45 -58.23
C ALA F 455 29.52 4.95 -57.95
N TYR F 456 30.42 5.70 -58.59
CA TYR F 456 30.59 7.11 -58.26
C TYR F 456 30.31 8.04 -59.43
N GLN F 457 29.60 7.57 -60.46
CA GLN F 457 29.31 8.38 -61.63
C GLN F 457 30.59 8.91 -62.28
N LEU F 458 31.46 7.99 -62.69
CA LEU F 458 32.68 8.30 -63.42
C LEU F 458 32.60 7.74 -64.83
N PRO F 459 33.35 8.31 -65.77
CA PRO F 459 33.35 7.75 -67.12
C PRO F 459 34.05 6.40 -67.15
N ALA F 460 33.51 5.51 -67.97
CA ALA F 460 33.97 4.14 -67.99
C ALA F 460 34.04 3.63 -69.42
N VAL F 461 35.04 2.81 -69.70
CA VAL F 461 35.20 2.15 -70.97
C VAL F 461 35.18 0.65 -70.74
N TRP F 462 34.46 -0.07 -71.59
CA TRP F 462 34.29 -1.51 -71.42
C TRP F 462 35.13 -2.22 -72.47
N ILE F 463 36.19 -2.87 -72.01
CA ILE F 463 37.25 -3.40 -72.85
C ILE F 463 37.22 -4.91 -72.78
N GLU F 464 37.75 -5.55 -73.81
CA GLU F 464 37.77 -7.01 -73.82
C GLU F 464 38.72 -7.53 -72.74
N HIS F 465 38.81 -8.85 -72.63
CA HIS F 465 39.63 -9.44 -71.57
C HIS F 465 41.11 -9.36 -71.88
N GLN F 466 41.47 -9.11 -73.14
CA GLN F 466 42.89 -9.11 -73.51
C GLN F 466 43.53 -7.75 -73.26
N ASP F 467 42.78 -6.66 -73.44
CA ASP F 467 43.30 -5.30 -73.37
C ASP F 467 43.67 -4.87 -71.99
N LYS F 468 43.64 -5.76 -71.00
CA LYS F 468 44.05 -5.42 -69.64
C LYS F 468 45.42 -4.75 -69.65
N ALA F 469 46.37 -5.33 -70.38
CA ALA F 469 47.71 -4.76 -70.45
C ALA F 469 47.67 -3.30 -70.87
N LYS F 470 46.98 -3.00 -71.97
CA LYS F 470 46.86 -1.62 -72.41
C LYS F 470 46.23 -0.75 -71.33
N ALA F 471 45.23 -1.27 -70.62
CA ALA F 471 44.68 -0.56 -69.48
C ALA F 471 45.69 -0.52 -68.34
N LEU F 472 46.24 -1.68 -67.97
CA LEU F 472 47.20 -1.75 -66.87
C LEU F 472 48.48 -1.00 -67.17
N ASN F 473 48.86 -0.87 -68.45
CA ASN F 473 50.06 -0.13 -68.80
C ASN F 473 49.79 1.31 -69.18
N MET F 474 48.52 1.69 -69.36
CA MET F 474 48.17 3.09 -69.51
C MET F 474 47.82 3.74 -68.18
N GLY F 475 47.55 2.94 -67.16
CA GLY F 475 47.25 3.45 -65.84
C GLY F 475 45.79 3.32 -65.44
N TYR F 476 45.01 2.53 -66.16
CA TYR F 476 43.58 2.46 -65.93
C TYR F 476 43.26 1.68 -64.67
N GLN F 477 41.98 1.76 -64.29
CA GLN F 477 41.43 1.00 -63.18
C GLN F 477 40.42 0.03 -63.76
N VAL F 478 40.89 -1.12 -64.19
CA VAL F 478 40.04 -2.14 -64.79
C VAL F 478 39.49 -3.02 -63.69
N VAL F 479 38.30 -3.57 -63.92
CA VAL F 479 37.65 -4.46 -62.97
C VAL F 479 36.84 -5.51 -63.71
N ASP F 480 36.80 -6.71 -63.13
CA ASP F 480 35.99 -7.80 -63.66
C ASP F 480 34.52 -7.44 -63.58
N ASP F 481 33.66 -8.21 -64.23
CA ASP F 481 32.22 -7.98 -64.13
C ASP F 481 31.78 -7.98 -62.68
N GLY F 482 32.06 -9.07 -61.97
CA GLY F 482 31.53 -9.24 -60.62
C GLY F 482 31.89 -8.10 -59.69
N THR F 483 33.10 -7.56 -59.83
CA THR F 483 33.50 -6.46 -58.97
C THR F 483 32.68 -5.22 -59.24
N VAL F 484 32.29 -4.99 -60.49
CA VAL F 484 31.44 -3.83 -60.79
C VAL F 484 30.16 -3.91 -59.98
N ILE F 485 29.65 -5.12 -59.79
CA ILE F 485 28.53 -5.30 -58.87
C ILE F 485 28.99 -5.11 -57.44
N ALA F 486 29.94 -5.93 -56.99
CA ALA F 486 30.33 -5.93 -55.58
C ALA F 486 30.66 -4.54 -55.09
N THR F 487 31.31 -3.73 -55.92
CA THR F 487 31.54 -2.36 -55.49
C THR F 487 30.23 -1.60 -55.36
N HIS F 488 29.24 -1.92 -56.20
CA HIS F 488 27.97 -1.23 -56.08
C HIS F 488 27.24 -1.62 -54.81
N ILE F 489 27.23 -2.91 -54.50
CA ILE F 489 26.66 -3.37 -53.24
C ILE F 489 27.38 -2.72 -52.07
N SER F 490 28.69 -2.59 -52.16
CA SER F 490 29.42 -1.95 -51.08
C SER F 490 28.96 -0.52 -50.88
N LYS F 491 28.79 0.21 -51.97
CA LYS F 491 28.35 1.59 -51.82
C LYS F 491 26.95 1.65 -51.24
N ILE F 492 26.07 0.74 -51.66
CA ILE F 492 24.70 0.77 -51.16
C ILE F 492 24.67 0.46 -49.67
N MET F 493 25.42 -0.54 -49.23
CA MET F 493 25.51 -0.80 -47.81
C MET F 493 26.04 0.41 -47.07
N LYS F 494 27.16 0.96 -47.54
CA LYS F 494 27.78 2.05 -46.80
C LYS F 494 26.88 3.26 -46.75
N THR F 495 25.93 3.37 -47.67
CA THR F 495 25.02 4.51 -47.58
C THR F 495 23.82 4.21 -46.69
N ASN F 496 23.19 3.06 -46.88
CA ASN F 496 21.98 2.71 -46.15
C ASN F 496 22.27 1.98 -44.85
N LEU F 497 23.48 2.13 -44.31
CA LEU F 497 23.84 1.47 -43.05
C LEU F 497 22.73 1.47 -42.02
N ALA F 498 22.00 2.57 -41.89
CA ALA F 498 20.96 2.62 -40.87
C ALA F 498 19.98 1.47 -41.04
N GLU F 499 19.25 1.45 -42.14
CA GLU F 499 18.20 0.45 -42.31
C GLU F 499 18.72 -0.97 -42.30
N LEU F 500 20.03 -1.16 -42.35
CA LEU F 500 20.60 -2.49 -42.26
C LEU F 500 20.82 -2.93 -40.83
N PHE F 501 20.58 -2.05 -39.86
CA PHE F 501 20.75 -2.37 -38.46
C PHE F 501 19.36 -2.63 -37.86
N THR F 502 19.09 -3.90 -37.58
CA THR F 502 17.76 -4.31 -37.17
C THR F 502 17.59 -4.18 -35.67
N HIS F 503 16.36 -4.29 -35.21
CA HIS F 503 16.08 -4.34 -33.78
C HIS F 503 16.48 -5.64 -33.17
N ASP F 504 17.19 -6.48 -33.91
CA ASP F 504 17.69 -7.72 -33.36
C ASP F 504 19.18 -7.72 -33.13
N ASP F 505 19.93 -6.87 -33.84
CA ASP F 505 21.36 -6.79 -33.58
C ASP F 505 21.63 -6.19 -32.21
N VAL F 506 20.78 -5.29 -31.75
CA VAL F 506 20.92 -4.69 -30.43
C VAL F 506 21.02 -5.78 -29.37
N GLU F 507 20.51 -6.97 -29.69
CA GLU F 507 20.82 -8.10 -28.85
C GLU F 507 22.24 -8.59 -29.10
N ALA F 508 22.62 -8.72 -30.36
CA ALA F 508 23.95 -9.23 -30.66
C ALA F 508 25.04 -8.26 -30.26
N MET F 509 24.78 -6.95 -30.35
CA MET F 509 25.79 -6.01 -29.89
C MET F 509 26.04 -6.18 -28.41
N THR F 510 24.99 -6.33 -27.62
CA THR F 510 25.22 -6.55 -26.19
C THR F 510 25.88 -7.89 -25.94
N GLN F 511 25.67 -8.88 -26.80
CA GLN F 511 26.42 -10.13 -26.63
C GLN F 511 27.90 -9.90 -26.88
N ARG F 512 28.23 -9.28 -28.00
CA ARG F 512 29.61 -9.03 -28.35
C ARG F 512 30.26 -8.07 -27.37
N LEU F 513 29.49 -7.25 -26.68
CA LEU F 513 30.02 -6.36 -25.67
C LEU F 513 30.16 -7.02 -24.31
N THR F 514 29.28 -7.96 -23.98
CA THR F 514 29.50 -8.78 -22.80
C THR F 514 30.73 -9.64 -22.95
N GLN F 515 31.10 -9.98 -24.18
CA GLN F 515 32.34 -10.73 -24.33
C GLN F 515 33.53 -9.93 -23.83
N GLN F 516 33.49 -8.61 -23.96
CA GLN F 516 34.63 -7.79 -23.54
C GLN F 516 34.49 -7.28 -22.12
N ALA F 517 33.41 -6.54 -21.84
CA ALA F 517 33.20 -5.87 -20.57
C ALA F 517 31.94 -6.41 -19.91
N PRO F 518 31.93 -7.70 -19.53
CA PRO F 518 30.67 -8.36 -19.20
C PRO F 518 29.88 -7.68 -18.13
N LYS F 519 30.50 -6.80 -17.36
CA LYS F 519 29.77 -6.10 -16.32
C LYS F 519 29.17 -4.80 -16.82
N LEU F 520 29.52 -4.37 -18.04
CA LEU F 520 28.99 -3.10 -18.51
C LEU F 520 27.57 -3.27 -19.04
N ALA F 521 27.37 -4.21 -19.96
CA ALA F 521 26.04 -4.44 -20.50
C ALA F 521 25.04 -4.72 -19.40
N GLU F 522 25.39 -5.65 -18.51
CA GLU F 522 24.53 -5.95 -17.36
C GLU F 522 24.17 -4.70 -16.59
N ALA F 523 24.93 -3.62 -16.77
CA ALA F 523 24.56 -2.32 -16.22
C ALA F 523 24.09 -1.35 -17.27
N LEU F 524 24.25 -1.67 -18.55
CA LEU F 524 23.72 -0.80 -19.59
C LEU F 524 22.30 -1.19 -19.96
N ALA F 525 22.08 -2.48 -20.26
CA ALA F 525 20.75 -2.93 -20.65
C ALA F 525 19.71 -2.56 -19.61
N ALA F 526 20.11 -2.48 -18.35
CA ALA F 526 19.18 -2.01 -17.33
C ALA F 526 19.07 -0.50 -17.28
N ALA F 527 19.80 0.22 -18.13
CA ALA F 527 19.71 1.67 -18.19
C ALA F 527 19.00 2.18 -19.42
N LEU F 528 19.12 1.49 -20.55
CA LEU F 528 18.38 1.84 -21.77
C LEU F 528 17.78 0.58 -22.36
N ASN F 529 16.46 0.55 -22.44
CA ASN F 529 15.78 -0.57 -23.06
C ASN F 529 16.12 -0.64 -24.54
N PRO F 530 16.24 -1.85 -25.08
CA PRO F 530 16.76 -2.01 -26.45
C PRO F 530 16.07 -1.15 -27.48
N ALA F 531 14.83 -0.78 -27.24
CA ALA F 531 14.19 0.18 -28.13
C ALA F 531 14.91 1.50 -28.10
N GLN F 532 15.41 1.91 -26.93
CA GLN F 532 16.12 3.17 -26.83
C GLN F 532 17.53 3.03 -27.37
N GLN F 533 18.17 1.89 -27.15
CA GLN F 533 19.52 1.70 -27.67
C GLN F 533 19.54 1.82 -29.17
N LEU F 534 18.63 1.12 -29.84
CA LEU F 534 18.68 1.05 -31.29
C LEU F 534 18.63 2.44 -31.92
N LYS F 535 17.75 3.30 -31.44
CA LYS F 535 17.70 4.64 -31.98
C LYS F 535 19.07 5.31 -31.93
N VAL F 536 19.83 5.03 -30.87
CA VAL F 536 21.16 5.63 -30.77
C VAL F 536 22.09 5.07 -31.81
N TYR F 537 22.11 3.75 -31.96
CA TYR F 537 22.97 3.18 -33.00
C TYR F 537 22.52 3.64 -34.37
N ARG F 538 21.23 3.84 -34.55
CA ARG F 538 20.76 4.39 -35.81
C ARG F 538 21.35 5.76 -36.05
N GLN F 539 21.32 6.61 -35.03
CA GLN F 539 21.83 7.96 -35.22
C GLN F 539 23.33 7.96 -35.44
N LEU F 540 24.01 7.00 -34.84
CA LEU F 540 25.44 6.88 -35.07
C LEU F 540 25.75 6.38 -36.46
N LEU F 541 24.96 5.46 -36.98
CA LEU F 541 25.27 4.89 -38.28
C LEU F 541 24.77 5.76 -39.41
N LEU F 542 23.81 6.63 -39.16
CA LEU F 542 23.35 7.53 -40.21
C LEU F 542 24.50 8.33 -40.77
N ASP F 543 25.18 9.09 -39.93
CA ASP F 543 26.39 9.79 -40.35
C ASP F 543 27.58 8.86 -40.45
N GLN F 544 27.36 7.55 -40.47
CA GLN F 544 28.38 6.59 -40.88
C GLN F 544 29.59 6.60 -39.96
N VAL F 545 29.34 6.41 -38.67
CA VAL F 545 30.40 6.34 -37.65
C VAL F 545 30.59 4.88 -37.28
N PRO F 546 31.80 4.36 -37.29
CA PRO F 546 31.98 2.93 -37.05
C PRO F 546 31.68 2.59 -35.60
N LEU F 547 31.01 1.46 -35.41
CA LEU F 547 30.71 0.93 -34.08
C LEU F 547 31.63 -0.19 -33.70
N LYS F 548 32.90 -0.13 -34.08
CA LYS F 548 33.79 -1.25 -33.77
C LYS F 548 34.06 -1.31 -32.28
N ASP F 549 34.48 -0.20 -31.68
CA ASP F 549 34.86 -0.17 -30.28
C ASP F 549 33.60 0.04 -29.44
N ILE F 550 32.86 -1.04 -29.26
CA ILE F 550 31.56 -0.88 -28.62
C ILE F 550 31.72 -0.52 -27.16
N ARG F 551 32.79 -0.96 -26.50
CA ARG F 551 32.94 -0.66 -25.09
C ARG F 551 32.95 0.83 -24.84
N THR F 552 33.85 1.54 -25.50
CA THR F 552 33.87 2.98 -25.33
C THR F 552 32.65 3.67 -25.88
N ILE F 553 31.66 2.93 -26.36
CA ILE F 553 30.39 3.52 -26.75
C ILE F 553 29.32 3.24 -25.72
N ALA F 554 29.22 2.00 -25.26
CA ALA F 554 28.29 1.72 -24.19
C ALA F 554 28.68 2.49 -22.94
N ASN F 555 29.98 2.61 -22.68
CA ASN F 555 30.44 3.43 -21.58
C ASN F 555 29.85 4.82 -21.67
N THR F 556 29.87 5.42 -22.85
CA THR F 556 29.39 6.79 -22.98
C THR F 556 27.87 6.85 -22.90
N MET F 557 27.18 5.88 -23.47
CA MET F 557 25.73 5.86 -23.32
C MET F 557 25.34 5.64 -21.87
N LEU F 558 25.99 4.69 -21.20
CA LEU F 558 25.71 4.48 -19.79
C LEU F 558 25.94 5.74 -18.99
N GLU F 559 27.04 6.44 -19.26
CA GLU F 559 27.28 7.71 -18.59
C GLU F 559 26.15 8.68 -18.87
N SER F 560 25.99 9.08 -20.12
CA SER F 560 25.10 10.16 -20.47
C SER F 560 23.63 9.79 -20.37
N SER F 561 23.30 8.56 -19.99
CA SER F 561 21.91 8.19 -19.91
C SER F 561 21.18 8.84 -18.75
N GLU F 562 21.89 9.38 -17.77
CA GLU F 562 21.22 9.98 -16.62
C GLU F 562 20.42 11.20 -17.03
N ASN F 563 21.05 12.09 -17.80
CA ASN F 563 20.41 13.37 -18.11
C ASN F 563 19.25 13.17 -19.07
N THR F 564 19.54 12.71 -20.28
CA THR F 564 18.56 12.65 -21.34
C THR F 564 18.53 11.26 -21.95
N LYS F 565 17.32 10.77 -22.22
CA LYS F 565 17.16 9.56 -22.98
C LYS F 565 16.85 9.83 -24.44
N ASP F 566 16.95 11.07 -24.86
CA ASP F 566 16.71 11.39 -26.25
C ASP F 566 17.84 10.83 -27.10
N PRO F 567 17.55 10.19 -28.20
CA PRO F 567 18.60 9.48 -28.93
C PRO F 567 19.36 10.36 -29.89
N ILE F 568 19.24 11.67 -29.75
CA ILE F 568 20.03 12.56 -30.59
C ILE F 568 20.96 13.36 -29.71
N LEU F 569 20.53 13.61 -28.47
CA LEU F 569 21.47 14.13 -27.50
C LEU F 569 22.46 13.07 -27.09
N LEU F 570 22.06 11.80 -27.15
CA LEU F 570 22.99 10.72 -26.86
C LEU F 570 23.97 10.50 -28.00
N ALA F 571 23.49 10.55 -29.23
CA ALA F 571 24.38 10.36 -30.36
C ALA F 571 25.40 11.47 -30.46
N ALA F 572 25.15 12.62 -29.84
CA ALA F 572 26.16 13.66 -29.84
C ALA F 572 27.30 13.31 -28.89
N ASP F 573 26.96 12.77 -27.71
CA ASP F 573 28.00 12.48 -26.73
C ASP F 573 28.88 11.33 -27.19
N VAL F 574 28.29 10.30 -27.78
CA VAL F 574 29.12 9.22 -28.29
C VAL F 574 30.07 9.74 -29.35
N ARG F 575 29.63 10.71 -30.14
CA ARG F 575 30.53 11.23 -31.16
C ARG F 575 31.60 12.11 -30.56
N CYS F 576 31.26 12.86 -29.51
CA CYS F 576 32.29 13.60 -28.81
C CYS F 576 33.30 12.65 -28.17
N ALA F 577 32.88 11.46 -27.81
CA ALA F 577 33.81 10.50 -27.24
C ALA F 577 34.63 9.80 -28.30
N LEU F 578 34.12 9.71 -29.52
CA LEU F 578 34.85 9.06 -30.60
C LEU F 578 35.55 10.05 -31.51
N LYS F 579 35.58 11.34 -31.16
CA LYS F 579 36.22 12.39 -31.95
C LYS F 579 37.50 11.91 -32.62
N ARG F 580 38.30 11.12 -31.91
CA ARG F 580 39.52 10.58 -32.47
C ARG F 580 39.24 9.85 -33.77
N THR F 581 38.49 8.75 -33.69
CA THR F 581 38.27 7.94 -34.87
C THR F 581 37.41 8.65 -35.90
N LEU F 582 36.50 9.50 -35.45
CA LEU F 582 35.74 10.35 -36.38
C LEU F 582 36.67 11.07 -37.33
N VAL F 583 37.53 11.94 -36.79
CA VAL F 583 38.37 12.73 -37.66
C VAL F 583 39.36 11.84 -38.38
N ASN F 584 39.86 10.80 -37.72
CA ASN F 584 40.79 9.90 -38.39
C ASN F 584 40.18 9.29 -39.64
N LEU F 585 38.86 9.08 -39.64
CA LEU F 585 38.21 8.51 -40.80
C LEU F 585 37.78 9.55 -41.82
N ILE F 586 37.43 10.75 -41.38
CA ILE F 586 37.04 11.79 -42.33
C ILE F 586 38.27 12.32 -43.05
N ALA F 587 39.22 12.88 -42.30
CA ALA F 587 40.45 13.39 -42.86
C ALA F 587 41.58 12.43 -42.54
N GLY F 588 42.77 12.78 -43.00
CA GLY F 588 43.93 11.97 -42.76
C GLY F 588 44.58 12.29 -41.43
N GLN F 589 45.69 11.61 -41.16
CA GLN F 589 46.42 11.81 -39.92
C GLN F 589 47.18 13.13 -39.90
N LYS F 590 47.15 13.89 -40.99
CA LYS F 590 47.78 15.20 -41.06
C LYS F 590 47.14 16.12 -40.02
N PRO F 591 47.92 16.63 -39.07
CA PRO F 591 47.32 17.43 -37.99
C PRO F 591 46.64 18.70 -38.48
N GLU F 592 47.24 19.41 -39.43
CA GLU F 592 46.56 20.56 -40.01
C GLU F 592 45.29 20.08 -40.72
N LEU F 593 44.24 20.88 -40.65
CA LEU F 593 42.95 20.49 -41.19
C LEU F 593 42.27 21.69 -41.84
N ASN F 594 41.62 21.44 -42.98
CA ASN F 594 40.92 22.48 -43.73
C ASN F 594 39.45 22.10 -43.82
N VAL F 595 38.57 23.06 -43.52
CA VAL F 595 37.14 22.83 -43.41
C VAL F 595 36.43 24.16 -43.69
N TYR F 596 35.13 24.09 -43.96
CA TYR F 596 34.32 25.29 -44.04
C TYR F 596 33.87 25.76 -42.67
N ALA F 597 32.89 26.65 -42.68
CA ALA F 597 32.26 27.14 -41.46
C ALA F 597 31.00 27.88 -41.87
N LEU F 598 30.00 27.84 -40.99
CA LEU F 598 28.79 28.60 -41.25
C LEU F 598 29.08 30.09 -41.22
N SER F 599 28.40 30.81 -42.10
CA SER F 599 28.47 32.27 -42.10
C SER F 599 27.72 32.79 -40.89
N ASP F 600 28.44 33.52 -40.03
CA ASP F 600 27.92 34.05 -38.77
C ASP F 600 26.50 34.56 -38.91
N GLU F 601 26.21 35.23 -40.02
CA GLU F 601 24.84 35.64 -40.31
C GLU F 601 23.92 34.42 -40.42
N LEU F 602 24.19 33.54 -41.39
CA LEU F 602 23.29 32.40 -41.58
C LEU F 602 23.26 31.52 -40.34
N GLU F 603 24.43 31.28 -39.74
CA GLU F 603 24.48 30.49 -38.51
C GLU F 603 23.55 31.06 -37.46
N GLN F 604 23.62 32.36 -37.24
CA GLN F 604 22.70 33.00 -36.30
C GLN F 604 21.26 32.84 -36.77
N MET F 605 21.03 33.00 -38.07
CA MET F 605 19.66 32.92 -38.59
C MET F 605 19.01 31.59 -38.27
N LEU F 606 19.78 30.52 -38.20
CA LEU F 606 19.21 29.22 -37.86
C LEU F 606 18.89 29.14 -36.37
N LEU F 607 19.87 29.50 -35.53
CA LEU F 607 19.68 29.40 -34.09
C LEU F 607 18.41 30.12 -33.66
N THR F 608 18.11 31.24 -34.32
CA THR F 608 16.82 31.88 -34.12
C THR F 608 15.69 30.88 -34.30
N SER F 609 15.75 30.10 -35.38
CA SER F 609 14.68 29.16 -35.69
C SER F 609 14.56 28.09 -34.61
N LEU F 610 15.70 27.53 -34.20
CA LEU F 610 15.69 26.53 -33.14
C LEU F 610 15.08 27.09 -31.86
N GLN F 611 15.50 28.28 -31.46
CA GLN F 611 14.97 28.88 -30.23
C GLN F 611 13.47 29.10 -30.34
N GLN F 612 13.01 29.52 -31.53
CA GLN F 612 11.58 29.71 -31.71
C GLN F 612 10.84 28.39 -31.54
N ALA F 613 11.30 27.35 -32.24
CA ALA F 613 10.65 26.05 -32.13
C ALA F 613 10.73 25.49 -30.72
N GLN F 614 11.70 25.94 -29.94
CA GLN F 614 11.77 25.52 -28.54
C GLN F 614 10.52 25.86 -27.76
N ALA F 615 9.65 26.72 -28.30
CA ALA F 615 8.36 26.96 -27.67
C ALA F 615 7.58 25.66 -27.50
N SER F 616 7.46 24.89 -28.58
CA SER F 616 6.89 23.56 -28.47
C SER F 616 7.87 22.63 -27.76
N GLY F 617 7.38 21.44 -27.41
CA GLY F 617 8.20 20.50 -26.66
C GLY F 617 9.29 19.87 -27.49
N THR F 618 10.13 20.69 -28.11
CA THR F 618 11.14 20.23 -29.07
C THR F 618 10.50 19.31 -30.09
N VAL F 619 9.54 19.86 -30.83
CA VAL F 619 8.70 19.07 -31.73
C VAL F 619 9.56 18.22 -32.66
N VAL F 620 10.70 18.76 -33.08
CA VAL F 620 11.70 17.97 -33.77
C VAL F 620 12.79 17.67 -32.77
N LEU F 621 13.43 16.52 -32.95
CA LEU F 621 14.59 16.23 -32.12
C LEU F 621 15.66 17.29 -32.35
N ASP F 622 16.31 17.23 -33.49
CA ASP F 622 16.99 18.38 -34.04
C ASP F 622 17.03 18.35 -35.55
N SER F 623 16.39 17.37 -36.20
CA SER F 623 16.59 17.18 -37.64
C SER F 623 16.12 18.41 -38.41
N PHE F 624 14.91 18.88 -38.13
CA PHE F 624 14.53 20.20 -38.64
C PHE F 624 13.44 20.82 -37.76
N PRO F 625 13.74 21.89 -37.06
CA PRO F 625 12.68 22.63 -36.38
C PRO F 625 11.93 23.59 -37.30
N ILE F 626 12.64 24.21 -38.24
CA ILE F 626 12.06 25.32 -39.01
C ILE F 626 12.70 25.37 -40.39
N GLU F 627 11.86 25.53 -41.41
CA GLU F 627 12.25 25.73 -42.79
C GLU F 627 11.97 27.19 -43.20
N PRO F 628 12.88 28.11 -42.95
CA PRO F 628 12.61 29.51 -43.33
C PRO F 628 12.99 29.80 -44.77
N ASN F 629 12.61 28.88 -45.67
CA ASN F 629 12.84 29.02 -47.10
C ASN F 629 14.31 29.13 -47.48
N ILE F 630 15.20 29.07 -46.48
CA ILE F 630 16.62 28.94 -46.79
C ILE F 630 16.96 27.50 -47.15
N LEU F 631 15.97 26.61 -47.09
CA LEU F 631 16.18 25.23 -47.52
C LEU F 631 16.61 25.17 -48.98
N GLY F 632 16.06 26.04 -49.82
CA GLY F 632 16.53 26.11 -51.19
C GLY F 632 17.97 26.58 -51.26
N GLN F 633 18.33 27.56 -50.45
CA GLN F 633 19.72 28.00 -50.39
C GLN F 633 20.65 26.85 -50.01
N PHE F 634 20.20 26.01 -49.08
CA PHE F 634 21.01 24.85 -48.70
C PHE F 634 21.10 23.86 -49.85
N GLN F 635 19.95 23.41 -50.34
CA GLN F 635 19.91 22.48 -51.47
C GLN F 635 20.70 22.98 -52.66
N GLN F 636 20.99 24.29 -52.70
CA GLN F 636 21.83 24.85 -53.74
C GLN F 636 23.30 24.81 -53.37
N ASN F 637 23.64 25.26 -52.16
CA ASN F 637 25.04 25.44 -51.81
C ASN F 637 25.72 24.10 -51.52
N LEU F 638 25.09 23.26 -50.71
CA LEU F 638 25.69 21.99 -50.33
C LEU F 638 26.24 21.18 -51.50
N PRO F 639 25.58 21.11 -52.66
CA PRO F 639 26.28 20.55 -53.83
C PRO F 639 27.54 21.31 -54.18
N LEU F 640 27.45 22.64 -54.31
CA LEU F 640 28.65 23.44 -54.55
C LEU F 640 29.66 23.27 -53.41
N ILE F 641 29.17 23.23 -52.17
CA ILE F 641 30.05 23.05 -51.02
C ILE F 641 30.86 21.78 -51.17
N ARG F 642 30.23 20.70 -51.64
CA ARG F 642 31.01 19.51 -51.95
C ARG F 642 31.97 19.77 -53.09
N GLN F 643 31.49 20.43 -54.15
CA GLN F 643 32.27 20.55 -55.37
C GLN F 643 33.38 21.58 -55.24
N GLN F 644 33.11 22.70 -54.55
CA GLN F 644 34.15 23.69 -54.35
C GLN F 644 35.40 23.05 -53.75
N LEU F 645 35.23 22.30 -52.67
CA LEU F 645 36.35 21.58 -52.08
C LEU F 645 36.78 20.39 -52.92
N LYS F 646 36.01 20.04 -53.95
CA LYS F 646 36.46 19.07 -54.94
C LYS F 646 37.13 19.75 -56.12
N GLN F 647 37.29 21.07 -56.07
CA GLN F 647 38.20 21.76 -56.98
C GLN F 647 39.62 21.79 -56.45
N GLN F 648 39.86 21.21 -55.27
CA GLN F 648 41.17 21.21 -54.65
C GLN F 648 41.63 19.83 -54.20
N GLY F 649 40.76 18.83 -54.26
CA GLY F 649 41.13 17.45 -54.02
C GLY F 649 41.04 17.01 -52.57
N LEU F 650 41.00 17.94 -51.63
CA LEU F 650 40.96 17.56 -50.24
C LEU F 650 39.56 17.11 -49.84
N PRO F 651 39.44 16.18 -48.91
CA PRO F 651 38.13 15.61 -48.58
C PRO F 651 37.22 16.68 -48.01
N PRO F 652 35.90 16.54 -48.19
CA PRO F 652 34.97 17.59 -47.76
C PRO F 652 34.65 17.45 -46.28
N ILE F 653 34.64 18.58 -45.58
CA ILE F 653 34.24 18.64 -44.18
C ILE F 653 33.45 19.92 -44.00
N LEU F 654 32.71 19.99 -42.90
CA LEU F 654 31.93 21.19 -42.59
C LEU F 654 31.81 21.32 -41.09
N LEU F 655 32.10 22.52 -40.58
CA LEU F 655 31.97 22.79 -39.16
C LEU F 655 30.68 23.55 -38.88
N VAL F 656 30.12 23.31 -37.70
CA VAL F 656 28.87 23.92 -37.27
C VAL F 656 28.90 24.14 -35.77
N MET F 657 27.86 24.78 -35.27
CA MET F 657 27.59 24.75 -33.84
C MET F 657 27.12 23.36 -33.44
N PRO F 658 27.43 22.92 -32.23
CA PRO F 658 26.89 21.63 -31.78
C PRO F 658 25.38 21.60 -31.78
N GLN F 659 24.73 22.74 -31.54
CA GLN F 659 23.28 22.76 -31.50
C GLN F 659 22.67 22.61 -32.88
N LEU F 660 23.45 22.84 -33.93
CA LEU F 660 22.96 22.64 -35.28
C LEU F 660 23.52 21.39 -35.92
N ARG F 661 24.53 20.79 -35.31
CA ARG F 661 25.12 19.56 -35.78
C ARG F 661 24.08 18.53 -36.22
N PRO F 662 23.14 18.14 -35.36
CA PRO F 662 22.25 17.05 -35.76
C PRO F 662 21.35 17.41 -36.89
N LEU F 663 21.01 18.70 -37.03
CA LEU F 663 20.19 19.14 -38.14
C LEU F 663 20.90 18.91 -39.46
N LEU F 664 22.02 19.59 -39.65
CA LEU F 664 22.70 19.60 -40.95
C LEU F 664 23.13 18.21 -41.37
N ALA F 665 23.19 17.25 -40.45
CA ALA F 665 23.50 15.88 -40.85
C ALA F 665 22.43 15.33 -41.76
N ARG F 666 21.17 15.76 -41.58
CA ARG F 666 20.11 15.23 -42.43
C ARG F 666 20.25 15.76 -43.85
N TYR F 667 20.61 17.03 -44.00
CA TYR F 667 20.78 17.58 -45.33
C TYR F 667 21.92 16.89 -46.05
N ALA F 668 23.09 16.86 -45.43
CA ALA F 668 24.22 16.19 -46.05
C ALA F 668 23.97 14.71 -46.27
N ARG F 669 22.93 14.14 -45.63
CA ARG F 669 22.61 12.75 -45.85
C ARG F 669 21.71 12.56 -47.07
N THR F 670 21.05 13.62 -47.52
CA THR F 670 20.15 13.54 -48.66
C THR F 670 20.66 14.28 -49.88
N PHE F 671 21.07 15.53 -49.73
CA PHE F 671 21.42 16.35 -50.89
C PHE F 671 22.74 15.91 -51.50
N THR F 672 23.79 15.89 -50.71
CA THR F 672 25.11 15.54 -51.18
C THR F 672 25.38 14.10 -50.84
N GLN F 673 25.72 13.30 -51.85
CA GLN F 673 26.04 11.90 -51.59
C GLN F 673 27.31 11.76 -50.76
N GLY F 674 28.13 12.81 -50.72
CA GLY F 674 29.32 12.79 -49.89
C GLY F 674 29.55 14.09 -49.16
N LEU F 675 29.63 14.04 -47.84
CA LEU F 675 29.92 15.22 -47.04
C LEU F 675 30.25 14.76 -45.63
N ALA F 676 30.57 15.72 -44.76
CA ALA F 676 30.90 15.44 -43.37
C ALA F 676 30.61 16.69 -42.55
N VAL F 677 29.64 16.60 -41.66
CA VAL F 677 29.25 17.71 -40.80
C VAL F 677 29.77 17.40 -39.42
N LEU F 678 30.81 18.11 -39.00
CA LEU F 678 31.40 17.92 -37.69
C LEU F 678 31.13 19.13 -36.82
N SER F 679 30.95 18.91 -35.53
CA SER F 679 30.79 20.02 -34.62
C SER F 679 32.15 20.59 -34.26
N TYR F 680 32.16 21.54 -33.32
CA TYR F 680 33.43 22.04 -32.83
C TYR F 680 34.01 21.12 -31.78
N ASN F 681 33.20 20.71 -30.81
CA ASN F 681 33.66 19.83 -29.76
C ASN F 681 33.87 18.42 -30.24
N GLU F 682 33.47 18.10 -31.47
CA GLU F 682 33.71 16.79 -32.03
C GLU F 682 35.06 16.69 -32.71
N ILE F 683 35.85 17.76 -32.68
CA ILE F 683 37.17 17.75 -33.31
C ILE F 683 38.19 17.88 -32.19
N PRO F 684 39.31 17.16 -32.24
CA PRO F 684 40.25 17.22 -31.13
C PRO F 684 40.87 18.60 -31.02
N GLU F 685 41.45 18.87 -29.86
CA GLU F 685 42.30 20.04 -29.71
C GLU F 685 43.71 19.77 -30.23
N ASN F 686 43.97 18.54 -30.69
CA ASN F 686 45.25 18.24 -31.30
C ASN F 686 45.31 18.80 -32.72
N LYS F 687 44.42 18.34 -33.59
CA LYS F 687 44.47 18.73 -34.99
C LYS F 687 44.06 20.19 -35.13
N GLN F 688 45.02 21.05 -35.46
CA GLN F 688 44.70 22.43 -35.74
C GLN F 688 43.95 22.55 -37.06
N ILE F 689 42.85 23.29 -37.03
CA ILE F 689 41.97 23.38 -38.18
C ILE F 689 42.30 24.65 -38.96
N ASN F 690 41.80 24.71 -40.19
CA ASN F 690 41.94 25.90 -41.02
C ASN F 690 40.63 26.12 -41.75
N VAL F 691 39.86 27.12 -41.29
CA VAL F 691 38.64 27.47 -41.98
C VAL F 691 38.95 27.91 -43.40
N VAL F 692 38.02 27.62 -44.31
CA VAL F 692 38.15 28.08 -45.68
C VAL F 692 37.34 29.34 -45.91
N GLY F 693 36.12 29.37 -45.41
CA GLY F 693 35.29 30.54 -45.57
C GLY F 693 33.88 30.28 -45.10
N ASN F 694 33.13 31.37 -45.02
CA ASN F 694 31.75 31.34 -44.56
C ASN F 694 30.87 30.78 -45.68
N LEU F 695 29.55 30.85 -45.49
CA LEU F 695 28.60 30.39 -46.51
C LEU F 695 27.45 31.40 -46.53
N GLY F 696 27.52 32.37 -47.43
CA GLY F 696 26.49 33.40 -47.52
C GLY F 696 25.38 33.09 -48.51
N GLU G 344 -50.75 -38.36 -1.16
CA GLU G 344 -51.15 -38.22 0.23
C GLU G 344 -49.92 -38.15 1.14
N GLU G 345 -48.90 -38.94 0.82
CA GLU G 345 -47.61 -38.91 1.50
C GLU G 345 -46.61 -38.10 0.69
N ASP G 346 -47.09 -36.99 0.12
CA ASP G 346 -46.21 -36.04 -0.53
C ASP G 346 -45.69 -35.12 0.56
N THR G 347 -45.65 -35.66 1.78
CA THR G 347 -45.26 -35.01 3.02
C THR G 347 -44.05 -34.08 2.84
N PRO G 348 -43.06 -34.43 2.04
CA PRO G 348 -42.14 -33.39 1.60
C PRO G 348 -42.66 -32.72 0.35
N LEU G 349 -42.96 -31.43 0.42
CA LEU G 349 -43.07 -30.61 -0.77
C LEU G 349 -41.74 -29.88 -0.93
N THR G 350 -41.11 -30.07 -2.08
CA THR G 350 -39.79 -29.51 -2.33
C THR G 350 -39.92 -28.47 -3.44
N TRP G 351 -38.96 -27.55 -3.48
CA TRP G 351 -38.98 -26.54 -4.51
C TRP G 351 -39.11 -27.14 -5.90
N ASP G 352 -38.60 -28.36 -6.09
CA ASP G 352 -38.71 -28.98 -7.41
C ASP G 352 -40.15 -29.20 -7.83
N ASP G 353 -41.05 -29.40 -6.86
CA ASP G 353 -42.45 -29.60 -7.20
C ASP G 353 -43.04 -28.39 -7.93
N ILE G 354 -42.42 -27.24 -7.78
CA ILE G 354 -42.83 -26.01 -8.47
C ILE G 354 -42.35 -26.08 -9.91
N PRO G 355 -43.25 -26.18 -10.88
CA PRO G 355 -42.79 -26.31 -12.27
C PRO G 355 -42.17 -25.01 -12.76
N HIS G 356 -41.06 -25.13 -13.47
CA HIS G 356 -40.45 -23.96 -14.07
C HIS G 356 -41.41 -23.34 -15.07
N VAL G 357 -41.06 -22.15 -15.53
CA VAL G 357 -41.79 -21.51 -16.60
C VAL G 357 -40.94 -21.60 -17.85
N HIS G 358 -41.58 -21.54 -19.01
CA HIS G 358 -40.87 -21.69 -20.26
C HIS G 358 -41.11 -20.46 -21.12
N THR G 359 -40.13 -20.16 -21.96
CA THR G 359 -40.24 -19.01 -22.82
C THR G 359 -41.43 -19.14 -23.75
N LEU G 360 -41.39 -20.12 -24.64
CA LEU G 360 -42.48 -20.34 -25.57
C LEU G 360 -43.23 -21.61 -25.20
N SER G 361 -44.55 -21.53 -25.25
CA SER G 361 -45.38 -22.69 -24.98
C SER G 361 -46.66 -22.57 -25.77
N LEU G 362 -47.15 -23.72 -26.24
CA LEU G 362 -48.37 -23.79 -27.01
C LEU G 362 -49.48 -24.42 -26.19
N ALA G 363 -50.67 -23.86 -26.31
CA ALA G 363 -51.87 -24.44 -25.75
C ALA G 363 -52.68 -25.08 -26.88
N LEU G 364 -53.15 -26.31 -26.65
CA LEU G 364 -53.79 -27.09 -27.70
C LEU G 364 -55.15 -27.59 -27.24
N GLY G 365 -56.21 -27.05 -27.83
CA GLY G 365 -57.55 -27.48 -27.52
C GLY G 365 -57.91 -28.78 -28.21
N TYR G 366 -59.08 -29.30 -27.82
CA TYR G 366 -59.48 -30.66 -28.17
C TYR G 366 -59.34 -30.96 -29.65
N ARG G 367 -60.09 -30.23 -30.47
CA ARG G 367 -60.25 -30.62 -31.87
C ARG G 367 -58.92 -30.69 -32.61
N LEU G 368 -57.88 -30.10 -32.06
CA LEU G 368 -56.60 -30.01 -32.74
C LEU G 368 -55.45 -30.55 -31.90
N VAL G 369 -55.72 -31.54 -31.03
CA VAL G 369 -54.63 -32.28 -30.41
C VAL G 369 -54.14 -33.40 -31.32
N HIS G 370 -54.79 -33.62 -32.46
CA HIS G 370 -54.29 -34.61 -33.38
C HIS G 370 -53.15 -34.02 -34.19
N LEU G 371 -52.22 -33.36 -33.50
CA LEU G 371 -51.09 -32.69 -34.14
C LEU G 371 -49.78 -32.92 -33.42
N VAL G 372 -49.80 -33.49 -32.22
CA VAL G 372 -48.58 -33.77 -31.48
C VAL G 372 -48.52 -35.21 -30.99
N ASN G 373 -49.54 -35.99 -31.25
CA ASN G 373 -49.70 -37.36 -30.78
C ASN G 373 -48.73 -38.36 -31.42
N LYS G 374 -47.75 -37.93 -32.20
CA LYS G 374 -46.64 -38.74 -32.69
C LYS G 374 -47.04 -39.81 -33.70
N ASP G 375 -48.33 -39.96 -33.98
CA ASP G 375 -48.77 -40.97 -34.93
C ASP G 375 -49.34 -40.33 -36.20
N GLN G 376 -50.32 -39.44 -36.07
CA GLN G 376 -51.03 -38.93 -37.23
C GLN G 376 -50.19 -37.87 -37.95
N GLY G 377 -48.98 -38.29 -38.30
CA GLY G 377 -48.01 -37.40 -38.92
C GLY G 377 -47.87 -36.09 -38.19
N ALA G 378 -47.49 -36.16 -36.91
CA ALA G 378 -47.40 -34.99 -36.03
C ALA G 378 -46.61 -33.88 -36.70
N PRO G 379 -47.27 -32.82 -37.16
CA PRO G 379 -46.52 -31.71 -37.74
C PRO G 379 -45.83 -30.88 -36.69
N LEU G 380 -46.48 -30.65 -35.55
CA LEU G 380 -45.86 -29.85 -34.50
C LEU G 380 -44.88 -30.66 -33.69
N SER G 381 -44.05 -31.41 -34.38
CA SER G 381 -42.75 -31.86 -33.90
C SER G 381 -41.71 -31.77 -35.00
N GLN G 382 -42.13 -31.59 -36.24
CA GLN G 382 -41.27 -31.34 -37.38
C GLN G 382 -41.51 -29.96 -37.97
N ARG G 383 -42.76 -29.62 -38.24
CA ARG G 383 -43.03 -28.28 -38.77
C ARG G 383 -42.60 -27.21 -37.79
N ILE G 384 -42.89 -27.41 -36.50
CA ILE G 384 -42.44 -26.44 -35.51
C ILE G 384 -40.93 -26.39 -35.48
N ARG G 385 -40.27 -27.55 -35.57
CA ARG G 385 -38.83 -27.53 -35.71
C ARG G 385 -38.43 -26.95 -37.05
N GLY G 386 -39.27 -27.09 -38.06
CA GLY G 386 -39.00 -26.44 -39.32
C GLY G 386 -38.81 -24.95 -39.15
N VAL G 387 -39.75 -24.30 -38.47
CA VAL G 387 -39.61 -22.87 -38.23
C VAL G 387 -38.44 -22.59 -37.30
N ARG G 388 -38.38 -23.31 -36.19
CA ARG G 388 -37.34 -23.09 -35.21
C ARG G 388 -35.95 -23.34 -35.76
N ARG G 389 -35.82 -23.91 -36.94
CA ARG G 389 -34.52 -24.07 -37.57
C ARG G 389 -34.30 -23.09 -38.72
N ASN G 390 -35.26 -23.00 -39.62
CA ASN G 390 -35.11 -22.07 -40.73
C ASN G 390 -35.28 -20.68 -40.31
N LEU G 391 -35.44 -20.44 -39.01
CA LEU G 391 -35.27 -19.11 -38.48
C LEU G 391 -34.09 -19.00 -37.56
N SER G 392 -33.74 -20.08 -36.87
CA SER G 392 -32.53 -20.06 -36.08
C SER G 392 -31.37 -19.72 -36.99
N GLU G 393 -31.08 -20.61 -37.94
CA GLU G 393 -29.92 -20.40 -38.79
C GLU G 393 -29.95 -19.05 -39.49
N GLN G 394 -31.08 -18.38 -39.48
CA GLN G 394 -31.16 -17.07 -40.10
C GLN G 394 -30.78 -15.96 -39.13
N VAL G 395 -31.29 -16.01 -37.90
CA VAL G 395 -30.97 -14.96 -36.95
C VAL G 395 -29.79 -15.31 -36.06
N GLY G 396 -29.14 -16.43 -36.30
CA GLY G 396 -27.85 -16.69 -35.72
C GLY G 396 -27.85 -17.41 -34.41
N PHE G 397 -28.80 -17.14 -33.52
CA PHE G 397 -28.78 -17.73 -32.19
C PHE G 397 -29.93 -18.71 -32.06
N LEU G 398 -29.66 -19.86 -31.49
CA LEU G 398 -30.63 -20.94 -31.43
C LEU G 398 -31.87 -20.53 -30.65
N LEU G 399 -32.97 -20.38 -31.35
CA LEU G 399 -34.20 -20.00 -30.69
C LEU G 399 -34.59 -21.07 -29.66
N PRO G 400 -35.34 -20.70 -28.64
CA PRO G 400 -35.67 -21.65 -27.59
C PRO G 400 -36.51 -22.81 -28.12
N GLU G 401 -36.67 -23.80 -27.26
CA GLU G 401 -37.46 -24.98 -27.61
C GLU G 401 -38.93 -24.71 -27.33
N VAL G 402 -39.74 -24.69 -28.38
CA VAL G 402 -41.16 -24.47 -28.18
C VAL G 402 -41.76 -25.68 -27.48
N ARG G 403 -42.32 -25.46 -26.31
CA ARG G 403 -43.02 -26.50 -25.59
C ARG G 403 -44.49 -26.45 -25.94
N ILE G 404 -45.17 -27.57 -25.75
CA ILE G 404 -46.56 -27.70 -26.16
C ILE G 404 -47.34 -28.38 -25.05
N ARG G 405 -48.41 -27.75 -24.59
CA ARG G 405 -49.31 -28.32 -23.61
C ARG G 405 -50.73 -28.18 -24.10
N ASP G 406 -51.64 -28.93 -23.47
CA ASP G 406 -53.04 -28.97 -23.88
C ASP G 406 -53.91 -28.73 -22.64
N ASN G 407 -54.23 -27.47 -22.42
CA ASN G 407 -55.14 -27.12 -21.34
C ASN G 407 -56.58 -27.23 -21.85
N LEU G 408 -57.37 -28.08 -21.20
CA LEU G 408 -58.77 -28.19 -21.56
C LEU G 408 -59.52 -26.88 -21.34
N SER G 409 -58.92 -25.94 -20.62
CA SER G 409 -59.61 -24.71 -20.21
C SER G 409 -60.23 -23.94 -21.36
N LEU G 410 -59.79 -24.18 -22.58
CA LEU G 410 -60.16 -23.35 -23.71
C LEU G 410 -60.96 -24.13 -24.74
N LYS G 411 -61.51 -23.38 -25.70
CA LYS G 411 -62.43 -23.95 -26.68
C LYS G 411 -61.76 -25.10 -27.42
N PRO G 412 -62.51 -26.12 -27.83
CA PRO G 412 -61.88 -27.36 -28.29
C PRO G 412 -61.06 -27.20 -29.55
N ASN G 413 -61.17 -26.07 -30.25
CA ASN G 413 -60.49 -25.89 -31.53
C ASN G 413 -59.70 -24.60 -31.59
N GLN G 414 -59.13 -24.17 -30.47
CA GLN G 414 -58.28 -22.99 -30.51
C GLN G 414 -56.94 -23.29 -29.86
N TYR G 415 -56.01 -22.36 -30.05
CA TYR G 415 -54.64 -22.47 -29.58
C TYR G 415 -54.18 -21.10 -29.13
N THR G 416 -53.31 -21.09 -28.13
CA THR G 416 -52.71 -19.87 -27.63
C THR G 416 -51.20 -20.07 -27.56
N ILE G 417 -50.46 -19.05 -27.98
CA ILE G 417 -49.00 -19.06 -27.88
C ILE G 417 -48.62 -18.19 -26.71
N SER G 418 -47.71 -18.68 -25.89
CA SER G 418 -47.38 -18.02 -24.64
C SER G 418 -45.90 -17.70 -24.58
N LEU G 419 -45.58 -16.44 -24.29
CA LEU G 419 -44.20 -16.00 -24.16
C LEU G 419 -43.90 -15.74 -22.69
N ASN G 420 -43.08 -16.61 -22.12
CA ASN G 420 -42.50 -16.48 -20.79
C ASN G 420 -43.46 -16.74 -19.64
N GLY G 421 -44.76 -16.60 -19.84
CA GLY G 421 -45.64 -17.16 -18.84
C GLY G 421 -47.06 -17.38 -19.26
N GLU G 422 -47.42 -16.88 -20.44
CA GLU G 422 -48.81 -16.54 -20.64
C GLU G 422 -49.03 -16.07 -22.07
N VAL G 423 -50.30 -16.00 -22.46
CA VAL G 423 -50.64 -15.86 -23.86
C VAL G 423 -50.13 -14.55 -24.40
N ILE G 424 -49.71 -14.57 -25.66
CA ILE G 424 -49.44 -13.37 -26.43
C ILE G 424 -50.41 -13.24 -27.59
N GLU G 425 -50.65 -14.33 -28.30
CA GLU G 425 -51.64 -14.38 -29.35
C GLU G 425 -52.38 -15.69 -29.25
N GLN G 426 -53.62 -15.67 -29.70
CA GLN G 426 -54.53 -16.80 -29.56
C GLN G 426 -55.37 -16.88 -30.83
N GLY G 427 -55.25 -18.00 -31.54
CA GLY G 427 -55.92 -18.18 -32.81
C GLY G 427 -57.05 -19.19 -32.72
N PHE G 428 -57.82 -19.25 -33.80
CA PHE G 428 -58.96 -20.16 -33.91
C PHE G 428 -58.81 -20.97 -35.19
N ILE G 429 -58.87 -22.28 -35.05
CA ILE G 429 -58.66 -23.22 -36.15
C ILE G 429 -59.98 -23.86 -36.52
N GLU G 430 -60.27 -23.90 -37.82
CA GLU G 430 -61.48 -24.53 -38.30
C GLU G 430 -61.35 -26.04 -38.12
N PRO G 431 -62.47 -26.76 -37.91
CA PRO G 431 -62.36 -28.17 -37.53
C PRO G 431 -61.52 -29.00 -38.48
N GLU G 432 -61.91 -29.05 -39.77
CA GLU G 432 -61.11 -29.77 -40.74
C GLU G 432 -61.06 -29.06 -42.09
N ARG G 433 -61.45 -27.79 -42.17
CA ARG G 433 -61.41 -27.04 -43.41
C ARG G 433 -60.09 -26.30 -43.50
N LEU G 434 -59.26 -26.68 -44.46
CA LEU G 434 -57.97 -26.04 -44.65
C LEU G 434 -58.17 -24.58 -45.03
N MET G 435 -57.26 -23.73 -44.57
CA MET G 435 -57.34 -22.31 -44.88
C MET G 435 -56.51 -21.99 -46.11
N ALA G 436 -57.05 -21.11 -46.95
CA ALA G 436 -56.31 -20.57 -48.07
C ALA G 436 -56.32 -19.05 -47.99
N ILE G 437 -55.29 -18.43 -48.53
CA ILE G 437 -55.15 -16.98 -48.51
C ILE G 437 -55.08 -16.48 -49.94
N ALA G 438 -55.66 -15.31 -50.17
CA ALA G 438 -55.52 -14.59 -51.43
C ALA G 438 -54.62 -13.40 -51.19
N VAL G 439 -53.39 -13.48 -51.72
CA VAL G 439 -52.40 -12.43 -51.47
C VAL G 439 -52.93 -11.07 -51.90
N GLY G 440 -53.74 -11.02 -52.94
CA GLY G 440 -54.22 -9.77 -53.50
C GLY G 440 -54.17 -9.79 -55.01
N ASP G 441 -53.29 -10.65 -55.54
CA ASP G 441 -53.20 -10.88 -56.98
C ASP G 441 -54.07 -12.04 -57.44
N THR G 442 -54.43 -12.95 -56.53
CA THR G 442 -55.30 -14.05 -56.88
C THR G 442 -56.73 -13.56 -57.12
N TYR G 443 -57.40 -14.18 -58.07
CA TYR G 443 -58.79 -13.86 -58.39
C TYR G 443 -59.69 -15.07 -58.16
N GLY G 444 -60.96 -14.80 -57.99
CA GLY G 444 -61.94 -15.82 -57.72
C GLY G 444 -61.97 -16.23 -56.26
N GLU G 445 -63.13 -16.73 -55.84
CA GLU G 445 -63.35 -17.20 -54.48
C GLU G 445 -63.73 -18.67 -54.52
N ILE G 446 -63.57 -19.34 -53.39
CA ILE G 446 -63.96 -20.74 -53.26
C ILE G 446 -64.94 -20.83 -52.09
N ASP G 447 -65.68 -21.94 -52.04
CA ASP G 447 -66.75 -22.10 -51.07
C ASP G 447 -66.26 -21.99 -49.63
N GLY G 448 -64.95 -21.84 -49.41
CA GLY G 448 -64.42 -21.91 -48.07
C GLY G 448 -65.07 -20.87 -47.16
N ILE G 449 -65.34 -21.29 -45.92
CA ILE G 449 -65.87 -20.39 -44.92
C ILE G 449 -64.87 -19.29 -44.65
N LEU G 450 -65.33 -18.04 -44.67
CA LEU G 450 -64.46 -16.92 -44.41
C LEU G 450 -63.84 -17.02 -43.03
N GLY G 451 -62.67 -16.45 -42.89
CA GLY G 451 -62.00 -16.38 -41.61
C GLY G 451 -61.11 -15.16 -41.61
N SER G 452 -59.92 -15.31 -41.04
CA SER G 452 -58.88 -14.30 -41.13
C SER G 452 -57.54 -15.01 -41.16
N ASP G 453 -56.52 -14.25 -41.54
CA ASP G 453 -55.16 -14.75 -41.45
C ASP G 453 -54.61 -14.39 -40.07
N PRO G 454 -54.40 -15.36 -39.18
CA PRO G 454 -53.84 -15.03 -37.87
C PRO G 454 -52.44 -14.47 -37.95
N ALA G 455 -51.76 -14.58 -39.09
CA ALA G 455 -50.41 -14.08 -39.19
C ALA G 455 -50.38 -12.58 -39.47
N TYR G 456 -50.92 -12.16 -40.62
CA TYR G 456 -50.78 -10.79 -41.06
C TYR G 456 -52.11 -10.06 -41.21
N GLN G 457 -53.17 -10.57 -40.60
CA GLN G 457 -54.51 -9.97 -40.72
C GLN G 457 -54.93 -9.84 -42.19
N LEU G 458 -55.00 -10.98 -42.87
CA LEU G 458 -55.48 -11.08 -44.23
C LEU G 458 -56.78 -11.88 -44.28
N PRO G 459 -57.61 -11.67 -45.29
CA PRO G 459 -58.84 -12.46 -45.40
C PRO G 459 -58.50 -13.90 -45.74
N ALA G 460 -59.27 -14.81 -45.17
CA ALA G 460 -58.98 -16.23 -45.30
C ALA G 460 -60.27 -17.02 -45.48
N VAL G 461 -60.19 -18.04 -46.30
CA VAL G 461 -61.29 -18.96 -46.52
C VAL G 461 -60.84 -20.36 -46.09
N TRP G 462 -61.71 -21.08 -45.40
CA TRP G 462 -61.36 -22.38 -44.86
C TRP G 462 -62.08 -23.44 -45.69
N ILE G 463 -61.30 -24.19 -46.47
CA ILE G 463 -61.81 -25.07 -47.50
C ILE G 463 -61.53 -26.51 -47.10
N GLU G 464 -62.30 -27.44 -47.65
CA GLU G 464 -62.09 -28.84 -47.32
C GLU G 464 -60.76 -29.30 -47.92
N HIS G 465 -60.42 -30.57 -47.67
CA HIS G 465 -59.15 -31.10 -48.12
C HIS G 465 -59.14 -31.37 -49.63
N GLN G 466 -60.32 -31.45 -50.25
CA GLN G 466 -60.36 -31.81 -51.66
C GLN G 466 -60.20 -30.59 -52.55
N ASP G 467 -60.70 -29.43 -52.12
CA ASP G 467 -60.74 -28.21 -52.93
C ASP G 467 -59.38 -27.59 -53.14
N LYS G 468 -58.30 -28.26 -52.72
CA LYS G 468 -56.96 -27.75 -52.97
C LYS G 468 -56.78 -27.37 -54.43
N ALA G 469 -57.19 -28.26 -55.33
CA ALA G 469 -57.05 -28.01 -56.76
C ALA G 469 -57.68 -26.67 -57.14
N LYS G 470 -58.94 -26.47 -56.75
CA LYS G 470 -59.61 -25.20 -57.03
C LYS G 470 -58.84 -24.03 -56.44
N ALA G 471 -58.30 -24.20 -55.24
CA ALA G 471 -57.41 -23.18 -54.69
C ALA G 471 -56.10 -23.11 -55.46
N LEU G 472 -55.45 -24.26 -55.65
CA LEU G 472 -54.18 -24.31 -56.35
C LEU G 472 -54.31 -23.90 -57.81
N ASN G 473 -55.47 -24.09 -58.42
CA ASN G 473 -55.68 -23.71 -59.81
C ASN G 473 -56.32 -22.34 -59.96
N MET G 474 -56.82 -21.76 -58.87
CA MET G 474 -57.25 -20.37 -58.88
C MET G 474 -56.15 -19.42 -58.47
N GLY G 475 -55.09 -19.93 -57.85
CA GLY G 475 -53.97 -19.12 -57.44
C GLY G 475 -53.87 -18.87 -55.96
N TYR G 476 -54.62 -19.62 -55.15
CA TYR G 476 -54.69 -19.35 -53.72
C TYR G 476 -53.42 -19.79 -53.01
N GLN G 477 -53.33 -19.38 -51.75
CA GLN G 477 -52.26 -19.77 -50.85
C GLN G 477 -52.90 -20.62 -49.74
N VAL G 478 -53.03 -21.91 -50.01
CA VAL G 478 -53.64 -22.83 -49.05
C VAL G 478 -52.56 -23.35 -48.13
N VAL G 479 -52.95 -23.70 -46.90
CA VAL G 479 -52.03 -24.22 -45.91
C VAL G 479 -52.76 -25.21 -45.01
N ASP G 480 -52.03 -26.25 -44.60
CA ASP G 480 -52.53 -27.24 -43.66
C ASP G 480 -52.83 -26.57 -42.32
N ASP G 481 -53.52 -27.27 -41.43
CA ASP G 481 -53.77 -26.74 -40.09
C ASP G 481 -52.46 -26.37 -39.42
N GLY G 482 -51.55 -27.33 -39.30
CA GLY G 482 -50.34 -27.12 -38.52
C GLY G 482 -49.55 -25.92 -38.97
N THR G 483 -49.50 -25.67 -40.28
CA THR G 483 -48.75 -24.53 -40.78
C THR G 483 -49.37 -23.22 -40.32
N VAL G 484 -50.71 -23.17 -40.23
CA VAL G 484 -51.34 -21.95 -39.74
C VAL G 484 -50.83 -21.61 -38.35
N ILE G 485 -50.57 -22.63 -37.55
CA ILE G 485 -49.89 -22.41 -36.28
C ILE G 485 -48.44 -22.02 -36.52
N ALA G 486 -47.68 -22.92 -37.16
CA ALA G 486 -46.24 -22.73 -37.28
C ALA G 486 -45.91 -21.35 -37.84
N THR G 487 -46.70 -20.87 -38.79
CA THR G 487 -46.44 -19.52 -39.26
C THR G 487 -46.72 -18.50 -38.16
N HIS G 488 -47.68 -18.78 -37.29
CA HIS G 488 -47.95 -17.83 -36.21
C HIS G 488 -46.82 -17.81 -35.21
N ILE G 489 -46.33 -18.99 -34.83
CA ILE G 489 -45.17 -19.06 -33.96
C ILE G 489 -43.97 -18.36 -34.59
N SER G 490 -43.80 -18.51 -35.90
CA SER G 490 -42.70 -17.83 -36.56
C SER G 490 -42.83 -16.33 -36.42
N LYS G 491 -44.03 -15.80 -36.63
CA LYS G 491 -44.20 -14.35 -36.49
C LYS G 491 -43.94 -13.91 -35.06
N ILE G 492 -44.39 -14.70 -34.08
CA ILE G 492 -44.21 -14.29 -32.70
C ILE G 492 -42.73 -14.29 -32.33
N MET G 493 -42.00 -15.32 -32.74
CA MET G 493 -40.56 -15.29 -32.52
C MET G 493 -39.93 -14.09 -33.19
N LYS G 494 -40.21 -13.89 -34.47
CA LYS G 494 -39.54 -12.82 -35.19
C LYS G 494 -39.87 -11.47 -34.60
N THR G 495 -40.98 -11.35 -33.88
CA THR G 495 -41.26 -10.07 -33.26
C THR G 495 -40.61 -9.94 -31.89
N ASN G 496 -40.75 -10.94 -31.05
CA ASN G 496 -40.25 -10.89 -29.67
C ASN G 496 -38.83 -11.40 -29.56
N LEU G 497 -38.06 -11.40 -30.64
CA LEU G 497 -36.68 -11.84 -30.62
C LEU G 497 -35.92 -11.43 -29.39
N ALA G 498 -36.11 -10.20 -28.93
CA ALA G 498 -35.36 -9.74 -27.76
C ALA G 498 -35.56 -10.67 -26.59
N GLU G 499 -36.77 -10.77 -26.07
CA GLU G 499 -37.01 -11.54 -24.87
C GLU G 499 -36.67 -13.01 -25.03
N LEU G 500 -36.40 -13.47 -26.25
CA LEU G 500 -35.99 -14.84 -26.47
C LEU G 500 -34.50 -15.02 -26.32
N PHE G 501 -33.76 -13.95 -26.12
CA PHE G 501 -32.32 -14.00 -25.97
C PHE G 501 -32.00 -13.87 -24.48
N THR G 502 -31.59 -14.97 -23.87
CA THR G 502 -31.42 -15.02 -22.44
C THR G 502 -30.02 -14.56 -22.05
N HIS G 503 -29.82 -14.33 -20.76
CA HIS G 503 -28.50 -14.04 -20.23
C HIS G 503 -27.62 -15.26 -20.20
N ASP G 504 -28.06 -16.34 -20.81
CA ASP G 504 -27.22 -17.52 -20.89
C ASP G 504 -26.69 -17.77 -22.29
N ASP G 505 -27.34 -17.25 -23.33
CA ASP G 505 -26.79 -17.40 -24.67
C ASP G 505 -25.51 -16.63 -24.83
N VAL G 506 -25.39 -15.49 -24.15
CA VAL G 506 -24.17 -14.68 -24.19
C VAL G 506 -22.97 -15.54 -23.85
N GLU G 507 -23.20 -16.64 -23.14
CA GLU G 507 -22.15 -17.64 -23.02
C GLU G 507 -22.01 -18.43 -24.30
N ALA G 508 -23.13 -18.88 -24.86
CA ALA G 508 -23.05 -19.70 -26.05
C ALA G 508 -22.58 -18.89 -27.26
N MET G 509 -22.92 -17.61 -27.34
CA MET G 509 -22.41 -16.83 -28.45
C MET G 509 -20.90 -16.74 -28.39
N THR G 510 -20.34 -16.52 -27.21
CA THR G 510 -18.89 -16.49 -27.13
C THR G 510 -18.29 -17.86 -27.40
N GLN G 511 -19.01 -18.94 -27.12
CA GLN G 511 -18.50 -20.25 -27.50
C GLN G 511 -18.47 -20.38 -29.02
N ARG G 512 -19.57 -20.07 -29.67
CA ARG G 512 -19.64 -20.17 -31.12
C ARG G 512 -18.70 -19.19 -31.80
N LEU G 513 -18.34 -18.12 -31.13
CA LEU G 513 -17.38 -17.17 -31.68
C LEU G 513 -15.94 -17.57 -31.42
N THR G 514 -15.66 -18.22 -30.29
CA THR G 514 -14.36 -18.82 -30.11
C THR G 514 -14.10 -19.92 -31.10
N GLN G 515 -15.15 -20.56 -31.60
CA GLN G 515 -14.93 -21.56 -32.62
C GLN G 515 -14.31 -20.95 -33.87
N GLN G 516 -14.64 -19.70 -34.16
CA GLN G 516 -14.13 -19.05 -35.38
C GLN G 516 -12.86 -18.24 -35.10
N ALA G 517 -12.95 -17.26 -34.20
CA ALA G 517 -11.86 -16.33 -33.94
C ALA G 517 -11.41 -16.47 -32.49
N PRO G 518 -10.86 -17.63 -32.12
CA PRO G 518 -10.70 -17.95 -30.69
C PRO G 518 -9.94 -16.92 -29.91
N LYS G 519 -9.20 -16.05 -30.58
CA LYS G 519 -8.46 -15.02 -29.87
C LYS G 519 -9.27 -13.75 -29.69
N LEU G 520 -10.43 -13.65 -30.32
CA LEU G 520 -11.19 -12.43 -30.20
C LEU G 520 -11.98 -12.41 -28.90
N ALA G 521 -12.76 -13.46 -28.65
CA ALA G 521 -13.54 -13.51 -27.42
C ALA G 521 -12.65 -13.38 -26.21
N GLU G 522 -11.57 -14.16 -26.16
CA GLU G 522 -10.60 -14.04 -25.07
C GLU G 522 -10.13 -12.61 -24.89
N ALA G 523 -10.30 -11.76 -25.89
CA ALA G 523 -10.05 -10.35 -25.75
C ALA G 523 -11.32 -9.52 -25.72
N LEU G 524 -12.47 -10.12 -26.01
CA LEU G 524 -13.72 -9.38 -25.89
C LEU G 524 -14.33 -9.54 -24.51
N ALA G 525 -14.46 -10.79 -24.05
CA ALA G 525 -15.04 -11.04 -22.74
C ALA G 525 -14.33 -10.27 -21.66
N ALA G 526 -13.04 -10.02 -21.82
CA ALA G 526 -12.32 -9.20 -20.88
C ALA G 526 -12.54 -7.70 -21.11
N ALA G 527 -13.30 -7.32 -22.13
CA ALA G 527 -13.60 -5.92 -22.39
C ALA G 527 -15.02 -5.54 -22.04
N LEU G 528 -15.98 -6.45 -22.20
CA LEU G 528 -17.36 -6.21 -21.78
C LEU G 528 -17.88 -7.40 -21.03
N ASN G 529 -18.23 -7.19 -19.76
CA ASN G 529 -18.79 -8.25 -18.95
C ASN G 529 -20.13 -8.69 -19.52
N PRO G 530 -20.46 -9.98 -19.46
CA PRO G 530 -21.63 -10.50 -20.15
C PRO G 530 -22.92 -9.74 -19.88
N ALA G 531 -23.00 -9.09 -18.73
CA ALA G 531 -24.13 -8.21 -18.50
C ALA G 531 -24.16 -7.08 -19.50
N GLN G 532 -22.99 -6.57 -19.86
CA GLN G 532 -22.93 -5.48 -20.82
C GLN G 532 -23.14 -5.99 -22.24
N GLN G 533 -22.60 -7.17 -22.54
CA GLN G 533 -22.79 -7.73 -23.87
C GLN G 533 -24.26 -7.91 -24.17
N LEU G 534 -24.99 -8.53 -23.26
CA LEU G 534 -26.37 -8.89 -23.55
C LEU G 534 -27.19 -7.68 -23.93
N LYS G 535 -27.05 -6.58 -23.21
CA LYS G 535 -27.80 -5.39 -23.57
C LYS G 535 -27.56 -5.02 -25.03
N VAL G 536 -26.33 -5.23 -25.51
CA VAL G 536 -26.03 -4.89 -26.90
C VAL G 536 -26.75 -5.83 -27.85
N TYR G 537 -26.69 -7.14 -27.58
CA TYR G 537 -27.42 -8.06 -28.45
C TYR G 537 -28.92 -7.80 -28.36
N ARG G 538 -29.40 -7.37 -27.21
CA ARG G 538 -30.80 -7.00 -27.11
C ARG G 538 -31.11 -5.84 -28.03
N GLN G 539 -30.27 -4.82 -28.04
CA GLN G 539 -30.55 -3.67 -28.86
C GLN G 539 -30.43 -4.01 -30.34
N LEU G 540 -29.57 -4.96 -30.66
CA LEU G 540 -29.46 -5.41 -32.04
C LEU G 540 -30.67 -6.22 -32.47
N LEU G 541 -31.19 -7.04 -31.58
CA LEU G 541 -32.29 -7.91 -31.96
C LEU G 541 -33.62 -7.20 -31.90
N LEU G 542 -33.72 -6.12 -31.13
CA LEU G 542 -34.97 -5.37 -31.08
C LEU G 542 -35.39 -4.96 -32.48
N ASP G 543 -34.55 -4.18 -33.15
CA ASP G 543 -34.81 -3.84 -34.55
C ASP G 543 -34.51 -4.98 -35.49
N GLN G 544 -34.36 -6.21 -34.98
CA GLN G 544 -34.40 -7.42 -35.80
C GLN G 544 -33.25 -7.46 -36.79
N VAL G 545 -32.02 -7.35 -36.28
CA VAL G 545 -30.82 -7.42 -37.10
C VAL G 545 -30.20 -8.78 -36.88
N PRO G 546 -29.87 -9.53 -37.92
CA PRO G 546 -29.37 -10.89 -37.71
C PRO G 546 -27.99 -10.86 -37.10
N LEU G 547 -27.77 -11.78 -36.15
CA LEU G 547 -26.48 -11.96 -35.50
C LEU G 547 -25.73 -13.15 -36.06
N LYS G 548 -25.85 -13.42 -37.36
CA LYS G 548 -25.18 -14.61 -37.88
C LYS G 548 -23.68 -14.44 -37.87
N ASP G 549 -23.18 -13.33 -38.43
CA ASP G 549 -21.74 -13.10 -38.55
C ASP G 549 -21.24 -12.49 -37.26
N ILE G 550 -21.05 -13.34 -36.27
CA ILE G 550 -20.74 -12.79 -34.95
C ILE G 550 -19.36 -12.19 -34.93
N ARG G 551 -18.43 -12.70 -35.73
CA ARG G 551 -17.07 -12.18 -35.70
C ARG G 551 -17.07 -10.69 -36.02
N THR G 552 -17.62 -10.32 -37.16
CA THR G 552 -17.66 -8.90 -37.48
C THR G 552 -18.56 -8.11 -36.57
N ILE G 553 -19.13 -8.71 -35.54
CA ILE G 553 -19.87 -7.98 -34.53
C ILE G 553 -19.06 -7.83 -33.26
N ALA G 554 -18.45 -8.90 -32.80
CA ALA G 554 -17.56 -8.78 -31.66
C ALA G 554 -16.39 -7.88 -31.99
N ASN G 555 -15.89 -7.97 -33.22
CA ASN G 555 -14.85 -7.05 -33.66
C ASN G 555 -15.28 -5.61 -33.44
N THR G 556 -16.50 -5.28 -33.81
CA THR G 556 -16.94 -3.90 -33.69
C THR G 556 -17.20 -3.51 -32.24
N MET G 557 -17.75 -4.43 -31.45
CA MET G 557 -17.92 -4.12 -30.03
C MET G 557 -16.56 -3.97 -29.35
N LEU G 558 -15.64 -4.87 -29.63
CA LEU G 558 -14.30 -4.74 -29.06
C LEU G 558 -13.67 -3.42 -29.45
N GLU G 559 -13.80 -3.03 -30.71
CA GLU G 559 -13.30 -1.73 -31.13
C GLU G 559 -13.96 -0.62 -30.33
N SER G 560 -15.25 -0.46 -30.48
CA SER G 560 -15.95 0.70 -29.94
C SER G 560 -16.12 0.66 -28.44
N SER G 561 -15.64 -0.39 -27.77
CA SER G 561 -15.79 -0.45 -26.32
C SER G 561 -14.94 0.55 -25.58
N GLU G 562 -13.92 1.12 -26.22
CA GLU G 562 -13.05 2.05 -25.51
C GLU G 562 -13.80 3.31 -25.12
N ASN G 563 -14.54 3.89 -26.05
CA ASN G 563 -15.17 5.17 -25.80
C ASN G 563 -16.32 5.04 -24.81
N THR G 564 -17.35 4.28 -25.19
CA THR G 564 -18.57 4.22 -24.42
C THR G 564 -18.96 2.78 -24.17
N LYS G 565 -19.40 2.49 -22.96
CA LYS G 565 -19.98 1.20 -22.64
C LYS G 565 -21.50 1.25 -22.67
N ASP G 566 -22.07 2.34 -23.12
CA ASP G 566 -23.52 2.42 -23.22
C ASP G 566 -24.00 1.47 -24.31
N PRO G 567 -25.03 0.70 -24.07
CA PRO G 567 -25.40 -0.32 -25.04
C PRO G 567 -26.30 0.19 -26.14
N ILE G 568 -26.39 1.49 -26.31
CA ILE G 568 -27.17 2.02 -27.42
C ILE G 568 -26.24 2.78 -28.34
N LEU G 569 -25.18 3.34 -27.77
CA LEU G 569 -24.13 3.84 -28.62
C LEU G 569 -23.35 2.70 -29.25
N LEU G 570 -23.31 1.56 -28.58
CA LEU G 570 -22.65 0.40 -29.18
C LEU G 570 -23.52 -0.23 -30.25
N ALA G 571 -24.81 -0.33 -30.02
CA ALA G 571 -25.67 -0.92 -31.03
C ALA G 571 -25.74 -0.07 -32.28
N ALA G 572 -25.37 1.20 -32.20
CA ALA G 572 -25.31 1.99 -33.42
C ALA G 572 -24.09 1.61 -34.24
N ASP G 573 -22.95 1.40 -33.60
CA ASP G 573 -21.73 1.10 -34.35
C ASP G 573 -21.82 -0.26 -35.00
N VAL G 574 -22.35 -1.26 -34.30
CA VAL G 574 -22.50 -2.55 -34.92
C VAL G 574 -23.40 -2.46 -36.14
N ARG G 575 -24.41 -1.60 -36.09
CA ARG G 575 -25.28 -1.47 -37.24
C ARG G 575 -24.59 -0.72 -38.38
N CYS G 576 -23.78 0.27 -38.05
CA CYS G 576 -22.99 0.91 -39.09
C CYS G 576 -22.01 -0.07 -39.71
N ALA G 577 -21.57 -1.06 -38.97
CA ALA G 577 -20.68 -2.05 -39.54
C ALA G 577 -21.42 -3.11 -40.33
N LEU G 578 -22.69 -3.33 -40.03
CA LEU G 578 -23.48 -4.30 -40.77
C LEU G 578 -24.37 -3.68 -41.84
N LYS G 579 -24.21 -2.38 -42.10
CA LYS G 579 -24.99 -1.66 -43.10
C LYS G 579 -25.30 -2.50 -44.33
N ARG G 580 -24.33 -3.28 -44.78
CA ARG G 580 -24.53 -4.15 -45.93
C ARG G 580 -25.72 -5.06 -45.70
N THR G 581 -25.63 -5.95 -44.72
CA THR G 581 -26.69 -6.92 -44.52
C THR G 581 -27.97 -6.25 -44.05
N LEU G 582 -27.88 -5.17 -43.30
CA LEU G 582 -29.07 -4.40 -42.93
C LEU G 582 -29.89 -4.07 -44.16
N VAL G 583 -29.32 -3.31 -45.08
CA VAL G 583 -30.10 -2.89 -46.23
C VAL G 583 -30.45 -4.08 -47.10
N ASN G 584 -29.55 -5.05 -47.21
CA ASN G 584 -29.86 -6.23 -48.00
C ASN G 584 -31.09 -6.93 -47.49
N LEU G 585 -31.35 -6.87 -46.19
CA LEU G 585 -32.53 -7.52 -45.63
C LEU G 585 -33.76 -6.64 -45.65
N ILE G 586 -33.59 -5.34 -45.51
CA ILE G 586 -34.75 -4.45 -45.55
C ILE G 586 -35.26 -4.31 -46.98
N ALA G 587 -34.42 -3.82 -47.88
CA ALA G 587 -34.78 -3.68 -49.27
C ALA G 587 -34.08 -4.77 -50.08
N GLY G 588 -34.33 -4.76 -51.38
CA GLY G 588 -33.71 -5.73 -52.26
C GLY G 588 -32.35 -5.28 -52.72
N GLN G 589 -31.75 -6.12 -53.57
CA GLN G 589 -30.42 -5.82 -54.10
C GLN G 589 -30.45 -4.71 -55.14
N LYS G 590 -31.62 -4.18 -55.48
CA LYS G 590 -31.75 -3.06 -56.40
C LYS G 590 -31.03 -1.85 -55.83
N PRO G 591 -30.02 -1.32 -56.53
CA PRO G 591 -29.24 -0.22 -55.95
C PRO G 591 -30.04 1.03 -55.68
N GLU G 592 -30.95 1.40 -56.59
CA GLU G 592 -31.82 2.52 -56.30
C GLU G 592 -32.70 2.18 -55.11
N LEU G 593 -32.98 3.18 -54.28
CA LEU G 593 -33.72 2.96 -53.05
C LEU G 593 -34.68 4.11 -52.79
N ASN G 594 -35.88 3.79 -52.31
CA ASN G 594 -36.92 4.77 -52.02
C ASN G 594 -37.26 4.69 -50.54
N VAL G 595 -37.30 5.83 -49.87
CA VAL G 595 -37.47 5.92 -48.43
C VAL G 595 -38.08 7.28 -48.12
N TYR G 596 -38.61 7.44 -46.90
CA TYR G 596 -39.04 8.72 -46.42
C TYR G 596 -37.89 9.54 -45.86
N ALA G 597 -38.25 10.59 -45.13
CA ALA G 597 -37.29 11.42 -44.43
C ALA G 597 -38.07 12.30 -43.47
N LEU G 598 -37.42 12.64 -42.36
CA LEU G 598 -38.05 13.55 -41.42
C LEU G 598 -38.19 14.93 -42.04
N SER G 599 -39.29 15.59 -41.71
CA SER G 599 -39.50 16.97 -42.13
C SER G 599 -38.58 17.87 -41.32
N ASP G 600 -37.70 18.58 -42.03
CA ASP G 600 -36.69 19.44 -41.45
C ASP G 600 -37.20 20.19 -40.22
N GLU G 601 -38.43 20.68 -40.30
CA GLU G 601 -39.06 21.29 -39.14
C GLU G 601 -39.19 20.28 -38.00
N LEU G 602 -39.92 19.19 -38.21
CA LEU G 602 -40.13 18.24 -37.12
C LEU G 602 -38.80 17.65 -36.67
N GLU G 603 -37.93 17.31 -37.62
CA GLU G 603 -36.62 16.77 -37.28
C GLU G 603 -35.88 17.70 -36.34
N GLN G 604 -35.86 18.99 -36.66
CA GLN G 604 -35.25 19.97 -35.78
C GLN G 604 -35.99 20.02 -34.44
N MET G 605 -37.32 19.95 -34.49
CA MET G 605 -38.10 20.06 -33.26
C MET G 605 -37.72 18.98 -32.25
N LEU G 606 -37.33 17.79 -32.73
CA LEU G 606 -36.92 16.74 -31.82
C LEU G 606 -35.55 17.02 -31.24
N LEU G 607 -34.58 17.33 -32.11
CA LEU G 607 -33.22 17.56 -31.65
C LEU G 607 -33.18 18.59 -30.54
N THR G 608 -34.06 19.59 -30.62
CA THR G 608 -34.24 20.51 -29.51
C THR G 608 -34.49 19.73 -28.22
N SER G 609 -35.40 18.77 -28.28
CA SER G 609 -35.78 18.01 -27.09
C SER G 609 -34.60 17.22 -26.55
N LEU G 610 -33.88 16.55 -27.42
CA LEU G 610 -32.71 15.79 -27.00
C LEU G 610 -31.69 16.71 -26.32
N GLN G 611 -31.39 17.85 -26.94
CA GLN G 611 -30.41 18.75 -26.36
C GLN G 611 -30.88 19.26 -25.00
N GLN G 612 -32.18 19.51 -24.86
CA GLN G 612 -32.69 19.94 -23.57
C GLN G 612 -32.49 18.86 -22.52
N ALA G 613 -32.90 17.64 -22.84
CA ALA G 613 -32.74 16.53 -21.89
C ALA G 613 -31.28 16.26 -21.59
N GLN G 614 -30.37 16.65 -22.49
CA GLN G 614 -28.95 16.50 -22.22
C GLN G 614 -28.52 17.23 -20.96
N ALA G 615 -29.35 18.13 -20.42
CA ALA G 615 -29.06 18.75 -19.13
C ALA G 615 -28.86 17.69 -18.05
N SER G 616 -29.81 16.76 -17.95
CA SER G 616 -29.63 15.61 -17.07
C SER G 616 -28.58 14.67 -17.67
N GLY G 617 -28.17 13.70 -16.86
CA GLY G 617 -27.13 12.78 -17.28
C GLY G 617 -27.60 11.79 -18.32
N THR G 618 -28.14 12.29 -19.44
CA THR G 618 -28.78 11.46 -20.45
C THR G 618 -29.77 10.49 -19.80
N VAL G 619 -30.77 11.08 -19.15
CA VAL G 619 -31.69 10.31 -18.32
C VAL G 619 -32.27 9.14 -19.10
N VAL G 620 -32.52 9.34 -20.39
CA VAL G 620 -32.86 8.24 -21.28
C VAL G 620 -31.60 7.94 -22.08
N LEU G 621 -31.47 6.68 -22.45
CA LEU G 621 -30.38 6.33 -23.35
C LEU G 621 -30.53 7.07 -24.66
N ASP G 622 -31.48 6.68 -25.46
CA ASP G 622 -32.04 7.53 -26.48
C ASP G 622 -33.49 7.20 -26.77
N SER G 623 -34.09 6.25 -26.04
CA SER G 623 -35.41 5.76 -26.43
C SER G 623 -36.44 6.87 -26.43
N PHE G 624 -36.51 7.63 -25.33
CA PHE G 624 -37.29 8.87 -25.37
C PHE G 624 -36.77 9.85 -24.32
N PRO G 625 -36.20 10.95 -24.73
CA PRO G 625 -35.88 12.00 -23.77
C PRO G 625 -37.06 12.89 -23.44
N ILE G 626 -37.92 13.18 -24.42
CA ILE G 626 -38.97 14.20 -24.27
C ILE G 626 -40.16 13.83 -25.13
N GLU G 627 -41.34 13.96 -24.55
CA GLU G 627 -42.64 13.81 -25.21
C GLU G 627 -43.31 15.17 -25.35
N PRO G 628 -43.00 15.94 -26.39
CA PRO G 628 -43.65 17.25 -26.53
C PRO G 628 -45.00 17.17 -27.20
N ASN G 629 -45.81 16.19 -26.79
CA ASN G 629 -47.18 16.00 -27.29
C ASN G 629 -47.23 15.73 -28.78
N ILE G 630 -46.08 15.70 -29.46
CA ILE G 630 -46.03 15.22 -30.83
C ILE G 630 -46.10 13.70 -30.88
N LEU G 631 -46.12 13.05 -29.71
CA LEU G 631 -46.28 11.61 -29.67
C LEU G 631 -47.58 11.17 -30.32
N GLY G 632 -48.64 11.96 -30.14
CA GLY G 632 -49.87 11.67 -30.85
C GLY G 632 -49.71 11.80 -32.35
N GLN G 633 -49.00 12.84 -32.78
CA GLN G 633 -48.71 13.00 -34.20
C GLN G 633 -47.97 11.78 -34.74
N PHE G 634 -47.04 11.24 -33.97
CA PHE G 634 -46.32 10.05 -34.40
C PHE G 634 -47.26 8.85 -34.46
N GLN G 635 -47.91 8.54 -33.33
CA GLN G 635 -48.86 7.44 -33.27
C GLN G 635 -49.92 7.54 -34.35
N GLN G 636 -50.10 8.72 -34.94
CA GLN G 636 -51.02 8.89 -36.06
C GLN G 636 -50.34 8.63 -37.40
N ASN G 637 -49.16 9.23 -37.61
CA ASN G 637 -48.54 9.19 -38.93
C ASN G 637 -47.91 7.83 -39.22
N LEU G 638 -47.15 7.30 -38.27
CA LEU G 638 -46.45 6.04 -38.48
C LEU G 638 -47.35 4.93 -39.03
N PRO G 639 -48.59 4.76 -38.59
CA PRO G 639 -49.48 3.85 -39.32
C PRO G 639 -49.67 4.26 -40.77
N LEU G 640 -50.01 5.52 -41.02
CA LEU G 640 -50.11 6.01 -42.40
C LEU G 640 -48.78 5.86 -43.13
N ILE G 641 -47.68 6.18 -42.44
CA ILE G 641 -46.35 6.05 -43.02
C ILE G 641 -46.13 4.64 -43.53
N ARG G 642 -46.55 3.64 -42.76
CA ARG G 642 -46.51 2.28 -43.27
C ARG G 642 -47.45 2.11 -44.46
N GLN G 643 -48.66 2.63 -44.33
CA GLN G 643 -49.69 2.35 -45.32
C GLN G 643 -49.48 3.15 -46.60
N GLN G 644 -49.05 4.40 -46.48
CA GLN G 644 -48.79 5.19 -47.68
C GLN G 644 -47.85 4.45 -48.62
N LEU G 645 -46.73 3.97 -48.10
CA LEU G 645 -45.80 3.18 -48.89
C LEU G 645 -46.34 1.79 -49.17
N LYS G 646 -47.44 1.39 -48.53
CA LYS G 646 -48.15 0.19 -48.91
C LYS G 646 -49.26 0.47 -49.92
N GLN G 647 -49.38 1.71 -50.37
CA GLN G 647 -50.16 2.02 -51.56
C GLN G 647 -49.35 1.86 -52.83
N GLN G 648 -48.08 1.49 -52.72
CA GLN G 648 -47.21 1.35 -53.87
C GLN G 648 -46.46 0.02 -53.91
N GLY G 649 -46.55 -0.78 -52.84
CA GLY G 649 -46.02 -2.13 -52.82
C GLY G 649 -44.57 -2.25 -52.39
N LEU G 650 -43.83 -1.16 -52.41
CA LEU G 650 -42.42 -1.25 -52.04
C LEU G 650 -42.28 -1.31 -50.52
N PRO G 651 -41.27 -2.01 -50.03
CA PRO G 651 -41.12 -2.22 -48.58
C PRO G 651 -40.95 -0.90 -47.86
N PRO G 652 -41.37 -0.82 -46.59
CA PRO G 652 -41.32 0.46 -45.88
C PRO G 652 -39.94 0.70 -45.28
N ILE G 653 -39.44 1.92 -45.42
CA ILE G 653 -38.18 2.33 -44.80
C ILE G 653 -38.38 3.76 -44.32
N LEU G 654 -37.48 4.19 -43.44
CA LEU G 654 -37.54 5.55 -42.93
C LEU G 654 -36.13 6.00 -42.59
N LEU G 655 -35.77 7.19 -43.04
CA LEU G 655 -34.47 7.76 -42.73
C LEU G 655 -34.58 8.80 -41.63
N VAL G 656 -33.52 8.92 -40.84
CA VAL G 656 -33.48 9.83 -39.70
C VAL G 656 -32.05 10.34 -39.53
N MET G 657 -31.89 11.26 -38.59
CA MET G 657 -30.57 11.57 -38.09
C MET G 657 -30.07 10.40 -37.24
N PRO G 658 -28.76 10.16 -37.21
CA PRO G 658 -28.25 9.12 -36.32
C PRO G 658 -28.56 9.39 -34.87
N GLN G 659 -28.65 10.66 -34.48
CA GLN G 659 -28.92 10.98 -33.08
C GLN G 659 -30.36 10.69 -32.70
N LEU G 660 -31.24 10.55 -33.68
CA LEU G 660 -32.62 10.18 -33.41
C LEU G 660 -32.92 8.74 -33.76
N ARG G 661 -32.03 8.09 -34.47
CA ARG G 661 -32.17 6.69 -34.84
C ARG G 661 -32.65 5.83 -33.68
N PRO G 662 -31.97 5.81 -32.54
CA PRO G 662 -32.37 4.85 -31.50
C PRO G 662 -33.72 5.17 -30.92
N LEU G 663 -34.12 6.44 -30.92
CA LEU G 663 -35.44 6.81 -30.44
C LEU G 663 -36.53 6.19 -31.29
N LEU G 664 -36.58 6.58 -32.56
CA LEU G 664 -37.67 6.19 -33.42
C LEU G 664 -37.79 4.69 -33.59
N ALA G 665 -36.74 3.94 -33.26
CA ALA G 665 -36.84 2.49 -33.30
C ALA G 665 -37.86 2.00 -32.31
N ARG G 666 -38.02 2.69 -31.18
CA ARG G 666 -38.98 2.24 -30.19
C ARG G 666 -40.41 2.43 -30.69
N TYR G 667 -40.67 3.55 -31.36
CA TYR G 667 -42.01 3.77 -31.88
C TYR G 667 -42.35 2.75 -32.94
N ALA G 668 -41.49 2.60 -33.94
CA ALA G 668 -41.74 1.61 -34.97
C ALA G 668 -41.78 0.19 -34.42
N ARG G 669 -41.30 -0.01 -33.20
CA ARG G 669 -41.38 -1.33 -32.59
C ARG G 669 -42.71 -1.57 -31.90
N THR G 670 -43.46 -0.51 -31.60
CA THR G 670 -44.73 -0.62 -30.90
C THR G 670 -45.92 -0.27 -31.79
N PHE G 671 -45.87 0.89 -32.45
CA PHE G 671 -47.04 1.38 -33.17
C PHE G 671 -47.29 0.58 -34.44
N THR G 672 -46.29 0.50 -35.30
CA THR G 672 -46.41 -0.19 -36.57
C THR G 672 -45.79 -1.58 -36.44
N GLN G 673 -46.58 -2.60 -36.73
CA GLN G 673 -46.04 -3.96 -36.67
C GLN G 673 -44.95 -4.18 -37.71
N GLY G 674 -44.90 -3.33 -38.73
CA GLY G 674 -43.85 -3.42 -39.72
C GLY G 674 -43.29 -2.08 -40.12
N LEU G 675 -41.98 -1.89 -39.96
CA LEU G 675 -41.33 -0.65 -40.36
C LEU G 675 -39.84 -0.87 -40.33
N ALA G 676 -39.08 0.14 -40.71
CA ALA G 676 -37.62 0.10 -40.72
C ALA G 676 -37.08 1.50 -40.59
N VAL G 677 -36.43 1.79 -39.49
CA VAL G 677 -35.86 3.10 -39.23
C VAL G 677 -34.35 2.97 -39.41
N LEU G 678 -33.83 3.53 -40.49
CA LEU G 678 -32.41 3.48 -40.80
C LEU G 678 -31.82 4.88 -40.67
N SER G 679 -30.58 4.94 -40.21
CA SER G 679 -29.91 6.23 -40.17
C SER G 679 -29.35 6.57 -41.54
N TYR G 680 -28.59 7.66 -41.61
CA TYR G 680 -27.93 8.00 -42.85
C TYR G 680 -26.65 7.20 -43.01
N ASN G 681 -25.82 7.17 -41.96
CA ASN G 681 -24.57 6.43 -42.02
C ASN G 681 -24.77 4.93 -41.97
N GLU G 682 -26.00 4.48 -41.73
CA GLU G 682 -26.29 3.06 -41.74
C GLU G 682 -26.64 2.56 -43.14
N ILE G 683 -26.62 3.42 -44.14
CA ILE G 683 -26.94 3.04 -45.50
C ILE G 683 -25.66 3.18 -46.31
N PRO G 684 -25.36 2.26 -47.22
CA PRO G 684 -24.09 2.33 -47.95
C PRO G 684 -24.06 3.55 -48.85
N GLU G 685 -22.86 3.94 -49.26
CA GLU G 685 -22.72 4.91 -50.33
C GLU G 685 -22.88 4.27 -51.69
N ASN G 686 -23.07 2.95 -51.74
CA ASN G 686 -23.35 2.28 -53.00
C ASN G 686 -24.79 2.53 -53.43
N LYS G 687 -25.75 2.09 -52.63
CA LYS G 687 -27.14 2.19 -53.01
C LYS G 687 -27.59 3.65 -52.98
N GLN G 688 -27.84 4.20 -54.16
CA GLN G 688 -28.39 5.55 -54.22
C GLN G 688 -29.84 5.54 -53.76
N ILE G 689 -30.16 6.47 -52.89
CA ILE G 689 -31.47 6.52 -52.27
C ILE G 689 -32.35 7.52 -53.02
N ASN G 690 -33.65 7.43 -52.77
CA ASN G 690 -34.60 8.38 -53.33
C ASN G 690 -35.62 8.72 -52.26
N VAL G 691 -35.50 9.91 -51.67
CA VAL G 691 -36.48 10.37 -50.70
C VAL G 691 -37.85 10.43 -51.35
N VAL G 692 -38.88 10.17 -50.55
CA VAL G 692 -40.24 10.31 -51.03
C VAL G 692 -40.84 11.63 -50.59
N GLY G 693 -40.62 12.01 -49.34
CA GLY G 693 -41.13 13.27 -48.84
C GLY G 693 -40.93 13.40 -47.35
N ASN G 694 -41.19 14.61 -46.88
CA ASN G 694 -41.03 14.93 -45.48
C ASN G 694 -42.22 14.37 -44.70
N LEU G 695 -42.33 14.72 -43.42
CA LEU G 695 -43.44 14.29 -42.58
C LEU G 695 -43.86 15.47 -41.72
N GLY G 696 -44.86 16.21 -42.17
CA GLY G 696 -45.33 17.38 -41.45
C GLY G 696 -46.47 17.11 -40.49
N GLU H 344 -38.83 -34.78 36.46
CA GLU H 344 -38.27 -34.43 37.77
C GLU H 344 -36.74 -34.31 37.68
N GLU H 345 -36.12 -35.21 36.92
CA GLU H 345 -34.70 -35.17 36.62
C GLU H 345 -34.46 -34.54 35.26
N ASP H 346 -35.22 -33.49 34.96
CA ASP H 346 -34.98 -32.70 33.76
C ASP H 346 -33.93 -31.68 34.15
N THR H 347 -33.11 -32.04 35.13
CA THR H 347 -32.05 -31.26 35.75
C THR H 347 -31.26 -30.45 34.72
N PRO H 348 -30.98 -30.97 33.53
CA PRO H 348 -30.58 -30.05 32.48
C PRO H 348 -31.80 -29.52 31.75
N LEU H 349 -32.02 -28.23 31.80
CA LEU H 349 -32.88 -27.56 30.82
C LEU H 349 -31.98 -26.96 29.77
N THR H 350 -32.20 -27.34 28.52
CA THR H 350 -31.36 -26.90 27.43
C THR H 350 -32.19 -26.02 26.50
N TRP H 351 -31.50 -25.18 25.74
CA TRP H 351 -32.20 -24.31 24.81
C TRP H 351 -33.15 -25.08 23.92
N ASP H 352 -32.84 -26.34 23.62
CA ASP H 352 -33.72 -27.14 22.77
C ASP H 352 -35.10 -27.31 23.39
N ASP H 353 -35.19 -27.33 24.72
CA ASP H 353 -36.48 -27.48 25.38
C ASP H 353 -37.43 -26.35 25.00
N ILE H 354 -36.90 -25.21 24.56
CA ILE H 354 -37.70 -24.08 24.12
C ILE H 354 -38.23 -24.38 22.72
N PRO H 355 -39.52 -24.55 22.55
CA PRO H 355 -40.05 -24.88 21.22
C PRO H 355 -39.91 -23.71 20.27
N HIS H 356 -39.50 -24.00 19.05
CA HIS H 356 -39.45 -22.96 18.04
C HIS H 356 -40.84 -22.42 17.77
N VAL H 357 -40.89 -21.33 17.03
CA VAL H 357 -42.16 -20.80 16.57
C VAL H 357 -42.28 -21.11 15.09
N HIS H 358 -43.51 -21.18 14.60
CA HIS H 358 -43.75 -21.53 13.22
C HIS H 358 -44.51 -20.43 12.53
N THR H 359 -44.28 -20.31 11.23
CA THR H 359 -44.95 -19.26 10.47
C THR H 359 -46.45 -19.46 10.52
N LEU H 360 -46.95 -20.55 9.96
CA LEU H 360 -48.38 -20.82 9.96
C LEU H 360 -48.68 -21.96 10.90
N SER H 361 -49.74 -21.81 11.68
CA SER H 361 -50.17 -22.87 12.57
C SER H 361 -51.67 -22.78 12.76
N LEU H 362 -52.29 -23.94 12.87
CA LEU H 362 -53.74 -24.04 13.05
C LEU H 362 -54.06 -24.48 14.46
N ALA H 363 -55.08 -23.85 15.04
CA ALA H 363 -55.64 -24.29 16.30
C ALA H 363 -56.95 -25.02 16.05
N LEU H 364 -57.12 -26.17 16.68
CA LEU H 364 -58.25 -27.04 16.40
C LEU H 364 -59.00 -27.39 17.68
N GLY H 365 -60.22 -26.86 17.81
CA GLY H 365 -61.06 -27.15 18.94
C GLY H 365 -61.73 -28.52 18.84
N TYR H 366 -62.37 -28.90 19.94
CA TYR H 366 -62.85 -30.27 20.13
C TYR H 366 -63.66 -30.76 18.95
N ARG H 367 -64.79 -30.11 18.67
CA ARG H 367 -65.78 -30.66 17.76
C ARG H 367 -65.21 -30.94 16.39
N LEU H 368 -64.07 -30.34 16.05
CA LEU H 368 -63.50 -30.43 14.72
C LEU H 368 -62.06 -30.93 14.73
N VAL H 369 -61.70 -31.76 15.70
CA VAL H 369 -60.43 -32.49 15.60
C VAL H 369 -60.59 -33.74 14.78
N HIS H 370 -61.80 -34.06 14.35
CA HIS H 370 -61.95 -35.22 13.46
C HIS H 370 -61.60 -34.81 12.04
N LEU H 371 -60.47 -34.13 11.89
CA LEU H 371 -60.02 -33.62 10.61
C LEU H 371 -58.55 -33.84 10.36
N VAL H 372 -57.77 -34.25 11.37
CA VAL H 372 -56.35 -34.49 11.21
C VAL H 372 -55.95 -35.86 11.76
N ASN H 373 -56.88 -36.60 12.33
CA ASN H 373 -56.65 -37.88 12.99
C ASN H 373 -56.27 -39.02 12.04
N LYS H 374 -56.02 -38.76 10.75
CA LYS H 374 -55.44 -39.69 9.80
C LYS H 374 -56.33 -40.87 9.45
N ASP H 375 -57.52 -40.98 10.06
CA ASP H 375 -58.42 -42.07 9.75
C ASP H 375 -59.68 -41.58 9.04
N GLN H 376 -60.39 -40.62 9.63
CA GLN H 376 -61.69 -40.21 9.11
C GLN H 376 -61.53 -39.33 7.87
N GLY H 377 -60.79 -39.86 6.91
CA GLY H 377 -60.46 -39.14 5.70
C GLY H 377 -59.94 -37.75 5.98
N ALA H 378 -58.84 -37.66 6.73
CA ALA H 378 -58.26 -36.40 7.17
C ALA H 378 -58.10 -35.44 6.00
N PRO H 379 -58.94 -34.41 5.92
CA PRO H 379 -58.76 -33.44 4.84
C PRO H 379 -57.58 -32.53 5.09
N LEU H 380 -57.39 -32.11 6.33
CA LEU H 380 -56.29 -31.21 6.63
C LEU H 380 -54.98 -31.96 6.76
N SER H 381 -54.74 -32.86 5.82
CA SER H 381 -53.42 -33.31 5.43
C SER H 381 -53.30 -33.45 3.94
N GLN H 382 -54.42 -33.41 3.22
CA GLN H 382 -54.46 -33.36 1.77
C GLN H 382 -55.07 -32.08 1.26
N ARG H 383 -56.23 -31.68 1.80
CA ARG H 383 -56.82 -30.42 1.36
C ARG H 383 -55.90 -29.26 1.68
N ILE H 384 -55.31 -29.26 2.88
CA ILE H 384 -54.37 -28.19 3.22
C ILE H 384 -53.18 -28.24 2.29
N ARG H 385 -52.68 -29.44 1.98
CA ARG H 385 -51.65 -29.53 0.96
C ARG H 385 -52.20 -29.17 -0.39
N GLY H 386 -53.50 -29.39 -0.61
CA GLY H 386 -54.10 -28.94 -1.85
C GLY H 386 -53.89 -27.45 -2.07
N VAL H 387 -54.21 -26.66 -1.06
CA VAL H 387 -54.00 -25.22 -1.17
C VAL H 387 -52.53 -24.89 -1.22
N ARG H 388 -51.76 -25.45 -0.30
CA ARG H 388 -50.34 -25.17 -0.23
C ARG H 388 -49.60 -25.59 -1.48
N ARG H 389 -50.22 -26.32 -2.40
CA ARG H 389 -49.60 -26.66 -3.67
C ARG H 389 -50.18 -25.84 -4.82
N ASN H 390 -51.49 -25.82 -4.93
CA ASN H 390 -52.10 -25.06 -6.00
C ASN H 390 -52.02 -23.63 -5.78
N LEU H 391 -51.35 -23.20 -4.73
CA LEU H 391 -50.93 -21.82 -4.61
C LEU H 391 -49.43 -21.66 -4.68
N SER H 392 -48.68 -22.66 -4.20
CA SER H 392 -47.24 -22.61 -4.36
C SER H 392 -46.94 -22.48 -5.82
N GLU H 393 -47.27 -23.50 -6.60
CA GLU H 393 -46.91 -23.48 -8.02
C GLU H 393 -47.43 -22.24 -8.72
N GLN H 394 -48.32 -21.50 -8.11
CA GLN H 394 -48.82 -20.28 -8.74
C GLN H 394 -47.96 -19.09 -8.39
N VAL H 395 -47.58 -18.94 -7.12
CA VAL H 395 -46.76 -17.78 -6.75
C VAL H 395 -45.28 -18.09 -6.74
N GLY H 396 -44.89 -19.27 -7.17
CA GLY H 396 -43.52 -19.53 -7.50
C GLY H 396 -42.66 -20.07 -6.39
N PHE H 397 -42.85 -19.62 -5.16
CA PHE H 397 -41.98 -20.02 -4.07
C PHE H 397 -42.76 -20.89 -3.10
N LEU H 398 -42.14 -21.98 -2.66
CA LEU H 398 -42.83 -22.97 -1.85
C LEU H 398 -43.31 -22.39 -0.55
N LEU H 399 -44.62 -22.25 -0.41
CA LEU H 399 -45.17 -21.72 0.81
C LEU H 399 -44.79 -22.60 2.00
N PRO H 400 -44.74 -22.05 3.20
CA PRO H 400 -44.30 -22.83 4.35
C PRO H 400 -45.24 -23.98 4.64
N GLU H 401 -44.80 -24.84 5.54
CA GLU H 401 -45.59 -26.00 5.93
C GLU H 401 -46.56 -25.60 7.03
N VAL H 402 -47.85 -25.68 6.74
CA VAL H 402 -48.84 -25.33 7.75
C VAL H 402 -48.83 -26.40 8.82
N ARG H 403 -48.54 -25.99 10.05
CA ARG H 403 -48.59 -26.87 11.19
C ARG H 403 -49.95 -26.78 11.84
N ILE H 404 -50.32 -27.81 12.57
CA ILE H 404 -51.65 -27.90 13.15
C ILE H 404 -51.54 -28.38 14.59
N ARG H 405 -52.11 -27.61 15.51
CA ARG H 405 -52.16 -27.99 16.90
C ARG H 405 -53.59 -27.83 17.41
N ASP H 406 -53.87 -28.43 18.55
CA ASP H 406 -55.20 -28.43 19.13
C ASP H 406 -55.11 -27.97 20.58
N ASN H 407 -55.28 -26.67 20.78
CA ASN H 407 -55.32 -26.11 22.13
C ASN H 407 -56.74 -26.21 22.65
N LEU H 408 -56.92 -26.91 23.77
CA LEU H 408 -58.24 -26.97 24.38
C LEU H 408 -58.73 -25.60 24.82
N SER H 409 -57.83 -24.60 24.87
CA SER H 409 -58.16 -23.29 25.43
C SER H 409 -59.38 -22.65 24.82
N LEU H 410 -59.81 -23.08 23.65
CA LEU H 410 -60.84 -22.38 22.90
C LEU H 410 -62.08 -23.24 22.72
N LYS H 411 -63.13 -22.60 22.22
CA LYS H 411 -64.44 -23.23 22.13
C LYS H 411 -64.34 -24.51 21.31
N PRO H 412 -65.15 -25.53 21.62
CA PRO H 412 -64.91 -26.86 21.05
C PRO H 412 -65.08 -26.93 19.56
N ASN H 413 -65.63 -25.90 18.92
CA ASN H 413 -65.92 -25.94 17.49
C ASN H 413 -65.39 -24.72 16.76
N GLN H 414 -64.25 -24.18 17.19
CA GLN H 414 -63.65 -23.07 16.46
C GLN H 414 -62.19 -23.37 16.16
N TYR H 415 -61.63 -22.54 15.30
CA TYR H 415 -60.27 -22.68 14.83
C TYR H 415 -59.67 -21.29 14.68
N THR H 416 -58.37 -21.20 14.90
CA THR H 416 -57.64 -19.96 14.72
C THR H 416 -56.41 -20.24 13.86
N ILE H 417 -56.13 -19.35 12.92
CA ILE H 417 -54.94 -19.44 12.09
C ILE H 417 -53.93 -18.44 12.61
N SER H 418 -52.69 -18.87 12.75
CA SER H 418 -51.67 -18.08 13.42
C SER H 418 -50.50 -17.84 12.48
N LEU H 419 -50.12 -16.59 12.31
CA LEU H 419 -48.98 -16.22 11.48
C LEU H 419 -47.83 -15.79 12.38
N ASN H 420 -46.80 -16.61 12.44
CA ASN H 420 -45.51 -16.36 13.08
C ASN H 420 -45.54 -16.39 14.59
N GLY H 421 -46.68 -16.19 15.24
CA GLY H 421 -46.70 -16.56 16.63
C GLY H 421 -48.07 -16.73 17.23
N GLU H 422 -49.10 -16.37 16.48
CA GLU H 422 -50.33 -15.97 17.15
C GLU H 422 -51.40 -15.68 16.12
N VAL H 423 -52.64 -15.60 16.62
CA VAL H 423 -53.79 -15.62 15.73
C VAL H 423 -53.78 -14.42 14.80
N ILE H 424 -54.25 -14.66 13.58
CA ILE H 424 -54.56 -13.59 12.64
C ILE H 424 -56.06 -13.56 12.35
N GLU H 425 -56.64 -14.72 12.09
CA GLU H 425 -58.08 -14.83 11.93
C GLU H 425 -58.54 -16.08 12.66
N GLN H 426 -59.79 -16.04 13.10
CA GLN H 426 -60.37 -17.07 13.93
C GLN H 426 -61.80 -17.27 13.49
N GLY H 427 -62.13 -18.48 13.04
CA GLY H 427 -63.44 -18.78 12.52
C GLY H 427 -64.23 -19.70 13.44
N PHE H 428 -65.50 -19.86 13.11
CA PHE H 428 -66.42 -20.70 13.86
C PHE H 428 -67.08 -21.68 12.91
N ILE H 429 -66.99 -22.96 13.24
CA ILE H 429 -67.49 -24.04 12.41
C ILE H 429 -68.73 -24.64 13.05
N GLU H 430 -69.76 -24.83 12.24
CA GLU H 430 -70.98 -25.45 12.72
C GLU H 430 -70.72 -26.93 12.99
N PRO H 431 -71.43 -27.54 13.96
CA PRO H 431 -71.06 -28.89 14.39
C PRO H 431 -70.98 -29.89 13.26
N GLU H 432 -72.08 -30.09 12.53
CA GLU H 432 -72.05 -30.98 11.38
C GLU H 432 -72.89 -30.47 10.21
N ARG H 433 -73.28 -29.20 10.22
CA ARG H 433 -74.06 -28.62 9.13
C ARG H 433 -73.11 -27.99 8.13
N LEU H 434 -73.06 -28.55 6.92
CA LEU H 434 -72.20 -28.04 5.88
C LEU H 434 -72.65 -26.63 5.50
N MET H 435 -71.68 -25.78 5.16
CA MET H 435 -71.98 -24.42 4.77
C MET H 435 -72.13 -24.32 3.26
N ALA H 436 -73.10 -23.54 2.81
CA ALA H 436 -73.25 -23.19 1.42
C ALA H 436 -73.27 -21.68 1.27
N ILE H 437 -72.81 -21.21 0.11
CA ILE H 437 -72.74 -19.79 -0.16
C ILE H 437 -73.61 -19.49 -1.38
N ALA H 438 -74.25 -18.33 -1.36
CA ALA H 438 -74.96 -17.80 -2.52
C ALA H 438 -74.14 -16.64 -3.08
N VAL H 439 -73.52 -16.87 -4.24
CA VAL H 439 -72.64 -15.87 -4.83
C VAL H 439 -73.36 -14.54 -5.01
N GLY H 440 -74.66 -14.59 -5.31
CA GLY H 440 -75.42 -13.39 -5.62
C GLY H 440 -76.32 -13.62 -6.81
N ASP H 441 -75.94 -14.59 -7.65
CA ASP H 441 -76.78 -15.03 -8.76
C ASP H 441 -77.69 -16.19 -8.40
N THR H 442 -77.38 -16.93 -7.35
CA THR H 442 -78.24 -18.01 -6.91
C THR H 442 -79.50 -17.45 -6.27
N TYR H 443 -80.61 -18.16 -6.48
CA TYR H 443 -81.90 -17.80 -5.91
C TYR H 443 -82.41 -18.91 -5.00
N GLY H 444 -83.31 -18.52 -4.10
CA GLY H 444 -83.86 -19.44 -3.14
C GLY H 444 -82.95 -19.65 -1.93
N GLU H 445 -83.57 -20.01 -0.82
CA GLU H 445 -82.86 -20.27 0.42
C GLU H 445 -83.14 -21.71 0.85
N ILE H 446 -82.27 -22.23 1.71
CA ILE H 446 -82.45 -23.56 2.27
C ILE H 446 -82.47 -23.43 3.78
N ASP H 447 -82.98 -24.48 4.45
CA ASP H 447 -83.19 -24.44 5.89
C ASP H 447 -81.91 -24.16 6.67
N GLY H 448 -80.77 -24.08 5.99
CA GLY H 448 -79.50 -23.99 6.70
C GLY H 448 -79.47 -22.80 7.65
N ILE H 449 -78.90 -23.03 8.83
CA ILE H 449 -78.71 -21.96 9.80
C ILE H 449 -77.79 -20.90 9.21
N LEU H 450 -78.22 -19.65 9.31
CA LEU H 450 -77.41 -18.55 8.78
C LEU H 450 -76.06 -18.51 9.48
N GLY H 451 -75.07 -18.00 8.77
CA GLY H 451 -73.76 -17.80 9.32
C GLY H 451 -73.11 -16.66 8.58
N SER H 452 -71.82 -16.81 8.31
CA SER H 452 -71.11 -15.89 7.43
C SER H 452 -70.05 -16.67 6.67
N ASP H 453 -69.53 -16.05 5.63
CA ASP H 453 -68.40 -16.61 4.92
C ASP H 453 -67.12 -16.12 5.58
N PRO H 454 -66.37 -16.97 6.28
CA PRO H 454 -65.11 -16.49 6.88
C PRO H 454 -64.10 -16.03 5.86
N ALA H 455 -64.29 -16.35 4.58
CA ALA H 455 -63.31 -15.95 3.58
C ALA H 455 -63.52 -14.52 3.12
N TYR H 456 -64.67 -14.22 2.52
CA TYR H 456 -64.89 -12.92 1.89
C TYR H 456 -66.05 -12.15 2.50
N GLN H 457 -66.47 -12.50 3.71
CA GLN H 457 -67.60 -11.83 4.36
C GLN H 457 -68.85 -11.88 3.49
N LEU H 458 -69.29 -13.09 3.19
CA LEU H 458 -70.53 -13.34 2.46
C LEU H 458 -71.54 -14.05 3.36
N PRO H 459 -72.83 -13.92 3.06
CA PRO H 459 -73.83 -14.65 3.87
C PRO H 459 -73.73 -16.14 3.60
N ALA H 460 -73.93 -16.91 4.65
CA ALA H 460 -73.73 -18.35 4.59
C ALA H 460 -74.82 -19.06 5.36
N VAL H 461 -75.24 -20.21 4.84
CA VAL H 461 -76.20 -21.07 5.50
C VAL H 461 -75.53 -22.41 5.74
N TRP H 462 -75.75 -22.98 6.91
CA TRP H 462 -75.10 -24.23 7.31
C TRP H 462 -76.14 -25.33 7.28
N ILE H 463 -75.99 -26.22 6.31
CA ILE H 463 -77.02 -27.21 5.96
C ILE H 463 -76.49 -28.60 6.30
N GLU H 464 -77.41 -29.53 6.50
CA GLU H 464 -76.97 -30.88 6.81
C GLU H 464 -76.31 -31.52 5.60
N HIS H 465 -75.84 -32.76 5.77
CA HIS H 465 -75.12 -33.42 4.69
C HIS H 465 -76.05 -33.90 3.59
N GLN H 466 -77.35 -33.99 3.86
CA GLN H 466 -78.26 -34.53 2.86
C GLN H 466 -78.74 -33.45 1.89
N ASP H 467 -78.90 -32.22 2.37
CA ASP H 467 -79.48 -31.12 1.59
C ASP H 467 -78.58 -30.63 0.48
N LYS H 468 -77.45 -31.30 0.22
CA LYS H 468 -76.59 -30.91 -0.87
C LYS H 468 -77.37 -30.75 -2.16
N ALA H 469 -78.22 -31.73 -2.47
CA ALA H 469 -79.03 -31.67 -3.68
C ALA H 469 -79.81 -30.37 -3.77
N LYS H 470 -80.54 -30.03 -2.70
CA LYS H 470 -81.28 -28.78 -2.70
C LYS H 470 -80.36 -27.58 -2.90
N ALA H 471 -79.17 -27.63 -2.30
CA ALA H 471 -78.18 -26.59 -2.57
C ALA H 471 -77.64 -26.72 -4.00
N LEU H 472 -77.21 -27.92 -4.38
CA LEU H 472 -76.67 -28.14 -5.71
C LEU H 472 -77.70 -27.94 -6.81
N ASN H 473 -78.98 -28.14 -6.52
CA ASN H 473 -80.03 -27.93 -7.51
C ASN H 473 -80.67 -26.56 -7.41
N MET H 474 -80.39 -25.80 -6.35
CA MET H 474 -80.79 -24.41 -6.29
C MET H 474 -79.70 -23.48 -6.81
N GLY H 475 -78.47 -23.96 -6.92
CA GLY H 475 -77.37 -23.19 -7.43
C GLY H 475 -76.38 -22.74 -6.39
N TYR H 476 -76.42 -23.33 -5.20
CA TYR H 476 -75.59 -22.87 -4.10
C TYR H 476 -74.13 -23.27 -4.28
N GLN H 477 -73.29 -22.71 -3.43
CA GLN H 477 -71.88 -23.05 -3.35
C GLN H 477 -71.65 -23.70 -1.98
N VAL H 478 -71.87 -24.99 -1.92
CA VAL H 478 -71.71 -25.74 -0.67
C VAL H 478 -70.27 -26.20 -0.57
N VAL H 479 -69.80 -26.34 0.67
CA VAL H 479 -68.43 -26.79 0.93
C VAL H 479 -68.41 -27.60 2.22
N ASP H 480 -67.54 -28.62 2.23
CA ASP H 480 -67.31 -29.43 3.41
C ASP H 480 -66.72 -28.58 4.52
N ASP H 481 -66.68 -29.11 5.75
CA ASP H 481 -66.04 -28.38 6.85
C ASP H 481 -64.61 -28.01 6.49
N GLY H 482 -63.80 -29.00 6.15
CA GLY H 482 -62.38 -28.77 5.95
C GLY H 482 -62.09 -27.69 4.93
N THR H 483 -62.89 -27.62 3.87
CA THR H 483 -62.65 -26.61 2.85
C THR H 483 -62.90 -25.22 3.40
N VAL H 484 -63.87 -25.06 4.29
CA VAL H 484 -64.11 -23.75 4.90
C VAL H 484 -62.85 -23.27 5.59
N ILE H 485 -62.10 -24.18 6.19
CA ILE H 485 -60.79 -23.82 6.70
C ILE H 485 -59.82 -23.58 5.55
N ALA H 486 -59.60 -24.60 4.72
CA ALA H 486 -58.58 -24.51 3.70
C ALA H 486 -58.71 -23.26 2.87
N THR H 487 -59.94 -22.86 2.55
CA THR H 487 -60.08 -21.59 1.84
C THR H 487 -59.64 -20.43 2.70
N HIS H 488 -59.84 -20.51 4.01
CA HIS H 488 -59.41 -19.42 4.87
C HIS H 488 -57.89 -19.34 4.93
N ILE H 489 -57.23 -20.48 5.08
CA ILE H 489 -55.78 -20.52 5.03
C ILE H 489 -55.27 -19.98 3.70
N SER H 490 -55.96 -20.32 2.61
CA SER H 490 -55.54 -19.81 1.32
C SER H 490 -55.61 -18.29 1.29
N LYS H 491 -56.69 -17.73 1.80
CA LYS H 491 -56.78 -16.27 1.80
C LYS H 491 -55.70 -15.65 2.66
N ILE H 492 -55.41 -16.26 3.80
CA ILE H 492 -54.40 -15.69 4.70
C ILE H 492 -53.03 -15.73 4.05
N MET H 493 -52.68 -16.85 3.43
CA MET H 493 -51.42 -16.90 2.70
C MET H 493 -51.40 -15.83 1.61
N LYS H 494 -52.44 -15.79 0.79
CA LYS H 494 -52.40 -14.88 -0.34
C LYS H 494 -52.33 -13.43 0.11
N THR H 495 -52.75 -13.15 1.35
CA THR H 495 -52.62 -11.78 1.81
C THR H 495 -51.26 -11.51 2.43
N ASN H 496 -50.80 -12.39 3.31
CA ASN H 496 -49.55 -12.18 4.03
C ASN H 496 -48.35 -12.76 3.31
N LEU H 497 -48.44 -12.94 2.00
CA LEU H 497 -47.35 -13.48 1.22
C LEU H 497 -45.98 -12.94 1.63
N ALA H 498 -45.89 -11.65 1.92
CA ALA H 498 -44.59 -11.09 2.28
C ALA H 498 -43.96 -11.85 3.43
N GLU H 499 -44.59 -11.79 4.61
CA GLU H 499 -43.98 -12.38 5.79
C GLU H 499 -43.78 -13.88 5.66
N LEU H 500 -44.31 -14.50 4.64
CA LEU H 500 -44.09 -15.91 4.42
C LEU H 500 -42.83 -16.19 3.62
N PHE H 501 -42.17 -15.14 3.14
CA PHE H 501 -40.94 -15.27 2.37
C PHE H 501 -39.77 -14.95 3.29
N THR H 502 -39.03 -15.99 3.67
CA THR H 502 -37.99 -15.84 4.66
C THR H 502 -36.68 -15.43 4.01
N HIS H 503 -35.72 -15.04 4.85
CA HIS H 503 -34.37 -14.77 4.38
C HIS H 503 -33.63 -16.02 4.02
N ASP H 504 -34.31 -17.15 4.00
CA ASP H 504 -33.68 -18.38 3.58
C ASP H 504 -34.14 -18.86 2.22
N ASP H 505 -35.31 -18.44 1.75
CA ASP H 505 -35.72 -18.81 0.41
C ASP H 505 -34.86 -18.14 -0.64
N VAL H 506 -34.37 -16.94 -0.36
CA VAL H 506 -33.48 -16.22 -1.26
C VAL H 506 -32.30 -17.11 -1.63
N GLU H 507 -31.99 -18.08 -0.79
CA GLU H 507 -31.06 -19.12 -1.21
C GLU H 507 -31.74 -20.09 -2.16
N ALA H 508 -32.95 -20.53 -1.82
CA ALA H 508 -33.60 -21.51 -2.67
C ALA H 508 -34.02 -20.91 -3.99
N MET H 509 -34.39 -19.63 -4.03
CA MET H 509 -34.71 -19.03 -5.31
C MET H 509 -33.50 -19.05 -6.23
N THR H 510 -32.33 -18.70 -5.71
CA THR H 510 -31.15 -18.76 -6.55
C THR H 510 -30.82 -20.19 -6.93
N GLN H 511 -31.16 -21.17 -6.11
CA GLN H 511 -30.97 -22.55 -6.55
C GLN H 511 -31.87 -22.89 -7.71
N ARG H 512 -33.16 -22.59 -7.56
CA ARG H 512 -34.11 -22.89 -8.61
C ARG H 512 -33.85 -22.07 -9.87
N LEU H 513 -33.19 -20.94 -9.73
CA LEU H 513 -32.81 -20.14 -10.89
C LEU H 513 -31.52 -20.60 -11.53
N THR H 514 -30.57 -21.10 -10.75
CA THR H 514 -29.42 -21.75 -11.34
C THR H 514 -29.82 -23.00 -12.10
N GLN H 515 -30.92 -23.63 -11.73
CA GLN H 515 -31.36 -24.77 -12.51
C GLN H 515 -31.67 -24.37 -13.94
N GLN H 516 -32.16 -23.15 -14.14
CA GLN H 516 -32.55 -22.71 -15.49
C GLN H 516 -31.42 -21.96 -16.19
N ALA H 517 -30.94 -20.86 -15.59
CA ALA H 517 -29.97 -19.97 -16.20
C ALA H 517 -28.71 -19.95 -15.36
N PRO H 518 -28.01 -21.08 -15.25
CA PRO H 518 -26.98 -21.21 -14.21
C PRO H 518 -25.94 -20.14 -14.23
N LYS H 519 -25.80 -19.41 -15.33
CA LYS H 519 -24.82 -18.36 -15.41
C LYS H 519 -25.38 -17.02 -14.95
N LEU H 520 -26.69 -16.93 -14.72
CA LEU H 520 -27.25 -15.66 -14.33
C LEU H 520 -27.04 -15.41 -12.84
N ALA H 521 -27.46 -16.36 -12.00
CA ALA H 521 -27.29 -16.20 -10.56
C ALA H 521 -25.83 -15.95 -10.21
N GLU H 522 -24.94 -16.79 -10.74
CA GLU H 522 -23.51 -16.59 -10.54
C GLU H 522 -23.07 -15.19 -10.90
N ALA H 523 -23.87 -14.47 -11.69
CA ALA H 523 -23.64 -13.07 -11.93
C ALA H 523 -24.63 -12.16 -11.24
N LEU H 524 -25.69 -12.72 -10.65
CA LEU H 524 -26.61 -11.90 -9.89
C LEU H 524 -26.20 -11.82 -8.43
N ALA H 525 -25.97 -12.99 -7.81
CA ALA H 525 -25.60 -13.02 -6.40
C ALA H 525 -24.38 -12.16 -6.14
N ALA H 526 -23.50 -12.01 -7.11
CA ALA H 526 -22.37 -11.12 -6.96
C ALA H 526 -22.75 -9.66 -7.22
N ALA H 527 -24.00 -9.38 -7.57
CA ALA H 527 -24.44 -8.01 -7.80
C ALA H 527 -25.34 -7.49 -6.69
N LEU H 528 -26.15 -8.35 -6.08
CA LEU H 528 -26.97 -7.96 -4.93
C LEU H 528 -26.85 -9.01 -3.84
N ASN H 529 -26.34 -8.60 -2.69
CA ASN H 529 -26.23 -9.50 -1.56
C ASN H 529 -27.62 -9.93 -1.09
N PRO H 530 -27.78 -11.17 -0.66
CA PRO H 530 -29.11 -11.71 -0.38
C PRO H 530 -29.96 -10.84 0.53
N ALA H 531 -29.33 -10.02 1.37
CA ALA H 531 -30.10 -9.05 2.13
C ALA H 531 -30.78 -8.07 1.20
N GLN H 532 -30.12 -7.69 0.12
CA GLN H 532 -30.72 -6.75 -0.81
C GLN H 532 -31.75 -7.43 -1.69
N GLN H 533 -31.48 -8.67 -2.09
CA GLN H 533 -32.45 -9.39 -2.91
C GLN H 533 -33.77 -9.52 -2.20
N LEU H 534 -33.74 -9.97 -0.94
CA LEU H 534 -34.98 -10.27 -0.25
C LEU H 534 -35.91 -9.07 -0.21
N LYS H 535 -35.38 -7.90 0.10
CA LYS H 535 -36.24 -6.72 0.12
C LYS H 535 -36.97 -6.57 -1.21
N VAL H 536 -36.32 -6.92 -2.32
CA VAL H 536 -36.97 -6.79 -3.61
C VAL H 536 -38.09 -7.80 -3.75
N TYR H 537 -37.84 -9.06 -3.39
CA TYR H 537 -38.91 -10.04 -3.46
C TYR H 537 -40.03 -9.67 -2.50
N ARG H 538 -39.69 -9.06 -1.37
CA ARG H 538 -40.74 -8.59 -0.48
C ARG H 538 -41.59 -7.56 -1.15
N GLN H 539 -40.97 -6.60 -1.83
CA GLN H 539 -41.76 -5.55 -2.47
C GLN H 539 -42.58 -6.11 -3.61
N LEU H 540 -42.08 -7.14 -4.27
CA LEU H 540 -42.85 -7.77 -5.32
C LEU H 540 -44.01 -8.56 -4.78
N LEU H 541 -43.84 -9.23 -3.66
CA LEU H 541 -44.91 -10.05 -3.13
C LEU H 541 -45.92 -9.25 -2.35
N LEU H 542 -45.56 -8.07 -1.86
CA LEU H 542 -46.53 -7.25 -1.15
C LEU H 542 -47.74 -7.00 -2.01
N ASP H 543 -47.55 -6.39 -3.17
CA ASP H 543 -48.63 -6.22 -4.13
C ASP H 543 -48.95 -7.50 -4.87
N GLN H 544 -48.47 -8.64 -4.40
CA GLN H 544 -48.96 -9.95 -4.81
C GLN H 544 -48.70 -10.20 -6.30
N VAL H 545 -47.45 -10.10 -6.69
CA VAL H 545 -47.01 -10.36 -8.06
C VAL H 545 -46.34 -11.73 -8.08
N PRO H 546 -46.71 -12.62 -8.97
CA PRO H 546 -46.15 -13.97 -8.93
C PRO H 546 -44.68 -13.96 -9.32
N LEU H 547 -43.89 -14.74 -8.60
CA LEU H 547 -42.47 -14.92 -8.89
C LEU H 547 -42.21 -16.22 -9.61
N LYS H 548 -43.10 -16.66 -10.49
CA LYS H 548 -42.87 -17.94 -11.13
C LYS H 548 -41.69 -17.88 -12.09
N ASP H 549 -41.70 -16.90 -12.99
CA ASP H 549 -40.67 -16.77 -14.02
C ASP H 549 -39.49 -16.02 -13.44
N ILE H 550 -38.68 -16.73 -12.66
CA ILE H 550 -37.64 -16.04 -11.93
C ILE H 550 -36.57 -15.53 -12.87
N ARG H 551 -36.34 -16.21 -14.00
CA ARG H 551 -35.28 -15.77 -14.89
C ARG H 551 -35.53 -14.34 -15.36
N THR H 552 -36.69 -14.10 -15.94
CA THR H 552 -36.99 -12.74 -16.37
C THR H 552 -37.14 -11.77 -15.22
N ILE H 553 -36.90 -12.19 -14.00
CA ILE H 553 -36.86 -11.28 -12.87
C ILE H 553 -35.44 -11.01 -12.43
N ALA H 554 -34.64 -12.05 -12.28
CA ALA H 554 -33.24 -11.83 -11.99
C ALA H 554 -32.57 -11.06 -13.11
N ASN H 555 -32.94 -11.35 -14.35
CA ASN H 555 -32.45 -10.57 -15.47
C ASN H 555 -32.70 -9.09 -15.25
N THR H 556 -33.89 -8.73 -14.81
CA THR H 556 -34.21 -7.32 -14.65
C THR H 556 -33.52 -6.73 -13.43
N MET H 557 -33.41 -7.49 -12.34
CA MET H 557 -32.66 -6.98 -11.20
C MET H 557 -31.18 -6.83 -11.55
N LEU H 558 -30.61 -7.82 -12.22
CA LEU H 558 -29.21 -7.70 -12.64
C LEU H 558 -29.01 -6.49 -13.52
N GLU H 559 -29.92 -6.26 -14.46
CA GLU H 559 -29.84 -5.07 -15.28
C GLU H 559 -29.89 -3.81 -14.42
N SER H 560 -31.01 -3.59 -13.75
CA SER H 560 -31.24 -2.33 -13.07
C SER H 560 -30.43 -2.16 -11.81
N SER H 561 -29.59 -3.13 -11.44
CA SER H 561 -28.81 -2.99 -10.24
C SER H 561 -27.71 -1.95 -10.35
N GLU H 562 -27.34 -1.54 -11.56
CA GLU H 562 -26.25 -0.58 -11.69
C GLU H 562 -26.64 0.76 -11.10
N ASN H 563 -27.82 1.25 -11.44
CA ASN H 563 -28.19 2.60 -11.04
C ASN H 563 -28.46 2.67 -9.54
N THR H 564 -29.47 1.96 -9.08
CA THR H 564 -29.93 2.07 -7.72
C THR H 564 -30.03 0.70 -7.08
N LYS H 565 -29.59 0.61 -5.82
CA LYS H 565 -29.80 -0.59 -5.03
C LYS H 565 -31.00 -0.45 -4.11
N ASP H 566 -31.77 0.61 -4.26
CA ASP H 566 -32.96 0.77 -3.44
C ASP H 566 -33.99 -0.28 -3.84
N PRO H 567 -34.61 -0.94 -2.90
CA PRO H 567 -35.47 -2.06 -3.25
C PRO H 567 -36.87 -1.65 -3.60
N ILE H 568 -37.10 -0.37 -3.87
CA ILE H 568 -38.43 0.04 -4.31
C ILE H 568 -38.31 0.61 -5.71
N LEU H 569 -37.15 1.17 -6.01
CA LEU H 569 -36.88 1.49 -7.40
C LEU H 569 -36.63 0.22 -8.20
N LEU H 570 -36.13 -0.83 -7.55
CA LEU H 570 -35.95 -2.10 -8.24
C LEU H 570 -37.28 -2.81 -8.43
N ALA H 571 -38.14 -2.79 -7.43
CA ALA H 571 -39.42 -3.45 -7.58
C ALA H 571 -40.29 -2.78 -8.63
N ALA H 572 -40.00 -1.53 -8.98
CA ALA H 572 -40.75 -0.91 -10.06
C ALA H 572 -40.31 -1.48 -11.40
N ASP H 573 -39.00 -1.69 -11.60
CA ASP H 573 -38.52 -2.16 -12.88
C ASP H 573 -38.94 -3.59 -13.14
N VAL H 574 -38.88 -4.44 -12.11
CA VAL H 574 -39.35 -5.80 -12.31
C VAL H 574 -40.81 -5.81 -12.70
N ARG H 575 -41.59 -4.89 -12.15
CA ARG H 575 -43.00 -4.86 -12.51
C ARG H 575 -43.21 -4.32 -13.91
N CYS H 576 -42.40 -3.35 -14.32
CA CYS H 576 -42.47 -2.90 -15.70
C CYS H 576 -42.07 -4.02 -16.65
N ALA H 577 -41.22 -4.93 -16.20
CA ALA H 577 -40.84 -6.05 -17.06
C ALA H 577 -41.89 -7.15 -17.04
N LEU H 578 -42.68 -7.24 -16.00
CA LEU H 578 -43.73 -8.26 -15.92
C LEU H 578 -45.10 -7.72 -16.28
N LYS H 579 -45.19 -6.48 -16.76
CA LYS H 579 -46.45 -5.86 -17.14
C LYS H 579 -47.44 -6.84 -17.76
N ARG H 580 -46.94 -7.73 -18.61
CA ARG H 580 -47.78 -8.73 -19.23
C ARG H 580 -48.54 -9.53 -18.19
N THR H 581 -47.82 -10.28 -17.35
CA THR H 581 -48.48 -11.14 -16.39
C THR H 581 -49.21 -10.34 -15.34
N LEU H 582 -48.70 -9.17 -14.98
CA LEU H 582 -49.42 -8.28 -14.06
C LEU H 582 -50.84 -8.08 -14.54
N VAL H 583 -51.01 -7.48 -15.71
CA VAL H 583 -52.35 -7.17 -16.16
C VAL H 583 -53.13 -8.44 -16.43
N ASN H 584 -52.46 -9.48 -16.94
CA ASN H 584 -53.15 -10.72 -17.18
C ASN H 584 -53.78 -11.27 -15.92
N LEU H 585 -53.15 -11.01 -14.76
CA LEU H 585 -53.69 -11.51 -13.51
C LEU H 585 -54.69 -10.56 -12.88
N ILE H 586 -54.52 -9.26 -13.07
CA ILE H 586 -55.48 -8.32 -12.51
C ILE H 586 -56.78 -8.34 -13.30
N ALA H 587 -56.71 -8.03 -14.58
CA ALA H 587 -57.87 -8.06 -15.45
C ALA H 587 -57.79 -9.29 -16.35
N GLY H 588 -58.80 -9.45 -17.19
CA GLY H 588 -58.84 -10.56 -18.11
C GLY H 588 -58.08 -10.28 -19.38
N GLN H 589 -58.13 -11.25 -20.29
CA GLN H 589 -57.45 -11.11 -21.56
C GLN H 589 -58.15 -10.15 -22.50
N LYS H 590 -59.30 -9.60 -22.11
CA LYS H 590 -60.02 -8.61 -22.89
C LYS H 590 -59.14 -7.38 -23.08
N PRO H 591 -58.82 -7.02 -24.32
CA PRO H 591 -57.88 -5.91 -24.54
C PRO H 591 -58.39 -4.58 -24.02
N GLU H 592 -59.67 -4.28 -24.20
CA GLU H 592 -60.20 -3.07 -23.59
C GLU H 592 -60.13 -3.19 -22.08
N LEU H 593 -59.86 -2.07 -21.41
CA LEU H 593 -59.65 -2.08 -19.97
C LEU H 593 -60.27 -0.84 -19.35
N ASN H 594 -60.89 -1.02 -18.18
CA ASN H 594 -61.55 0.06 -17.45
C ASN H 594 -60.88 0.21 -16.09
N VAL H 595 -60.53 1.43 -15.73
CA VAL H 595 -59.76 1.73 -14.52
C VAL H 595 -60.10 3.15 -14.10
N TYR H 596 -59.74 3.49 -12.86
CA TYR H 596 -59.82 4.87 -12.41
C TYR H 596 -58.61 5.68 -12.83
N ALA H 597 -58.46 6.83 -12.19
CA ALA H 597 -57.31 7.69 -12.38
C ALA H 597 -57.34 8.74 -11.29
N LEU H 598 -56.15 9.19 -10.88
CA LEU H 598 -56.08 10.25 -9.91
C LEU H 598 -56.63 11.54 -10.50
N SER H 599 -57.31 12.31 -9.65
CA SER H 599 -57.77 13.63 -10.04
C SER H 599 -56.58 14.56 -10.14
N ASP H 600 -56.37 15.12 -11.32
CA ASP H 600 -55.24 15.99 -11.64
C ASP H 600 -54.90 16.92 -10.49
N GLU H 601 -55.93 17.47 -9.86
CA GLU H 601 -55.71 18.27 -8.67
C GLU H 601 -55.04 17.45 -7.56
N LEU H 602 -55.72 16.39 -7.10
CA LEU H 602 -55.16 15.60 -6.01
C LEU H 602 -53.82 15.00 -6.40
N GLU H 603 -53.73 14.46 -7.62
CA GLU H 603 -52.48 13.90 -8.10
C GLU H 603 -51.35 14.91 -7.98
N GLN H 604 -51.59 16.14 -8.44
CA GLN H 604 -50.58 17.18 -8.28
C GLN H 604 -50.32 17.46 -6.80
N MET H 605 -51.37 17.47 -5.98
CA MET H 605 -51.21 17.80 -4.58
C MET H 605 -50.26 16.84 -3.88
N LEU H 606 -50.21 15.58 -4.32
CA LEU H 606 -49.28 14.64 -3.72
C LEU H 606 -47.86 14.90 -4.19
N LEU H 607 -47.66 15.03 -5.51
CA LEU H 607 -46.32 15.23 -6.03
C LEU H 607 -45.63 16.39 -5.36
N THR H 608 -46.40 17.43 -5.02
CA THR H 608 -45.87 18.49 -4.19
C THR H 608 -45.24 17.92 -2.93
N SER H 609 -45.95 17.01 -2.27
CA SER H 609 -45.46 16.46 -1.01
C SER H 609 -44.19 15.68 -1.21
N LEU H 610 -44.15 14.84 -2.24
CA LEU H 610 -42.95 14.08 -2.53
C LEU H 610 -41.77 15.00 -2.78
N GLN H 611 -41.95 16.03 -3.61
CA GLN H 611 -40.87 16.94 -3.91
C GLN H 611 -40.38 17.65 -2.66
N GLN H 612 -41.32 18.01 -1.77
CA GLN H 612 -40.92 18.64 -0.52
C GLN H 612 -40.07 17.70 0.30
N ALA H 613 -40.54 16.48 0.51
CA ALA H 613 -39.79 15.51 1.29
C ALA H 613 -38.45 15.18 0.64
N GLN H 614 -38.32 15.39 -0.66
CA GLN H 614 -37.04 15.18 -1.33
C GLN H 614 -35.94 16.05 -0.74
N ALA H 615 -36.29 17.07 0.06
CA ALA H 615 -35.27 17.83 0.77
C ALA H 615 -34.41 16.92 1.63
N SER H 616 -35.03 16.07 2.44
CA SER H 616 -34.31 15.04 3.17
C SER H 616 -33.84 13.97 2.19
N GLY H 617 -32.97 13.09 2.70
CA GLY H 617 -32.40 12.06 1.85
C GLY H 617 -33.38 10.96 1.50
N THR H 618 -34.52 11.34 0.91
CA THR H 618 -35.63 10.43 0.65
C THR H 618 -35.95 9.62 1.91
N VAL H 619 -36.33 10.36 2.96
CA VAL H 619 -36.50 9.76 4.28
C VAL H 619 -37.41 8.55 4.21
N VAL H 620 -38.42 8.59 3.35
CA VAL H 620 -39.20 7.40 3.05
C VAL H 620 -38.72 6.91 1.69
N LEU H 621 -38.81 5.60 1.50
CA LEU H 621 -38.50 5.07 0.19
C LEU H 621 -39.47 5.63 -0.83
N ASP H 622 -40.70 5.18 -0.79
CA ASP H 622 -41.81 5.94 -1.35
C ASP H 622 -43.11 5.65 -0.62
N SER H 623 -43.09 4.86 0.46
CA SER H 623 -44.34 4.40 1.06
C SER H 623 -45.17 5.58 1.55
N PHE H 624 -44.57 6.48 2.33
CA PHE H 624 -45.23 7.76 2.59
C PHE H 624 -44.20 8.82 2.93
N PRO H 625 -44.06 9.83 2.10
CA PRO H 625 -43.24 10.98 2.48
C PRO H 625 -43.99 11.98 3.34
N ILE H 626 -45.28 12.18 3.09
CA ILE H 626 -46.03 13.27 3.70
C ILE H 626 -47.49 12.88 3.85
N GLU H 627 -48.06 13.17 5.02
CA GLU H 627 -49.47 13.01 5.35
C GLU H 627 -50.12 14.38 5.46
N PRO H 628 -50.57 14.97 4.36
CA PRO H 628 -51.21 16.30 4.46
C PRO H 628 -52.68 16.21 4.81
N ASN H 629 -53.01 15.36 5.78
CA ASN H 629 -54.37 15.18 6.28
C ASN H 629 -55.35 14.72 5.20
N ILE H 630 -54.87 14.52 3.97
CA ILE H 630 -55.69 13.86 2.96
C ILE H 630 -55.72 12.36 3.18
N LEU H 631 -54.98 11.88 4.18
CA LEU H 631 -55.02 10.46 4.53
C LEU H 631 -56.42 10.03 4.92
N GLY H 632 -57.17 10.90 5.59
CA GLY H 632 -58.56 10.60 5.86
C GLY H 632 -59.37 10.52 4.59
N GLN H 633 -59.13 11.43 3.66
CA GLN H 633 -59.80 11.38 2.37
C GLN H 633 -59.53 10.05 1.68
N PHE H 634 -58.30 9.57 1.76
CA PHE H 634 -57.97 8.29 1.16
C PHE H 634 -58.70 7.15 1.88
N GLN H 635 -58.48 7.04 3.19
CA GLN H 635 -59.14 6.02 3.99
C GLN H 635 -60.65 6.04 3.83
N GLN H 636 -61.21 7.14 3.31
CA GLN H 636 -62.62 7.22 2.99
C GLN H 636 -62.93 6.73 1.59
N ASN H 637 -62.17 7.22 0.59
CA ASN H 637 -62.52 6.96 -0.79
C ASN H 637 -62.17 5.53 -1.21
N LEU H 638 -60.96 5.10 -0.88
CA LEU H 638 -60.51 3.77 -1.30
C LEU H 638 -61.49 2.66 -0.99
N PRO H 639 -62.19 2.64 0.14
CA PRO H 639 -63.30 1.70 0.27
C PRO H 639 -64.38 1.91 -0.78
N LEU H 640 -64.85 3.15 -0.94
CA LEU H 640 -65.80 3.45 -2.00
C LEU H 640 -65.23 3.12 -3.37
N ILE H 641 -63.94 3.45 -3.57
CA ILE H 641 -63.28 3.17 -4.84
C ILE H 641 -63.37 1.68 -5.17
N ARG H 642 -63.18 0.83 -4.16
CA ARG H 642 -63.42 -0.60 -4.39
C ARG H 642 -64.89 -0.85 -4.67
N GLN H 643 -65.77 -0.24 -3.89
CA GLN H 643 -67.18 -0.59 -3.97
C GLN H 643 -67.86 0.01 -5.19
N GLN H 644 -67.48 1.24 -5.56
CA GLN H 644 -68.07 1.84 -6.75
C GLN H 644 -67.90 0.91 -7.96
N LEU H 645 -66.68 0.43 -8.19
CA LEU H 645 -66.43 -0.52 -9.26
C LEU H 645 -66.98 -1.90 -8.93
N LYS H 646 -67.42 -2.12 -7.70
CA LYS H 646 -68.16 -3.32 -7.36
C LYS H 646 -69.66 -3.11 -7.47
N GLN H 647 -70.09 -1.94 -7.94
CA GLN H 647 -71.46 -1.74 -8.40
C GLN H 647 -71.62 -2.11 -9.86
N GLN H 648 -70.54 -2.55 -10.52
CA GLN H 648 -70.59 -2.90 -11.93
C GLN H 648 -69.98 -4.27 -12.22
N GLY H 649 -69.35 -4.91 -11.25
CA GLY H 649 -68.90 -6.27 -11.36
C GLY H 649 -67.48 -6.43 -11.92
N LEU H 650 -66.96 -5.41 -12.55
CA LEU H 650 -65.63 -5.53 -13.14
C LEU H 650 -64.56 -5.40 -12.06
N PRO H 651 -63.44 -6.09 -12.21
CA PRO H 651 -62.42 -6.11 -11.16
C PRO H 651 -61.86 -4.72 -10.91
N PRO H 652 -61.41 -4.43 -9.69
CA PRO H 652 -60.97 -3.08 -9.36
C PRO H 652 -59.52 -2.86 -9.81
N ILE H 653 -59.26 -1.70 -10.39
CA ILE H 653 -57.91 -1.29 -10.77
C ILE H 653 -57.81 0.20 -10.49
N LEU H 654 -56.58 0.69 -10.44
CA LEU H 654 -56.35 2.11 -10.20
C LEU H 654 -55.05 2.51 -10.89
N LEU H 655 -55.09 3.60 -11.65
CA LEU H 655 -53.92 4.12 -12.31
C LEU H 655 -53.35 5.30 -11.55
N VAL H 656 -52.03 5.45 -11.61
CA VAL H 656 -51.32 6.51 -10.91
C VAL H 656 -50.12 6.93 -11.74
N MET H 657 -49.44 7.97 -11.27
CA MET H 657 -48.10 8.25 -11.75
C MET H 657 -47.14 7.19 -11.24
N PRO H 658 -46.10 6.86 -12.00
CA PRO H 658 -45.11 5.93 -11.49
C PRO H 658 -44.44 6.41 -10.22
N GLN H 659 -44.31 7.73 -10.04
CA GLN H 659 -43.66 8.25 -8.86
C GLN H 659 -44.52 8.11 -7.63
N LEU H 660 -45.82 7.89 -7.80
CA LEU H 660 -46.70 7.66 -6.68
C LEU H 660 -47.12 6.21 -6.54
N ARG H 661 -46.83 5.41 -7.56
CA ARG H 661 -47.13 3.98 -7.55
C ARG H 661 -46.75 3.33 -6.23
N PRO H 662 -45.50 3.41 -5.78
CA PRO H 662 -45.13 2.63 -4.60
C PRO H 662 -45.83 3.11 -3.35
N LEU H 663 -46.17 4.39 -3.28
CA LEU H 663 -46.91 4.92 -2.15
C LEU H 663 -48.27 4.24 -2.03
N LEU H 664 -49.12 4.47 -3.02
CA LEU H 664 -50.50 4.04 -2.95
C LEU H 664 -50.64 2.53 -2.78
N ALA H 665 -49.59 1.78 -3.08
CA ALA H 665 -49.65 0.34 -2.83
C ALA H 665 -49.81 0.05 -1.36
N ARG H 666 -49.24 0.90 -0.50
CA ARG H 666 -49.35 0.66 0.94
C ARG H 666 -50.78 0.87 1.41
N TYR H 667 -51.44 1.90 0.90
CA TYR H 667 -52.81 2.14 1.30
C TYR H 667 -53.71 1.00 0.86
N ALA H 668 -53.68 0.67 -0.42
CA ALA H 668 -54.48 -0.44 -0.91
C ALA H 668 -54.11 -1.76 -0.25
N ARG H 669 -52.96 -1.83 0.41
CA ARG H 669 -52.60 -3.04 1.12
C ARG H 669 -53.19 -3.10 2.52
N THR H 670 -53.62 -1.96 3.06
CA THR H 670 -54.17 -1.89 4.39
C THR H 670 -55.66 -1.59 4.41
N PHE H 671 -56.08 -0.54 3.72
CA PHE H 671 -57.46 -0.08 3.82
C PHE H 671 -58.42 -1.02 3.12
N THR H 672 -58.18 -1.29 1.84
CA THR H 672 -59.05 -2.14 1.06
C THR H 672 -58.44 -3.52 0.97
N GLN H 673 -59.20 -4.53 1.38
CA GLN H 673 -58.70 -5.90 1.29
C GLN H 673 -58.49 -6.32 -0.15
N GLY H 674 -59.12 -5.63 -1.09
CA GLY H 674 -58.92 -5.92 -2.49
C GLY H 674 -58.79 -4.68 -3.35
N LEU H 675 -57.67 -4.56 -4.07
CA LEU H 675 -57.47 -3.44 -4.96
C LEU H 675 -56.28 -3.75 -5.84
N ALA H 676 -55.97 -2.84 -6.76
CA ALA H 676 -54.84 -2.98 -7.67
C ALA H 676 -54.39 -1.61 -8.12
N VAL H 677 -53.18 -1.21 -7.72
CA VAL H 677 -52.63 0.08 -8.07
C VAL H 677 -51.57 -0.18 -9.13
N LEU H 678 -51.87 0.20 -10.37
CA LEU H 678 -50.95 0.02 -11.48
C LEU H 678 -50.47 1.37 -11.97
N SER H 679 -49.21 1.42 -12.40
CA SER H 679 -48.72 2.65 -12.97
C SER H 679 -49.15 2.77 -14.42
N TYR H 680 -48.64 3.79 -15.11
CA TYR H 680 -48.93 3.91 -16.52
C TYR H 680 -48.00 3.02 -17.33
N ASN H 681 -46.71 3.07 -17.05
CA ASN H 681 -45.73 2.26 -17.76
C ASN H 681 -45.81 0.80 -17.38
N GLU H 682 -46.59 0.46 -16.36
CA GLU H 682 -46.79 -0.93 -15.98
C GLU H 682 -47.90 -1.59 -16.76
N ILE H 683 -48.55 -0.87 -17.66
CA ILE H 683 -49.64 -1.41 -18.46
C ILE H 683 -49.16 -1.47 -19.90
N PRO H 684 -49.47 -2.52 -20.64
CA PRO H 684 -48.94 -2.63 -22.01
C PRO H 684 -49.53 -1.55 -22.88
N GLU H 685 -48.87 -1.30 -24.02
CA GLU H 685 -49.46 -0.50 -25.06
C GLU H 685 -50.42 -1.31 -25.92
N ASN H 686 -50.55 -2.60 -25.64
CA ASN H 686 -51.54 -3.42 -26.33
C ASN H 686 -52.94 -3.13 -25.80
N LYS H 687 -53.16 -3.40 -24.52
CA LYS H 687 -54.49 -3.26 -23.94
C LYS H 687 -54.87 -1.79 -23.87
N GLN H 688 -55.83 -1.39 -24.69
CA GLN H 688 -56.34 -0.03 -24.59
C GLN H 688 -57.17 0.13 -23.33
N ILE H 689 -56.91 1.19 -22.60
CA ILE H 689 -57.54 1.40 -21.31
C ILE H 689 -58.73 2.34 -21.47
N ASN H 690 -59.58 2.38 -20.46
CA ASN H 690 -60.71 3.30 -20.42
C ASN H 690 -60.84 3.85 -19.01
N VAL H 691 -60.42 5.09 -18.83
CA VAL H 691 -60.58 5.73 -17.54
C VAL H 691 -62.05 5.81 -17.18
N VAL H 692 -62.35 5.71 -15.89
CA VAL H 692 -63.71 5.89 -15.43
C VAL H 692 -63.94 7.30 -14.90
N GLY H 693 -63.00 7.81 -14.13
CA GLY H 693 -63.13 9.16 -13.64
C GLY H 693 -62.04 9.48 -12.63
N ASN H 694 -61.99 10.76 -12.28
CA ASN H 694 -61.00 11.26 -11.35
C ASN H 694 -61.40 10.88 -9.93
N LEU H 695 -60.70 11.42 -8.94
CA LEU H 695 -61.02 11.18 -7.53
C LEU H 695 -60.84 12.49 -6.78
N GLY H 696 -61.93 13.23 -6.61
CA GLY H 696 -61.89 14.52 -5.93
C GLY H 696 -62.16 14.45 -4.44
N GLU I 344 -6.06 -26.90 57.34
CA GLU I 344 -4.82 -26.41 57.93
C GLU I 344 -3.70 -26.41 56.89
N GLU I 345 -3.67 -27.44 56.05
CA GLU I 345 -2.73 -27.53 54.93
C GLU I 345 -3.42 -27.11 53.64
N ASP I 346 -4.24 -26.06 53.74
CA ASP I 346 -4.84 -25.46 52.56
C ASP I 346 -3.82 -24.46 52.04
N THR I 347 -2.55 -24.74 52.34
CA THR I 347 -1.37 -23.95 52.03
C THR I 347 -1.42 -23.35 50.63
N PRO I 348 -1.94 -24.03 49.62
CA PRO I 348 -2.32 -23.30 48.42
C PRO I 348 -3.74 -22.81 48.55
N LEU I 349 -3.93 -21.49 48.53
CA LEU I 349 -5.23 -20.92 48.24
C LEU I 349 -5.22 -20.53 46.77
N THR I 350 -6.16 -21.05 46.01
CA THR I 350 -6.21 -20.82 44.58
C THR I 350 -7.46 -20.03 44.26
N TRP I 351 -7.44 -19.35 43.13
CA TRP I 351 -8.59 -18.56 42.73
C TRP I 351 -9.87 -19.39 42.75
N ASP I 352 -9.77 -20.70 42.51
CA ASP I 352 -10.96 -21.53 42.53
C ASP I 352 -11.63 -21.53 43.89
N ASP I 353 -10.87 -21.36 44.97
CA ASP I 353 -11.46 -21.34 46.30
C ASP I 353 -12.47 -20.21 46.45
N ILE I 354 -12.38 -19.19 45.61
CA ILE I 354 -13.31 -18.08 45.59
C ILE I 354 -14.59 -18.52 44.90
N PRO I 355 -15.70 -18.64 45.61
CA PRO I 355 -16.93 -19.11 44.96
C PRO I 355 -17.46 -18.09 43.99
N HIS I 356 -17.91 -18.56 42.83
CA HIS I 356 -18.53 -17.68 41.87
C HIS I 356 -19.79 -17.09 42.46
N VAL I 357 -20.34 -16.11 41.76
CA VAL I 357 -21.64 -15.56 42.13
C VAL I 357 -22.64 -16.07 41.11
N HIS I 358 -23.90 -16.12 41.52
CA HIS I 358 -24.95 -16.64 40.66
C HIS I 358 -26.00 -15.58 40.44
N THR I 359 -26.66 -15.65 39.29
CA THR I 359 -27.69 -14.70 38.97
C THR I 359 -28.82 -14.78 39.98
N LEU I 360 -29.52 -15.89 40.02
CA LEU I 360 -30.62 -16.07 40.95
C LEU I 360 -30.23 -17.06 42.04
N SER I 361 -30.56 -16.73 43.27
CA SER I 361 -30.29 -17.63 44.38
C SER I 361 -31.36 -17.41 45.45
N LEU I 362 -31.73 -18.51 46.10
CA LEU I 362 -32.73 -18.49 47.14
C LEU I 362 -32.08 -18.70 48.50
N ALA I 363 -32.54 -17.95 49.48
CA ALA I 363 -32.16 -18.16 50.87
C ALA I 363 -33.31 -18.83 51.59
N LEU I 364 -33.01 -19.88 52.36
CA LEU I 364 -34.04 -20.72 52.98
C LEU I 364 -33.81 -20.82 54.48
N GLY I 365 -34.69 -20.20 55.26
CA GLY I 365 -34.61 -20.29 56.70
C GLY I 365 -35.15 -21.60 57.24
N TYR I 366 -34.94 -21.79 58.55
CA TYR I 366 -35.15 -23.08 59.19
C TYR I 366 -36.51 -23.69 58.86
N ARG I 367 -37.59 -23.00 59.26
CA ARG I 367 -38.91 -23.62 59.27
C ARG I 367 -39.31 -24.11 57.89
N LEU I 368 -38.65 -23.63 56.84
CA LEU I 368 -39.05 -23.95 55.48
C LEU I 368 -37.91 -24.52 54.65
N VAL I 369 -36.99 -25.24 55.30
CA VAL I 369 -36.04 -26.05 54.53
C VAL I 369 -36.64 -27.40 54.18
N HIS I 370 -37.84 -27.70 54.65
CA HIS I 370 -38.48 -28.94 54.25
C HIS I 370 -39.11 -28.76 52.87
N LEU I 371 -38.34 -28.18 51.96
CA LEU I 371 -38.81 -27.89 50.61
C LEU I 371 -37.81 -28.23 49.53
N VAL I 372 -36.57 -28.54 49.89
CA VAL I 372 -35.55 -28.91 48.92
C VAL I 372 -34.85 -30.21 49.28
N ASN I 373 -35.19 -30.80 50.40
CA ASN I 373 -34.56 -31.99 50.96
C ASN I 373 -34.82 -33.27 50.15
N LYS I 374 -35.44 -33.21 48.98
CA LYS I 374 -35.55 -34.30 48.02
C LYS I 374 -36.43 -35.44 48.49
N ASP I 375 -36.96 -35.40 49.70
CA ASP I 375 -37.81 -36.45 50.19
C ASP I 375 -39.26 -35.98 50.36
N GLN I 376 -39.48 -34.90 51.12
CA GLN I 376 -40.83 -34.49 51.48
C GLN I 376 -41.51 -33.79 50.30
N GLY I 377 -41.53 -34.50 49.18
CA GLY I 377 -42.06 -33.97 47.94
C GLY I 377 -41.52 -32.60 47.62
N ALA I 378 -40.19 -32.49 47.49
CA ALA I 378 -39.50 -31.22 47.29
C ALA I 378 -40.16 -30.44 46.15
N PRO I 379 -40.90 -29.37 46.46
CA PRO I 379 -41.47 -28.57 45.38
C PRO I 379 -40.43 -27.70 44.70
N LEU I 380 -39.51 -27.13 45.48
CA LEU I 380 -38.49 -26.28 44.87
C LEU I 380 -37.37 -27.09 44.26
N SER I 381 -37.74 -28.12 43.53
CA SER I 381 -36.95 -28.71 42.47
C SER I 381 -37.79 -29.05 41.27
N GLN I 382 -39.11 -29.05 41.42
CA GLN I 382 -40.06 -29.19 40.33
C GLN I 382 -40.89 -27.94 40.13
N ARG I 383 -41.47 -27.41 41.20
CA ARG I 383 -42.24 -26.18 41.05
C ARG I 383 -41.37 -25.05 40.56
N ILE I 384 -40.16 -24.92 41.10
CA ILE I 384 -39.26 -23.89 40.62
C ILE I 384 -38.92 -24.14 39.16
N ARG I 385 -38.68 -25.39 38.80
CA ARG I 385 -38.52 -25.70 37.39
C ARG I 385 -39.81 -25.48 36.64
N GLY I 386 -40.94 -25.65 37.31
CA GLY I 386 -42.20 -25.33 36.67
C GLY I 386 -42.23 -23.91 36.16
N VAL I 387 -41.87 -22.97 37.03
CA VAL I 387 -41.83 -21.56 36.60
C VAL I 387 -40.73 -21.35 35.59
N ARG I 388 -39.53 -21.83 35.88
CA ARG I 388 -38.39 -21.64 35.01
C ARG I 388 -38.58 -22.27 33.64
N ARG I 389 -39.62 -23.08 33.45
CA ARG I 389 -39.93 -23.62 32.13
C ARG I 389 -41.13 -22.93 31.50
N ASN I 390 -42.21 -22.84 32.22
CA ASN I 390 -43.39 -22.20 31.68
C ASN I 390 -43.25 -20.75 31.58
N LEU I 391 -42.07 -20.23 31.90
CA LEU I 391 -41.72 -18.88 31.54
C LEU I 391 -40.60 -18.83 30.53
N SER I 392 -39.69 -19.80 30.57
CA SER I 392 -38.67 -19.86 29.54
C SER I 392 -39.36 -19.96 28.21
N GLU I 393 -40.07 -21.05 27.97
CA GLU I 393 -40.67 -21.24 26.65
C GLU I 393 -41.56 -20.09 26.25
N GLN I 394 -41.91 -19.20 27.18
CA GLN I 394 -42.73 -18.06 26.84
C GLN I 394 -41.88 -16.88 26.38
N VAL I 395 -40.80 -16.59 27.09
CA VAL I 395 -39.97 -15.45 26.69
C VAL I 395 -38.80 -15.85 25.81
N GLY I 396 -38.72 -17.10 25.41
CA GLY I 396 -37.85 -17.49 24.34
C GLY I 396 -36.47 -17.93 24.74
N PHE I 397 -35.86 -17.31 25.74
CA PHE I 397 -34.48 -17.62 26.09
C PHE I 397 -34.45 -18.30 27.44
N LEU I 398 -33.65 -19.35 27.55
CA LEU I 398 -33.65 -20.17 28.75
C LEU I 398 -33.22 -19.39 29.96
N LEU I 399 -34.17 -19.15 30.87
CA LEU I 399 -33.84 -18.42 32.07
C LEU I 399 -32.77 -19.15 32.87
N PRO I 400 -32.00 -18.45 33.67
CA PRO I 400 -30.91 -19.09 34.40
C PRO I 400 -31.42 -20.13 35.38
N GLU I 401 -30.47 -20.89 35.92
CA GLU I 401 -30.80 -21.92 36.88
C GLU I 401 -30.88 -21.32 38.27
N VAL I 402 -32.06 -21.35 38.86
CA VAL I 402 -32.21 -20.81 40.21
C VAL I 402 -31.49 -21.71 41.19
N ARG I 403 -30.50 -21.16 41.88
CA ARG I 403 -29.80 -21.88 42.91
C ARG I 403 -30.46 -21.60 44.25
N ILE I 404 -30.24 -22.51 45.20
CA ILE I 404 -30.91 -22.43 46.49
C ILE I 404 -29.90 -22.71 47.58
N ARG I 405 -29.80 -21.80 48.53
CA ARG I 405 -28.94 -21.98 49.70
C ARG I 405 -29.74 -21.64 50.94
N ASP I 406 -29.22 -22.06 52.09
CA ASP I 406 -29.90 -21.90 53.36
C ASP I 406 -28.94 -21.26 54.36
N ASN I 407 -28.98 -19.93 54.42
CA ASN I 407 -28.19 -19.21 55.40
C ASN I 407 -28.97 -19.13 56.70
N LEU I 408 -28.38 -19.66 57.77
CA LEU I 408 -29.01 -19.55 59.07
C LEU I 408 -29.16 -18.10 59.52
N SER I 409 -28.48 -17.17 58.85
CA SER I 409 -28.41 -15.77 59.28
C SER I 409 -29.78 -15.14 59.50
N LEU I 410 -30.83 -15.70 58.92
CA LEU I 410 -32.12 -15.05 58.89
C LEU I 410 -33.17 -15.84 59.66
N LYS I 411 -34.33 -15.20 59.84
CA LYS I 411 -35.38 -15.76 60.68
C LYS I 411 -35.78 -17.15 60.19
N PRO I 412 -36.17 -18.05 61.08
CA PRO I 412 -36.30 -19.46 60.69
C PRO I 412 -37.36 -19.71 59.65
N ASN I 413 -38.23 -18.75 59.36
CA ASN I 413 -39.35 -18.97 58.45
C ASN I 413 -39.44 -17.90 57.38
N GLN I 414 -38.31 -17.38 56.92
CA GLN I 414 -38.34 -16.43 55.82
C GLN I 414 -37.38 -16.85 54.72
N TYR I 415 -37.52 -16.18 53.59
CA TYR I 415 -36.74 -16.47 52.39
C TYR I 415 -36.42 -15.16 51.71
N THR I 416 -35.28 -15.13 51.05
CA THR I 416 -34.86 -13.98 50.26
C THR I 416 -34.43 -14.45 48.89
N ILE I 417 -34.84 -13.72 47.85
CA ILE I 417 -34.44 -13.99 46.49
C ILE I 417 -33.35 -13.01 46.11
N SER I 418 -32.29 -13.49 45.50
CA SER I 418 -31.11 -12.68 45.26
C SER I 418 -30.79 -12.65 43.77
N LEU I 419 -30.65 -11.45 43.23
CA LEU I 419 -30.29 -11.28 41.82
C LEU I 419 -28.85 -10.80 41.73
N ASN I 420 -27.99 -11.68 41.25
CA ASN I 420 -26.60 -11.43 40.90
C ASN I 420 -25.65 -11.25 42.08
N GLY I 421 -26.14 -10.89 43.25
CA GLY I 421 -25.28 -11.07 44.39
C GLY I 421 -25.96 -11.07 45.73
N GLU I 422 -27.25 -10.75 45.75
CA GLU I 422 -27.79 -10.18 46.97
C GLU I 422 -29.29 -9.96 46.81
N VAL I 423 -29.94 -9.73 47.95
CA VAL I 423 -31.39 -9.79 48.00
C VAL I 423 -32.00 -8.74 47.11
N ILE I 424 -33.13 -9.10 46.49
CA ILE I 424 -34.00 -8.17 45.82
C ILE I 424 -35.34 -8.07 46.52
N GLU I 425 -35.92 -9.21 46.87
CA GLU I 425 -37.13 -9.26 47.65
C GLU I 425 -36.99 -10.36 48.68
N GLN I 426 -37.68 -10.17 49.80
CA GLN I 426 -37.58 -11.04 50.95
C GLN I 426 -38.96 -11.22 51.54
N GLY I 427 -39.46 -12.46 51.58
CA GLY I 427 -40.80 -12.73 52.04
C GLY I 427 -40.79 -13.46 53.37
N PHE I 428 -41.99 -13.58 53.94
CA PHE I 428 -42.20 -14.24 55.22
C PHE I 428 -43.27 -15.30 55.05
N ILE I 429 -42.96 -16.52 55.44
CA ILE I 429 -43.83 -17.68 55.26
C ILE I 429 -44.37 -18.10 56.61
N GLU I 430 -45.67 -18.34 56.67
CA GLU I 430 -46.30 -18.79 57.90
C GLU I 430 -45.86 -20.24 58.15
N PRO I 431 -45.79 -20.66 59.43
CA PRO I 431 -45.18 -21.97 59.72
C PRO I 431 -45.80 -23.13 58.96
N GLU I 432 -47.10 -23.33 59.11
CA GLU I 432 -47.78 -24.38 58.35
C GLU I 432 -49.17 -23.98 57.90
N ARG I 433 -49.52 -22.70 57.96
CA ARG I 433 -50.83 -22.22 57.53
C ARG I 433 -50.74 -21.79 56.08
N LEU I 434 -51.44 -22.52 55.21
CA LEU I 434 -51.44 -22.20 53.79
C LEU I 434 -52.08 -20.84 53.57
N MET I 435 -51.58 -20.11 52.58
CA MET I 435 -52.11 -18.79 52.27
C MET I 435 -53.18 -18.89 51.19
N ALA I 436 -54.23 -18.11 51.34
CA ALA I 436 -55.24 -17.96 50.31
C ALA I 436 -55.40 -16.48 49.99
N ILE I 437 -55.79 -16.20 48.76
CA ILE I 437 -55.96 -14.83 48.29
C ILE I 437 -57.41 -14.64 47.86
N ALA I 438 -57.93 -13.45 48.09
CA ALA I 438 -59.23 -13.04 47.59
C ALA I 438 -58.98 -12.04 46.47
N VAL I 439 -59.22 -12.45 45.23
CA VAL I 439 -58.94 -11.59 44.07
C VAL I 439 -59.67 -10.27 44.19
N GLY I 440 -60.86 -10.27 44.78
CA GLY I 440 -61.68 -9.08 44.84
C GLY I 440 -63.13 -9.42 44.53
N ASP I 441 -63.33 -10.51 43.80
CA ASP I 441 -64.66 -11.03 43.53
C ASP I 441 -65.10 -12.07 44.55
N THR I 442 -64.17 -12.68 45.26
CA THR I 442 -64.53 -13.64 46.29
C THR I 442 -65.13 -12.92 47.50
N TYR I 443 -66.10 -13.58 48.14
CA TYR I 443 -66.75 -13.06 49.32
C TYR I 443 -66.54 -13.99 50.50
N GLY I 444 -66.68 -13.44 51.69
CA GLY I 444 -66.48 -14.18 52.91
C GLY I 444 -65.01 -14.27 53.29
N GLU I 445 -64.78 -14.44 54.59
CA GLU I 445 -63.44 -14.58 55.15
C GLU I 445 -63.34 -15.92 55.85
N ILE I 446 -62.11 -16.37 56.05
CA ILE I 446 -61.84 -17.61 56.77
C ILE I 446 -60.91 -17.27 57.95
N ASP I 447 -60.86 -18.18 58.91
CA ASP I 447 -60.11 -17.93 60.15
C ASP I 447 -58.64 -17.63 59.89
N GLY I 448 -58.18 -17.72 58.66
CA GLY I 448 -56.75 -17.62 58.40
C GLY I 448 -56.17 -16.31 58.92
N ILE I 449 -54.98 -16.42 59.50
CA ILE I 449 -54.26 -15.24 59.98
C ILE I 449 -53.95 -14.34 58.80
N LEU I 450 -54.26 -13.05 58.94
CA LEU I 450 -54.00 -12.10 57.89
C LEU I 450 -52.52 -12.05 57.56
N GLY I 451 -52.22 -11.71 56.33
CA GLY I 451 -50.85 -11.52 55.89
C GLY I 451 -50.86 -10.53 54.75
N SER I 452 -50.02 -10.80 53.77
CA SER I 452 -50.05 -10.06 52.52
C SER I 452 -49.68 -11.01 51.39
N ASP I 453 -49.96 -10.57 50.17
CA ASP I 453 -49.49 -11.30 49.00
C ASP I 453 -48.10 -10.79 48.63
N PRO I 454 -47.05 -11.59 48.82
CA PRO I 454 -45.72 -11.13 48.43
C PRO I 454 -45.58 -10.88 46.95
N ALA I 455 -46.53 -11.36 46.13
CA ALA I 455 -46.40 -11.16 44.69
C ALA I 455 -46.91 -9.78 44.27
N TYR I 456 -48.19 -9.50 44.48
CA TYR I 456 -48.80 -8.29 43.95
C TYR I 456 -49.34 -7.36 45.03
N GLN I 457 -48.90 -7.51 46.27
CA GLN I 457 -49.39 -6.69 47.37
C GLN I 457 -50.91 -6.78 47.50
N LEU I 458 -51.41 -8.00 47.72
CA LEU I 458 -52.81 -8.26 47.97
C LEU I 458 -53.01 -8.77 49.39
N PRO I 459 -54.19 -8.60 49.96
CA PRO I 459 -54.45 -9.14 51.30
C PRO I 459 -54.49 -10.66 51.26
N ALA I 460 -53.95 -11.27 52.31
CA ALA I 460 -53.79 -12.71 52.34
C ALA I 460 -54.12 -13.24 53.72
N VAL I 461 -54.74 -14.42 53.75
CA VAL I 461 -55.04 -15.12 54.99
C VAL I 461 -54.32 -16.45 54.95
N TRP I 462 -53.73 -16.84 56.06
CA TRP I 462 -52.93 -18.05 56.13
C TRP I 462 -53.72 -19.08 56.93
N ILE I 463 -54.19 -20.12 56.23
CA ILE I 463 -55.16 -21.06 56.74
C ILE I 463 -54.50 -22.43 56.87
N GLU I 464 -55.05 -23.27 57.74
CA GLU I 464 -54.47 -24.59 57.91
C GLU I 464 -54.69 -25.43 56.66
N HIS I 465 -54.19 -26.66 56.68
CA HIS I 465 -54.27 -27.50 55.50
C HIS I 465 -55.67 -28.07 55.30
N GLN I 466 -56.51 -28.03 56.33
CA GLN I 466 -57.84 -28.64 56.23
C GLN I 466 -58.85 -27.68 55.61
N ASP I 467 -58.72 -26.38 55.91
CA ASP I 467 -59.69 -25.36 55.51
C ASP I 467 -59.70 -25.08 54.03
N LYS I 468 -58.97 -25.86 53.23
CA LYS I 468 -59.00 -25.68 51.78
C LYS I 468 -60.43 -25.64 51.26
N ALA I 469 -61.25 -26.59 51.71
CA ALA I 469 -62.64 -26.66 51.27
C ALA I 469 -63.34 -25.32 51.50
N LYS I 470 -63.26 -24.80 52.72
CA LYS I 470 -63.87 -23.51 53.01
C LYS I 470 -63.32 -22.42 52.10
N ALA I 471 -62.02 -22.46 51.82
CA ALA I 471 -61.46 -21.54 50.84
C ALA I 471 -61.93 -21.89 49.44
N LEU I 472 -61.79 -23.16 49.05
CA LEU I 472 -62.20 -23.60 47.72
C LEU I 472 -63.70 -23.47 47.50
N ASN I 473 -64.51 -23.56 48.55
CA ASN I 473 -65.95 -23.41 48.41
C ASN I 473 -66.43 -22.00 48.69
N MET I 474 -65.58 -21.12 49.22
CA MET I 474 -65.90 -19.71 49.30
C MET I 474 -65.41 -18.94 48.09
N GLY I 475 -64.50 -19.51 47.31
CA GLY I 475 -64.00 -18.88 46.11
C GLY I 475 -62.59 -18.37 46.22
N TYR I 476 -61.85 -18.79 47.25
CA TYR I 476 -60.53 -18.23 47.51
C TYR I 476 -59.51 -18.76 46.51
N GLN I 477 -58.33 -18.13 46.56
CA GLN I 477 -57.17 -18.56 45.78
C GLN I 477 -56.12 -19.01 46.78
N VAL I 478 -56.20 -20.28 47.17
CA VAL I 478 -55.27 -20.85 48.13
C VAL I 478 -54.07 -21.40 47.38
N VAL I 479 -52.92 -21.40 48.05
CA VAL I 479 -51.67 -21.88 47.47
C VAL I 479 -50.82 -22.53 48.55
N ASP I 480 -50.10 -23.58 48.16
CA ASP I 480 -49.15 -24.24 49.05
C ASP I 480 -48.03 -23.28 49.40
N ASP I 481 -47.21 -23.65 50.40
CA ASP I 481 -46.05 -22.82 50.74
C ASP I 481 -45.17 -22.59 49.50
N GLY I 482 -44.72 -23.68 48.88
CA GLY I 482 -43.75 -23.57 47.81
C GLY I 482 -44.19 -22.65 46.69
N THR I 483 -45.48 -22.68 46.37
CA THR I 483 -45.98 -21.83 45.29
C THR I 483 -45.87 -20.37 45.66
N VAL I 484 -46.08 -20.02 46.94
CA VAL I 484 -45.92 -18.64 47.35
C VAL I 484 -44.53 -18.15 47.01
N ILE I 485 -43.54 -19.02 47.15
CA ILE I 485 -42.20 -18.68 46.67
C ILE I 485 -42.19 -18.66 45.14
N ALA I 486 -42.51 -19.79 44.52
CA ALA I 486 -42.34 -19.91 43.08
C ALA I 486 -43.02 -18.77 42.34
N THR I 487 -44.19 -18.33 42.82
CA THR I 487 -44.79 -17.18 42.17
C THR I 487 -43.94 -15.93 42.38
N HIS I 488 -43.27 -15.83 43.53
CA HIS I 488 -42.44 -14.66 43.75
C HIS I 488 -41.23 -14.67 42.83
N ILE I 489 -40.59 -15.82 42.70
CA ILE I 489 -39.48 -15.96 41.76
C ILE I 489 -39.95 -15.64 40.35
N SER I 490 -41.14 -16.09 39.99
CA SER I 490 -41.65 -15.78 38.66
C SER I 490 -41.77 -14.29 38.46
N LYS I 491 -42.31 -13.57 39.45
CA LYS I 491 -42.43 -12.14 39.29
C LYS I 491 -41.07 -11.48 39.19
N ILE I 492 -40.11 -11.95 39.98
CA ILE I 492 -38.80 -11.33 39.94
C ILE I 492 -38.12 -11.55 38.59
N MET I 493 -38.20 -12.76 38.06
CA MET I 493 -37.69 -12.99 36.72
C MET I 493 -38.38 -12.08 35.72
N LYS I 494 -39.71 -12.08 35.73
CA LYS I 494 -40.42 -11.34 34.71
C LYS I 494 -40.14 -9.86 34.80
N THR I 495 -39.69 -9.38 35.95
CA THR I 495 -39.35 -7.97 36.03
C THR I 495 -37.92 -7.70 35.61
N ASN I 496 -36.96 -8.48 36.14
CA ASN I 496 -35.55 -8.26 35.88
C ASN I 496 -35.06 -9.01 34.66
N LEU I 497 -35.95 -9.37 33.75
CA LEU I 497 -35.56 -10.07 32.53
C LEU I 497 -34.27 -9.58 31.91
N ALA I 498 -34.05 -8.27 31.90
CA ALA I 498 -32.85 -7.75 31.28
C ALA I 498 -31.60 -8.39 31.87
N GLU I 499 -31.35 -8.12 33.16
CA GLU I 499 -30.12 -8.59 33.77
C GLU I 499 -29.98 -10.10 33.76
N LEU I 500 -31.03 -10.82 33.41
CA LEU I 500 -30.94 -12.26 33.31
C LEU I 500 -30.45 -12.72 31.94
N PHE I 501 -30.28 -11.79 31.01
CA PHE I 501 -29.80 -12.10 29.67
C PHE I 501 -28.33 -11.74 29.60
N THR I 502 -27.48 -12.76 29.57
CA THR I 502 -26.06 -12.55 29.67
C THR I 502 -25.45 -12.32 28.29
N HIS I 503 -24.20 -11.88 28.27
CA HIS I 503 -23.45 -11.76 27.02
C HIS I 503 -23.05 -13.10 26.48
N ASP I 504 -23.56 -14.18 27.05
CA ASP I 504 -23.29 -15.50 26.52
C ASP I 504 -24.49 -16.13 25.82
N ASP I 505 -25.70 -15.69 26.14
CA ASP I 505 -26.85 -16.21 25.43
C ASP I 505 -26.85 -15.75 23.98
N VAL I 506 -26.35 -14.56 23.71
CA VAL I 506 -26.25 -14.03 22.36
C VAL I 506 -25.53 -15.03 21.47
N GLU I 507 -24.72 -15.90 22.07
CA GLU I 507 -24.23 -17.04 21.32
C GLU I 507 -25.33 -18.09 21.15
N ALA I 508 -26.03 -18.40 22.23
CA ALA I 508 -27.04 -19.43 22.14
C ALA I 508 -28.22 -18.99 21.29
N MET I 509 -28.57 -17.72 21.31
CA MET I 509 -29.65 -17.28 20.44
C MET I 509 -29.29 -17.50 18.98
N THR I 510 -28.07 -17.16 18.60
CA THR I 510 -27.68 -17.41 17.22
C THR I 510 -27.61 -18.89 16.92
N GLN I 511 -27.32 -19.73 17.92
CA GLN I 511 -27.39 -21.17 17.66
C GLN I 511 -28.82 -21.60 17.39
N ARG I 512 -29.73 -21.21 18.27
CA ARG I 512 -31.13 -21.58 18.11
C ARG I 512 -31.74 -20.96 16.86
N LEU I 513 -31.17 -19.87 16.37
CA LEU I 513 -31.65 -19.26 15.15
C LEU I 513 -31.02 -19.87 13.91
N THR I 514 -29.78 -20.34 13.99
CA THR I 514 -29.23 -21.13 12.90
C THR I 514 -29.97 -22.44 12.76
N GLN I 515 -30.57 -22.94 13.83
CA GLN I 515 -31.37 -24.15 13.67
C GLN I 515 -32.53 -23.92 12.71
N GLN I 516 -33.08 -22.71 12.69
CA GLN I 516 -34.23 -22.44 11.83
C GLN I 516 -33.82 -21.87 10.48
N ALA I 517 -33.12 -20.74 10.48
CA ALA I 517 -32.78 -20.00 9.26
C ALA I 517 -31.26 -19.94 9.12
N PRO I 518 -30.61 -21.08 8.93
CA PRO I 518 -29.16 -21.15 9.11
C PRO I 518 -28.40 -20.16 8.27
N LYS I 519 -29.01 -19.60 7.24
CA LYS I 519 -28.33 -18.63 6.42
C LYS I 519 -28.53 -17.21 6.92
N LEU I 520 -29.40 -17.01 7.91
CA LEU I 520 -29.63 -15.64 8.37
C LEU I 520 -28.54 -15.22 9.35
N ALA I 521 -28.31 -16.02 10.38
CA ALA I 521 -27.28 -15.68 11.35
C ALA I 521 -25.93 -15.47 10.67
N GLU I 522 -25.55 -16.43 9.84
CA GLU I 522 -24.31 -16.31 9.07
C GLU I 522 -24.25 -15.00 8.31
N ALA I 523 -25.38 -14.35 8.11
CA ALA I 523 -25.41 -13.00 7.56
C ALA I 523 -25.78 -11.95 8.58
N LEU I 524 -26.21 -12.35 9.77
CA LEU I 524 -26.48 -11.37 10.82
C LEU I 524 -25.24 -11.13 11.67
N ALA I 525 -24.64 -12.21 12.17
CA ALA I 525 -23.48 -12.08 13.02
C ALA I 525 -22.39 -11.27 12.35
N ALA I 526 -22.31 -11.32 11.02
CA ALA I 526 -21.37 -10.48 10.30
C ALA I 526 -21.87 -9.06 10.12
N ALA I 527 -23.08 -8.74 10.59
CA ALA I 527 -23.61 -7.39 10.49
C ALA I 527 -23.64 -6.67 11.82
N LEU I 528 -23.85 -7.37 12.93
CA LEU I 528 -23.79 -6.78 14.26
C LEU I 528 -22.97 -7.69 15.18
N ASN I 529 -21.86 -7.16 15.68
CA ASN I 529 -21.04 -7.90 16.61
C ASN I 529 -21.81 -8.16 17.90
N PRO I 530 -21.62 -9.32 18.52
CA PRO I 530 -22.46 -9.73 19.64
C PRO I 530 -22.58 -8.70 20.74
N ALA I 531 -21.59 -7.81 20.86
CA ALA I 531 -21.74 -6.71 21.80
C ALA I 531 -22.89 -5.81 21.37
N GLN I 532 -23.06 -5.62 20.06
CA GLN I 532 -24.15 -4.78 19.59
C GLN I 532 -25.48 -5.52 19.66
N GLN I 533 -25.48 -6.82 19.38
CA GLN I 533 -26.72 -7.58 19.44
C GLN I 533 -27.29 -7.52 20.85
N LEU I 534 -26.47 -7.78 21.85
CA LEU I 534 -27.00 -7.91 23.20
C LEU I 534 -27.72 -6.65 23.65
N LYS I 535 -27.16 -5.49 23.37
CA LYS I 535 -27.86 -4.26 23.75
C LYS I 535 -29.27 -4.24 23.18
N VAL I 536 -29.45 -4.79 21.97
CA VAL I 536 -30.77 -4.79 21.36
C VAL I 536 -31.69 -5.74 22.10
N TYR I 537 -31.23 -6.95 22.40
CA TYR I 537 -32.06 -7.86 23.16
C TYR I 537 -32.35 -7.29 24.54
N ARG I 538 -31.40 -6.55 25.11
CA ARG I 538 -31.66 -5.90 26.38
C ARG I 538 -32.80 -4.92 26.25
N GLN I 539 -32.77 -4.10 25.20
CA GLN I 539 -33.82 -3.10 25.06
C GLN I 539 -35.16 -3.76 24.77
N LEU I 540 -35.15 -4.90 24.11
CA LEU I 540 -36.38 -5.61 23.88
C LEU I 540 -36.92 -6.25 25.13
N LEU I 541 -36.05 -6.76 25.98
CA LEU I 541 -36.52 -7.43 27.18
C LEU I 541 -36.85 -6.47 28.30
N LEU I 542 -36.30 -5.26 28.26
CA LEU I 542 -36.63 -4.30 29.29
C LEU I 542 -38.13 -4.08 29.35
N ASP I 543 -38.73 -3.65 28.26
CA ASP I 543 -40.17 -3.54 28.18
C ASP I 543 -40.85 -4.89 27.99
N GLN I 544 -40.13 -5.98 28.23
CA GLN I 544 -40.74 -7.29 28.41
C GLN I 544 -41.45 -7.77 27.15
N VAL I 545 -40.73 -7.80 26.04
CA VAL I 545 -41.24 -8.27 24.76
C VAL I 545 -40.68 -9.67 24.53
N PRO I 546 -41.50 -10.66 24.21
CA PRO I 546 -40.98 -12.02 24.09
C PRO I 546 -40.10 -12.15 22.87
N LEU I 547 -39.00 -12.89 23.03
CA LEU I 547 -38.07 -13.20 21.95
C LEU I 547 -38.27 -14.60 21.43
N LYS I 548 -39.50 -15.09 21.37
CA LYS I 548 -39.68 -16.45 20.92
C LYS I 548 -39.38 -16.60 19.45
N ASP I 549 -39.98 -15.75 18.61
CA ASP I 549 -39.83 -15.84 17.17
C ASP I 549 -38.58 -15.09 16.76
N ILE I 550 -37.44 -15.75 16.96
CA ILE I 550 -36.20 -15.03 16.76
C ILE I 550 -35.97 -14.73 15.30
N ARG I 551 -36.47 -15.56 14.39
CA ARG I 551 -36.22 -15.31 12.97
C ARG I 551 -36.77 -13.96 12.56
N THR I 552 -38.04 -13.72 12.80
CA THR I 552 -38.58 -12.41 12.47
C THR I 552 -38.01 -11.29 13.30
N ILE I 553 -37.05 -11.55 14.16
CA ILE I 553 -36.35 -10.50 14.86
C ILE I 553 -34.97 -10.26 14.27
N ALA I 554 -34.22 -11.33 14.03
CA ALA I 554 -32.95 -11.16 13.34
C ALA I 554 -33.17 -10.59 11.95
N ASN I 555 -34.23 -11.02 11.28
CA ASN I 555 -34.56 -10.44 10.00
C ASN I 555 -34.68 -8.93 10.11
N THR I 556 -35.34 -8.43 11.14
CA THR I 556 -35.53 -7.00 11.25
C THR I 556 -34.25 -6.30 11.67
N MET I 557 -33.46 -6.91 12.55
CA MET I 557 -32.18 -6.31 12.87
C MET I 557 -31.25 -6.29 11.66
N LEU I 558 -31.19 -7.40 10.93
CA LEU I 558 -30.38 -7.43 9.72
C LEU I 558 -30.82 -6.37 8.74
N GLU I 559 -32.13 -6.20 8.55
CA GLU I 559 -32.62 -5.14 7.70
C GLU I 559 -32.15 -3.79 8.21
N SER I 560 -32.61 -3.40 9.40
CA SER I 560 -32.42 -2.04 9.88
C SER I 560 -30.99 -1.76 10.32
N SER I 561 -30.08 -2.73 10.21
CA SER I 561 -28.71 -2.47 10.62
C SER I 561 -27.97 -1.54 9.70
N GLU I 562 -28.46 -1.32 8.48
CA GLU I 562 -27.73 -0.46 7.56
C GLU I 562 -27.70 0.97 8.04
N ASN I 563 -28.85 1.49 8.46
CA ASN I 563 -28.94 2.91 8.80
C ASN I 563 -28.21 3.19 10.10
N THR I 564 -28.67 2.61 11.19
CA THR I 564 -28.18 2.95 12.51
C THR I 564 -27.81 1.69 13.27
N LYS I 565 -26.68 1.73 13.96
CA LYS I 565 -26.31 0.68 14.88
C LYS I 565 -26.66 1.01 16.31
N ASP I 566 -27.40 2.10 16.53
CA ASP I 566 -27.81 2.44 17.88
C ASP I 566 -28.82 1.42 18.38
N PRO I 567 -28.69 0.93 19.57
CA PRO I 567 -29.53 -0.18 20.00
C PRO I 567 -30.87 0.27 20.55
N ILE I 568 -31.25 1.51 20.31
CA ILE I 568 -32.58 1.96 20.73
C ILE I 568 -33.38 2.32 19.51
N LEU I 569 -32.69 2.76 18.46
CA LEU I 569 -33.36 2.87 17.19
C LEU I 569 -33.63 1.50 16.61
N LEU I 570 -32.80 0.51 16.94
CA LEU I 570 -33.05 -0.85 16.49
C LEU I 570 -34.17 -1.49 17.28
N ALA I 571 -34.21 -1.28 18.59
CA ALA I 571 -35.28 -1.86 19.37
C ALA I 571 -36.64 -1.30 19.01
N ALA I 572 -36.68 -0.13 18.37
CA ALA I 572 -37.96 0.38 17.92
C ALA I 572 -38.45 -0.39 16.70
N ASP I 573 -37.54 -0.70 15.77
CA ASP I 573 -37.96 -1.37 14.55
C ASP I 573 -38.40 -2.80 14.83
N VAL I 574 -37.69 -3.50 15.70
CA VAL I 574 -38.12 -4.85 16.04
C VAL I 574 -39.49 -4.80 16.66
N ARG I 575 -39.79 -3.77 17.43
CA ARG I 575 -41.11 -3.71 18.04
C ARG I 575 -42.17 -3.35 17.01
N CYS I 576 -41.83 -2.49 16.05
CA CYS I 576 -42.77 -2.24 14.97
C CYS I 576 -43.02 -3.50 14.16
N ALA I 577 -42.04 -4.39 14.10
CA ALA I 577 -42.25 -5.64 13.38
C ALA I 577 -43.02 -6.65 14.20
N LEU I 578 -42.97 -6.56 15.52
CA LEU I 578 -43.70 -7.48 16.37
C LEU I 578 -45.01 -6.91 16.89
N LYS I 579 -45.43 -5.75 16.39
CA LYS I 579 -46.67 -5.09 16.79
C LYS I 579 -47.80 -6.09 17.07
N ARG I 580 -47.90 -7.12 16.24
CA ARG I 580 -48.92 -8.13 16.44
C ARG I 580 -48.82 -8.73 17.83
N THR I 581 -47.72 -9.40 18.13
CA THR I 581 -47.60 -10.08 19.41
C THR I 581 -47.52 -9.10 20.56
N LEU I 582 -46.93 -7.93 20.34
CA LEU I 582 -46.96 -6.88 21.35
C LEU I 582 -48.37 -6.65 21.86
N VAL I 583 -49.25 -6.20 20.98
CA VAL I 583 -50.59 -5.86 21.42
C VAL I 583 -51.32 -7.11 21.89
N ASN I 584 -51.09 -8.25 21.22
CA ASN I 584 -51.74 -9.47 21.66
C ASN I 584 -51.39 -9.81 23.10
N LEU I 585 -50.21 -9.43 23.56
CA LEU I 585 -49.82 -9.72 24.93
C LEU I 585 -50.23 -8.63 25.90
N ILE I 586 -50.26 -7.37 25.46
CA ILE I 586 -50.69 -6.30 26.35
C ILE I 586 -52.20 -6.35 26.56
N ALA I 587 -52.96 -6.23 25.49
CA ALA I 587 -54.41 -6.30 25.56
C ALA I 587 -54.86 -7.64 24.99
N GLY I 588 -56.17 -7.84 25.00
CA GLY I 588 -56.74 -9.06 24.49
C GLY I 588 -56.96 -9.00 23.00
N GLN I 589 -57.53 -10.09 22.48
CA GLN I 589 -57.81 -10.17 21.05
C GLN I 589 -58.99 -9.30 20.64
N LYS I 590 -59.64 -8.63 21.57
CA LYS I 590 -60.72 -7.72 21.27
C LYS I 590 -60.21 -6.58 20.40
N PRO I 591 -60.75 -6.42 19.19
CA PRO I 591 -60.20 -5.41 18.28
C PRO I 591 -60.31 -3.98 18.79
N GLU I 592 -61.42 -3.62 19.42
CA GLU I 592 -61.51 -2.32 20.04
C GLU I 592 -60.49 -2.23 21.17
N LEU I 593 -59.91 -1.06 21.35
CA LEU I 593 -58.85 -0.88 22.33
C LEU I 593 -58.97 0.47 23.02
N ASN I 594 -58.71 0.49 24.32
CA ASN I 594 -58.80 1.70 25.13
C ASN I 594 -57.44 1.98 25.74
N VAL I 595 -56.98 3.23 25.62
CA VAL I 595 -55.64 3.63 26.01
C VAL I 595 -55.67 5.12 26.34
N TYR I 596 -54.64 5.60 27.01
CA TYR I 596 -54.46 7.03 27.22
C TYR I 596 -53.80 7.68 26.02
N ALA I 597 -53.35 8.91 26.23
CA ALA I 597 -52.59 9.66 25.24
C ALA I 597 -51.96 10.84 25.94
N LEU I 598 -50.80 11.26 25.45
CA LEU I 598 -50.17 12.45 25.99
C LEU I 598 -51.02 13.67 25.70
N SER I 599 -51.04 14.60 26.66
CA SER I 599 -51.69 15.88 26.46
C SER I 599 -50.85 16.71 25.50
N ASP I 600 -51.46 17.09 24.37
CA ASP I 600 -50.81 17.82 23.29
C ASP I 600 -49.86 18.88 23.83
N GLU I 601 -50.27 19.58 24.88
CA GLU I 601 -49.38 20.52 25.53
C GLU I 601 -48.15 19.81 26.09
N LEU I 602 -48.35 18.87 27.02
CA LEU I 602 -47.19 18.20 27.62
C LEU I 602 -46.38 17.47 26.57
N GLU I 603 -47.06 16.77 25.66
CA GLU I 603 -46.36 16.07 24.59
C GLU I 603 -45.44 17.01 23.83
N GLN I 604 -45.96 18.17 23.45
CA GLN I 604 -45.12 19.16 22.78
C GLN I 604 -44.00 19.61 23.71
N MET I 605 -44.30 19.81 24.99
CA MET I 605 -43.31 20.31 25.93
C MET I 605 -42.09 19.39 26.00
N LEU I 606 -42.29 18.09 25.81
CA LEU I 606 -41.15 17.17 25.83
C LEU I 606 -40.34 17.29 24.55
N LEU I 607 -41.02 17.21 23.40
CA LEU I 607 -40.33 17.25 22.12
C LEU I 607 -39.41 18.45 22.04
N THR I 608 -39.83 19.57 22.62
CA THR I 608 -38.93 20.70 22.78
C THR I 608 -37.63 20.27 23.44
N SER I 609 -37.73 19.50 24.51
CA SER I 609 -36.55 19.10 25.26
C SER I 609 -35.65 18.22 24.42
N LEU I 610 -36.25 17.25 23.73
CA LEU I 610 -35.47 16.38 22.86
C LEU I 610 -34.73 17.17 21.79
N GLN I 611 -35.44 18.08 21.13
CA GLN I 611 -34.81 18.89 20.08
C GLN I 611 -33.68 19.72 20.65
N GLN I 612 -33.85 20.25 21.86
CA GLN I 612 -32.79 21.03 22.48
C GLN I 612 -31.57 20.15 22.70
N ALA I 613 -31.78 18.99 23.33
CA ALA I 613 -30.66 18.10 23.61
C ALA I 613 -30.01 17.60 22.33
N GLN I 614 -30.75 17.61 21.21
CA GLN I 614 -30.16 17.24 19.93
C GLN I 614 -28.96 18.11 19.57
N ALA I 615 -28.76 19.24 20.25
CA ALA I 615 -27.56 20.03 20.05
C ALA I 615 -26.31 19.18 20.29
N SER I 616 -26.26 18.51 21.43
CA SER I 616 -25.20 17.54 21.68
C SER I 616 -25.41 16.30 20.80
N GLY I 617 -24.40 15.44 20.78
CA GLY I 617 -24.45 14.28 19.93
C GLY I 617 -25.39 13.21 20.43
N THR I 618 -26.65 13.58 20.64
CA THR I 618 -27.64 12.71 21.27
C THR I 618 -27.08 12.11 22.55
N VAL I 619 -26.74 13.00 23.49
CA VAL I 619 -26.02 12.61 24.69
C VAL I 619 -26.73 11.45 25.39
N VAL I 620 -28.05 11.44 25.35
CA VAL I 620 -28.81 10.28 25.78
C VAL I 620 -29.27 9.58 24.51
N LEU I 621 -29.42 8.27 24.61
CA LEU I 621 -29.99 7.55 23.49
C LEU I 621 -31.41 8.03 23.24
N ASP I 622 -32.32 7.67 24.10
CA ASP I 622 -33.56 8.41 24.26
C ASP I 622 -34.09 8.31 25.67
N SER I 623 -33.38 7.68 26.60
CA SER I 623 -33.95 7.39 27.90
C SER I 623 -34.34 8.67 28.63
N PHE I 624 -33.41 9.63 28.71
CA PHE I 624 -33.80 10.96 29.16
C PHE I 624 -32.83 12.00 28.61
N PRO I 625 -33.27 12.87 27.73
CA PRO I 625 -32.44 14.01 27.34
C PRO I 625 -32.51 15.16 28.33
N ILE I 626 -33.69 15.41 28.91
CA ILE I 626 -33.91 16.62 29.69
C ILE I 626 -34.95 16.35 30.78
N GLU I 627 -34.66 16.83 31.98
CA GLU I 627 -35.55 16.81 33.14
C GLU I 627 -36.04 18.23 33.43
N PRO I 628 -37.09 18.70 32.78
CA PRO I 628 -37.57 20.06 33.07
C PRO I 628 -38.49 20.11 34.27
N ASN I 629 -38.12 19.42 35.34
CA ASN I 629 -38.86 19.41 36.60
C ASN I 629 -40.28 18.86 36.46
N ILE I 630 -40.67 18.47 35.25
CA ILE I 630 -41.91 17.73 35.08
C ILE I 630 -41.74 16.29 35.48
N LEU I 631 -40.52 15.89 35.86
CA LEU I 631 -40.29 14.54 36.36
C LEU I 631 -41.13 14.26 37.59
N GLY I 632 -41.30 15.26 38.45
CA GLY I 632 -42.20 15.09 39.58
C GLY I 632 -43.64 14.89 39.13
N GLN I 633 -44.07 15.66 38.12
CA GLN I 633 -45.40 15.47 37.57
C GLN I 633 -45.57 14.05 37.07
N PHE I 634 -44.55 13.50 36.43
CA PHE I 634 -44.62 12.13 35.95
C PHE I 634 -44.70 11.15 37.12
N GLN I 635 -43.70 11.21 38.01
CA GLN I 635 -43.68 10.35 39.18
C GLN I 635 -44.96 10.44 39.99
N GLN I 636 -45.75 11.50 39.79
CA GLN I 636 -47.05 11.62 40.42
C GLN I 636 -48.16 10.97 39.59
N ASN I 637 -48.21 11.27 38.30
CA ASN I 637 -49.34 10.85 37.49
C ASN I 637 -49.28 9.37 37.16
N LEU I 638 -48.12 8.89 36.72
CA LEU I 638 -47.98 7.50 36.30
C LEU I 638 -48.52 6.50 37.32
N PRO I 639 -48.33 6.68 38.63
CA PRO I 639 -49.09 5.84 39.57
C PRO I 639 -50.60 5.98 39.40
N LEU I 640 -51.10 7.22 39.39
CA LEU I 640 -52.53 7.42 39.13
C LEU I 640 -52.92 6.88 37.76
N ILE I 641 -52.06 7.10 36.76
CA ILE I 641 -52.34 6.60 35.42
C ILE I 641 -52.56 5.09 35.44
N ARG I 642 -51.76 4.37 36.22
CA ARG I 642 -52.03 2.95 36.40
C ARG I 642 -53.34 2.75 37.15
N GLN I 643 -53.55 3.52 38.20
CA GLN I 643 -54.69 3.26 39.08
C GLN I 643 -56.00 3.73 38.47
N GLN I 644 -55.99 4.87 37.78
CA GLN I 644 -57.22 5.34 37.14
C GLN I 644 -57.81 4.26 36.26
N LEU I 645 -56.99 3.66 35.38
CA LEU I 645 -57.44 2.56 34.55
C LEU I 645 -57.61 1.28 35.34
N LYS I 646 -57.16 1.26 36.59
CA LYS I 646 -57.50 0.17 37.50
C LYS I 646 -58.74 0.45 38.31
N GLN I 647 -59.40 1.58 38.06
CA GLN I 647 -60.76 1.80 38.53
C GLN I 647 -61.79 1.24 37.56
N GLN I 648 -61.35 0.65 36.45
CA GLN I 648 -62.26 0.10 35.45
C GLN I 648 -61.93 -1.32 35.04
N GLY I 649 -60.80 -1.86 35.50
CA GLY I 649 -60.46 -3.25 35.32
C GLY I 649 -59.72 -3.57 34.04
N LEU I 650 -59.74 -2.69 33.07
CA LEU I 650 -59.08 -2.97 31.80
C LEU I 650 -57.57 -2.76 31.95
N PRO I 651 -56.77 -3.54 31.23
CA PRO I 651 -55.31 -3.49 31.40
C PRO I 651 -54.78 -2.12 31.04
N PRO I 652 -53.67 -1.70 31.64
CA PRO I 652 -53.16 -0.34 31.42
C PRO I 652 -52.33 -0.28 30.15
N ILE I 653 -52.53 0.77 29.36
CA ILE I 653 -51.74 1.03 28.17
C ILE I 653 -51.53 2.54 28.10
N LEU I 654 -50.55 2.95 27.30
CA LEU I 654 -50.28 4.37 27.12
C LEU I 654 -49.73 4.58 25.73
N LEU I 655 -50.27 5.57 25.02
CA LEU I 655 -49.79 5.91 23.70
C LEU I 655 -48.91 7.15 23.76
N VAL I 656 -47.94 7.20 22.86
CA VAL I 656 -46.97 8.30 22.79
C VAL I 656 -46.57 8.53 21.34
N MET I 657 -45.78 9.56 21.12
CA MET I 657 -45.05 9.70 19.88
C MET I 657 -43.95 8.64 19.83
N PRO I 658 -43.62 8.16 18.64
CA PRO I 658 -42.48 7.23 18.55
C PRO I 658 -41.19 7.84 19.03
N GLN I 659 -41.03 9.16 18.89
CA GLN I 659 -39.78 9.79 19.32
C GLN I 659 -39.68 9.88 20.83
N LEU I 660 -40.79 9.73 21.53
CA LEU I 660 -40.77 9.70 22.99
C LEU I 660 -40.95 8.31 23.56
N ARG I 661 -41.34 7.36 22.72
CA ARG I 661 -41.52 5.98 23.12
C ARG I 661 -40.37 5.48 23.99
N PRO I 662 -39.12 5.54 23.54
CA PRO I 662 -38.06 4.92 24.33
C PRO I 662 -37.82 5.60 25.65
N LEU I 663 -38.11 6.90 25.73
CA LEU I 663 -37.98 7.63 26.98
C LEU I 663 -38.94 7.07 28.03
N LEU I 664 -40.24 7.21 27.76
CA LEU I 664 -41.25 6.88 28.75
C LEU I 664 -41.20 5.43 29.18
N ALA I 665 -40.54 4.57 28.41
CA ALA I 665 -40.39 3.19 28.84
C ALA I 665 -39.56 3.11 30.12
N ARG I 666 -38.62 4.03 30.30
CA ARG I 666 -37.80 3.99 31.50
C ARG I 666 -38.61 4.36 32.72
N TYR I 667 -39.48 5.35 32.60
CA TYR I 667 -40.31 5.74 33.73
C TYR I 667 -41.25 4.61 34.12
N ALA I 668 -42.02 4.10 33.16
CA ALA I 668 -42.91 2.99 33.45
C ALA I 668 -42.16 1.76 33.92
N ARG I 669 -40.84 1.70 33.72
CA ARG I 669 -40.08 0.57 34.21
C ARG I 669 -39.66 0.74 35.65
N THR I 670 -39.69 1.97 36.18
CA THR I 670 -39.28 2.26 37.54
C THR I 670 -40.43 2.65 38.44
N PHE I 671 -41.23 3.62 38.01
CA PHE I 671 -42.25 4.18 38.89
C PHE I 671 -43.41 3.22 39.09
N THR I 672 -44.02 2.78 38.00
CA THR I 672 -45.16 1.88 38.07
C THR I 672 -44.69 0.46 37.82
N GLN I 673 -44.99 -0.43 38.76
CA GLN I 673 -44.61 -1.83 38.58
C GLN I 673 -45.33 -2.45 37.41
N GLY I 674 -46.45 -1.86 36.98
CA GLY I 674 -47.16 -2.35 35.83
C GLY I 674 -47.63 -1.24 34.90
N LEU I 675 -47.22 -1.30 33.64
CA LEU I 675 -47.67 -0.32 32.66
C LEU I 675 -47.28 -0.83 31.28
N ALA I 676 -47.65 -0.08 30.25
CA ALA I 676 -47.34 -0.42 28.88
C ALA I 676 -47.32 0.85 28.05
N VAL I 677 -46.15 1.22 27.54
CA VAL I 677 -45.98 2.41 26.72
C VAL I 677 -45.81 1.95 25.29
N LEU I 678 -46.84 2.17 24.47
CA LEU I 678 -46.82 1.78 23.08
C LEU I 678 -46.79 3.02 22.21
N SER I 679 -46.09 2.93 21.09
CA SER I 679 -46.11 4.03 20.15
C SER I 679 -47.37 3.99 19.30
N TYR I 680 -47.43 4.87 18.31
CA TYR I 680 -48.54 4.80 17.38
C TYR I 680 -48.30 3.75 16.30
N ASN I 681 -47.12 3.76 15.71
CA ASN I 681 -46.78 2.81 14.68
C ASN I 681 -46.55 1.42 15.23
N GLU I 682 -46.50 1.26 16.55
CA GLU I 682 -46.37 -0.05 17.16
C GLU I 682 -47.71 -0.73 17.37
N ILE I 683 -48.80 -0.09 16.96
CA ILE I 683 -50.12 -0.67 17.13
C ILE I 683 -50.66 -0.96 15.73
N PRO I 684 -51.33 -2.08 15.50
CA PRO I 684 -51.77 -2.40 14.15
C PRO I 684 -52.83 -1.41 13.68
N GLU I 685 -53.02 -1.37 12.36
CA GLU I 685 -54.17 -0.68 11.82
C GLU I 685 -55.43 -1.53 11.88
N ASN I 686 -55.31 -2.77 12.37
CA ASN I 686 -56.47 -3.60 12.58
C ASN I 686 -57.24 -3.15 13.81
N LYS I 687 -56.60 -3.22 14.97
CA LYS I 687 -57.28 -2.93 16.23
C LYS I 687 -57.57 -1.44 16.30
N GLN I 688 -58.85 -1.08 16.22
CA GLN I 688 -59.24 0.30 16.41
C GLN I 688 -59.09 0.69 17.87
N ILE I 689 -58.46 1.82 18.12
CA ILE I 689 -58.15 2.24 19.47
C ILE I 689 -59.21 3.22 19.95
N ASN I 690 -59.24 3.45 21.25
CA ASN I 690 -60.14 4.44 21.85
C ASN I 690 -59.36 5.18 22.92
N VAL I 691 -58.97 6.42 22.63
CA VAL I 691 -58.30 7.24 23.62
C VAL I 691 -59.23 7.46 24.81
N VAL I 692 -58.64 7.56 25.99
CA VAL I 692 -59.42 7.88 27.18
C VAL I 692 -59.32 9.36 27.51
N GLY I 693 -58.13 9.91 27.44
CA GLY I 693 -57.95 11.32 27.71
C GLY I 693 -56.49 11.70 27.75
N ASN I 694 -56.27 13.01 27.79
CA ASN I 694 -54.94 13.57 27.82
C ASN I 694 -54.34 13.41 29.21
N LEU I 695 -53.19 14.03 29.46
CA LEU I 695 -52.55 14.00 30.78
C LEU I 695 -51.99 15.39 31.03
N GLY I 696 -52.75 16.22 31.74
CA GLY I 696 -52.34 17.58 32.04
C GLY I 696 -51.62 17.73 33.37
#